data_3AZ8
#
_entry.id   3AZ8
#
_cell.length_a   218.990
_cell.length_b   218.990
_cell.length_c   157.330
_cell.angle_alpha   90.00
_cell.angle_beta   90.00
_cell.angle_gamma   90.00
#
_symmetry.space_group_name_H-M   'I 41'
#
loop_
_entity.id
_entity.type
_entity.pdbx_description
1 polymer 'Beta-hydroxyacyl-ACP dehydratase'
2 non-polymer GLYCEROL
3 non-polymer DI(HYDROXYETHYL)ETHER
4 non-polymer 'CHLORIDE ION'
5 non-polymer 4,4,4-trifluoro-1-(4-nitrophenyl)butane-1,3-dione
6 non-polymer 'PHOSPHATE ION'
7 water water
#
_entity_poly.entity_id   1
_entity_poly.type   'polypeptide(L)'
_entity_poly.pdbx_seq_one_letter_code
;GSHMPNYDTSIDIEDIKKILPHRYPFLLVDKVIYMQPNKTIIGLKQVSTNEPFFNGHFPQKQIMPGVLQIEALAQLAGIL
CLKSDDSQKNNLFLFAGVDGVRWKKPVLPGDTLTMQANLISFKSSLGIAKLSGVGYVNGKVVINISEMTFALSK
;
_entity_poly.pdbx_strand_id   A,B,C,D,E,F,G,H,I,J,K,L,M,N,O,P,Q,R,S,T,U,V,W,X
#
loop_
_chem_comp.id
_chem_comp.type
_chem_comp.name
_chem_comp.formula
CL non-polymer 'CHLORIDE ION' 'Cl -1'
GOL non-polymer GLYCEROL 'C3 H8 O3'
PEG non-polymer DI(HYDROXYETHYL)ETHER 'C4 H10 O3'
PO4 non-polymer 'PHOSPHATE ION' 'O4 P -3'
S21 non-polymer 4,4,4-trifluoro-1-(4-nitrophenyl)butane-1,3-dione 'C10 H6 F3 N O4'
#
# COMPACT_ATOMS: atom_id res chain seq x y z
N THR A 9 33.58 20.90 37.92
CA THR A 9 32.54 20.07 37.19
C THR A 9 31.92 20.84 36.00
N SER A 10 32.75 21.64 35.31
CA SER A 10 32.30 22.35 34.10
C SER A 10 33.32 22.27 32.93
N ILE A 11 32.86 21.74 31.79
CA ILE A 11 33.75 21.54 30.62
C ILE A 11 33.64 22.68 29.60
N ASP A 12 34.76 23.35 29.36
CA ASP A 12 34.83 24.53 28.51
C ASP A 12 34.88 24.17 27.02
N ILE A 13 34.95 25.20 26.16
CA ILE A 13 34.82 25.03 24.69
C ILE A 13 35.92 24.21 23.98
N GLU A 14 37.16 24.29 24.46
CA GLU A 14 38.23 23.48 23.86
C GLU A 14 37.96 21.98 24.03
N ASP A 15 37.51 21.60 25.23
CA ASP A 15 37.16 20.22 25.55
C ASP A 15 35.89 19.77 24.83
N ILE A 16 34.95 20.69 24.65
CA ILE A 16 33.74 20.37 23.90
C ILE A 16 34.14 19.96 22.49
N LYS A 17 35.21 20.55 21.97
CA LYS A 17 35.63 20.27 20.61
C LYS A 17 36.33 18.92 20.48
N LYS A 18 36.76 18.40 21.64
CA LYS A 18 37.34 17.06 21.73
C LYS A 18 36.25 15.98 21.83
N ILE A 19 35.11 16.36 22.40
CA ILE A 19 33.96 15.47 22.48
C ILE A 19 33.18 15.51 21.18
N LEU A 20 32.67 16.69 20.83
CA LEU A 20 31.88 16.89 19.62
C LEU A 20 32.70 17.15 18.32
N PRO A 21 32.29 16.53 17.19
CA PRO A 21 32.96 16.76 15.91
C PRO A 21 32.50 18.07 15.25
N HIS A 22 31.30 18.54 15.64
CA HIS A 22 30.70 19.80 15.17
C HIS A 22 31.71 20.96 15.21
N ARG A 23 31.71 21.75 14.15
CA ARG A 23 32.58 22.91 14.03
C ARG A 23 31.79 24.11 13.54
N TYR A 24 32.42 25.29 13.49
CA TYR A 24 31.81 26.50 12.95
C TYR A 24 31.35 26.26 11.50
N PRO A 25 30.15 26.73 11.13
CA PRO A 25 29.18 27.45 11.97
C PRO A 25 28.02 26.60 12.49
N PHE A 26 28.32 25.39 12.95
CA PHE A 26 27.25 24.53 13.42
C PHE A 26 27.53 23.87 14.77
N LEU A 27 28.38 24.50 15.58
CA LEU A 27 28.61 24.08 16.95
C LEU A 27 27.82 25.01 17.84
N LEU A 28 26.88 24.44 18.58
CA LEU A 28 25.90 25.23 19.36
C LEU A 28 25.88 24.89 20.85
N VAL A 29 27.04 24.55 21.39
CA VAL A 29 27.21 24.45 22.83
C VAL A 29 28.46 25.24 23.23
N ASP A 30 28.28 26.26 24.06
CA ASP A 30 29.41 27.12 24.45
C ASP A 30 30.10 26.61 25.71
N LYS A 31 29.32 25.99 26.61
CA LYS A 31 29.85 25.49 27.87
C LYS A 31 28.90 24.48 28.51
N VAL A 32 29.48 23.48 29.18
CA VAL A 32 28.73 22.50 29.96
C VAL A 32 29.01 22.75 31.45
N ILE A 33 28.03 23.34 32.15
CA ILE A 33 28.24 23.76 33.54
C ILE A 33 27.97 22.66 34.59
N TYR A 34 27.25 21.61 34.17
CA TYR A 34 26.99 20.44 35.02
C TYR A 34 26.71 19.21 34.15
N MET A 35 27.37 18.10 34.46
CA MET A 35 27.12 16.85 33.76
C MET A 35 27.26 15.61 34.67
N GLN A 36 26.20 14.81 34.75
CA GLN A 36 26.25 13.52 35.45
C GLN A 36 26.05 12.39 34.44
N PRO A 37 27.05 11.47 34.35
CA PRO A 37 26.99 10.37 33.37
C PRO A 37 25.74 9.51 33.50
N ASN A 38 25.16 9.16 32.35
CA ASN A 38 23.99 8.29 32.29
C ASN A 38 22.68 8.95 32.78
N LYS A 39 22.80 10.13 33.43
CA LYS A 39 21.57 10.76 33.92
C LYS A 39 21.20 12.11 33.27
N THR A 40 21.97 13.17 33.57
CA THR A 40 21.63 14.50 33.05
C THR A 40 22.83 15.34 32.59
N ILE A 41 22.54 16.37 31.77
CA ILE A 41 23.52 17.37 31.41
C ILE A 41 22.91 18.79 31.43
N ILE A 42 23.63 19.74 32.03
CA ILE A 42 23.27 21.17 31.93
C ILE A 42 24.36 22.02 31.26
N GLY A 43 23.98 22.71 30.19
CA GLY A 43 24.90 23.60 29.49
C GLY A 43 24.22 24.87 28.99
N LEU A 44 25.01 25.77 28.42
CA LEU A 44 24.47 27.02 27.93
C LEU A 44 25.02 27.45 26.58
N LYS A 45 24.15 28.07 25.78
CA LYS A 45 24.51 28.65 24.51
C LYS A 45 24.30 30.14 24.62
N GLN A 46 25.32 30.92 24.23
CA GLN A 46 25.23 32.38 24.19
C GLN A 46 24.73 32.88 22.85
N VAL A 47 23.62 33.60 22.90
CA VAL A 47 23.02 34.18 21.71
C VAL A 47 23.54 35.61 21.52
N SER A 48 24.37 35.78 20.49
CA SER A 48 24.91 37.08 20.12
C SER A 48 24.43 37.53 18.75
N THR A 49 24.31 38.84 18.56
CA THR A 49 23.92 39.39 17.26
C THR A 49 24.99 39.13 16.20
N ASN A 50 26.18 38.77 16.67
CA ASN A 50 27.31 38.51 15.80
C ASN A 50 27.40 37.02 15.46
N GLU A 51 26.26 36.45 15.10
CA GLU A 51 26.18 35.07 14.61
C GLU A 51 25.73 35.08 13.15
N PRO A 52 26.35 34.21 12.32
CA PRO A 52 26.09 34.23 10.88
C PRO A 52 24.65 33.90 10.48
N PHE A 53 23.91 33.17 11.31
CA PHE A 53 22.50 32.87 11.00
C PHE A 53 21.53 34.03 11.19
N PHE A 54 21.90 35.03 11.98
CA PHE A 54 20.98 36.11 12.30
C PHE A 54 20.64 36.96 11.11
N ASN A 55 21.57 37.04 10.16
CA ASN A 55 21.34 37.92 9.02
C ASN A 55 20.19 37.42 8.15
N GLY A 56 19.97 36.11 8.17
CA GLY A 56 18.93 35.52 7.36
C GLY A 56 17.65 35.15 8.09
N HIS A 57 17.62 35.30 9.41
CA HIS A 57 16.47 34.86 10.19
C HIS A 57 16.23 35.78 11.40
N PHE A 58 15.70 36.97 11.19
CA PHE A 58 15.36 37.54 9.89
C PHE A 58 16.00 38.91 9.80
N PRO A 59 16.10 39.49 8.59
CA PRO A 59 16.64 40.84 8.50
C PRO A 59 15.83 41.83 9.34
N GLN A 60 14.51 41.84 9.17
CA GLN A 60 13.63 42.81 9.83
C GLN A 60 13.58 42.66 11.37
N LYS A 61 13.97 41.49 11.88
CA LYS A 61 13.82 41.16 13.30
C LYS A 61 14.62 39.88 13.61
N GLN A 62 15.50 39.95 14.60
CA GLN A 62 16.47 38.88 14.83
C GLN A 62 15.98 37.87 15.84
N ILE A 63 15.67 36.66 15.39
CA ILE A 63 15.14 35.60 16.25
C ILE A 63 15.87 34.28 15.98
N MET A 64 16.50 33.73 17.02
CA MET A 64 17.24 32.46 16.89
C MET A 64 16.31 31.32 16.48
N PRO A 65 16.60 30.69 15.33
CA PRO A 65 15.72 29.69 14.72
C PRO A 65 15.34 28.56 15.66
N GLY A 66 14.04 28.28 15.73
CA GLY A 66 13.51 27.18 16.57
C GLY A 66 14.27 25.89 16.38
N VAL A 67 14.58 25.59 15.12
CA VAL A 67 15.34 24.40 14.71
C VAL A 67 16.75 24.38 15.29
N LEU A 68 17.41 25.53 15.38
CA LEU A 68 18.77 25.59 15.93
C LEU A 68 18.80 25.32 17.43
N GLN A 69 17.82 25.90 18.13
CA GLN A 69 17.53 25.54 19.52
C GLN A 69 17.43 24.03 19.71
N ILE A 70 16.79 23.35 18.76
CA ILE A 70 16.76 21.88 18.78
C ILE A 70 18.20 21.37 18.72
N GLU A 71 18.87 21.71 17.62
CA GLU A 71 20.26 21.30 17.42
C GLU A 71 21.14 21.46 18.69
N ALA A 72 21.04 22.61 19.34
CA ALA A 72 21.85 22.94 20.52
C ALA A 72 21.62 21.95 21.64
N LEU A 73 20.34 21.65 21.90
CA LEU A 73 19.94 20.68 22.93
C LEU A 73 20.40 19.30 22.53
N ALA A 74 20.10 18.91 21.29
CA ALA A 74 20.57 17.65 20.72
C ALA A 74 22.07 17.49 20.90
N GLN A 75 22.82 18.55 20.58
CA GLN A 75 24.27 18.54 20.71
C GLN A 75 24.69 18.34 22.17
N LEU A 76 23.99 19.02 23.08
CA LEU A 76 24.22 18.89 24.52
C LEU A 76 23.86 17.49 24.97
N ALA A 77 22.76 16.97 24.43
CA ALA A 77 22.42 15.56 24.58
C ALA A 77 23.58 14.70 24.09
N GLY A 78 24.07 15.04 22.89
CA GLY A 78 25.17 14.33 22.24
C GLY A 78 26.37 14.13 23.15
N ILE A 79 26.77 15.20 23.84
CA ILE A 79 27.89 15.18 24.77
C ILE A 79 27.64 14.18 25.89
N LEU A 80 26.44 14.26 26.48
CA LEU A 80 26.04 13.36 27.55
C LEU A 80 26.23 11.89 27.14
N CYS A 81 25.69 11.52 25.99
CA CYS A 81 25.82 10.17 25.48
C CYS A 81 27.28 9.73 25.37
N LEU A 82 28.13 10.58 24.79
CA LEU A 82 29.53 10.21 24.52
C LEU A 82 30.40 10.05 25.78
N LYS A 83 30.03 10.72 26.87
CA LYS A 83 30.77 10.65 28.12
C LYS A 83 30.12 9.69 29.12
N SER A 84 28.94 9.18 28.76
CA SER A 84 28.27 8.15 29.56
C SER A 84 28.90 6.77 29.33
N ASP A 85 29.19 6.47 28.06
CA ASP A 85 29.75 5.19 27.64
C ASP A 85 30.53 5.38 26.34
N ASP A 86 31.86 5.36 26.41
CA ASP A 86 32.64 5.53 25.18
C ASP A 86 33.37 4.28 24.65
N SER A 87 32.80 3.09 24.91
CA SER A 87 33.31 1.87 24.27
C SER A 87 33.11 1.93 22.73
N GLN A 88 31.98 2.49 22.30
CA GLN A 88 31.77 2.80 20.89
C GLN A 88 32.58 4.05 20.52
N LYS A 89 33.84 3.83 20.14
CA LYS A 89 34.77 4.91 19.78
C LYS A 89 34.34 5.62 18.48
N ASN A 90 33.19 6.29 18.53
CA ASN A 90 32.59 6.91 17.37
C ASN A 90 31.81 8.15 17.80
N ASN A 91 32.34 9.33 17.51
CA ASN A 91 31.70 10.58 17.93
C ASN A 91 30.65 11.14 16.94
N LEU A 92 30.61 10.60 15.71
CA LEU A 92 29.58 11.01 14.74
C LEU A 92 28.21 10.44 15.09
N PHE A 93 27.46 11.21 15.88
CA PHE A 93 26.08 10.85 16.26
C PHE A 93 25.11 11.53 15.31
N LEU A 94 24.17 10.74 14.76
CA LEU A 94 23.14 11.32 13.91
C LEU A 94 21.78 11.30 14.59
N PHE A 95 21.04 12.37 14.34
CA PHE A 95 19.68 12.55 14.82
C PHE A 95 18.81 11.50 14.13
N ALA A 96 18.16 10.64 14.90
CA ALA A 96 17.30 9.60 14.34
C ALA A 96 15.84 10.04 14.28
N GLY A 97 15.42 10.87 15.24
CA GLY A 97 14.07 11.42 15.28
C GLY A 97 13.92 12.36 16.45
N VAL A 98 12.95 13.26 16.37
CA VAL A 98 12.71 14.21 17.46
C VAL A 98 11.21 14.43 17.64
N ASP A 99 10.76 14.38 18.91
CA ASP A 99 9.34 14.29 19.17
C ASP A 99 8.91 15.26 20.27
N GLY A 100 7.74 15.89 20.06
CA GLY A 100 7.10 16.75 21.05
C GLY A 100 7.86 18.04 21.31
N VAL A 101 8.19 18.74 20.23
CA VAL A 101 8.90 20.02 20.34
C VAL A 101 7.91 21.19 20.43
N ARG A 102 7.98 21.91 21.56
CA ARG A 102 7.13 23.05 21.81
C ARG A 102 7.97 24.27 22.16
N TRP A 103 7.84 25.31 21.34
CA TRP A 103 8.55 26.56 21.52
C TRP A 103 7.60 27.56 22.17
N LYS A 104 8.03 28.15 23.28
CA LYS A 104 7.14 28.98 24.12
C LYS A 104 7.40 30.48 23.96
N LYS A 105 8.68 30.83 23.97
CA LYS A 105 9.13 32.19 23.87
C LYS A 105 10.22 32.30 22.82
N PRO A 106 10.24 33.40 22.09
CA PRO A 106 11.37 33.71 21.20
C PRO A 106 12.67 33.86 21.97
N VAL A 107 13.74 33.23 21.46
CA VAL A 107 15.08 33.48 21.98
C VAL A 107 15.77 34.55 21.14
N LEU A 108 16.19 35.61 21.81
CA LEU A 108 16.65 36.81 21.11
C LEU A 108 18.13 37.03 21.36
N PRO A 109 18.81 37.81 20.49
CA PRO A 109 20.18 38.26 20.78
C PRO A 109 20.33 38.84 22.18
N GLY A 110 21.43 38.49 22.84
CA GLY A 110 21.65 38.92 24.22
C GLY A 110 21.25 37.87 25.24
N ASP A 111 20.44 36.90 24.83
CA ASP A 111 19.94 35.87 25.74
C ASP A 111 20.93 34.72 25.95
N THR A 112 20.97 34.22 27.19
CA THR A 112 21.73 33.03 27.48
C THR A 112 20.78 31.85 27.49
N LEU A 113 20.92 31.02 26.47
CA LEU A 113 20.12 29.83 26.31
C LEU A 113 20.67 28.76 27.25
N THR A 114 20.09 28.64 28.45
CA THR A 114 20.53 27.61 29.39
C THR A 114 19.71 26.34 29.13
N MET A 115 20.41 25.21 29.05
CA MET A 115 19.81 24.00 28.54
C MET A 115 19.98 22.83 29.49
N GLN A 116 18.94 22.01 29.55
CA GLN A 116 19.01 20.72 30.24
C GLN A 116 18.49 19.57 29.38
N ALA A 117 19.32 18.54 29.24
CA ALA A 117 18.93 17.29 28.60
C ALA A 117 19.05 16.14 29.58
N ASN A 118 18.11 15.21 29.51
CA ASN A 118 18.02 14.09 30.45
C ASN A 118 17.90 12.80 29.67
N LEU A 119 18.82 11.87 29.91
CA LEU A 119 18.81 10.56 29.26
C LEU A 119 17.66 9.70 29.79
N ILE A 120 16.93 9.08 28.87
CA ILE A 120 15.82 8.20 29.23
C ILE A 120 16.29 6.75 29.14
N SER A 121 16.67 6.35 27.92
CA SER A 121 17.03 4.97 27.62
C SER A 121 18.18 4.87 26.62
N PHE A 122 19.04 3.88 26.85
CA PHE A 122 20.21 3.62 26.02
C PHE A 122 20.32 2.10 25.84
N LYS A 123 20.39 1.67 24.58
CA LYS A 123 20.68 0.26 24.27
C LYS A 123 22.02 0.18 23.56
N SER A 124 23.09 -0.05 24.34
CA SER A 124 24.47 -0.15 23.85
C SER A 124 24.57 -1.11 22.67
N SER A 125 23.80 -2.20 22.75
CA SER A 125 23.67 -3.22 21.69
C SER A 125 23.60 -2.63 20.28
N LEU A 126 22.67 -1.68 20.07
CA LEU A 126 22.44 -1.06 18.77
C LEU A 126 23.29 0.20 18.55
N GLY A 127 23.12 1.18 19.43
CA GLY A 127 23.63 2.55 19.22
C GLY A 127 22.44 3.51 19.18
N ILE A 128 21.48 3.30 20.09
CA ILE A 128 20.23 4.06 20.13
C ILE A 128 19.99 4.64 21.52
N ALA A 129 19.95 5.97 21.59
CA ALA A 129 19.73 6.68 22.85
C ALA A 129 18.57 7.68 22.74
N LYS A 130 17.80 7.79 23.82
CA LYS A 130 16.63 8.69 23.87
C LYS A 130 16.75 9.69 25.01
N LEU A 131 16.53 10.96 24.68
CA LEU A 131 16.69 12.06 25.64
C LEU A 131 15.61 13.13 25.54
N SER A 132 15.22 13.67 26.71
CA SER A 132 14.34 14.85 26.76
C SER A 132 15.22 16.09 26.85
N GLY A 133 14.67 17.25 26.48
CA GLY A 133 15.44 18.51 26.49
C GLY A 133 14.63 19.74 26.84
N VAL A 134 15.24 20.64 27.61
CA VAL A 134 14.59 21.87 28.02
C VAL A 134 15.57 23.04 27.92
N GLY A 135 15.09 24.16 27.40
CA GLY A 135 15.87 25.40 27.32
C GLY A 135 15.19 26.56 28.05
N TYR A 136 15.97 27.28 28.86
CA TYR A 136 15.47 28.44 29.63
C TYR A 136 16.19 29.75 29.31
N VAL A 137 15.41 30.83 29.25
CA VAL A 137 15.94 32.21 29.19
C VAL A 137 15.41 33.00 30.37
N ASN A 138 16.31 33.33 31.31
CA ASN A 138 15.96 33.95 32.61
C ASN A 138 15.00 33.09 33.45
N GLY A 139 15.34 31.80 33.55
CA GLY A 139 14.52 30.81 34.27
C GLY A 139 13.17 30.48 33.65
N LYS A 140 12.86 31.15 32.54
CA LYS A 140 11.61 30.93 31.82
C LYS A 140 11.84 29.88 30.71
N VAL A 141 10.89 28.96 30.57
CA VAL A 141 10.99 27.89 29.57
C VAL A 141 10.76 28.44 28.15
N VAL A 142 11.75 28.32 27.27
CA VAL A 142 11.57 28.71 25.86
C VAL A 142 11.29 27.51 24.95
N ILE A 143 11.98 26.40 25.24
CA ILE A 143 11.85 25.19 24.42
C ILE A 143 11.60 23.93 25.25
N ASN A 144 10.59 23.17 24.84
CA ASN A 144 10.38 21.80 25.33
C ASN A 144 10.59 20.77 24.24
N ILE A 145 11.30 19.70 24.58
CA ILE A 145 11.40 18.55 23.69
C ILE A 145 11.19 17.29 24.53
N SER A 146 10.13 16.55 24.20
CA SER A 146 9.78 15.32 24.89
C SER A 146 10.80 14.21 24.65
N GLU A 147 11.20 14.03 23.38
CA GLU A 147 12.10 12.93 23.03
C GLU A 147 13.03 13.28 21.86
N MET A 148 14.32 13.04 22.08
CA MET A 148 15.32 13.16 21.04
C MET A 148 16.01 11.81 20.91
N THR A 149 15.78 11.14 19.76
CA THR A 149 16.38 9.84 19.48
C THR A 149 17.67 10.02 18.66
N PHE A 150 18.70 9.27 19.04
CA PHE A 150 19.98 9.37 18.35
C PHE A 150 20.55 8.02 17.93
N ALA A 151 21.27 8.03 16.81
CA ALA A 151 21.94 6.85 16.32
C ALA A 151 23.44 7.08 16.27
N LEU A 152 24.18 6.22 16.99
CA LEU A 152 25.63 6.10 16.84
C LEU A 152 25.95 5.49 15.47
N SER A 153 26.99 6.04 14.82
CA SER A 153 27.28 5.74 13.41
C SER A 153 28.75 5.96 13.07
N THR B 9 0.81 26.85 -9.29
CA THR B 9 1.61 27.98 -9.86
C THR B 9 3.10 27.85 -9.51
N SER B 10 3.95 27.58 -10.50
CA SER B 10 5.40 27.43 -10.24
C SER B 10 6.10 28.75 -9.89
N ILE B 11 6.98 28.66 -8.89
CA ILE B 11 7.60 29.84 -8.29
C ILE B 11 9.13 29.71 -8.28
N ASP B 12 9.79 30.71 -8.83
CA ASP B 12 11.25 30.81 -8.81
C ASP B 12 11.70 31.58 -7.56
N ILE B 13 13.01 31.60 -7.32
CA ILE B 13 13.58 32.14 -6.09
C ILE B 13 13.30 33.63 -5.84
N GLU B 14 13.40 34.46 -6.88
CA GLU B 14 13.18 35.89 -6.73
C GLU B 14 11.82 36.15 -6.10
N ASP B 15 10.81 35.42 -6.58
CA ASP B 15 9.47 35.56 -6.04
C ASP B 15 9.35 34.90 -4.66
N ILE B 16 10.17 33.89 -4.40
CA ILE B 16 10.20 33.23 -3.09
C ILE B 16 10.54 34.23 -1.99
N LYS B 17 11.54 35.06 -2.27
CA LYS B 17 12.02 36.09 -1.34
C LYS B 17 11.00 37.20 -1.17
N LYS B 18 10.02 37.25 -2.07
CA LYS B 18 8.88 38.15 -1.93
C LYS B 18 7.83 37.57 -0.98
N ILE B 19 7.81 36.24 -0.85
CA ILE B 19 6.86 35.58 0.05
C ILE B 19 7.50 35.32 1.41
N LEU B 20 8.67 34.69 1.41
CA LEU B 20 9.38 34.43 2.66
C LEU B 20 10.28 35.61 3.05
N PRO B 21 10.43 35.85 4.36
CA PRO B 21 11.33 36.89 4.86
C PRO B 21 12.73 36.36 5.06
N HIS B 22 12.88 35.04 4.98
CA HIS B 22 14.16 34.36 5.16
C HIS B 22 15.18 34.76 4.10
N ARG B 23 16.43 34.97 4.53
CA ARG B 23 17.52 35.28 3.62
C ARG B 23 18.75 34.39 3.90
N TYR B 24 19.86 34.68 3.20
CA TYR B 24 21.15 34.03 3.45
C TYR B 24 21.57 34.25 4.90
N PRO B 25 22.04 33.19 5.58
CA PRO B 25 22.22 31.82 5.10
C PRO B 25 21.16 30.87 5.65
N PHE B 26 19.88 31.27 5.59
CA PHE B 26 18.80 30.53 6.22
C PHE B 26 17.49 30.60 5.42
N LEU B 27 17.64 30.59 4.09
CA LEU B 27 16.57 30.38 3.15
C LEU B 27 16.85 29.03 2.49
N LEU B 28 16.01 28.05 2.80
CA LEU B 28 16.28 26.69 2.37
C LEU B 28 15.26 26.13 1.38
N VAL B 29 14.61 27.01 0.63
CA VAL B 29 13.78 26.56 -0.48
C VAL B 29 14.23 27.26 -1.77
N ASP B 30 14.70 26.45 -2.73
CA ASP B 30 15.28 26.98 -3.96
C ASP B 30 14.23 27.16 -5.06
N LYS B 31 13.21 26.31 -5.07
CA LYS B 31 12.15 26.45 -6.05
C LYS B 31 10.88 25.81 -5.56
N VAL B 32 9.74 26.38 -6.01
CA VAL B 32 8.42 25.80 -5.77
C VAL B 32 7.84 25.32 -7.11
N ILE B 33 7.78 24.00 -7.29
CA ILE B 33 7.33 23.43 -8.59
C ILE B 33 5.81 23.27 -8.76
N TYR B 34 5.12 22.98 -7.66
CA TYR B 34 3.65 22.86 -7.68
C TYR B 34 3.03 23.39 -6.39
N MET B 35 2.01 24.21 -6.53
CA MET B 35 1.33 24.76 -5.36
C MET B 35 -0.19 24.86 -5.48
N GLN B 36 -0.88 24.06 -4.64
CA GLN B 36 -2.33 24.18 -4.52
C GLN B 36 -2.69 24.81 -3.18
N PRO B 37 -3.36 26.00 -3.25
CA PRO B 37 -3.67 26.77 -2.05
C PRO B 37 -4.55 25.97 -1.08
N ASN B 38 -4.29 26.13 0.21
CA ASN B 38 -5.01 25.40 1.27
C ASN B 38 -4.88 23.88 1.22
N LYS B 39 -4.19 23.35 0.21
CA LYS B 39 -4.09 21.89 0.07
C LYS B 39 -2.66 21.35 0.16
N THR B 40 -1.87 21.54 -0.90
CA THR B 40 -0.51 20.98 -0.94
C THR B 40 0.49 21.84 -1.71
N ILE B 41 1.77 21.62 -1.39
CA ILE B 41 2.90 22.29 -2.05
C ILE B 41 4.03 21.29 -2.25
N ILE B 42 4.73 21.41 -3.39
CA ILE B 42 5.91 20.59 -3.64
C ILE B 42 7.05 21.49 -4.12
N GLY B 43 8.16 21.43 -3.40
CA GLY B 43 9.35 22.21 -3.73
C GLY B 43 10.64 21.45 -3.48
N LEU B 44 11.75 22.03 -3.91
CA LEU B 44 13.03 21.33 -3.83
C LEU B 44 14.16 22.17 -3.21
N LYS B 45 15.05 21.46 -2.51
CA LYS B 45 16.26 22.04 -1.97
C LYS B 45 17.47 21.36 -2.65
N GLN B 46 18.33 22.17 -3.26
CA GLN B 46 19.57 21.69 -3.86
C GLN B 46 20.69 21.64 -2.81
N VAL B 47 21.21 20.45 -2.58
CA VAL B 47 22.23 20.22 -1.55
C VAL B 47 23.61 20.20 -2.20
N SER B 48 24.32 21.32 -2.09
CA SER B 48 25.64 21.47 -2.71
C SER B 48 26.72 21.58 -1.66
N THR B 49 27.96 21.24 -2.04
CA THR B 49 29.10 21.31 -1.13
C THR B 49 29.44 22.75 -0.75
N ASN B 50 29.02 23.68 -1.60
CA ASN B 50 29.32 25.08 -1.43
C ASN B 50 28.27 25.79 -0.58
N GLU B 51 27.94 25.20 0.57
CA GLU B 51 27.04 25.83 1.52
C GLU B 51 27.79 26.04 2.83
N PRO B 52 27.39 27.09 3.61
CA PRO B 52 28.20 27.51 4.74
C PRO B 52 28.24 26.51 5.88
N PHE B 53 27.14 25.78 6.06
CA PHE B 53 27.01 24.87 7.20
C PHE B 53 27.91 23.64 7.09
N PHE B 54 28.08 23.15 5.85
CA PHE B 54 28.78 21.90 5.60
C PHE B 54 30.20 21.89 6.15
N ASN B 55 30.77 23.07 6.26
CA ASN B 55 32.11 23.22 6.78
C ASN B 55 32.19 22.76 8.22
N GLY B 56 31.05 22.78 8.90
CA GLY B 56 30.96 22.44 10.31
C GLY B 56 30.12 21.23 10.68
N HIS B 57 29.52 20.58 9.69
CA HIS B 57 28.66 19.42 9.95
C HIS B 57 28.76 18.41 8.81
N PHE B 58 29.87 17.68 8.72
CA PHE B 58 31.00 17.75 9.65
C PHE B 58 32.27 17.90 8.80
N PRO B 59 33.40 18.35 9.39
CA PRO B 59 34.65 18.35 8.61
C PRO B 59 34.96 16.99 7.96
N GLN B 60 34.84 15.91 8.74
CA GLN B 60 35.30 14.57 8.34
C GLN B 60 34.36 13.92 7.34
N LYS B 61 33.08 14.31 7.40
CA LYS B 61 32.05 13.71 6.57
C LYS B 61 30.90 14.70 6.45
N GLN B 62 30.55 15.05 5.22
CA GLN B 62 29.51 16.05 5.03
C GLN B 62 28.12 15.42 4.98
N ILE B 63 27.25 15.90 5.88
CA ILE B 63 25.86 15.44 6.00
C ILE B 63 24.97 16.63 6.34
N MET B 64 23.99 16.93 5.48
CA MET B 64 23.02 17.97 5.79
C MET B 64 22.41 17.77 7.19
N PRO B 65 22.48 18.82 8.04
CA PRO B 65 21.86 18.81 9.35
C PRO B 65 20.39 18.48 9.26
N GLY B 66 19.97 17.48 10.02
CA GLY B 66 18.58 17.09 10.03
C GLY B 66 17.65 18.23 10.41
N VAL B 67 18.12 19.08 11.33
CA VAL B 67 17.35 20.23 11.79
C VAL B 67 17.04 21.22 10.67
N LEU B 68 17.92 21.27 9.68
CA LEU B 68 17.72 22.18 8.56
C LEU B 68 16.72 21.64 7.55
N GLN B 69 16.61 20.30 7.43
CA GLN B 69 15.65 19.63 6.56
C GLN B 69 14.23 19.89 7.00
N ILE B 70 14.04 19.80 8.33
CA ILE B 70 12.85 20.32 9.02
C ILE B 70 12.67 21.77 8.59
N GLU B 71 13.69 22.60 8.82
CA GLU B 71 13.60 24.02 8.47
C GLU B 71 13.24 24.25 7.01
N ALA B 72 13.90 23.52 6.10
CA ALA B 72 13.58 23.59 4.68
C ALA B 72 12.09 23.31 4.43
N LEU B 73 11.59 22.20 4.96
CA LEU B 73 10.17 21.84 4.85
C LEU B 73 9.29 22.88 5.50
N ALA B 74 9.75 23.41 6.64
CA ALA B 74 9.01 24.37 7.45
C ALA B 74 8.72 25.65 6.67
N GLN B 75 9.71 26.12 5.92
CA GLN B 75 9.56 27.31 5.08
C GLN B 75 8.67 26.99 3.88
N LEU B 76 8.80 25.75 3.38
CA LEU B 76 7.93 25.26 2.31
C LEU B 76 6.48 25.29 2.79
N ALA B 77 6.25 24.81 4.01
CA ALA B 77 4.96 24.97 4.67
C ALA B 77 4.56 26.45 4.78
N GLY B 78 5.50 27.27 5.25
CA GLY B 78 5.28 28.71 5.45
C GLY B 78 4.79 29.46 4.22
N ILE B 79 5.36 29.15 3.05
CA ILE B 79 4.92 29.75 1.79
C ILE B 79 3.47 29.35 1.53
N LEU B 80 3.19 28.04 1.64
CA LEU B 80 1.84 27.51 1.38
C LEU B 80 0.76 28.21 2.21
N CYS B 81 1.02 28.38 3.50
CA CYS B 81 0.12 29.12 4.39
C CYS B 81 -0.12 30.54 3.89
N LEU B 82 0.97 31.22 3.51
CA LEU B 82 0.89 32.61 3.05
C LEU B 82 0.12 32.81 1.73
N LYS B 83 0.30 31.86 0.80
CA LYS B 83 -0.39 31.92 -0.50
C LYS B 83 -1.77 31.25 -0.45
N SER B 84 -2.13 30.70 0.72
CA SER B 84 -3.48 30.18 0.96
C SER B 84 -4.41 31.29 1.48
N ASP B 85 -3.88 32.09 2.41
CA ASP B 85 -4.65 33.16 3.05
C ASP B 85 -3.68 34.24 3.55
N ASP B 86 -3.77 35.43 2.93
CA ASP B 86 -2.91 36.55 3.33
C ASP B 86 -3.70 37.80 3.72
N SER B 87 -4.92 37.60 4.22
CA SER B 87 -5.65 38.71 4.87
C SER B 87 -4.94 39.08 6.19
N GLN B 88 -4.05 38.12 6.63
CA GLN B 88 -3.05 38.43 7.65
C GLN B 88 -1.79 38.93 6.94
N LYS B 89 -1.68 40.25 6.76
CA LYS B 89 -0.57 40.86 6.01
C LYS B 89 0.73 40.88 6.82
N ASN B 90 1.15 39.69 7.28
CA ASN B 90 2.29 39.52 8.18
C ASN B 90 3.06 38.26 7.75
N ASN B 91 4.18 38.45 7.06
CA ASN B 91 4.95 37.31 6.53
C ASN B 91 5.80 36.55 7.57
N LEU B 92 6.16 37.26 8.64
CA LEU B 92 6.86 36.67 9.79
C LEU B 92 5.98 35.53 10.39
N PHE B 93 6.36 34.28 10.07
CA PHE B 93 5.74 33.09 10.67
C PHE B 93 6.74 32.43 11.61
N LEU B 94 6.28 32.06 12.80
CA LEU B 94 7.15 31.42 13.77
C LEU B 94 6.85 29.93 13.99
N PHE B 95 7.93 29.16 14.19
CA PHE B 95 7.80 27.77 14.51
C PHE B 95 7.30 27.65 15.94
N ALA B 96 6.08 27.14 16.10
CA ALA B 96 5.48 27.00 17.42
C ALA B 96 5.75 25.62 18.01
N GLY B 97 5.83 24.61 17.14
CA GLY B 97 6.04 23.23 17.58
C GLY B 97 6.13 22.21 16.45
N VAL B 98 6.98 21.20 16.66
CA VAL B 98 7.15 20.13 15.68
C VAL B 98 6.95 18.73 16.30
N ASP B 99 6.38 17.81 15.52
CA ASP B 99 6.08 16.45 15.99
C ASP B 99 6.28 15.32 14.95
N GLY B 100 6.63 14.14 15.46
CA GLY B 100 6.84 12.96 14.60
C GLY B 100 7.88 13.21 13.52
N VAL B 101 9.08 13.64 13.95
CA VAL B 101 10.18 13.81 13.01
C VAL B 101 10.95 12.52 12.98
N ARG B 102 11.11 11.97 11.77
CA ARG B 102 11.84 10.73 11.54
C ARG B 102 12.81 10.87 10.37
N TRP B 103 14.11 10.81 10.67
CA TRP B 103 15.16 10.77 9.64
C TRP B 103 15.52 9.32 9.26
N LYS B 104 15.32 8.98 8.00
CA LYS B 104 15.58 7.64 7.48
C LYS B 104 16.98 7.57 6.87
N LYS B 105 17.26 8.47 5.95
CA LYS B 105 18.54 8.47 5.27
C LYS B 105 19.22 9.82 5.38
N PRO B 106 20.54 9.80 5.51
CA PRO B 106 21.32 11.04 5.44
C PRO B 106 21.11 11.73 4.09
N VAL B 107 21.21 13.07 4.08
CA VAL B 107 21.25 13.82 2.82
C VAL B 107 22.67 14.34 2.63
N LEU B 108 23.23 14.12 1.44
CA LEU B 108 24.61 14.46 1.14
C LEU B 108 24.70 15.50 0.03
N PRO B 109 25.89 16.11 -0.15
CA PRO B 109 26.13 17.07 -1.24
C PRO B 109 25.89 16.44 -2.59
N GLY B 110 25.29 17.19 -3.50
CA GLY B 110 24.97 16.66 -4.83
C GLY B 110 23.59 16.03 -4.90
N ASP B 111 22.86 16.05 -3.78
CA ASP B 111 21.50 15.52 -3.75
C ASP B 111 20.47 16.60 -4.02
N THR B 112 19.32 16.19 -4.55
CA THR B 112 18.19 17.08 -4.66
C THR B 112 17.16 16.60 -3.66
N LEU B 113 16.92 17.42 -2.65
CA LEU B 113 15.93 17.13 -1.64
C LEU B 113 14.60 17.66 -2.14
N THR B 114 13.69 16.75 -2.51
CA THR B 114 12.35 17.13 -2.93
C THR B 114 11.43 17.16 -1.70
N MET B 115 10.55 18.16 -1.64
CA MET B 115 9.77 18.42 -0.43
C MET B 115 8.27 18.61 -0.70
N GLN B 116 7.45 17.88 0.05
CA GLN B 116 5.99 18.05 0.00
C GLN B 116 5.39 18.23 1.39
N ALA B 117 4.79 19.42 1.58
CA ALA B 117 4.10 19.73 2.81
C ALA B 117 2.62 19.75 2.51
N ASN B 118 1.83 19.24 3.46
CA ASN B 118 0.39 19.23 3.34
C ASN B 118 -0.24 20.01 4.49
N LEU B 119 -1.22 20.85 4.17
CA LEU B 119 -1.95 21.58 5.21
C LEU B 119 -2.99 20.65 5.82
N ILE B 120 -3.17 20.74 7.13
CA ILE B 120 -4.15 19.92 7.84
C ILE B 120 -5.30 20.78 8.37
N SER B 121 -4.94 21.78 9.18
CA SER B 121 -5.92 22.68 9.77
C SER B 121 -5.40 24.11 9.85
N PHE B 122 -6.27 25.06 9.50
CA PHE B 122 -5.94 26.48 9.57
C PHE B 122 -7.06 27.14 10.38
N LYS B 123 -6.71 27.95 11.38
CA LYS B 123 -7.72 28.62 12.19
C LYS B 123 -7.68 30.14 12.12
N ILE B 128 -3.35 30.28 13.51
CA ILE B 128 -2.76 28.97 13.86
C ILE B 128 -3.06 27.93 12.76
N ALA B 129 -1.98 27.30 12.25
CA ALA B 129 -2.07 26.32 11.17
C ALA B 129 -1.20 25.07 11.42
N LYS B 130 -1.66 23.92 10.90
CA LYS B 130 -0.96 22.64 11.07
C LYS B 130 -0.63 21.96 9.73
N LEU B 131 0.59 21.43 9.63
CA LEU B 131 1.06 20.83 8.37
C LEU B 131 1.90 19.57 8.54
N SER B 132 1.72 18.62 7.62
CA SER B 132 2.62 17.48 7.52
C SER B 132 3.71 17.77 6.46
N GLY B 133 4.74 16.94 6.44
CA GLY B 133 5.81 17.13 5.47
C GLY B 133 6.65 15.92 5.19
N VAL B 134 7.04 15.76 3.93
CA VAL B 134 7.90 14.68 3.49
C VAL B 134 9.02 15.24 2.60
N GLY B 135 10.19 14.61 2.67
CA GLY B 135 11.32 14.96 1.83
C GLY B 135 11.86 13.75 1.10
N TYR B 136 12.04 13.90 -0.22
CA TYR B 136 12.55 12.84 -1.08
C TYR B 136 13.93 13.16 -1.64
N VAL B 137 14.70 12.09 -1.87
CA VAL B 137 15.97 12.15 -2.58
C VAL B 137 15.97 10.93 -3.50
N ASN B 138 15.66 11.17 -4.78
CA ASN B 138 15.58 10.11 -5.79
C ASN B 138 14.40 9.15 -5.56
N GLY B 139 13.23 9.74 -5.31
CA GLY B 139 12.02 8.97 -5.05
C GLY B 139 11.92 8.27 -3.70
N LYS B 140 13.03 8.24 -2.96
CA LYS B 140 13.10 7.61 -1.63
C LYS B 140 12.92 8.63 -0.50
N VAL B 141 12.11 8.27 0.49
CA VAL B 141 11.83 9.13 1.65
C VAL B 141 13.09 9.27 2.51
N VAL B 142 13.51 10.52 2.76
CA VAL B 142 14.66 10.79 3.64
C VAL B 142 14.26 11.46 4.94
N ILE B 143 13.05 12.04 4.96
CA ILE B 143 12.55 12.64 6.18
C ILE B 143 11.00 12.63 6.23
N ASN B 144 10.47 12.38 7.42
CA ASN B 144 9.03 12.47 7.68
C ASN B 144 8.75 13.41 8.82
N ILE B 145 7.83 14.34 8.61
CA ILE B 145 7.35 15.19 9.70
C ILE B 145 5.83 15.13 9.74
N SER B 146 5.31 14.59 10.83
CA SER B 146 3.90 14.32 10.98
C SER B 146 3.16 15.65 11.14
N GLU B 147 3.67 16.49 12.04
CA GLU B 147 3.01 17.76 12.36
C GLU B 147 3.99 18.90 12.63
N MET B 148 3.93 19.91 11.78
CA MET B 148 4.55 21.21 12.04
C MET B 148 3.43 22.20 12.41
N THR B 149 3.57 22.83 13.58
CA THR B 149 2.61 23.84 14.01
C THR B 149 3.21 25.23 13.85
N PHE B 150 2.43 26.15 13.27
CA PHE B 150 2.89 27.51 13.03
C PHE B 150 1.99 28.57 13.67
N ALA B 151 2.61 29.64 14.17
CA ALA B 151 1.89 30.79 14.66
C ALA B 151 2.36 32.04 13.93
N LEU B 152 1.45 32.68 13.20
CA LEU B 152 1.68 34.01 12.62
C LEU B 152 1.92 34.98 13.78
N SER B 153 2.91 35.87 13.62
CA SER B 153 3.19 36.90 14.64
C SER B 153 3.73 38.20 14.03
N THR C 9 64.45 40.55 6.02
CA THR C 9 64.42 40.47 4.52
C THR C 9 62.97 40.52 4.01
N SER C 10 62.56 39.50 3.27
CA SER C 10 61.28 39.47 2.55
C SER C 10 60.44 38.24 2.95
N ILE C 11 59.35 38.48 3.67
CA ILE C 11 58.44 37.43 4.15
C ILE C 11 57.08 37.46 3.43
N ASP C 12 56.83 36.42 2.60
CA ASP C 12 55.58 36.33 1.84
C ASP C 12 54.45 35.77 2.71
N ILE C 13 53.24 35.69 2.15
CA ILE C 13 52.04 35.35 2.93
C ILE C 13 52.07 33.92 3.52
N GLU C 14 52.63 32.98 2.75
CA GLU C 14 52.81 31.60 3.18
C GLU C 14 53.76 31.47 4.38
N ASP C 15 54.81 32.30 4.37
CA ASP C 15 55.78 32.36 5.46
C ASP C 15 55.25 33.15 6.65
N ILE C 16 54.37 34.11 6.40
CA ILE C 16 53.68 34.81 7.48
C ILE C 16 52.90 33.83 8.36
N LYS C 17 52.17 32.89 7.75
CA LYS C 17 51.35 31.91 8.47
C LYS C 17 52.16 30.85 9.22
N LYS C 18 53.45 30.73 8.88
CA LYS C 18 54.34 29.82 9.58
C LYS C 18 54.80 30.44 10.90
N ILE C 19 54.84 31.77 10.93
CA ILE C 19 55.25 32.53 12.10
C ILE C 19 54.06 32.79 13.04
N LEU C 20 52.97 33.34 12.48
CA LEU C 20 51.80 33.72 13.26
C LEU C 20 50.74 32.64 13.21
N PRO C 21 49.98 32.48 14.30
CA PRO C 21 48.83 31.56 14.36
C PRO C 21 47.57 32.10 13.69
N HIS C 22 47.54 33.41 13.46
CA HIS C 22 46.36 34.12 12.96
C HIS C 22 45.86 33.55 11.63
N ARG C 23 44.55 33.33 11.54
CA ARG C 23 43.91 32.82 10.32
C ARG C 23 42.66 33.64 9.99
N TYR C 24 42.15 33.48 8.76
CA TYR C 24 40.93 34.17 8.31
C TYR C 24 39.78 34.01 9.32
N PRO C 25 38.96 35.07 9.54
CA PRO C 25 39.00 36.40 8.96
C PRO C 25 39.69 37.39 9.89
N PHE C 26 40.82 36.99 10.47
CA PHE C 26 41.55 37.84 11.41
C PHE C 26 43.08 37.87 11.23
N LEU C 27 43.56 37.56 10.02
CA LEU C 27 44.99 37.65 9.70
C LEU C 27 45.19 38.89 8.86
N LEU C 28 45.82 39.92 9.45
CA LEU C 28 45.78 41.25 8.87
C LEU C 28 47.12 41.76 8.41
N VAL C 29 48.02 40.84 8.01
CA VAL C 29 49.28 41.21 7.39
C VAL C 29 49.40 40.44 6.09
N ASP C 30 49.46 41.16 4.97
CA ASP C 30 49.60 40.54 3.65
C ASP C 30 51.05 40.36 3.23
N LYS C 31 51.92 41.32 3.57
CA LYS C 31 53.34 41.17 3.29
C LYS C 31 54.22 41.94 4.28
N VAL C 32 55.41 41.38 4.54
CA VAL C 32 56.45 42.00 5.34
C VAL C 32 57.59 42.33 4.41
N ILE C 33 57.79 43.63 4.18
CA ILE C 33 58.68 44.10 3.11
C ILE C 33 60.04 44.60 3.61
N TYR C 34 60.13 44.87 4.91
CA TYR C 34 61.43 45.06 5.55
C TYR C 34 61.40 44.68 7.01
N MET C 35 62.35 43.84 7.42
CA MET C 35 62.49 43.45 8.82
C MET C 35 63.94 43.44 9.29
N GLN C 36 64.18 44.11 10.41
CA GLN C 36 65.45 43.97 11.11
C GLN C 36 65.23 43.51 12.56
N PRO C 37 65.75 42.32 12.90
CA PRO C 37 65.53 41.67 14.19
C PRO C 37 65.92 42.57 15.37
N ASN C 38 65.13 42.51 16.43
CA ASN C 38 65.35 43.31 17.63
C ASN C 38 65.30 44.84 17.42
N LYS C 39 65.07 45.30 16.19
CA LYS C 39 64.93 46.73 15.90
C LYS C 39 63.59 47.16 15.31
N THR C 40 63.38 46.89 14.01
CA THR C 40 62.18 47.38 13.31
C THR C 40 61.57 46.42 12.25
N ILE C 41 60.30 46.64 11.93
CA ILE C 41 59.60 45.87 10.88
C ILE C 41 58.66 46.75 10.04
N ILE C 42 58.72 46.58 8.73
CA ILE C 42 57.80 47.25 7.84
C ILE C 42 57.03 46.19 7.03
N GLY C 43 55.71 46.26 7.09
CA GLY C 43 54.85 45.37 6.32
C GLY C 43 53.67 46.14 5.74
N LEU C 44 52.80 45.44 5.01
CA LEU C 44 51.70 46.11 4.32
C LEU C 44 50.39 45.31 4.29
N LYS C 45 49.28 46.03 4.40
CA LYS C 45 47.95 45.44 4.37
C LYS C 45 47.19 46.08 3.22
N GLN C 46 46.65 45.24 2.35
CA GLN C 46 45.84 45.68 1.22
C GLN C 46 44.38 45.78 1.59
N VAL C 47 43.81 46.97 1.43
CA VAL C 47 42.44 47.23 1.82
C VAL C 47 41.57 47.14 0.59
N SER C 48 40.75 46.10 0.56
CA SER C 48 39.88 45.81 -0.57
C SER C 48 38.46 45.82 -0.07
N THR C 49 37.52 46.10 -0.96
CA THR C 49 36.10 46.07 -0.61
C THR C 49 35.60 44.64 -0.38
N ASN C 50 36.45 43.69 -0.77
CA ASN C 50 36.18 42.28 -0.68
C ASN C 50 36.74 41.68 0.61
N GLU C 51 36.43 42.34 1.72
CA GLU C 51 36.77 41.84 3.04
C GLU C 51 35.46 41.76 3.87
N PRO C 52 35.30 40.70 4.69
CA PRO C 52 34.00 40.45 5.33
C PRO C 52 33.55 41.58 6.27
N PHE C 53 34.52 42.30 6.83
CA PHE C 53 34.21 43.31 7.82
C PHE C 53 33.58 44.57 7.22
N PHE C 54 33.86 44.85 5.94
CA PHE C 54 33.31 46.04 5.27
C PHE C 54 31.81 46.06 5.13
N ASN C 55 31.20 44.89 5.00
CA ASN C 55 29.75 44.76 4.92
C ASN C 55 29.02 45.25 6.16
N GLY C 56 29.75 45.34 7.27
CA GLY C 56 29.15 45.66 8.56
C GLY C 56 29.70 46.94 9.16
N HIS C 57 30.61 47.58 8.43
CA HIS C 57 31.29 48.77 8.90
C HIS C 57 31.82 49.59 7.72
N PHE C 58 30.93 50.30 7.03
CA PHE C 58 29.50 50.35 7.33
C PHE C 58 28.79 50.13 6.01
N PRO C 59 27.49 49.77 6.03
CA PRO C 59 26.83 49.56 4.74
C PRO C 59 26.78 50.86 3.92
N GLN C 60 26.49 51.96 4.59
CA GLN C 60 26.34 53.25 3.92
C GLN C 60 27.65 53.79 3.37
N LYS C 61 28.77 53.44 4.01
CA LYS C 61 30.09 53.99 3.70
C LYS C 61 31.14 53.06 4.28
N GLN C 62 32.11 52.66 3.46
CA GLN C 62 33.10 51.65 3.88
C GLN C 62 34.40 52.27 4.40
N ILE C 63 34.60 52.14 5.71
CA ILE C 63 35.79 52.63 6.37
C ILE C 63 36.36 51.49 7.20
N MET C 64 37.63 51.19 7.01
CA MET C 64 38.30 50.13 7.76
C MET C 64 38.30 50.44 9.25
N PRO C 65 37.75 49.52 10.07
CA PRO C 65 37.69 49.72 11.51
C PRO C 65 39.03 50.05 12.12
N GLY C 66 39.06 51.13 12.90
CA GLY C 66 40.26 51.55 13.63
C GLY C 66 40.94 50.46 14.47
N VAL C 67 40.13 49.64 15.13
CA VAL C 67 40.65 48.54 15.95
C VAL C 67 41.40 47.50 15.11
N LEU C 68 41.03 47.39 13.84
CA LEU C 68 41.69 46.48 12.91
C LEU C 68 43.01 47.05 12.35
N GLN C 69 43.16 48.38 12.43
CA GLN C 69 44.43 49.04 12.09
C GLN C 69 45.43 48.91 13.25
N ILE C 70 44.92 48.88 14.48
CA ILE C 70 45.67 48.42 15.63
C ILE C 70 46.08 46.97 15.44
N GLU C 71 45.11 46.06 15.28
CA GLU C 71 45.40 44.62 15.22
C GLU C 71 46.44 44.31 14.15
N ALA C 72 46.29 44.91 12.98
CA ALA C 72 47.25 44.73 11.89
C ALA C 72 48.65 45.13 12.35
N LEU C 73 48.77 46.33 12.89
CA LEU C 73 50.03 46.80 13.46
C LEU C 73 50.53 45.86 14.55
N ALA C 74 49.62 45.42 15.41
CA ALA C 74 49.94 44.47 16.50
C ALA C 74 50.42 43.11 16.00
N GLN C 75 49.86 42.65 14.88
CA GLN C 75 50.28 41.39 14.27
C GLN C 75 51.67 41.51 13.64
N LEU C 76 51.99 42.69 13.12
CA LEU C 76 53.28 42.95 12.50
C LEU C 76 54.34 43.11 13.56
N ALA C 77 53.95 43.69 14.69
CA ALA C 77 54.81 43.76 15.88
C ALA C 77 55.10 42.35 16.39
N GLY C 78 54.06 41.51 16.49
CA GLY C 78 54.20 40.13 16.93
C GLY C 78 55.26 39.40 16.11
N ILE C 79 55.13 39.52 14.78
CA ILE C 79 56.06 38.89 13.85
C ILE C 79 57.51 39.21 14.20
N LEU C 80 57.79 40.48 14.50
CA LEU C 80 59.13 40.95 14.82
C LEU C 80 59.65 40.29 16.09
N CYS C 81 58.79 40.23 17.11
CA CYS C 81 59.12 39.61 18.39
C CYS C 81 59.47 38.15 18.22
N LEU C 82 58.74 37.44 17.37
CA LEU C 82 58.93 36.01 17.19
C LEU C 82 60.17 35.67 16.36
N LYS C 83 60.55 36.55 15.45
CA LYS C 83 61.75 36.33 14.63
C LYS C 83 63.02 36.83 15.34
N SER C 84 62.82 37.82 16.22
CA SER C 84 63.93 38.38 16.97
C SER C 84 64.51 37.39 17.97
N ASP C 85 63.64 36.57 18.56
CA ASP C 85 64.02 35.70 19.68
C ASP C 85 62.98 34.58 19.77
N ASP C 86 63.34 33.39 19.30
CA ASP C 86 62.41 32.26 19.32
C ASP C 86 62.84 31.08 20.22
N SER C 87 63.64 31.38 21.24
CA SER C 87 63.92 30.39 22.30
C SER C 87 62.61 29.96 22.98
N GLN C 88 61.73 30.93 23.21
CA GLN C 88 60.33 30.67 23.56
C GLN C 88 59.60 30.12 22.34
N LYS C 89 59.46 28.78 22.29
CA LYS C 89 58.75 28.08 21.20
C LYS C 89 57.24 28.11 21.41
N ASN C 90 56.71 29.33 21.50
CA ASN C 90 55.29 29.60 21.68
C ASN C 90 54.97 30.73 20.71
N ASN C 91 54.04 30.49 19.76
CA ASN C 91 53.67 31.54 18.79
C ASN C 91 52.45 32.39 19.20
N LEU C 92 51.59 31.82 20.04
CA LEU C 92 50.42 32.52 20.59
C LEU C 92 50.81 33.67 21.52
N PHE C 93 50.87 34.88 20.95
CA PHE C 93 51.09 36.10 21.72
C PHE C 93 49.76 36.78 22.01
N LEU C 94 49.58 37.26 23.23
CA LEU C 94 48.37 38.02 23.57
C LEU C 94 48.64 39.51 23.81
N PHE C 95 47.64 40.33 23.44
CA PHE C 95 47.69 41.75 23.65
C PHE C 95 47.60 41.98 25.16
N ALA C 96 48.59 42.70 25.69
CA ALA C 96 48.63 42.99 27.13
C ALA C 96 48.00 44.36 27.39
N GLY C 97 48.50 45.34 26.65
CA GLY C 97 48.01 46.70 26.76
C GLY C 97 48.36 47.48 25.52
N VAL C 98 47.66 48.59 25.32
CA VAL C 98 47.95 49.50 24.23
C VAL C 98 47.74 50.93 24.70
N ASP C 99 48.53 51.86 24.18
CA ASP C 99 48.59 53.18 24.77
C ASP C 99 48.86 54.24 23.70
N GLY C 100 48.07 55.31 23.72
CA GLY C 100 48.27 56.45 22.85
C GLY C 100 47.95 56.20 21.39
N VAL C 101 46.79 55.60 21.12
CA VAL C 101 46.36 55.35 19.76
C VAL C 101 45.59 56.57 19.29
N ARG C 102 45.99 57.09 18.12
CA ARG C 102 45.33 58.23 17.50
C ARG C 102 45.05 57.88 16.04
N TRP C 103 43.79 58.01 15.63
CA TRP C 103 43.45 57.89 14.21
C TRP C 103 43.28 59.26 13.59
N LYS C 104 44.01 59.50 12.51
CA LYS C 104 44.04 60.82 11.85
C LYS C 104 43.11 60.87 10.63
N LYS C 105 43.30 59.91 9.73
CA LYS C 105 42.58 59.89 8.46
C LYS C 105 41.91 58.53 8.32
N PRO C 106 40.78 58.48 7.58
CA PRO C 106 40.13 57.23 7.23
C PRO C 106 40.91 56.35 6.25
N VAL C 107 40.90 55.04 6.48
CA VAL C 107 41.49 54.05 5.59
C VAL C 107 40.33 53.43 4.81
N LEU C 108 40.36 53.54 3.49
CA LEU C 108 39.24 53.10 2.64
C LEU C 108 39.64 51.98 1.69
N PRO C 109 38.67 51.16 1.22
CA PRO C 109 38.96 50.18 0.18
C PRO C 109 39.68 50.88 -0.97
N GLY C 110 40.56 50.14 -1.66
CA GLY C 110 41.47 50.74 -2.62
C GLY C 110 42.79 51.18 -2.01
N ASP C 111 42.85 51.32 -0.68
CA ASP C 111 44.05 51.84 -0.02
C ASP C 111 45.06 50.75 0.30
N THR C 112 46.35 51.11 0.26
CA THR C 112 47.40 50.27 0.81
C THR C 112 47.81 50.89 2.15
N LEU C 113 47.62 50.11 3.21
CA LEU C 113 48.05 50.47 4.52
C LEU C 113 49.48 50.03 4.69
N THR C 114 50.40 51.00 4.77
CA THR C 114 51.80 50.72 5.04
C THR C 114 52.00 50.84 6.54
N MET C 115 52.61 49.82 7.15
CA MET C 115 52.73 49.74 8.59
C MET C 115 54.17 49.51 8.99
N GLN C 116 54.59 50.17 10.05
CA GLN C 116 55.87 49.91 10.63
C GLN C 116 55.74 49.89 12.14
N ALA C 117 56.42 48.94 12.77
CA ALA C 117 56.51 48.82 14.22
C ALA C 117 57.97 48.87 14.64
N ASN C 118 58.24 49.49 15.78
CA ASN C 118 59.59 49.55 16.32
C ASN C 118 59.61 48.96 17.72
N LEU C 119 60.43 47.92 17.92
CA LEU C 119 60.58 47.34 19.24
C LEU C 119 61.22 48.34 20.20
N ILE C 120 60.63 48.50 21.38
CA ILE C 120 61.18 49.40 22.40
C ILE C 120 61.95 48.62 23.47
N SER C 121 61.29 47.66 24.12
CA SER C 121 61.92 46.82 25.13
C SER C 121 61.43 45.37 25.09
N PHE C 122 62.35 44.46 25.36
CA PHE C 122 62.06 43.04 25.44
C PHE C 122 62.74 42.48 26.70
N LYS C 123 61.98 41.76 27.51
CA LYS C 123 62.55 41.04 28.64
C LYS C 123 62.55 39.53 28.41
N SER C 124 63.22 39.15 27.33
CA SER C 124 63.66 37.76 27.05
C SER C 124 62.56 36.72 27.30
N SER C 125 62.87 35.73 28.15
CA SER C 125 61.93 34.67 28.52
C SER C 125 60.95 35.08 29.63
N LEU C 126 60.33 36.25 29.43
CA LEU C 126 59.22 36.73 30.27
C LEU C 126 58.05 37.11 29.36
N GLY C 127 58.33 37.16 28.05
CA GLY C 127 57.34 37.47 27.03
C GLY C 127 56.81 38.88 27.07
N ILE C 128 57.50 39.77 27.77
CA ILE C 128 57.07 41.15 27.95
C ILE C 128 57.79 42.06 26.97
N ALA C 129 57.18 42.24 25.80
CA ALA C 129 57.73 43.14 24.79
C ALA C 129 56.90 44.42 24.67
N LYS C 130 57.60 45.52 24.34
CA LYS C 130 56.96 46.82 24.11
C LYS C 130 57.39 47.43 22.78
N LEU C 131 56.43 47.94 22.01
CA LEU C 131 56.72 48.50 20.69
C LEU C 131 55.89 49.74 20.36
N SER C 132 56.37 50.48 19.37
CA SER C 132 55.63 51.60 18.83
C SER C 132 55.19 51.22 17.42
N GLY C 133 54.24 51.97 16.87
CA GLY C 133 53.72 51.64 15.55
C GLY C 133 53.10 52.82 14.81
N VAL C 134 53.38 52.89 13.51
CA VAL C 134 52.79 53.91 12.63
C VAL C 134 52.31 53.27 11.33
N GLY C 135 51.09 53.62 10.92
CA GLY C 135 50.55 53.18 9.64
C GLY C 135 50.34 54.33 8.66
N TYR C 136 50.63 54.07 7.38
CA TYR C 136 50.54 55.07 6.32
C TYR C 136 49.64 54.66 5.16
N VAL C 137 49.08 55.68 4.50
CA VAL C 137 48.33 55.52 3.27
C VAL C 137 48.72 56.66 2.32
N ASN C 138 49.56 56.36 1.34
CA ASN C 138 50.09 57.35 0.37
C ASN C 138 50.97 58.41 1.03
N GLY C 139 51.89 57.95 1.86
CA GLY C 139 52.79 58.85 2.60
C GLY C 139 52.15 59.60 3.75
N LYS C 140 50.83 59.40 3.96
CA LYS C 140 50.09 60.13 4.99
C LYS C 140 49.79 59.28 6.22
N VAL C 141 50.04 59.85 7.40
CA VAL C 141 49.84 59.16 8.68
C VAL C 141 48.36 58.96 8.97
N VAL C 142 47.93 57.70 9.00
CA VAL C 142 46.52 57.35 9.25
C VAL C 142 46.25 56.73 10.63
N ILE C 143 47.29 56.16 11.25
CA ILE C 143 47.23 55.65 12.62
C ILE C 143 48.56 55.77 13.35
N ASN C 144 48.50 56.17 14.62
CA ASN C 144 49.66 56.22 15.50
C ASN C 144 49.42 55.43 16.74
N ILE C 145 50.40 54.61 17.10
CA ILE C 145 50.36 53.90 18.36
C ILE C 145 51.66 54.19 19.11
N SER C 146 51.52 54.79 20.30
CA SER C 146 52.67 55.09 21.14
C SER C 146 53.28 53.82 21.72
N GLU C 147 52.45 52.98 22.34
CA GLU C 147 52.93 51.78 23.01
C GLU C 147 52.01 50.57 22.94
N MET C 148 52.51 49.48 22.35
CA MET C 148 51.86 48.18 22.41
C MET C 148 52.64 47.29 23.36
N THR C 149 51.94 46.71 24.33
CA THR C 149 52.56 45.76 25.25
C THR C 149 52.02 44.36 24.98
N PHE C 150 52.93 43.37 24.93
CA PHE C 150 52.53 42.00 24.64
C PHE C 150 53.00 41.00 25.70
N ALA C 151 52.24 39.91 25.86
CA ALA C 151 52.58 38.81 26.77
C ALA C 151 52.67 37.47 26.04
N LEU C 152 53.83 36.83 26.14
CA LEU C 152 54.13 35.60 25.41
C LEU C 152 53.31 34.41 25.87
N ASP D 8 12.77 48.71 33.95
CA ASP D 8 13.05 48.73 32.48
C ASP D 8 13.58 50.08 31.98
N THR D 9 14.90 50.24 31.99
CA THR D 9 15.57 51.39 31.34
C THR D 9 16.30 50.94 30.07
N SER D 10 15.98 49.73 29.62
CA SER D 10 16.80 48.99 28.65
C SER D 10 16.62 49.35 27.16
N ILE D 11 17.55 48.85 26.35
CA ILE D 11 17.47 48.90 24.88
C ILE D 11 17.76 47.49 24.36
N ASP D 12 16.88 46.97 23.49
CA ASP D 12 17.13 45.68 22.82
C ASP D 12 17.77 45.85 21.44
N ILE D 13 18.19 44.75 20.84
CA ILE D 13 18.97 44.79 19.59
C ILE D 13 18.33 45.62 18.47
N GLU D 14 17.02 45.44 18.25
CA GLU D 14 16.31 46.12 17.17
C GLU D 14 16.36 47.64 17.32
N ASP D 15 16.52 48.10 18.57
CA ASP D 15 16.63 49.52 18.85
C ASP D 15 18.09 49.99 18.80
N ILE D 16 19.02 49.09 19.13
CA ILE D 16 20.46 49.40 19.00
C ILE D 16 20.81 49.70 17.54
N LYS D 17 20.22 48.90 16.64
CA LYS D 17 20.45 49.06 15.20
C LYS D 17 19.90 50.37 14.58
N LYS D 18 19.00 51.04 15.30
CA LYS D 18 18.55 52.38 14.89
C LYS D 18 19.51 53.48 15.35
N ILE D 19 20.23 53.21 16.45
CA ILE D 19 21.19 54.18 17.01
C ILE D 19 22.58 54.02 16.39
N LEU D 20 23.12 52.81 16.43
CA LEU D 20 24.41 52.55 15.79
C LEU D 20 24.16 52.11 14.36
N PRO D 21 25.01 52.57 13.42
CA PRO D 21 24.86 52.13 12.03
C PRO D 21 25.44 50.74 11.82
N HIS D 22 26.31 50.32 12.75
CA HIS D 22 27.09 49.10 12.62
C HIS D 22 26.20 47.88 12.38
N ARG D 23 26.71 46.93 11.58
CA ARG D 23 25.99 45.69 11.31
C ARG D 23 26.95 44.52 11.32
N TYR D 24 26.42 43.34 11.00
CA TYR D 24 27.19 42.09 10.96
C TYR D 24 28.28 42.17 9.88
N PRO D 25 29.49 41.66 10.17
CA PRO D 25 29.92 40.96 11.39
C PRO D 25 30.66 41.84 12.40
N PHE D 26 30.26 43.11 12.53
CA PHE D 26 31.03 44.06 13.30
C PHE D 26 30.13 44.92 14.17
N LEU D 27 29.05 44.31 14.65
CA LEU D 27 28.24 44.89 15.72
C LEU D 27 28.47 44.04 16.96
N LEU D 28 29.01 44.67 18.02
CA LEU D 28 29.42 43.93 19.21
C LEU D 28 28.76 44.38 20.51
N VAL D 29 27.49 44.77 20.44
CA VAL D 29 26.68 45.04 21.64
C VAL D 29 25.31 44.38 21.49
N ASP D 30 25.05 43.35 22.29
CA ASP D 30 23.81 42.59 22.16
C ASP D 30 22.64 43.26 22.88
N LYS D 31 22.95 43.98 23.94
CA LYS D 31 21.93 44.62 24.75
C LYS D 31 22.53 45.74 25.59
N VAL D 32 21.83 46.87 25.63
CA VAL D 32 22.07 47.90 26.65
C VAL D 32 21.09 47.60 27.78
N ILE D 33 21.63 47.47 29.01
CA ILE D 33 20.79 47.13 30.18
C ILE D 33 20.45 48.32 31.07
N TYR D 34 21.33 49.32 31.10
CA TYR D 34 21.10 50.58 31.82
C TYR D 34 21.82 51.73 31.09
N MET D 35 21.18 52.92 31.11
CA MET D 35 21.76 54.11 30.48
C MET D 35 21.27 55.40 31.13
N GLN D 36 22.22 56.21 31.57
CA GLN D 36 21.92 57.54 32.09
C GLN D 36 22.62 58.57 31.22
N PRO D 37 21.85 59.30 30.39
CA PRO D 37 22.40 60.29 29.47
C PRO D 37 23.42 61.17 30.16
N ASN D 38 24.46 61.56 29.43
CA ASN D 38 25.51 62.46 29.92
C ASN D 38 26.26 61.98 31.17
N LYS D 39 26.02 60.71 31.57
CA LYS D 39 26.78 60.15 32.69
C LYS D 39 27.41 58.78 32.43
N THR D 40 26.59 57.75 32.19
CA THR D 40 27.10 56.38 32.05
C THR D 40 26.22 55.46 31.21
N ILE D 41 26.76 54.31 30.83
CA ILE D 41 26.01 53.28 30.08
C ILE D 41 26.52 51.85 30.36
N ILE D 42 25.59 50.95 30.63
CA ILE D 42 25.96 49.56 30.84
C ILE D 42 25.38 48.69 29.72
N GLY D 43 26.23 47.89 29.09
CA GLY D 43 25.78 46.97 28.05
C GLY D 43 26.44 45.61 28.12
N LEU D 44 25.84 44.62 27.45
CA LEU D 44 26.45 43.30 27.41
C LEU D 44 26.58 42.70 26.01
N LYS D 45 27.78 42.17 25.73
CA LYS D 45 28.05 41.39 24.54
C LYS D 45 28.13 39.89 24.90
N GLN D 46 27.36 39.06 24.20
CA GLN D 46 27.46 37.62 24.41
C GLN D 46 28.59 37.02 23.57
N VAL D 47 29.46 36.25 24.21
CA VAL D 47 30.56 35.63 23.50
C VAL D 47 30.27 34.13 23.27
N SER D 48 29.90 33.81 22.03
CA SER D 48 29.64 32.42 21.63
C SER D 48 30.71 31.91 20.67
N THR D 49 30.83 30.59 20.57
CA THR D 49 31.78 29.95 19.63
C THR D 49 31.29 30.06 18.19
N ASN D 50 30.05 30.52 18.03
CA ASN D 50 29.41 30.64 16.73
C ASN D 50 29.53 32.06 16.16
N GLU D 51 30.74 32.61 16.24
CA GLU D 51 31.02 33.98 15.82
C GLU D 51 32.14 33.93 14.80
N PRO D 52 32.00 34.67 13.69
CA PRO D 52 32.90 34.47 12.55
C PRO D 52 34.38 34.59 12.88
N PHE D 53 34.70 35.31 13.94
CA PHE D 53 36.09 35.65 14.20
C PHE D 53 36.90 34.55 14.88
N PHE D 54 36.22 33.66 15.60
CA PHE D 54 36.88 32.66 16.42
C PHE D 54 37.65 31.64 15.60
N ASN D 55 37.11 31.32 14.42
CA ASN D 55 37.82 30.45 13.48
C ASN D 55 39.23 30.91 13.17
N GLY D 56 39.48 32.20 13.27
CA GLY D 56 40.77 32.78 12.93
C GLY D 56 41.64 33.19 14.10
N HIS D 57 41.01 33.48 15.25
CA HIS D 57 41.77 33.98 16.40
C HIS D 57 41.42 33.26 17.71
N PHE D 58 42.00 32.08 17.98
CA PHE D 58 42.90 31.35 17.07
C PHE D 58 42.24 30.02 16.71
N PRO D 59 42.81 29.27 15.74
CA PRO D 59 42.23 27.94 15.59
C PRO D 59 42.54 27.03 16.80
N GLN D 60 43.77 27.11 17.31
CA GLN D 60 44.24 26.23 18.39
C GLN D 60 43.61 26.51 19.75
N LYS D 61 43.10 27.73 19.93
CA LYS D 61 42.57 28.18 21.21
C LYS D 61 41.70 29.40 20.98
N GLN D 62 40.42 29.29 21.25
CA GLN D 62 39.48 30.35 20.91
C GLN D 62 39.47 31.47 21.95
N ILE D 63 40.09 32.60 21.60
CA ILE D 63 40.12 33.78 22.47
C ILE D 63 39.60 35.01 21.72
N MET D 64 38.71 35.77 22.36
CA MET D 64 38.17 36.99 21.76
C MET D 64 39.26 38.05 21.68
N PRO D 65 39.52 38.58 20.46
CA PRO D 65 40.56 39.56 20.20
C PRO D 65 40.46 40.73 21.15
N GLY D 66 41.60 41.15 21.70
CA GLY D 66 41.62 42.30 22.59
C GLY D 66 41.00 43.50 21.90
N VAL D 67 41.27 43.64 20.61
CA VAL D 67 40.75 44.75 19.82
C VAL D 67 39.22 44.76 19.73
N LEU D 68 38.61 43.59 19.62
CA LEU D 68 37.15 43.51 19.58
C LEU D 68 36.47 43.89 20.92
N GLN D 69 37.21 43.73 22.02
CA GLN D 69 36.77 44.19 23.34
C GLN D 69 36.78 45.71 23.43
N ILE D 70 37.77 46.33 22.77
CA ILE D 70 37.78 47.78 22.63
C ILE D 70 36.56 48.22 21.82
N GLU D 71 36.39 47.67 20.63
CA GLU D 71 35.29 48.04 19.75
C GLU D 71 33.94 47.87 20.42
N ALA D 72 33.80 46.81 21.21
CA ALA D 72 32.53 46.52 21.91
C ALA D 72 32.18 47.60 22.91
N LEU D 73 33.18 48.00 23.71
CA LEU D 73 33.06 49.12 24.62
C LEU D 73 32.91 50.46 23.89
N ALA D 74 33.61 50.60 22.76
CA ALA D 74 33.53 51.80 21.92
C ALA D 74 32.15 52.03 21.36
N GLN D 75 31.52 50.95 20.89
CA GLN D 75 30.18 51.03 20.34
C GLN D 75 29.16 51.34 21.42
N LEU D 76 29.44 50.88 22.65
CA LEU D 76 28.57 51.17 23.79
C LEU D 76 28.71 52.64 24.19
N ALA D 77 29.96 53.12 24.21
CA ALA D 77 30.28 54.54 24.36
C ALA D 77 29.66 55.39 23.25
N GLY D 78 29.64 54.84 22.03
CA GLY D 78 29.00 55.49 20.89
C GLY D 78 27.50 55.68 21.05
N ILE D 79 26.82 54.66 21.58
CA ILE D 79 25.38 54.74 21.86
C ILE D 79 25.12 55.84 22.89
N LEU D 80 25.99 55.94 23.88
CA LEU D 80 25.83 56.92 24.95
C LEU D 80 25.83 58.35 24.40
N CYS D 81 26.91 58.74 23.70
CA CYS D 81 27.02 60.08 23.12
C CYS D 81 25.85 60.44 22.22
N LEU D 82 25.34 59.45 21.49
CA LEU D 82 24.28 59.68 20.51
C LEU D 82 22.94 60.00 21.18
N LYS D 83 22.67 59.33 22.31
CA LYS D 83 21.41 59.53 23.03
C LYS D 83 21.54 60.63 24.10
N SER D 84 22.79 61.04 24.38
CA SER D 84 23.07 62.15 25.28
C SER D 84 22.57 63.43 24.61
N ASP D 85 22.77 63.51 23.29
CA ASP D 85 22.51 64.73 22.52
C ASP D 85 22.52 64.43 21.02
N ASP D 86 21.34 64.34 20.41
CA ASP D 86 21.24 64.03 18.97
C ASP D 86 20.81 65.24 18.12
N SER D 87 21.20 66.44 18.56
CA SER D 87 21.07 67.65 17.74
C SER D 87 21.90 67.50 16.45
N GLN D 88 23.15 67.07 16.59
CA GLN D 88 23.98 66.62 15.47
C GLN D 88 23.39 65.32 14.90
N LYS D 89 22.59 65.46 13.85
CA LYS D 89 21.87 64.34 13.23
C LYS D 89 22.80 63.48 12.36
N ASN D 90 23.78 62.84 13.04
CA ASN D 90 24.77 61.99 12.38
C ASN D 90 25.20 60.84 13.28
N ASN D 91 24.83 59.61 12.90
CA ASN D 91 25.13 58.42 13.71
C ASN D 91 26.54 57.79 13.55
N LEU D 92 27.21 58.06 12.41
CA LEU D 92 28.58 57.56 12.18
C LEU D 92 29.64 58.30 13.04
N PHE D 93 29.93 57.72 14.20
CA PHE D 93 31.00 58.22 15.08
C PHE D 93 32.31 57.54 14.74
N LEU D 94 33.38 58.32 14.62
CA LEU D 94 34.70 57.76 14.42
C LEU D 94 35.56 57.83 15.68
N PHE D 95 36.12 56.67 16.02
CA PHE D 95 37.11 56.53 17.05
C PHE D 95 38.26 57.45 16.68
N ALA D 96 38.50 58.46 17.53
CA ALA D 96 39.56 59.41 17.27
C ALA D 96 40.85 58.98 17.96
N GLY D 97 40.71 58.25 19.06
CA GLY D 97 41.86 57.75 19.79
C GLY D 97 41.45 56.85 20.93
N VAL D 98 42.43 56.13 21.48
CA VAL D 98 42.19 55.28 22.63
C VAL D 98 43.46 55.18 23.48
N ASP D 99 43.30 55.23 24.80
CA ASP D 99 44.44 55.42 25.69
C ASP D 99 44.23 54.65 26.98
N GLY D 100 45.26 53.94 27.40
CA GLY D 100 45.24 53.24 28.68
C GLY D 100 44.47 51.94 28.62
N VAL D 101 44.65 51.22 27.53
CA VAL D 101 44.02 49.93 27.41
C VAL D 101 44.91 48.87 28.05
N ARG D 102 44.32 48.14 28.99
CA ARG D 102 44.98 47.02 29.64
C ARG D 102 44.00 45.86 29.65
N TRP D 103 44.49 44.71 29.22
CA TRP D 103 43.70 43.48 29.23
C TRP D 103 44.22 42.54 30.31
N LYS D 104 43.33 42.17 31.21
CA LYS D 104 43.71 41.43 32.41
C LYS D 104 43.50 39.95 32.21
N LYS D 105 42.29 39.61 31.72
CA LYS D 105 41.87 38.21 31.58
C LYS D 105 41.39 37.92 30.15
N PRO D 106 41.62 36.67 29.66
CA PRO D 106 41.09 36.24 28.38
C PRO D 106 39.57 36.12 28.41
N VAL D 107 38.90 36.70 27.41
CA VAL D 107 37.48 36.47 27.26
C VAL D 107 37.26 35.28 26.32
N LEU D 108 36.56 34.26 26.84
CA LEU D 108 36.35 33.00 26.13
C LEU D 108 34.91 32.82 25.68
N PRO D 109 34.68 31.92 24.70
CA PRO D 109 33.34 31.44 24.37
C PRO D 109 32.59 31.00 25.62
N GLY D 110 31.31 31.31 25.68
CA GLY D 110 30.53 30.99 26.87
C GLY D 110 30.38 32.14 27.84
N ASP D 111 31.29 33.12 27.77
CA ASP D 111 31.29 34.25 28.70
C ASP D 111 30.24 35.30 28.34
N THR D 112 29.76 36.02 29.34
CA THR D 112 28.98 37.23 29.10
C THR D 112 29.88 38.41 29.41
N LEU D 113 30.18 39.16 28.35
CA LEU D 113 30.97 40.38 28.47
C LEU D 113 30.05 41.49 28.94
N THR D 114 30.23 41.89 30.19
CA THR D 114 29.46 42.98 30.76
C THR D 114 30.31 44.23 30.74
N MET D 115 29.81 45.26 30.05
CA MET D 115 30.61 46.46 29.79
C MET D 115 29.98 47.69 30.39
N GLN D 116 30.82 48.58 30.89
CA GLN D 116 30.37 49.91 31.31
C GLN D 116 31.27 50.99 30.75
N ALA D 117 30.66 51.99 30.13
CA ALA D 117 31.35 53.19 29.68
C ALA D 117 30.82 54.41 30.43
N ASN D 118 31.71 55.36 30.68
CA ASN D 118 31.39 56.58 31.42
C ASN D 118 31.88 57.82 30.72
N LEU D 119 30.98 58.78 30.53
CA LEU D 119 31.32 60.05 29.88
C LEU D 119 32.22 60.91 30.77
N ILE D 120 33.28 61.45 30.19
CA ILE D 120 34.18 62.34 30.91
C ILE D 120 34.02 63.81 30.47
N SER D 121 34.07 64.03 29.15
CA SER D 121 33.94 65.38 28.58
C SER D 121 33.32 65.39 27.18
N PHE D 122 32.50 66.40 26.92
CA PHE D 122 31.78 66.58 25.65
C PHE D 122 32.01 68.04 25.28
N LYS D 123 32.31 68.30 24.00
CA LYS D 123 32.45 69.70 23.53
C LYS D 123 31.53 70.02 22.35
N ILE D 128 34.23 66.59 19.93
CA ILE D 128 35.31 65.79 20.70
C ILE D 128 34.73 65.29 22.01
N ALA D 129 34.44 63.98 22.08
CA ALA D 129 33.91 63.39 23.32
C ALA D 129 34.88 62.35 23.88
N LYS D 130 35.12 62.44 25.18
CA LYS D 130 36.01 61.50 25.88
C LYS D 130 35.25 60.64 26.87
N LEU D 131 35.53 59.35 26.87
CA LEU D 131 34.86 58.43 27.78
C LEU D 131 35.83 57.40 28.32
N SER D 132 35.45 56.77 29.44
CA SER D 132 36.18 55.64 30.01
C SER D 132 35.36 54.35 29.88
N GLY D 133 36.03 53.20 29.96
CA GLY D 133 35.37 51.92 29.77
C GLY D 133 35.91 50.78 30.61
N VAL D 134 35.00 49.94 31.12
CA VAL D 134 35.36 48.73 31.85
C VAL D 134 34.54 47.53 31.36
N GLY D 135 35.19 46.37 31.27
CA GLY D 135 34.51 45.13 30.91
C GLY D 135 34.70 44.06 31.97
N TYR D 136 33.60 43.43 32.38
CA TYR D 136 33.62 42.34 33.37
C TYR D 136 33.12 41.02 32.81
N VAL D 137 33.72 39.92 33.30
CA VAL D 137 33.29 38.56 33.01
C VAL D 137 33.12 37.82 34.32
N ASN D 138 31.86 37.73 34.78
CA ASN D 138 31.55 37.20 36.09
C ASN D 138 32.24 38.05 37.14
N GLY D 139 31.88 39.33 37.17
CA GLY D 139 32.40 40.28 38.16
C GLY D 139 33.90 40.58 38.12
N LYS D 140 34.66 39.68 37.46
CA LYS D 140 36.11 39.84 37.30
C LYS D 140 36.39 40.86 36.21
N VAL D 141 37.33 41.77 36.47
CA VAL D 141 37.68 42.82 35.50
C VAL D 141 38.61 42.26 34.42
N VAL D 142 38.13 42.29 33.18
CA VAL D 142 38.89 41.75 32.07
C VAL D 142 39.54 42.85 31.22
N ILE D 143 38.90 44.01 31.12
CA ILE D 143 39.46 45.11 30.33
C ILE D 143 39.33 46.49 31.00
N ASN D 144 40.41 47.25 30.93
CA ASN D 144 40.40 48.65 31.33
C ASN D 144 40.70 49.56 30.17
N ILE D 145 39.86 50.56 29.98
CA ILE D 145 40.18 51.64 29.05
C ILE D 145 40.12 52.98 29.78
N SER D 146 41.29 53.60 29.98
CA SER D 146 41.36 54.89 30.65
C SER D 146 40.57 55.93 29.92
N GLU D 147 40.78 56.01 28.60
CA GLU D 147 40.16 57.05 27.81
C GLU D 147 39.90 56.65 26.36
N MET D 148 38.66 56.85 25.93
CA MET D 148 38.28 56.74 24.53
C MET D 148 37.87 58.11 24.03
N THR D 149 38.40 58.52 22.88
CA THR D 149 38.08 59.81 22.26
C THR D 149 37.18 59.57 21.03
N PHE D 150 36.12 60.38 20.90
CA PHE D 150 35.21 60.26 19.76
C PHE D 150 35.00 61.55 18.97
N ALA D 151 34.81 61.41 17.65
CA ALA D 151 34.48 62.54 16.77
C ALA D 151 33.40 62.19 15.73
N ASP E 8 32.89 5.49 -13.46
CA ASP E 8 32.81 3.99 -13.33
C ASP E 8 31.87 3.62 -12.19
N THR E 9 32.45 3.31 -11.03
CA THR E 9 31.73 3.41 -9.78
C THR E 9 31.54 4.92 -9.57
N SER E 10 30.55 5.31 -8.78
CA SER E 10 30.31 6.73 -8.51
C SER E 10 31.29 7.22 -7.43
N ILE E 11 31.67 8.51 -7.49
CA ILE E 11 32.67 9.06 -6.56
C ILE E 11 32.19 10.36 -5.87
N ASP E 12 31.78 10.20 -4.61
CA ASP E 12 31.16 11.28 -3.83
C ASP E 12 32.12 12.42 -3.41
N ILE E 13 31.58 13.33 -2.59
CA ILE E 13 32.31 14.53 -2.16
C ILE E 13 33.56 14.23 -1.35
N GLU E 14 33.45 13.38 -0.33
CA GLU E 14 34.57 13.10 0.58
C GLU E 14 35.81 12.67 -0.19
N ASP E 15 35.58 12.08 -1.37
CA ASP E 15 36.65 11.58 -2.22
C ASP E 15 37.07 12.57 -3.30
N ILE E 16 36.21 13.56 -3.55
CA ILE E 16 36.60 14.72 -4.35
C ILE E 16 37.58 15.61 -3.56
N LYS E 17 37.33 15.78 -2.26
CA LYS E 17 38.21 16.55 -1.39
C LYS E 17 39.56 15.87 -1.15
N LYS E 18 39.65 14.60 -1.52
CA LYS E 18 40.92 13.87 -1.44
C LYS E 18 41.74 14.04 -2.70
N ILE E 19 41.07 14.45 -3.78
CA ILE E 19 41.70 14.65 -5.08
C ILE E 19 42.00 16.14 -5.31
N LEU E 20 40.99 16.98 -5.13
CA LEU E 20 41.13 18.41 -5.29
C LEU E 20 41.53 19.10 -3.97
N PRO E 21 42.47 20.05 -4.02
CA PRO E 21 42.89 20.84 -2.84
C PRO E 21 41.88 21.91 -2.46
N HIS E 22 40.93 22.16 -3.36
CA HIS E 22 39.90 23.18 -3.25
C HIS E 22 38.97 22.94 -2.05
N ARG E 23 38.56 24.02 -1.38
CA ARG E 23 37.59 23.96 -0.26
C ARG E 23 36.59 25.11 -0.27
N TYR E 24 35.73 25.15 0.74
CA TYR E 24 34.69 26.15 0.80
C TYR E 24 35.36 27.49 1.04
N PRO E 25 34.93 28.54 0.30
CA PRO E 25 33.78 28.60 -0.61
C PRO E 25 34.09 28.39 -2.08
N PHE E 26 35.13 27.65 -2.41
CA PHE E 26 35.59 27.57 -3.79
C PHE E 26 35.81 26.14 -4.28
N LEU E 27 34.97 25.23 -3.80
CA LEU E 27 34.86 23.90 -4.35
C LEU E 27 33.51 23.85 -5.02
N LEU E 28 33.53 23.71 -6.35
CA LEU E 28 32.32 23.83 -7.17
C LEU E 28 31.93 22.57 -7.93
N VAL E 29 32.31 21.42 -7.37
CA VAL E 29 31.87 20.11 -7.87
C VAL E 29 31.31 19.34 -6.69
N ASP E 30 30.06 18.89 -6.83
CA ASP E 30 29.40 18.16 -5.75
C ASP E 30 29.59 16.64 -5.86
N LYS E 31 29.51 16.12 -7.09
CA LYS E 31 29.61 14.67 -7.34
C LYS E 31 30.19 14.35 -8.71
N VAL E 32 31.00 13.31 -8.78
CA VAL E 32 31.44 12.77 -10.06
C VAL E 32 30.68 11.49 -10.39
N ILE E 33 29.76 11.58 -11.35
CA ILE E 33 28.88 10.46 -11.69
C ILE E 33 29.47 9.46 -12.68
N TYR E 34 30.34 9.92 -13.59
CA TYR E 34 31.07 9.04 -14.51
C TYR E 34 32.44 9.61 -14.85
N MET E 35 33.46 8.77 -14.70
CA MET E 35 34.82 9.17 -15.06
C MET E 35 35.59 8.04 -15.73
N GLN E 36 36.09 8.32 -16.93
CA GLN E 36 36.95 7.39 -17.62
C GLN E 36 38.29 8.08 -17.84
N PRO E 37 39.34 7.59 -17.15
CA PRO E 37 40.67 8.17 -17.17
C PRO E 37 41.18 8.35 -18.60
N ASN E 38 41.86 9.48 -18.82
CA ASN E 38 42.41 9.85 -20.13
C ASN E 38 41.40 10.10 -21.26
N LYS E 39 40.10 10.00 -20.97
CA LYS E 39 39.07 10.35 -21.97
C LYS E 39 38.11 11.46 -21.55
N THR E 40 37.31 11.17 -20.52
CA THR E 40 36.15 12.02 -20.21
C THR E 40 35.75 12.00 -18.73
N ILE E 41 34.98 12.99 -18.32
CA ILE E 41 34.44 13.04 -16.96
C ILE E 41 33.06 13.73 -16.96
N ILE E 42 32.13 13.19 -16.18
CA ILE E 42 30.83 13.80 -15.99
C ILE E 42 30.57 13.99 -14.50
N GLY E 43 30.30 15.21 -14.10
CA GLY E 43 29.99 15.55 -12.72
C GLY E 43 28.85 16.54 -12.68
N LEU E 44 28.43 16.90 -11.49
CA LEU E 44 27.29 17.78 -11.34
C LEU E 44 27.41 18.72 -10.16
N LYS E 45 26.96 19.97 -10.36
CA LYS E 45 26.99 21.01 -9.34
C LYS E 45 25.56 21.43 -9.06
N GLN E 46 25.16 21.37 -7.80
CA GLN E 46 23.83 21.81 -7.41
C GLN E 46 23.84 23.30 -7.10
N VAL E 47 22.91 24.01 -7.69
CA VAL E 47 22.86 25.45 -7.53
C VAL E 47 21.74 25.81 -6.55
N SER E 48 22.13 26.15 -5.32
CA SER E 48 21.20 26.53 -4.27
C SER E 48 21.34 28.00 -3.98
N THR E 49 20.25 28.62 -3.54
CA THR E 49 20.32 30.03 -3.13
C THR E 49 21.20 30.18 -1.89
N ASN E 50 21.47 29.06 -1.22
CA ASN E 50 22.24 29.03 0.01
C ASN E 50 23.74 28.95 -0.24
N GLU E 51 24.20 29.68 -1.26
CA GLU E 51 25.62 29.81 -1.55
C GLU E 51 26.07 31.26 -1.33
N PRO E 52 27.29 31.44 -0.80
CA PRO E 52 27.77 32.77 -0.42
C PRO E 52 27.85 33.79 -1.57
N PHE E 53 28.00 33.33 -2.80
CA PHE E 53 28.19 34.24 -3.93
C PHE E 53 26.91 34.89 -4.45
N PHE E 54 25.77 34.26 -4.19
CA PHE E 54 24.51 34.79 -4.72
C PHE E 54 24.16 36.14 -4.13
N ASN E 55 24.50 36.31 -2.84
CA ASN E 55 24.22 37.52 -2.11
C ASN E 55 24.89 38.74 -2.70
N GLY E 56 25.83 38.50 -3.62
CA GLY E 56 26.52 39.58 -4.29
C GLY E 56 26.42 39.57 -5.80
N HIS E 57 25.69 38.60 -6.34
CA HIS E 57 25.53 38.48 -7.79
C HIS E 57 24.22 37.78 -8.21
N PHE E 58 23.09 38.50 -8.20
CA PHE E 58 23.01 39.89 -7.78
C PHE E 58 21.92 39.95 -6.70
N PRO E 59 21.97 40.97 -5.82
CA PRO E 59 20.87 41.16 -4.87
C PRO E 59 19.47 41.26 -5.51
N GLN E 60 19.32 42.01 -6.59
CA GLN E 60 18.02 42.14 -7.28
C GLN E 60 17.62 40.86 -8.02
N LYS E 61 18.63 40.10 -8.47
CA LYS E 61 18.41 38.90 -9.29
C LYS E 61 19.58 37.91 -9.19
N GLN E 62 19.32 36.73 -8.63
CA GLN E 62 20.36 35.70 -8.41
C GLN E 62 20.66 34.87 -9.67
N ILE E 63 21.86 35.06 -10.20
CA ILE E 63 22.33 34.41 -11.43
C ILE E 63 23.74 33.90 -11.15
N MET E 64 23.97 32.61 -11.34
CA MET E 64 25.31 32.05 -11.08
C MET E 64 26.32 32.67 -12.03
N PRO E 65 27.34 33.34 -11.48
CA PRO E 65 28.42 33.92 -12.25
C PRO E 65 28.94 32.97 -13.33
N GLY E 66 29.03 33.50 -14.54
CA GLY E 66 29.58 32.77 -15.66
C GLY E 66 30.97 32.26 -15.39
N VAL E 67 31.77 33.06 -14.69
CA VAL E 67 33.13 32.66 -14.31
C VAL E 67 33.18 31.46 -13.36
N LEU E 68 32.16 31.29 -12.53
CA LEU E 68 32.13 30.17 -11.58
C LEU E 68 31.71 28.85 -12.24
N GLN E 69 31.06 28.98 -13.41
CA GLN E 69 30.73 27.83 -14.25
C GLN E 69 31.94 27.38 -15.03
N ILE E 70 32.83 28.31 -15.31
CA ILE E 70 34.14 27.96 -15.85
C ILE E 70 34.90 27.21 -14.76
N GLU E 71 35.09 27.87 -13.63
CA GLU E 71 35.73 27.27 -12.46
C GLU E 71 35.19 25.87 -12.11
N ALA E 72 33.87 25.67 -12.18
CA ALA E 72 33.26 24.35 -11.93
C ALA E 72 33.73 23.28 -12.93
N LEU E 73 33.64 23.61 -14.22
CA LEU E 73 34.19 22.76 -15.26
C LEU E 73 35.70 22.57 -15.12
N ALA E 74 36.41 23.66 -14.84
CA ALA E 74 37.87 23.65 -14.72
C ALA E 74 38.36 22.76 -13.58
N GLN E 75 37.51 22.62 -12.56
CA GLN E 75 37.77 21.73 -11.44
C GLN E 75 37.41 20.29 -11.76
N LEU E 76 36.31 20.10 -12.48
CA LEU E 76 35.93 18.77 -12.96
C LEU E 76 36.99 18.23 -13.91
N ALA E 77 37.47 19.12 -14.78
CA ALA E 77 38.59 18.83 -15.67
C ALA E 77 39.81 18.41 -14.87
N GLY E 78 40.05 19.09 -13.74
CA GLY E 78 41.18 18.79 -12.86
C GLY E 78 41.12 17.40 -12.26
N ILE E 79 39.96 17.03 -11.74
CA ILE E 79 39.73 15.67 -11.25
C ILE E 79 40.13 14.65 -12.30
N LEU E 80 39.81 14.95 -13.56
CA LEU E 80 40.18 14.07 -14.66
C LEU E 80 41.69 13.88 -14.75
N CYS E 81 42.42 14.99 -14.85
CA CYS E 81 43.89 14.96 -15.01
C CYS E 81 44.62 14.26 -13.88
N LEU E 82 44.12 14.44 -12.67
CA LEU E 82 44.79 13.93 -11.48
C LEU E 82 44.46 12.46 -11.19
N LYS E 83 43.43 11.93 -11.88
CA LYS E 83 43.14 10.50 -11.80
C LYS E 83 43.65 9.73 -13.03
N SER E 84 43.94 10.48 -14.10
CA SER E 84 44.45 9.93 -15.35
C SER E 84 45.90 9.48 -15.24
N ASP E 85 46.64 10.15 -14.36
CA ASP E 85 48.06 9.89 -14.13
C ASP E 85 48.43 10.66 -12.87
N ASP E 86 48.82 9.94 -11.83
CA ASP E 86 49.22 10.60 -10.59
C ASP E 86 50.67 10.25 -10.23
N SER E 87 51.45 9.92 -11.25
CA SER E 87 52.91 9.83 -11.09
C SER E 87 53.44 11.20 -10.63
N GLN E 88 52.86 12.29 -11.13
CA GLN E 88 53.08 13.60 -10.53
C GLN E 88 52.14 13.75 -9.33
N LYS E 89 52.67 13.50 -8.14
CA LYS E 89 51.86 13.61 -6.91
C LYS E 89 51.81 15.07 -6.45
N ASN E 90 51.19 15.90 -7.29
CA ASN E 90 50.93 17.31 -7.03
C ASN E 90 49.51 17.62 -7.48
N ASN E 91 48.61 17.78 -6.51
CA ASN E 91 47.21 18.11 -6.83
C ASN E 91 47.00 19.59 -7.16
N LEU E 92 47.98 20.44 -6.81
CA LEU E 92 47.92 21.87 -7.13
C LEU E 92 48.08 22.15 -8.62
N PHE E 93 46.94 22.20 -9.32
CA PHE E 93 46.87 22.58 -10.72
C PHE E 93 46.45 24.05 -10.89
N LEU E 94 47.08 24.74 -11.84
CA LEU E 94 46.69 26.10 -12.21
C LEU E 94 46.15 26.21 -13.64
N PHE E 95 45.12 27.03 -13.80
CA PHE E 95 44.56 27.39 -15.09
C PHE E 95 45.65 28.11 -15.87
N ALA E 96 45.93 27.66 -17.09
CA ALA E 96 46.97 28.28 -17.89
C ALA E 96 46.32 29.23 -18.87
N GLY E 97 45.34 28.69 -19.60
CA GLY E 97 44.64 29.46 -20.61
C GLY E 97 43.28 28.87 -20.88
N VAL E 98 42.35 29.72 -21.32
CA VAL E 98 41.00 29.29 -21.67
C VAL E 98 40.59 30.01 -22.94
N ASP E 99 39.82 29.32 -23.78
CA ASP E 99 39.49 29.83 -25.10
C ASP E 99 38.08 29.42 -25.52
N GLY E 100 37.37 30.33 -26.16
CA GLY E 100 36.07 30.05 -26.77
C GLY E 100 34.96 29.71 -25.79
N VAL E 101 34.91 30.47 -24.69
CA VAL E 101 33.82 30.30 -23.73
C VAL E 101 32.59 30.99 -24.30
N ARG E 102 31.47 30.26 -24.31
CA ARG E 102 30.19 30.80 -24.74
C ARG E 102 29.15 30.42 -23.69
N TRP E 103 28.53 31.43 -23.09
CA TRP E 103 27.41 31.23 -22.18
C TRP E 103 26.15 31.43 -22.99
N LYS E 104 25.19 30.52 -22.83
CA LYS E 104 23.96 30.56 -23.64
C LYS E 104 22.72 30.90 -22.83
N LYS E 105 22.59 30.30 -21.66
CA LYS E 105 21.42 30.49 -20.81
C LYS E 105 21.88 30.74 -19.38
N PRO E 106 21.21 31.67 -18.66
CA PRO E 106 21.46 31.82 -17.22
C PRO E 106 21.36 30.49 -16.49
N VAL E 107 22.17 30.33 -15.44
CA VAL E 107 22.01 29.21 -14.53
C VAL E 107 21.47 29.81 -13.23
N LEU E 108 20.31 29.32 -12.80
CA LEU E 108 19.61 29.92 -11.64
C LEU E 108 19.57 28.98 -10.42
N PRO E 109 19.36 29.56 -9.22
CA PRO E 109 19.11 28.73 -8.04
C PRO E 109 18.07 27.64 -8.31
N GLY E 110 18.27 26.46 -7.72
CA GLY E 110 17.36 25.36 -7.91
C GLY E 110 17.69 24.47 -9.11
N ASP E 111 18.66 24.90 -9.92
CA ASP E 111 19.07 24.14 -11.11
C ASP E 111 20.11 23.07 -10.78
N THR E 112 20.11 21.98 -11.54
CA THR E 112 21.20 21.02 -11.42
C THR E 112 22.13 21.16 -12.63
N LEU E 113 23.30 21.73 -12.38
CA LEU E 113 24.28 21.91 -13.42
C LEU E 113 25.00 20.57 -13.64
N THR E 114 24.75 19.96 -14.79
CA THR E 114 25.42 18.74 -15.21
C THR E 114 26.53 19.10 -16.17
N MET E 115 27.73 18.59 -15.91
CA MET E 115 28.92 19.02 -16.62
C MET E 115 29.76 17.87 -17.10
N GLN E 116 30.21 17.97 -18.35
CA GLN E 116 31.15 17.03 -18.93
C GLN E 116 32.34 17.76 -19.57
N ALA E 117 33.54 17.39 -19.11
CA ALA E 117 34.78 17.85 -19.73
C ALA E 117 35.48 16.67 -20.39
N ASN E 118 36.19 16.95 -21.48
CA ASN E 118 36.87 15.91 -22.24
C ASN E 118 38.31 16.28 -22.53
N LEU E 119 39.23 15.37 -22.21
CA LEU E 119 40.66 15.56 -22.48
C LEU E 119 40.97 15.57 -23.98
N ILE E 120 41.83 16.49 -24.40
CA ILE E 120 42.27 16.54 -25.78
C ILE E 120 43.71 16.01 -25.90
N SER E 121 44.61 16.50 -25.04
CA SER E 121 46.01 16.06 -25.04
C SER E 121 46.67 16.19 -23.65
N PHE E 122 47.64 15.33 -23.40
CA PHE E 122 48.41 15.34 -22.18
C PHE E 122 49.89 15.27 -22.54
N LYS E 123 50.75 15.79 -21.68
CA LYS E 123 52.20 15.82 -21.97
C LYS E 123 53.08 16.16 -20.74
N SER E 124 54.32 15.67 -20.75
CA SER E 124 55.42 16.15 -19.89
C SER E 124 56.73 15.45 -20.21
N GLY E 127 51.61 19.60 -15.26
CA GLY E 127 51.95 19.27 -16.65
C GLY E 127 51.30 20.21 -17.65
N ILE E 128 51.18 19.77 -18.91
CA ILE E 128 50.51 20.55 -19.95
C ILE E 128 49.35 19.78 -20.57
N ALA E 129 48.16 20.02 -20.05
CA ALA E 129 46.95 19.32 -20.51
C ALA E 129 45.88 20.27 -21.01
N LYS E 130 45.19 19.86 -22.08
CA LYS E 130 44.13 20.67 -22.70
C LYS E 130 42.83 19.89 -22.71
N LEU E 131 41.74 20.54 -22.27
CA LEU E 131 40.44 19.89 -22.20
C LEU E 131 39.32 20.73 -22.79
N SER E 132 38.24 20.06 -23.17
CA SER E 132 37.01 20.73 -23.59
C SER E 132 35.95 20.56 -22.51
N GLY E 133 34.96 21.45 -22.46
CA GLY E 133 33.98 21.42 -21.39
C GLY E 133 32.59 21.86 -21.81
N VAL E 134 31.58 21.18 -21.28
CA VAL E 134 30.18 21.57 -21.48
C VAL E 134 29.33 21.35 -20.22
N GLY E 135 28.41 22.26 -20.00
CA GLY E 135 27.50 22.20 -18.87
C GLY E 135 26.07 22.31 -19.35
N TYR E 136 25.18 21.56 -18.71
CA TYR E 136 23.77 21.48 -19.08
C TYR E 136 22.86 21.64 -17.87
N VAL E 137 21.75 22.34 -18.07
CA VAL E 137 20.66 22.34 -17.11
C VAL E 137 19.40 21.90 -17.86
N ASN E 138 18.79 20.81 -17.38
CA ASN E 138 17.69 20.15 -18.09
C ASN E 138 17.99 20.00 -19.58
N GLY E 139 19.01 19.21 -19.90
CA GLY E 139 19.32 18.85 -21.28
C GLY E 139 19.47 19.98 -22.28
N LYS E 140 19.56 21.23 -21.75
CA LYS E 140 19.85 22.40 -22.57
C LYS E 140 21.24 22.93 -22.28
N VAL E 141 21.96 23.33 -23.33
CA VAL E 141 23.32 23.81 -23.19
C VAL E 141 23.34 25.21 -22.61
N VAL E 142 24.04 25.36 -21.49
CA VAL E 142 24.17 26.65 -20.82
C VAL E 142 25.53 27.30 -21.06
N ILE E 143 26.58 26.49 -21.16
CA ILE E 143 27.95 26.99 -21.33
C ILE E 143 28.87 26.02 -22.12
N ASN E 144 29.53 26.58 -23.13
CA ASN E 144 30.55 25.87 -23.89
C ASN E 144 31.94 26.41 -23.61
N ILE E 145 32.90 25.50 -23.54
CA ILE E 145 34.30 25.87 -23.41
C ILE E 145 35.10 25.06 -24.39
N SER E 146 35.65 25.72 -25.40
CA SER E 146 36.41 25.04 -26.43
C SER E 146 37.68 24.42 -25.89
N GLU E 147 38.40 25.18 -25.09
CA GLU E 147 39.69 24.69 -24.59
C GLU E 147 40.08 25.32 -23.26
N MET E 148 40.31 24.45 -22.28
CA MET E 148 40.89 24.83 -21.02
C MET E 148 42.30 24.23 -20.96
N THR E 149 43.31 25.10 -20.83
CA THR E 149 44.68 24.64 -20.66
C THR E 149 45.06 24.69 -19.17
N PHE E 150 45.92 23.76 -18.73
CA PHE E 150 46.31 23.66 -17.32
C PHE E 150 47.79 23.35 -17.17
N ALA E 151 48.37 23.80 -16.04
CA ALA E 151 49.79 23.59 -15.70
C ALA E 151 50.04 23.32 -14.21
N LEU E 152 51.04 22.45 -13.96
CA LEU E 152 51.35 21.92 -12.62
C LEU E 152 51.29 22.97 -11.49
N ASP F 8 39.19 63.22 -15.61
CA ASP F 8 40.49 62.68 -15.12
C ASP F 8 40.42 62.37 -13.61
N THR F 9 39.21 62.10 -13.12
CA THR F 9 38.98 61.75 -11.71
C THR F 9 39.19 60.27 -11.42
N SER F 10 39.69 59.98 -10.21
CA SER F 10 39.61 58.65 -9.61
C SER F 10 38.17 58.45 -9.15
N ILE F 11 37.62 57.26 -9.40
CA ILE F 11 36.28 56.89 -8.91
C ILE F 11 36.41 55.96 -7.70
N ASP F 12 35.83 56.39 -6.57
CA ASP F 12 35.92 55.60 -5.33
C ASP F 12 34.83 54.51 -5.27
N ILE F 13 34.88 53.66 -4.24
CA ILE F 13 34.01 52.47 -4.10
C ILE F 13 32.49 52.76 -4.03
N GLU F 14 32.11 53.83 -3.34
CA GLU F 14 30.69 54.13 -3.12
C GLU F 14 29.98 54.47 -4.42
N ASP F 15 30.67 55.20 -5.29
CA ASP F 15 30.18 55.53 -6.63
C ASP F 15 30.17 54.30 -7.55
N ILE F 16 31.17 53.43 -7.38
CA ILE F 16 31.22 52.14 -8.08
C ILE F 16 29.93 51.40 -7.81
N LYS F 17 29.57 51.29 -6.53
CA LYS F 17 28.37 50.59 -6.07
C LYS F 17 27.07 51.26 -6.52
N LYS F 18 27.21 52.40 -7.21
CA LYS F 18 26.08 53.06 -7.83
C LYS F 18 25.99 52.67 -9.29
N ILE F 19 27.14 52.28 -9.85
CA ILE F 19 27.20 51.77 -11.22
C ILE F 19 26.92 50.26 -11.27
N LEU F 20 27.81 49.47 -10.66
CA LEU F 20 27.69 48.00 -10.69
C LEU F 20 26.77 47.46 -9.60
N PRO F 21 25.88 46.50 -9.97
CA PRO F 21 24.95 45.82 -9.03
C PRO F 21 25.62 44.74 -8.18
N HIS F 22 26.88 44.47 -8.50
CA HIS F 22 27.72 43.55 -7.76
C HIS F 22 27.87 43.93 -6.29
N ARG F 23 27.61 43.00 -5.38
CA ARG F 23 27.98 43.22 -3.97
C ARG F 23 28.94 42.15 -3.46
N TYR F 24 29.33 42.28 -2.19
CA TYR F 24 30.13 41.26 -1.51
C TYR F 24 29.36 39.92 -1.59
N PRO F 25 30.08 38.82 -1.85
CA PRO F 25 31.52 38.69 -1.94
C PRO F 25 32.02 38.68 -3.36
N PHE F 26 31.23 39.27 -4.26
CA PHE F 26 31.51 39.18 -5.69
C PHE F 26 31.66 40.53 -6.41
N LEU F 27 32.06 41.57 -5.68
CA LEU F 27 32.44 42.82 -6.31
C LEU F 27 33.96 42.90 -6.28
N LEU F 28 34.59 43.03 -7.45
CA LEU F 28 36.06 42.96 -7.54
C LEU F 28 36.77 44.20 -8.12
N VAL F 29 36.08 45.35 -8.08
CA VAL F 29 36.71 46.61 -8.42
C VAL F 29 36.71 47.48 -7.17
N ASP F 30 37.91 47.87 -6.75
CA ASP F 30 38.11 48.69 -5.57
C ASP F 30 38.20 50.17 -5.92
N LYS F 31 38.74 50.46 -7.11
CA LYS F 31 38.89 51.82 -7.60
C LYS F 31 39.08 51.87 -9.11
N VAL F 32 38.40 52.82 -9.74
CA VAL F 32 38.66 53.16 -11.13
C VAL F 32 39.52 54.44 -11.16
N ILE F 33 40.75 54.33 -11.64
CA ILE F 33 41.67 55.46 -11.64
C ILE F 33 41.72 56.26 -12.97
N TYR F 34 41.36 55.61 -14.07
CA TYR F 34 41.27 56.30 -15.36
C TYR F 34 40.15 55.76 -16.23
N MET F 35 39.35 56.65 -16.82
CA MET F 35 38.27 56.23 -17.70
C MET F 35 37.95 57.23 -18.80
N GLN F 36 38.03 56.76 -20.03
CA GLN F 36 37.60 57.54 -21.17
C GLN F 36 36.43 56.88 -21.89
N PRO F 37 35.24 57.51 -21.82
CA PRO F 37 34.00 56.96 -22.37
C PRO F 37 34.18 56.51 -23.81
N ASN F 38 33.50 55.42 -24.16
CA ASN F 38 33.56 54.83 -25.50
C ASN F 38 34.97 54.33 -25.91
N LYS F 39 35.96 54.53 -25.01
CA LYS F 39 37.32 54.08 -25.34
C LYS F 39 37.97 53.13 -24.30
N THR F 40 38.43 53.68 -23.17
CA THR F 40 39.18 52.86 -22.20
C THR F 40 38.80 53.05 -20.72
N ILE F 41 39.43 52.22 -19.87
CA ILE F 41 39.24 52.27 -18.43
C ILE F 41 40.43 51.58 -17.73
N ILE F 42 40.93 52.21 -16.68
CA ILE F 42 41.99 51.63 -15.85
C ILE F 42 41.60 51.73 -14.37
N GLY F 43 41.61 50.59 -13.71
CA GLY F 43 41.30 50.50 -12.29
C GLY F 43 42.25 49.53 -11.59
N LEU F 44 41.99 49.30 -10.30
CA LEU F 44 42.80 48.37 -9.51
C LEU F 44 42.01 47.61 -8.45
N LYS F 45 42.36 46.34 -8.28
CA LYS F 45 41.79 45.51 -7.22
C LYS F 45 42.91 45.21 -6.25
N GLN F 46 42.66 45.41 -4.97
CA GLN F 46 43.66 45.15 -3.96
C GLN F 46 43.51 43.71 -3.51
N VAL F 47 44.59 42.96 -3.56
CA VAL F 47 44.57 41.56 -3.22
C VAL F 47 45.06 41.35 -1.79
N SER F 48 44.14 41.04 -0.89
CA SER F 48 44.48 40.80 0.52
C SER F 48 44.18 39.37 0.93
N THR F 49 44.93 38.91 1.93
CA THR F 49 44.71 37.60 2.55
C THR F 49 43.35 37.48 3.24
N ASN F 50 42.65 38.61 3.38
CA ASN F 50 41.40 38.69 4.13
C ASN F 50 40.17 38.72 3.22
N GLU F 51 40.26 37.99 2.11
CA GLU F 51 39.12 37.81 1.23
C GLU F 51 38.61 36.37 1.32
N PRO F 52 37.27 36.20 1.32
CA PRO F 52 36.63 34.93 1.64
C PRO F 52 37.05 33.76 0.77
N PHE F 53 37.53 34.03 -0.44
CA PHE F 53 37.90 32.97 -1.40
C PHE F 53 39.25 32.32 -1.14
N PHE F 54 40.17 33.03 -0.50
CA PHE F 54 41.53 32.54 -0.32
C PHE F 54 41.65 31.35 0.62
N ASN F 55 40.63 31.16 1.46
CA ASN F 55 40.56 29.99 2.35
C ASN F 55 40.31 28.67 1.61
N GLY F 56 39.60 28.74 0.48
CA GLY F 56 39.37 27.58 -0.37
C GLY F 56 40.23 27.43 -1.61
N HIS F 57 41.16 28.37 -1.85
CA HIS F 57 41.95 28.39 -3.08
C HIS F 57 43.33 29.06 -2.90
N PHE F 58 44.26 28.40 -2.20
CA PHE F 58 44.10 27.06 -1.63
C PHE F 58 44.61 27.09 -0.19
N PRO F 59 44.21 26.13 0.66
CA PRO F 59 44.72 26.21 2.04
C PRO F 59 46.24 25.96 2.18
N GLN F 60 46.79 25.18 1.25
N GLN F 60 46.81 25.19 1.25
CA GLN F 60 48.23 24.90 1.21
CA GLN F 60 48.26 24.95 1.29
C GLN F 60 49.03 26.03 0.58
C GLN F 60 49.05 26.03 0.55
N LYS F 61 48.37 26.83 -0.26
CA LYS F 61 49.01 27.93 -1.01
C LYS F 61 47.96 28.91 -1.54
N GLN F 62 48.02 30.17 -1.11
CA GLN F 62 47.00 31.18 -1.49
C GLN F 62 47.29 31.91 -2.81
N ILE F 63 46.41 31.67 -3.79
CA ILE F 63 46.55 32.18 -5.15
C ILE F 63 45.18 32.66 -5.60
N MET F 64 45.09 33.90 -6.08
CA MET F 64 43.80 34.41 -6.56
C MET F 64 43.35 33.66 -7.81
N PRO F 65 42.19 32.98 -7.72
CA PRO F 65 41.61 32.24 -8.83
C PRO F 65 41.56 33.08 -10.11
N GLY F 66 42.25 32.64 -11.14
CA GLY F 66 42.27 33.34 -12.43
C GLY F 66 40.92 33.78 -12.95
N VAL F 67 39.85 33.10 -12.58
CA VAL F 67 38.51 33.47 -13.05
C VAL F 67 38.06 34.74 -12.35
N LEU F 68 38.49 34.91 -11.10
CA LEU F 68 38.14 36.10 -10.36
C LEU F 68 38.82 37.33 -10.97
N GLN F 69 40.01 37.13 -11.54
CA GLN F 69 40.70 38.15 -12.34
C GLN F 69 39.88 38.48 -13.58
N ILE F 70 39.39 37.44 -14.27
CA ILE F 70 38.49 37.61 -15.42
C ILE F 70 37.30 38.45 -14.96
N GLU F 71 36.65 38.02 -13.89
CA GLU F 71 35.52 38.74 -13.33
C GLU F 71 35.86 40.21 -13.05
N ALA F 72 37.00 40.44 -12.42
CA ALA F 72 37.45 41.79 -12.07
C ALA F 72 37.60 42.67 -13.30
N LEU F 73 38.27 42.13 -14.33
CA LEU F 73 38.37 42.81 -15.63
C LEU F 73 37.00 43.00 -16.28
N ALA F 74 36.16 41.97 -16.24
CA ALA F 74 34.81 42.03 -16.80
C ALA F 74 33.99 43.09 -16.11
N GLN F 75 34.18 43.23 -14.80
CA GLN F 75 33.45 44.20 -13.99
C GLN F 75 33.92 45.60 -14.26
N LEU F 76 35.20 45.72 -14.60
CA LEU F 76 35.74 47.02 -15.00
C LEU F 76 35.20 47.38 -16.36
N ALA F 77 35.29 46.43 -17.28
CA ALA F 77 34.72 46.56 -18.62
C ALA F 77 33.26 46.97 -18.46
N GLY F 78 32.53 46.22 -17.65
CA GLY F 78 31.15 46.57 -17.30
C GLY F 78 30.95 48.03 -16.95
N ILE F 79 31.82 48.56 -16.09
CA ILE F 79 31.75 49.97 -15.68
C ILE F 79 31.83 50.89 -16.90
N LEU F 80 32.77 50.57 -17.79
CA LEU F 80 33.01 51.42 -18.95
C LEU F 80 31.75 51.52 -19.80
N CYS F 81 31.17 50.37 -20.12
CA CYS F 81 29.97 50.31 -20.94
C CYS F 81 28.85 51.19 -20.37
N LEU F 82 28.61 51.08 -19.08
CA LEU F 82 27.46 51.74 -18.45
C LEU F 82 27.65 53.26 -18.30
N LYS F 83 28.90 53.71 -18.24
CA LYS F 83 29.21 55.16 -18.25
C LYS F 83 29.52 55.67 -19.67
N SER F 84 29.56 54.75 -20.64
CA SER F 84 29.72 55.12 -22.05
C SER F 84 28.37 55.39 -22.71
N ASP F 85 27.33 54.68 -22.29
CA ASP F 85 26.00 54.81 -22.85
C ASP F 85 24.98 54.19 -21.90
N ASP F 86 24.23 55.03 -21.19
CA ASP F 86 23.18 54.55 -20.30
C ASP F 86 21.78 55.10 -20.67
N SER F 87 21.53 55.12 -21.99
CA SER F 87 20.16 55.22 -22.45
C SER F 87 19.42 53.96 -21.94
N GLN F 88 20.09 52.82 -22.06
CA GLN F 88 19.62 51.56 -21.48
C GLN F 88 19.85 51.59 -19.97
N LYS F 89 18.86 52.07 -19.22
CA LYS F 89 18.97 52.10 -17.75
C LYS F 89 18.77 50.69 -17.14
N ASN F 90 19.66 49.78 -17.54
CA ASN F 90 19.71 48.44 -17.01
C ASN F 90 21.18 48.14 -16.70
N ASN F 91 21.49 48.03 -15.41
CA ASN F 91 22.87 47.76 -14.98
C ASN F 91 23.29 46.28 -14.99
N LEU F 92 22.31 45.38 -14.80
CA LEU F 92 22.55 43.93 -14.84
C LEU F 92 23.04 43.40 -16.21
N PHE F 93 24.35 43.50 -16.42
CA PHE F 93 24.99 42.95 -17.59
C PHE F 93 25.42 41.51 -17.40
N LEU F 94 25.32 40.72 -18.46
CA LEU F 94 25.76 39.32 -18.41
C LEU F 94 26.85 39.02 -19.43
N PHE F 95 27.85 38.26 -18.98
CA PHE F 95 28.93 37.74 -19.81
C PHE F 95 28.25 36.87 -20.85
N ALA F 96 28.52 37.16 -22.13
CA ALA F 96 27.98 36.36 -23.22
C ALA F 96 29.03 35.38 -23.72
N GLY F 97 30.29 35.81 -23.70
CA GLY F 97 31.44 35.00 -24.09
C GLY F 97 32.77 35.63 -23.71
N VAL F 98 33.78 34.78 -23.50
CA VAL F 98 35.16 35.25 -23.30
C VAL F 98 36.10 34.43 -24.19
N ASP F 99 37.13 35.10 -24.70
CA ASP F 99 38.01 34.49 -25.69
C ASP F 99 39.45 34.99 -25.55
N GLY F 100 40.41 34.10 -25.81
CA GLY F 100 41.83 34.45 -25.76
C GLY F 100 42.32 34.84 -24.38
N VAL F 101 42.03 34.00 -23.39
CA VAL F 101 42.48 34.27 -22.02
C VAL F 101 43.77 33.52 -21.73
N ARG F 102 44.80 34.28 -21.38
CA ARG F 102 46.09 33.71 -21.02
C ARG F 102 46.48 34.26 -19.67
N TRP F 103 46.73 33.35 -18.72
CA TRP F 103 47.24 33.72 -17.41
C TRP F 103 48.73 33.46 -17.43
N LYS F 104 49.54 34.47 -17.12
CA LYS F 104 51.00 34.32 -17.13
C LYS F 104 51.51 34.04 -15.73
N LYS F 105 51.27 35.03 -14.84
CA LYS F 105 51.85 35.05 -13.49
C LYS F 105 50.76 34.89 -12.44
N PRO F 106 51.09 34.24 -11.31
CA PRO F 106 50.10 34.15 -10.22
C PRO F 106 49.84 35.53 -9.59
N VAL F 107 48.62 35.76 -9.15
CA VAL F 107 48.28 36.92 -8.34
C VAL F 107 48.19 36.46 -6.88
N LEU F 108 48.96 37.08 -6.01
CA LEU F 108 49.13 36.67 -4.61
C LEU F 108 48.67 37.75 -3.63
N PRO F 109 48.26 37.35 -2.41
CA PRO F 109 47.96 38.36 -1.36
C PRO F 109 49.10 39.38 -1.19
N GLY F 110 48.75 40.65 -1.08
CA GLY F 110 49.74 41.71 -0.97
C GLY F 110 49.92 42.46 -2.28
N ASP F 111 49.50 41.83 -3.37
CA ASP F 111 49.60 42.44 -4.68
C ASP F 111 48.45 43.41 -4.91
N THR F 112 48.71 44.42 -5.73
CA THR F 112 47.69 45.24 -6.30
C THR F 112 47.54 44.78 -7.75
N LEU F 113 46.30 44.47 -8.13
CA LEU F 113 45.98 44.07 -9.50
C LEU F 113 45.49 45.30 -10.25
N THR F 114 46.34 45.85 -11.12
CA THR F 114 45.95 47.01 -11.92
C THR F 114 45.42 46.51 -13.26
N MET F 115 44.27 47.06 -13.67
CA MET F 115 43.52 46.51 -14.79
C MET F 115 43.15 47.56 -15.81
N GLN F 116 43.47 47.29 -17.07
CA GLN F 116 42.93 48.03 -18.20
C GLN F 116 42.06 47.13 -19.07
N ALA F 117 40.89 47.65 -19.42
CA ALA F 117 40.01 47.02 -20.41
C ALA F 117 39.76 48.01 -21.54
N ASN F 118 39.72 47.51 -22.78
CA ASN F 118 39.46 48.39 -23.93
C ASN F 118 38.24 47.97 -24.74
N LEU F 119 37.30 48.90 -24.91
CA LEU F 119 36.13 48.69 -25.75
C LEU F 119 36.56 48.57 -27.20
N ILE F 120 36.07 47.52 -27.87
CA ILE F 120 36.38 47.26 -29.28
C ILE F 120 35.17 47.55 -30.18
N SER F 121 33.99 47.08 -29.76
CA SER F 121 32.77 47.28 -30.54
C SER F 121 31.52 47.33 -29.66
N PHE F 122 30.63 48.25 -29.99
CA PHE F 122 29.37 48.41 -29.27
C PHE F 122 28.22 48.65 -30.25
N LYS F 123 27.11 47.93 -30.03
CA LYS F 123 25.94 48.04 -30.89
C LYS F 123 24.69 48.21 -30.02
N SER F 124 24.01 49.36 -30.15
CA SER F 124 22.75 49.58 -29.44
C SER F 124 21.68 48.50 -29.77
N SER F 125 22.00 47.65 -30.75
CA SER F 125 21.12 46.54 -31.23
C SER F 125 20.48 45.66 -30.13
N LEU F 126 21.32 45.03 -29.29
CA LEU F 126 20.84 44.16 -28.21
C LEU F 126 21.53 44.42 -26.86
N GLY F 127 22.52 45.31 -26.87
CA GLY F 127 23.44 45.46 -25.75
C GLY F 127 24.62 44.51 -25.97
N ILE F 128 25.18 44.59 -27.19
CA ILE F 128 26.25 43.70 -27.62
C ILE F 128 27.56 44.48 -27.66
N ALA F 129 28.40 44.29 -26.64
CA ALA F 129 29.67 45.00 -26.55
C ALA F 129 30.87 44.04 -26.42
N LYS F 130 31.90 44.29 -27.22
CA LYS F 130 33.14 43.51 -27.18
C LYS F 130 34.32 44.30 -26.62
N LEU F 131 35.06 43.68 -25.72
CA LEU F 131 36.15 44.36 -25.04
C LEU F 131 37.35 43.44 -24.84
N SER F 132 38.55 44.04 -24.95
CA SER F 132 39.82 43.39 -24.59
C SER F 132 40.21 43.83 -23.18
N GLY F 133 41.28 43.21 -22.65
CA GLY F 133 41.69 43.50 -21.28
C GLY F 133 43.00 42.90 -20.83
N VAL F 134 43.72 43.65 -20.01
CA VAL F 134 44.98 43.20 -19.43
C VAL F 134 44.99 43.49 -17.93
N GLY F 135 45.63 42.60 -17.18
CA GLY F 135 45.80 42.76 -15.74
C GLY F 135 47.26 42.65 -15.37
N TYR F 136 47.74 43.60 -14.57
CA TYR F 136 49.14 43.62 -14.22
C TYR F 136 49.33 43.70 -12.74
N VAL F 137 50.43 43.13 -12.29
CA VAL F 137 50.93 43.24 -10.94
C VAL F 137 52.38 43.65 -11.07
N ASN F 138 52.68 44.85 -10.58
CA ASN F 138 54.00 45.44 -10.67
C ASN F 138 54.49 45.51 -12.12
N GLY F 139 53.70 46.17 -12.97
CA GLY F 139 54.11 46.49 -14.34
C GLY F 139 54.28 45.31 -15.28
N LYS F 140 54.28 44.10 -14.73
CA LYS F 140 54.35 42.89 -15.54
C LYS F 140 52.93 42.36 -15.79
N VAL F 141 52.74 41.66 -16.91
CA VAL F 141 51.41 41.14 -17.29
C VAL F 141 51.10 39.83 -16.57
N VAL F 142 49.97 39.80 -15.85
CA VAL F 142 49.51 38.57 -15.22
C VAL F 142 48.35 37.93 -15.99
N ILE F 143 47.48 38.74 -16.59
CA ILE F 143 46.39 38.24 -17.42
C ILE F 143 46.16 39.06 -18.69
N ASN F 144 45.95 38.36 -19.81
CA ASN F 144 45.46 38.96 -21.04
C ASN F 144 44.11 38.38 -21.40
N ILE F 145 43.24 39.22 -21.91
CA ILE F 145 41.98 38.78 -22.48
C ILE F 145 41.80 39.40 -23.85
N SER F 146 41.76 38.56 -24.87
CA SER F 146 41.58 39.02 -26.24
C SER F 146 40.22 39.65 -26.42
N GLU F 147 39.16 38.93 -26.09
CA GLU F 147 37.81 39.44 -26.30
C GLU F 147 36.78 38.98 -25.26
N MET F 148 36.13 39.96 -24.65
CA MET F 148 35.02 39.73 -23.74
C MET F 148 33.73 40.23 -24.39
N THR F 149 32.69 39.42 -24.37
CA THR F 149 31.41 39.79 -24.98
C THR F 149 30.33 39.85 -23.92
N PHE F 150 29.61 40.97 -23.89
CA PHE F 150 28.60 41.22 -22.86
C PHE F 150 27.25 41.54 -23.46
N ALA F 151 26.19 41.11 -22.78
CA ALA F 151 24.83 41.35 -23.22
C ALA F 151 24.01 42.09 -22.15
N LEU F 152 23.39 43.21 -22.56
CA LEU F 152 22.51 43.99 -21.69
C LEU F 152 21.13 43.35 -21.60
N SER F 153 20.63 43.18 -20.38
CA SER F 153 19.34 42.57 -20.11
C SER F 153 18.20 43.59 -20.15
N THR G 9 -37.31 -43.01 7.18
CA THR G 9 -36.46 -42.32 6.15
C THR G 9 -36.18 -40.85 6.53
N SER G 10 -35.63 -40.65 7.72
CA SER G 10 -35.23 -39.31 8.23
C SER G 10 -33.71 -39.15 8.46
N ILE G 11 -33.23 -37.90 8.45
CA ILE G 11 -31.81 -37.57 8.61
C ILE G 11 -31.57 -36.64 9.80
N ASP G 12 -30.73 -37.05 10.76
CA ASP G 12 -30.38 -36.18 11.91
C ASP G 12 -29.35 -35.08 11.56
N ILE G 13 -29.02 -34.24 12.54
CA ILE G 13 -28.09 -33.11 12.35
C ILE G 13 -26.63 -33.45 11.94
N GLU G 14 -26.04 -34.48 12.54
CA GLU G 14 -24.65 -34.85 12.23
C GLU G 14 -24.46 -35.21 10.75
N ASP G 15 -25.49 -35.82 10.17
CA ASP G 15 -25.44 -36.24 8.77
C ASP G 15 -25.80 -35.08 7.84
N ILE G 16 -26.67 -34.18 8.31
CA ILE G 16 -27.02 -32.96 7.58
C ILE G 16 -25.76 -32.14 7.25
N LYS G 17 -24.81 -32.09 8.19
CA LYS G 17 -23.55 -31.38 7.98
C LYS G 17 -22.66 -32.15 6.99
N LYS G 18 -22.85 -33.47 6.93
CA LYS G 18 -22.10 -34.33 6.00
C LYS G 18 -22.59 -34.26 4.56
N ILE G 19 -23.80 -33.71 4.36
CA ILE G 19 -24.30 -33.45 3.01
C ILE G 19 -24.27 -31.96 2.66
N LEU G 20 -24.83 -31.11 3.53
CA LEU G 20 -24.76 -29.66 3.36
C LEU G 20 -23.44 -29.09 3.87
N PRO G 21 -22.87 -28.10 3.16
CA PRO G 21 -21.62 -27.53 3.63
C PRO G 21 -21.89 -26.45 4.68
N HIS G 22 -23.15 -26.06 4.81
CA HIS G 22 -23.54 -24.88 5.58
C HIS G 22 -23.12 -25.09 7.04
N ARG G 23 -22.86 -24.01 7.77
CA ARG G 23 -22.48 -24.10 9.20
C ARG G 23 -23.13 -22.97 10.01
N TYR G 24 -23.00 -23.02 11.34
CA TYR G 24 -23.51 -21.96 12.20
C TYR G 24 -22.74 -20.70 11.79
N PRO G 25 -23.47 -19.56 11.66
CA PRO G 25 -24.87 -19.39 11.99
C PRO G 25 -25.84 -19.45 10.80
N PHE G 26 -25.53 -20.27 9.79
CA PHE G 26 -26.29 -20.23 8.54
C PHE G 26 -26.62 -21.62 8.02
N LEU G 27 -26.57 -22.62 8.90
CA LEU G 27 -27.28 -23.87 8.68
C LEU G 27 -28.67 -23.73 9.31
N LEU G 28 -29.71 -23.97 8.51
CA LEU G 28 -31.10 -23.71 8.92
C LEU G 28 -32.02 -24.92 8.70
N VAL G 29 -31.44 -26.13 8.70
CA VAL G 29 -32.24 -27.35 8.64
C VAL G 29 -31.85 -28.26 9.82
N ASP G 30 -32.65 -28.23 10.88
CA ASP G 30 -32.33 -29.02 12.08
C ASP G 30 -32.46 -30.53 11.81
N LYS G 31 -33.51 -30.88 11.05
CA LYS G 31 -33.88 -32.26 10.85
C LYS G 31 -34.67 -32.45 9.57
N VAL G 32 -34.23 -33.41 8.74
CA VAL G 32 -35.06 -33.94 7.68
C VAL G 32 -35.86 -35.06 8.35
N ILE G 33 -37.17 -35.08 8.10
CA ILE G 33 -38.02 -36.15 8.64
C ILE G 33 -38.43 -37.14 7.54
N TYR G 34 -38.45 -36.68 6.28
CA TYR G 34 -38.80 -37.51 5.13
C TYR G 34 -38.03 -37.08 3.90
N MET G 35 -37.44 -38.06 3.21
CA MET G 35 -36.81 -37.81 1.91
C MET G 35 -36.95 -38.97 0.90
N GLN G 36 -37.55 -38.66 -0.26
CA GLN G 36 -37.69 -39.62 -1.35
C GLN G 36 -36.82 -39.20 -2.55
N PRO G 37 -35.85 -40.04 -2.94
CA PRO G 37 -34.91 -39.71 -4.01
C PRO G 37 -35.59 -39.17 -5.28
N ASN G 38 -35.15 -37.98 -5.72
CA ASN G 38 -35.54 -37.40 -7.02
C ASN G 38 -36.92 -36.72 -7.02
N LYS G 39 -37.57 -36.73 -5.86
CA LYS G 39 -38.96 -36.30 -5.78
C LYS G 39 -39.20 -35.23 -4.70
N THR G 40 -39.32 -35.64 -3.44
CA THR G 40 -39.69 -34.72 -2.35
C THR G 40 -38.84 -34.84 -1.07
N ILE G 41 -38.73 -33.73 -0.36
CA ILE G 41 -38.10 -33.72 0.96
C ILE G 41 -38.94 -32.92 1.97
N ILE G 42 -39.07 -33.50 3.17
CA ILE G 42 -39.77 -32.84 4.27
C ILE G 42 -38.82 -32.66 5.46
N GLY G 43 -38.99 -31.56 6.19
CA GLY G 43 -38.17 -31.34 7.37
C GLY G 43 -38.68 -30.27 8.31
N LEU G 44 -37.84 -29.89 9.27
CA LEU G 44 -38.21 -28.86 10.24
C LEU G 44 -37.04 -28.07 10.87
N LYS G 45 -37.29 -26.76 11.05
CA LYS G 45 -36.32 -25.88 11.67
C LYS G 45 -36.98 -25.26 12.90
N GLN G 46 -36.47 -25.65 14.06
CA GLN G 46 -36.96 -25.18 15.35
C GLN G 46 -36.61 -23.72 15.62
N VAL G 47 -37.65 -22.89 15.79
CA VAL G 47 -37.44 -21.45 15.88
C VAL G 47 -37.43 -20.99 17.34
N SER G 48 -36.24 -20.92 17.92
CA SER G 48 -36.07 -20.51 19.32
C SER G 48 -35.68 -19.05 19.37
N THR G 49 -35.81 -18.43 20.54
CA THR G 49 -35.35 -17.04 20.71
C THR G 49 -33.83 -16.98 20.67
N ASN G 50 -33.21 -18.12 21.00
CA ASN G 50 -31.76 -18.23 21.17
C ASN G 50 -30.98 -18.33 19.85
N GLU G 51 -31.46 -17.65 18.82
CA GLU G 51 -30.78 -17.66 17.52
C GLU G 51 -30.27 -16.26 17.17
N PRO G 52 -29.05 -16.22 16.60
CA PRO G 52 -28.28 -14.98 16.53
C PRO G 52 -29.06 -13.82 15.90
N PHE G 53 -29.87 -14.15 14.89
CA PHE G 53 -30.55 -13.14 14.07
C PHE G 53 -31.68 -12.38 14.78
N PHE G 54 -32.34 -13.04 15.73
CA PHE G 54 -33.49 -12.43 16.37
C PHE G 54 -33.24 -11.07 17.05
N ASN G 55 -32.03 -10.89 17.61
CA ASN G 55 -31.60 -9.63 18.22
C ASN G 55 -31.76 -8.42 17.30
N GLY G 56 -31.67 -8.67 15.99
CA GLY G 56 -31.72 -7.62 14.97
C GLY G 56 -32.85 -7.72 13.96
N HIS G 57 -33.92 -8.46 14.35
CA HIS G 57 -35.14 -8.58 13.54
C HIS G 57 -36.33 -9.17 14.35
N PHE G 58 -36.98 -8.40 15.22
CA PHE G 58 -36.61 -7.03 15.56
C PHE G 58 -36.48 -6.98 17.08
N PRO G 59 -35.66 -6.04 17.61
CA PRO G 59 -35.53 -5.96 19.06
C PRO G 59 -36.90 -5.86 19.74
N GLN G 60 -37.70 -4.86 19.31
CA GLN G 60 -39.03 -4.56 19.85
C GLN G 60 -40.08 -5.67 19.61
N LYS G 61 -39.82 -6.60 18.68
CA LYS G 61 -40.79 -7.65 18.32
C LYS G 61 -40.18 -8.77 17.48
N GLN G 62 -39.83 -9.88 18.13
CA GLN G 62 -39.09 -10.97 17.49
C GLN G 62 -39.84 -11.64 16.34
N ILE G 63 -39.24 -11.57 15.15
CA ILE G 63 -39.83 -12.08 13.91
C ILE G 63 -38.76 -12.80 13.06
N MET G 64 -39.05 -14.04 12.64
CA MET G 64 -38.13 -14.71 11.71
C MET G 64 -38.19 -14.05 10.33
N PRO G 65 -37.09 -13.37 9.93
CA PRO G 65 -37.04 -12.74 8.63
C PRO G 65 -37.50 -13.68 7.52
N GLY G 66 -38.29 -13.14 6.59
CA GLY G 66 -38.79 -13.87 5.42
C GLY G 66 -37.68 -14.53 4.62
N VAL G 67 -36.63 -13.77 4.31
CA VAL G 67 -35.49 -14.30 3.53
C VAL G 67 -34.88 -15.56 4.13
N LEU G 68 -35.00 -15.72 5.44
CA LEU G 68 -34.36 -16.82 6.14
C LEU G 68 -35.14 -18.12 5.99
N GLN G 69 -36.46 -17.96 5.87
CA GLN G 69 -37.36 -19.04 5.55
C GLN G 69 -37.00 -19.61 4.17
N ILE G 70 -36.64 -18.71 3.25
CA ILE G 70 -36.30 -19.11 1.89
C ILE G 70 -35.02 -19.93 1.94
N GLU G 71 -34.02 -19.43 2.67
CA GLU G 71 -32.74 -20.12 2.78
C GLU G 71 -32.91 -21.48 3.46
N ALA G 72 -33.74 -21.50 4.52
CA ALA G 72 -34.10 -22.72 5.20
C ALA G 72 -34.67 -23.70 4.18
N LEU G 73 -35.70 -23.26 3.45
CA LEU G 73 -36.31 -24.09 2.42
C LEU G 73 -35.32 -24.49 1.35
N ALA G 74 -34.46 -23.55 0.96
CA ALA G 74 -33.45 -23.77 -0.08
C ALA G 74 -32.47 -24.87 0.34
N GLN G 75 -32.20 -24.93 1.64
CA GLN G 75 -31.19 -25.83 2.16
C GLN G 75 -31.69 -27.26 2.16
N LEU G 76 -32.94 -27.40 2.58
CA LEU G 76 -33.65 -28.66 2.53
C LEU G 76 -33.70 -29.12 1.06
N ALA G 77 -34.11 -28.20 0.17
CA ALA G 77 -34.09 -28.48 -1.25
C ALA G 77 -32.69 -28.99 -1.62
N GLY G 78 -31.67 -28.29 -1.12
CA GLY G 78 -30.26 -28.64 -1.32
C GLY G 78 -29.92 -30.07 -0.96
N ILE G 79 -30.44 -30.53 0.18
CA ILE G 79 -30.26 -31.91 0.61
C ILE G 79 -30.75 -32.93 -0.42
N LEU G 80 -32.03 -32.80 -0.81
CA LEU G 80 -32.64 -33.70 -1.79
C LEU G 80 -31.78 -33.85 -3.05
N CYS G 81 -31.34 -32.72 -3.61
CA CYS G 81 -30.57 -32.70 -4.86
C CYS G 81 -29.24 -33.44 -4.76
N LEU G 82 -28.61 -33.38 -3.59
CA LEU G 82 -27.32 -34.03 -3.37
C LEU G 82 -27.49 -35.54 -3.02
N LYS G 83 -28.70 -35.92 -2.64
CA LYS G 83 -29.01 -37.33 -2.32
C LYS G 83 -29.73 -38.08 -3.45
N SER G 84 -30.21 -37.33 -4.44
CA SER G 84 -30.87 -37.90 -5.60
C SER G 84 -29.88 -38.15 -6.76
N ASP G 85 -28.69 -37.53 -6.63
CA ASP G 85 -27.72 -37.39 -7.75
C ASP G 85 -26.39 -36.88 -7.17
N ASP G 86 -25.53 -37.82 -6.71
CA ASP G 86 -24.19 -37.46 -6.21
C ASP G 86 -23.05 -37.97 -7.11
N SER G 87 -23.34 -38.12 -8.41
CA SER G 87 -22.29 -38.32 -9.41
C SER G 87 -21.45 -37.04 -9.49
N GLN G 88 -22.13 -35.88 -9.39
CA GLN G 88 -21.48 -34.60 -9.15
C GLN G 88 -20.98 -34.60 -7.70
N LYS G 89 -19.65 -34.77 -7.55
CA LYS G 89 -19.00 -34.78 -6.23
C LYS G 89 -18.88 -33.37 -5.62
N ASN G 90 -19.78 -32.47 -6.05
CA ASN G 90 -19.79 -31.09 -5.60
C ASN G 90 -21.01 -30.78 -4.73
N ASN G 91 -20.75 -30.52 -3.43
CA ASN G 91 -21.82 -30.17 -2.50
C ASN G 91 -22.18 -28.67 -2.48
N LEU G 92 -21.27 -27.86 -3.03
CA LEU G 92 -21.44 -26.40 -3.06
C LEU G 92 -22.29 -25.88 -4.23
N PHE G 93 -23.58 -26.13 -4.17
CA PHE G 93 -24.55 -25.62 -5.14
C PHE G 93 -24.99 -24.20 -4.78
N LEU G 94 -25.27 -23.40 -5.81
CA LEU G 94 -25.60 -21.98 -5.62
C LEU G 94 -27.00 -21.59 -6.07
N PHE G 95 -27.58 -20.64 -5.34
CA PHE G 95 -28.91 -20.09 -5.61
C PHE G 95 -28.86 -19.26 -6.89
N ALA G 96 -29.42 -19.80 -7.98
CA ALA G 96 -29.38 -19.15 -9.30
C ALA G 96 -30.57 -18.22 -9.57
N GLY G 97 -31.75 -18.65 -9.14
CA GLY G 97 -32.98 -17.87 -9.27
C GLY G 97 -34.04 -18.36 -8.29
N VAL G 98 -34.82 -17.41 -7.73
CA VAL G 98 -35.96 -17.80 -6.91
C VAL G 98 -37.22 -17.07 -7.40
N ASP G 99 -38.34 -17.80 -7.46
CA ASP G 99 -39.54 -17.28 -8.10
C ASP G 99 -40.81 -17.63 -7.32
N GLY G 100 -41.79 -16.71 -7.35
CA GLY G 100 -43.09 -16.91 -6.70
C GLY G 100 -43.01 -17.18 -5.20
N VAL G 101 -42.40 -16.24 -4.47
CA VAL G 101 -42.26 -16.37 -3.02
C VAL G 101 -43.30 -15.53 -2.27
N ARG G 102 -44.01 -16.18 -1.35
CA ARG G 102 -45.08 -15.53 -0.62
C ARG G 102 -45.03 -15.83 0.87
N TRP G 103 -45.21 -14.78 1.67
CA TRP G 103 -45.22 -14.88 3.13
C TRP G 103 -46.59 -14.51 3.74
N LYS G 104 -47.42 -15.53 4.01
CA LYS G 104 -48.81 -15.33 4.46
C LYS G 104 -48.92 -14.94 5.93
N LYS G 105 -48.06 -15.50 6.77
CA LYS G 105 -48.19 -15.39 8.22
C LYS G 105 -46.80 -15.39 8.88
N PRO G 106 -46.54 -14.39 9.74
CA PRO G 106 -45.27 -14.24 10.46
C PRO G 106 -44.83 -15.53 11.15
N VAL G 107 -43.51 -15.79 11.17
CA VAL G 107 -42.94 -16.89 11.97
C VAL G 107 -42.21 -16.36 13.22
N LEU G 108 -42.69 -16.80 14.38
CA LEU G 108 -42.23 -16.30 15.67
C LEU G 108 -41.39 -17.35 16.43
N PRO G 109 -40.55 -16.88 17.38
CA PRO G 109 -39.80 -17.80 18.25
C PRO G 109 -40.74 -18.72 19.05
N GLY G 110 -40.49 -20.04 18.94
CA GLY G 110 -41.31 -21.06 19.63
C GLY G 110 -41.96 -22.05 18.65
N ASP G 111 -42.42 -21.53 17.51
CA ASP G 111 -43.07 -22.34 16.46
C ASP G 111 -42.09 -23.35 15.90
N THR G 112 -42.63 -24.43 15.34
CA THR G 112 -41.86 -25.43 14.61
C THR G 112 -42.21 -25.32 13.12
N LEU G 113 -41.24 -24.81 12.36
CA LEU G 113 -41.35 -24.69 10.92
C LEU G 113 -41.20 -26.08 10.23
N THR G 114 -42.30 -26.59 9.67
CA THR G 114 -42.27 -27.79 8.86
C THR G 114 -42.23 -27.39 7.38
N MET G 115 -41.22 -27.92 6.66
CA MET G 115 -40.96 -27.48 5.28
C MET G 115 -41.04 -28.64 4.31
N GLN G 116 -41.51 -28.38 3.09
CA GLN G 116 -41.56 -29.39 2.03
C GLN G 116 -41.13 -28.83 0.67
N ALA G 117 -40.13 -29.45 0.06
CA ALA G 117 -39.63 -29.06 -1.26
C ALA G 117 -39.73 -30.20 -2.27
N ASN G 118 -40.33 -29.89 -3.43
CA ASN G 118 -40.53 -30.87 -4.50
C ASN G 118 -39.70 -30.55 -5.73
N LEU G 119 -38.84 -31.50 -6.13
CA LEU G 119 -38.09 -31.41 -7.39
C LEU G 119 -39.05 -31.43 -8.61
N ILE G 120 -38.88 -30.47 -9.52
CA ILE G 120 -39.74 -30.36 -10.71
C ILE G 120 -38.95 -30.81 -11.95
N SER G 121 -37.65 -30.46 -11.99
CA SER G 121 -36.77 -30.88 -13.10
C SER G 121 -35.26 -30.91 -12.74
N PHE G 122 -34.59 -31.98 -13.19
CA PHE G 122 -33.13 -32.07 -13.08
C PHE G 122 -32.49 -32.17 -14.48
N LYS G 123 -31.81 -31.09 -14.89
CA LYS G 123 -30.99 -31.10 -16.11
C LYS G 123 -29.57 -31.56 -15.73
N SER G 124 -29.34 -32.87 -15.80
CA SER G 124 -28.11 -33.50 -15.29
C SER G 124 -26.78 -32.82 -15.64
N SER G 125 -26.40 -32.85 -16.92
CA SER G 125 -25.12 -32.30 -17.39
C SER G 125 -25.01 -30.79 -17.11
N LEU G 126 -26.15 -30.10 -17.10
CA LEU G 126 -26.20 -28.63 -16.97
C LEU G 126 -26.04 -28.06 -15.54
N GLY G 127 -26.47 -28.82 -14.53
CA GLY G 127 -26.42 -28.38 -13.14
C GLY G 127 -27.74 -27.84 -12.62
N ILE G 128 -28.51 -27.24 -13.53
CA ILE G 128 -29.81 -26.60 -13.24
C ILE G 128 -30.80 -27.58 -12.61
N ALA G 129 -31.11 -27.34 -11.33
CA ALA G 129 -32.16 -28.10 -10.63
C ALA G 129 -33.24 -27.13 -10.18
N LYS G 130 -34.48 -27.45 -10.53
CA LYS G 130 -35.63 -26.61 -10.16
C LYS G 130 -36.55 -27.32 -9.18
N LEU G 131 -37.06 -26.56 -8.21
CA LEU G 131 -37.97 -27.08 -7.19
C LEU G 131 -39.02 -26.06 -6.78
N SER G 132 -40.08 -26.52 -6.12
CA SER G 132 -41.05 -25.64 -5.45
C SER G 132 -41.00 -25.94 -3.95
N GLY G 133 -41.47 -24.99 -3.16
CA GLY G 133 -41.36 -25.09 -1.70
C GLY G 133 -42.55 -24.55 -0.95
N VAL G 134 -42.91 -25.25 0.13
CA VAL G 134 -43.98 -24.82 1.03
C VAL G 134 -43.48 -24.89 2.47
N GLY G 135 -43.91 -23.93 3.30
CA GLY G 135 -43.58 -23.94 4.71
C GLY G 135 -44.81 -23.78 5.58
N TYR G 136 -44.83 -24.47 6.73
CA TYR G 136 -45.97 -24.42 7.63
C TYR G 136 -45.57 -24.28 9.08
N VAL G 137 -46.39 -23.53 9.80
CA VAL G 137 -46.37 -23.48 11.27
C VAL G 137 -47.76 -23.89 11.75
N ASN G 138 -47.86 -25.09 12.35
CA ASN G 138 -49.13 -25.61 12.91
C ASN G 138 -50.17 -25.97 11.83
N GLY G 139 -49.71 -26.58 10.74
CA GLY G 139 -50.60 -27.03 9.65
C GLY G 139 -51.07 -25.91 8.72
N LYS G 140 -50.67 -24.66 9.04
CA LYS G 140 -51.03 -23.47 8.24
C LYS G 140 -49.83 -22.98 7.42
N VAL G 141 -50.04 -22.79 6.11
CA VAL G 141 -48.97 -22.32 5.20
C VAL G 141 -48.50 -20.91 5.56
N VAL G 142 -47.23 -20.81 5.96
CA VAL G 142 -46.64 -19.50 6.24
C VAL G 142 -45.88 -18.97 5.02
N ILE G 143 -45.10 -19.86 4.38
CA ILE G 143 -44.34 -19.50 3.17
C ILE G 143 -44.65 -20.44 2.00
N ASN G 144 -44.82 -19.85 0.82
CA ASN G 144 -44.91 -20.57 -0.44
C ASN G 144 -43.84 -20.06 -1.39
N ILE G 145 -43.10 -20.99 -2.01
CA ILE G 145 -42.20 -20.62 -3.10
C ILE G 145 -42.51 -21.40 -4.35
N SER G 146 -42.85 -20.67 -5.42
CA SER G 146 -43.13 -21.29 -6.70
C SER G 146 -41.91 -22.06 -7.18
N GLU G 147 -40.82 -21.32 -7.41
CA GLU G 147 -39.68 -21.91 -8.08
C GLU G 147 -38.35 -21.52 -7.46
N MET G 148 -37.56 -22.54 -7.12
CA MET G 148 -36.18 -22.36 -6.71
C MET G 148 -35.29 -22.87 -7.85
N THR G 149 -34.25 -22.10 -8.19
CA THR G 149 -33.32 -22.50 -9.26
C THR G 149 -31.92 -22.69 -8.69
N PHE G 150 -31.41 -23.93 -8.73
CA PHE G 150 -30.07 -24.17 -8.22
C PHE G 150 -29.02 -24.44 -9.31
N ALA G 151 -27.84 -23.81 -9.14
CA ALA G 151 -26.70 -23.97 -10.05
C ALA G 151 -25.51 -24.63 -9.34
N LEU G 152 -24.99 -25.71 -9.94
CA LEU G 152 -23.87 -26.48 -9.38
C LEU G 152 -22.53 -26.08 -10.03
N SER G 153 -21.93 -24.98 -9.56
CA SER G 153 -20.69 -24.45 -10.15
C SER G 153 -19.53 -24.44 -9.14
N THR H 9 -31.89 13.04 -1.89
CA THR H 9 -31.04 13.31 -0.69
C THR H 9 -30.05 12.13 -0.41
N SER H 10 -29.24 12.28 0.64
CA SER H 10 -28.38 11.18 1.14
C SER H 10 -28.68 10.91 2.62
N ILE H 11 -28.17 9.79 3.13
CA ILE H 11 -28.42 9.37 4.52
C ILE H 11 -27.20 8.61 5.07
N ASP H 12 -27.05 8.55 6.39
CA ASP H 12 -26.04 7.67 6.99
C ASP H 12 -26.65 6.58 7.87
N ILE H 13 -25.80 5.69 8.41
CA ILE H 13 -26.24 4.55 9.20
C ILE H 13 -27.12 4.90 10.42
N GLU H 14 -26.79 5.99 11.11
CA GLU H 14 -27.52 6.40 12.33
C GLU H 14 -28.96 6.83 12.00
N ASP H 15 -29.17 7.44 10.84
CA ASP H 15 -30.53 7.81 10.39
C ASP H 15 -31.21 6.65 9.68
N ILE H 16 -30.42 5.67 9.25
CA ILE H 16 -30.97 4.42 8.75
C ILE H 16 -31.62 3.64 9.91
N LYS H 17 -30.99 3.67 11.09
CA LYS H 17 -31.56 2.98 12.27
C LYS H 17 -32.83 3.66 12.78
N LYS H 18 -32.93 4.97 12.57
CA LYS H 18 -34.12 5.73 12.95
C LYS H 18 -35.33 5.44 12.05
N ILE H 19 -35.08 5.04 10.80
CA ILE H 19 -36.15 4.73 9.84
C ILE H 19 -36.50 3.24 9.89
N LEU H 20 -35.49 2.41 9.68
CA LEU H 20 -35.62 0.97 9.72
C LEU H 20 -35.51 0.49 11.16
N PRO H 21 -36.27 -0.57 11.52
CA PRO H 21 -36.14 -1.06 12.90
C PRO H 21 -35.00 -2.09 13.06
N HIS H 22 -34.66 -2.78 11.95
CA HIS H 22 -33.67 -3.88 11.95
C HIS H 22 -32.41 -3.55 12.72
N ARG H 23 -31.81 -4.55 13.36
CA ARG H 23 -30.51 -4.38 14.05
C ARG H 23 -29.52 -5.51 13.71
N TYR H 24 -28.24 -5.30 14.03
CA TYR H 24 -27.23 -6.37 13.97
C TYR H 24 -27.79 -7.63 14.62
N PRO H 25 -27.66 -8.78 13.94
CA PRO H 25 -26.90 -8.99 12.73
C PRO H 25 -27.77 -9.11 11.47
N PHE H 26 -28.83 -8.33 11.38
CA PHE H 26 -29.70 -8.40 10.22
C PHE H 26 -30.11 -7.02 9.64
N LEU H 27 -29.34 -6.00 9.96
CA LEU H 27 -29.42 -4.72 9.27
C LEU H 27 -28.37 -4.74 8.14
N LEU H 28 -28.86 -4.72 6.90
CA LEU H 28 -28.00 -4.90 5.71
C LEU H 28 -28.00 -3.70 4.76
N VAL H 29 -28.09 -2.50 5.31
CA VAL H 29 -27.97 -1.29 4.50
C VAL H 29 -26.98 -0.33 5.18
N ASP H 30 -25.79 -0.23 4.58
CA ASP H 30 -24.70 0.56 5.16
C ASP H 30 -24.83 2.08 4.91
N LYS H 31 -25.41 2.43 3.78
CA LYS H 31 -25.64 3.84 3.42
C LYS H 31 -26.79 3.94 2.43
N VAL H 32 -27.45 5.11 2.44
CA VAL H 32 -28.32 5.52 1.35
C VAL H 32 -27.63 6.67 0.65
N ILE H 33 -27.30 6.48 -0.63
CA ILE H 33 -26.60 7.54 -1.37
C ILE H 33 -27.56 8.48 -2.10
N TYR H 34 -28.67 7.91 -2.60
CA TYR H 34 -29.72 8.72 -3.23
C TYR H 34 -31.12 8.18 -2.93
N MET H 35 -32.03 9.11 -2.61
CA MET H 35 -33.43 8.75 -2.41
C MET H 35 -34.41 9.79 -2.96
N GLN H 36 -35.23 9.35 -3.91
CA GLN H 36 -36.32 10.18 -4.41
C GLN H 36 -37.64 9.64 -3.89
N PRO H 37 -38.35 10.47 -3.08
CA PRO H 37 -39.61 10.06 -2.48
C PRO H 37 -40.63 9.60 -3.52
N ASN H 38 -41.24 8.45 -3.27
CA ASN H 38 -42.26 7.86 -4.15
C ASN H 38 -41.73 7.14 -5.41
N LYS H 39 -40.46 7.41 -5.76
CA LYS H 39 -39.85 6.78 -6.95
C LYS H 39 -38.84 5.70 -6.57
N THR H 40 -37.63 6.17 -6.25
CA THR H 40 -36.44 5.35 -6.30
C THR H 40 -35.52 5.59 -5.11
N ILE H 41 -34.78 4.55 -4.75
CA ILE H 41 -33.75 4.67 -3.74
C ILE H 41 -32.48 3.94 -4.18
N ILE H 42 -31.34 4.60 -3.99
CA ILE H 42 -30.03 3.99 -4.20
C ILE H 42 -29.18 4.00 -2.92
N GLY H 43 -28.56 2.85 -2.64
CA GLY H 43 -27.69 2.70 -1.48
C GLY H 43 -26.67 1.59 -1.66
N LEU H 44 -25.89 1.32 -0.61
CA LEU H 44 -24.88 0.28 -0.71
C LEU H 44 -24.66 -0.52 0.57
N LYS H 45 -24.25 -1.77 0.38
CA LYS H 45 -23.87 -2.67 1.46
C LYS H 45 -22.50 -3.31 1.19
N GLN H 46 -21.51 -2.89 1.97
CA GLN H 46 -20.14 -3.40 1.91
C GLN H 46 -20.07 -4.85 2.34
N VAL H 47 -19.41 -5.67 1.53
CA VAL H 47 -19.36 -7.10 1.78
C VAL H 47 -17.98 -7.49 2.31
N SER H 48 -17.87 -7.54 3.64
CA SER H 48 -16.61 -7.82 4.32
C SER H 48 -16.56 -9.27 4.79
N THR H 49 -15.35 -9.77 5.06
CA THR H 49 -15.20 -11.12 5.65
C THR H 49 -15.56 -11.12 7.13
N ASN H 50 -15.44 -9.95 7.75
CA ASN H 50 -15.78 -9.82 9.17
C ASN H 50 -17.29 -9.76 9.45
N GLU H 51 -18.07 -10.55 8.71
CA GLU H 51 -19.51 -10.61 8.93
C GLU H 51 -19.91 -12.02 9.38
N PRO H 52 -20.67 -12.10 10.51
CA PRO H 52 -21.01 -13.37 11.15
C PRO H 52 -21.35 -14.52 10.18
N PHE H 53 -22.14 -14.21 9.16
CA PHE H 53 -22.67 -15.24 8.23
C PHE H 53 -21.63 -15.95 7.36
N PHE H 54 -20.49 -15.30 7.11
CA PHE H 54 -19.50 -15.87 6.20
C PHE H 54 -18.89 -17.17 6.67
N ASN H 55 -18.85 -17.35 7.98
CA ASN H 55 -18.31 -18.55 8.60
C ASN H 55 -19.11 -19.79 8.22
N GLY H 56 -20.37 -19.57 7.88
CA GLY H 56 -21.29 -20.68 7.59
C GLY H 56 -21.79 -20.76 6.17
N HIS H 57 -21.25 -19.92 5.28
CA HIS H 57 -21.75 -19.85 3.92
C HIS H 57 -20.62 -19.29 3.05
N PHE H 58 -19.51 -20.02 2.86
CA PHE H 58 -19.25 -21.37 3.33
C PHE H 58 -17.78 -21.46 3.78
N PRO H 59 -17.46 -22.34 4.76
CA PRO H 59 -16.12 -22.40 5.38
C PRO H 59 -14.97 -22.46 4.37
N GLN H 60 -15.12 -23.29 3.35
CA GLN H 60 -14.08 -23.45 2.33
C GLN H 60 -14.22 -22.48 1.17
N LYS H 61 -15.28 -21.69 1.17
CA LYS H 61 -15.46 -20.72 0.09
C LYS H 61 -16.55 -19.69 0.42
N GLN H 62 -16.18 -18.72 1.27
CA GLN H 62 -17.05 -17.60 1.60
C GLN H 62 -17.79 -17.04 0.37
N ILE H 63 -19.12 -17.10 0.41
CA ILE H 63 -19.98 -16.49 -0.61
C ILE H 63 -21.24 -15.86 0.04
N MET H 64 -21.44 -14.54 -0.13
CA MET H 64 -22.65 -13.89 0.39
C MET H 64 -23.94 -14.58 -0.07
N PRO H 65 -24.73 -15.07 0.90
CA PRO H 65 -26.03 -15.72 0.72
C PRO H 65 -26.99 -14.91 -0.14
N GLY H 66 -27.41 -15.50 -1.26
CA GLY H 66 -28.31 -14.82 -2.18
C GLY H 66 -29.49 -14.20 -1.42
N VAL H 67 -30.17 -15.05 -0.64
CA VAL H 67 -31.27 -14.63 0.23
C VAL H 67 -30.96 -13.30 0.95
N LEU H 68 -29.70 -13.07 1.32
CA LEU H 68 -29.34 -11.86 2.06
C LEU H 68 -29.24 -10.61 1.15
N GLN H 69 -28.82 -10.81 -0.10
CA GLN H 69 -28.85 -9.75 -1.11
C GLN H 69 -30.31 -9.29 -1.25
N ILE H 70 -31.21 -10.27 -1.37
CA ILE H 70 -32.64 -9.99 -1.40
C ILE H 70 -33.01 -9.08 -0.23
N GLU H 71 -32.73 -9.57 1.00
CA GLU H 71 -32.98 -8.80 2.22
C GLU H 71 -32.47 -7.38 2.13
N ALA H 72 -31.24 -7.24 1.63
CA ALA H 72 -30.58 -5.94 1.52
C ALA H 72 -31.36 -5.03 0.59
N LEU H 73 -31.81 -5.57 -0.53
CA LEU H 73 -32.65 -4.83 -1.46
C LEU H 73 -34.00 -4.53 -0.82
N ALA H 74 -34.52 -5.53 -0.12
CA ALA H 74 -35.81 -5.43 0.57
C ALA H 74 -35.82 -4.31 1.60
N GLN H 75 -34.78 -4.26 2.43
CA GLN H 75 -34.66 -3.22 3.45
C GLN H 75 -34.57 -1.83 2.83
N LEU H 76 -33.83 -1.74 1.72
CA LEU H 76 -33.71 -0.50 0.95
C LEU H 76 -35.09 -0.01 0.48
N ALA H 77 -35.84 -0.89 -0.18
CA ALA H 77 -37.22 -0.61 -0.60
C ALA H 77 -38.10 -0.22 0.59
N GLY H 78 -37.77 -0.78 1.76
CA GLY H 78 -38.42 -0.43 3.02
C GLY H 78 -38.24 1.05 3.35
N ILE H 79 -36.98 1.50 3.32
CA ILE H 79 -36.63 2.91 3.63
C ILE H 79 -37.37 3.90 2.72
N LEU H 80 -37.34 3.59 1.43
CA LEU H 80 -38.10 4.32 0.43
C LEU H 80 -39.60 4.39 0.79
N CYS H 81 -40.22 3.25 1.09
CA CYS H 81 -41.64 3.21 1.48
C CYS H 81 -41.96 4.14 2.64
N LEU H 82 -41.06 4.13 3.64
CA LEU H 82 -41.29 4.82 4.90
C LEU H 82 -41.03 6.34 4.85
N LYS H 83 -40.27 6.79 3.86
CA LYS H 83 -40.09 8.23 3.61
C LYS H 83 -41.05 8.79 2.56
N SER H 84 -41.64 7.89 1.76
CA SER H 84 -42.64 8.24 0.74
C SER H 84 -44.02 8.49 1.39
N ASP H 85 -44.22 7.83 2.53
CA ASP H 85 -45.52 7.76 3.19
C ASP H 85 -45.30 7.21 4.62
N ASP H 86 -45.05 8.10 5.57
CA ASP H 86 -45.00 7.72 7.00
C ASP H 86 -46.29 8.15 7.74
N SER H 87 -47.34 8.50 6.97
CA SER H 87 -48.69 8.71 7.50
C SER H 87 -49.08 7.48 8.31
N GLN H 88 -48.85 6.31 7.72
CA GLN H 88 -48.79 5.07 8.48
C GLN H 88 -47.52 5.15 9.33
N LYS H 89 -47.69 5.47 10.62
CA LYS H 89 -46.57 5.43 11.55
C LYS H 89 -46.34 3.98 11.98
N ASN H 90 -45.94 3.17 10.96
CA ASN H 90 -45.54 1.78 11.14
C ASN H 90 -44.24 1.53 10.38
N ASN H 91 -43.15 1.36 11.12
CA ASN H 91 -41.84 1.06 10.57
C ASN H 91 -41.55 -0.46 10.48
N LEU H 92 -42.46 -1.28 11.05
CA LEU H 92 -42.31 -2.74 11.04
C LEU H 92 -43.01 -3.40 9.82
N PHE H 93 -42.41 -3.19 8.64
CA PHE H 93 -42.96 -3.68 7.37
C PHE H 93 -42.70 -5.17 7.16
N LEU H 94 -43.71 -5.90 6.69
CA LEU H 94 -43.57 -7.34 6.44
C LEU H 94 -43.53 -7.75 4.97
N PHE H 95 -42.49 -8.49 4.61
CA PHE H 95 -42.31 -9.06 3.27
C PHE H 95 -43.46 -10.01 2.98
N ALA H 96 -44.36 -9.62 2.10
CA ALA H 96 -45.49 -10.47 1.78
C ALA H 96 -45.16 -11.37 0.60
N GLY H 97 -44.43 -10.82 -0.37
CA GLY H 97 -44.12 -11.60 -1.56
C GLY H 97 -43.00 -11.03 -2.39
N VAL H 98 -42.14 -11.94 -2.91
CA VAL H 98 -41.09 -11.54 -3.84
C VAL H 98 -41.14 -12.43 -5.09
N ASP H 99 -40.83 -11.84 -6.23
CA ASP H 99 -41.05 -12.48 -7.52
C ASP H 99 -39.96 -12.11 -8.51
N GLY H 100 -39.54 -13.07 -9.33
CA GLY H 100 -38.61 -12.81 -10.43
C GLY H 100 -37.23 -12.39 -9.97
N VAL H 101 -36.62 -13.23 -9.13
CA VAL H 101 -35.28 -12.94 -8.60
C VAL H 101 -34.23 -13.68 -9.42
N ARG H 102 -33.11 -12.97 -9.70
CA ARG H 102 -32.06 -13.53 -10.54
C ARG H 102 -30.64 -13.25 -10.05
N TRP H 103 -29.94 -14.34 -9.67
CA TRP H 103 -28.55 -14.24 -9.18
C TRP H 103 -27.53 -14.54 -10.27
N LYS H 104 -26.99 -13.47 -10.85
CA LYS H 104 -26.10 -13.58 -12.02
C LYS H 104 -24.70 -14.04 -11.62
N LYS H 105 -24.12 -13.32 -10.67
CA LYS H 105 -22.69 -13.43 -10.35
C LYS H 105 -22.51 -13.43 -8.82
N PRO H 106 -21.92 -14.54 -8.26
CA PRO H 106 -21.59 -14.67 -6.83
C PRO H 106 -21.02 -13.38 -6.25
N VAL H 107 -21.51 -12.98 -5.07
CA VAL H 107 -20.98 -11.80 -4.38
C VAL H 107 -19.98 -12.23 -3.31
N LEU H 108 -18.77 -11.70 -3.38
CA LEU H 108 -17.67 -12.14 -2.51
C LEU H 108 -17.16 -11.05 -1.55
N PRO H 109 -16.50 -11.46 -0.45
CA PRO H 109 -15.94 -10.50 0.48
C PRO H 109 -15.07 -9.52 -0.29
N GLY H 110 -15.03 -8.27 0.16
CA GLY H 110 -14.27 -7.23 -0.55
C GLY H 110 -15.12 -6.37 -1.46
N ASP H 111 -16.20 -6.94 -2.01
CA ASP H 111 -17.03 -6.24 -2.99
C ASP H 111 -17.88 -5.16 -2.36
N THR H 112 -18.21 -4.14 -3.16
CA THR H 112 -19.18 -3.14 -2.78
C THR H 112 -20.43 -3.41 -3.60
N LEU H 113 -21.46 -3.92 -2.94
CA LEU H 113 -22.77 -4.09 -3.54
C LEU H 113 -23.52 -2.75 -3.57
N THR H 114 -23.67 -2.20 -4.77
CA THR H 114 -24.55 -1.06 -5.00
C THR H 114 -25.91 -1.65 -5.36
N MET H 115 -26.97 -1.02 -4.87
CA MET H 115 -28.34 -1.52 -5.07
C MET H 115 -29.33 -0.37 -5.27
N GLN H 116 -30.36 -0.64 -6.07
CA GLN H 116 -31.36 0.37 -6.39
C GLN H 116 -32.74 -0.28 -6.48
N ALA H 117 -33.70 0.30 -5.75
CA ALA H 117 -35.09 -0.15 -5.78
C ALA H 117 -36.04 0.97 -6.24
N ASN H 118 -37.06 0.61 -7.01
CA ASN H 118 -37.98 1.57 -7.62
C ASN H 118 -39.43 1.20 -7.38
N LEU H 119 -40.25 2.18 -7.00
CA LEU H 119 -41.66 1.97 -6.65
C LEU H 119 -42.54 1.68 -7.87
N ILE H 120 -43.42 0.69 -7.74
CA ILE H 120 -44.37 0.29 -8.80
C ILE H 120 -45.79 0.76 -8.46
N SER H 121 -46.35 0.23 -7.37
CA SER H 121 -47.66 0.67 -6.86
C SER H 121 -47.67 0.88 -5.34
N PHE H 122 -48.29 1.97 -4.90
CA PHE H 122 -48.50 2.26 -3.49
C PHE H 122 -50.01 2.39 -3.26
N LYS H 123 -50.64 1.31 -2.83
CA LYS H 123 -52.09 1.26 -2.67
C LYS H 123 -52.51 1.69 -1.27
N ILE H 128 -50.71 -2.84 0.29
CA ILE H 128 -49.59 -3.40 -0.48
C ILE H 128 -48.80 -2.34 -1.27
N ALA H 129 -47.47 -2.41 -1.16
CA ALA H 129 -46.57 -1.57 -1.95
C ALA H 129 -45.59 -2.50 -2.72
N LYS H 130 -45.46 -2.25 -4.02
CA LYS H 130 -44.67 -3.12 -4.91
C LYS H 130 -43.46 -2.39 -5.45
N LEU H 131 -42.32 -3.08 -5.45
CA LEU H 131 -41.09 -2.47 -5.94
C LEU H 131 -40.26 -3.44 -6.77
N SER H 132 -39.37 -2.87 -7.58
CA SER H 132 -38.31 -3.60 -8.25
C SER H 132 -36.97 -3.35 -7.54
N GLY H 133 -36.00 -4.25 -7.70
CA GLY H 133 -34.69 -4.07 -7.08
C GLY H 133 -33.60 -4.71 -7.91
N VAL H 134 -32.50 -3.99 -8.06
CA VAL H 134 -31.34 -4.51 -8.79
C VAL H 134 -30.12 -4.36 -7.89
N GLY H 135 -29.09 -5.17 -8.13
CA GLY H 135 -27.82 -5.06 -7.39
C GLY H 135 -26.59 -5.10 -8.26
N TYR H 136 -25.66 -4.17 -8.03
CA TYR H 136 -24.42 -4.11 -8.83
C TYR H 136 -23.14 -4.16 -8.01
N VAL H 137 -22.18 -4.92 -8.53
CA VAL H 137 -20.82 -4.91 -8.05
C VAL H 137 -19.95 -4.65 -9.28
N ASN H 138 -19.28 -3.49 -9.29
CA ASN H 138 -18.40 -3.09 -10.39
C ASN H 138 -19.13 -2.68 -11.69
N GLY H 139 -20.32 -2.10 -11.54
CA GLY H 139 -21.16 -1.81 -12.71
C GLY H 139 -21.74 -3.06 -13.36
N LYS H 140 -21.48 -4.24 -12.75
CA LYS H 140 -21.98 -5.51 -13.27
C LYS H 140 -23.18 -5.92 -12.44
N VAL H 141 -24.28 -6.25 -13.10
CA VAL H 141 -25.51 -6.70 -12.42
C VAL H 141 -25.33 -8.10 -11.83
N VAL H 142 -25.47 -8.19 -10.51
CA VAL H 142 -25.31 -9.45 -9.83
C VAL H 142 -26.67 -10.05 -9.42
N ILE H 143 -27.59 -9.18 -8.98
CA ILE H 143 -28.94 -9.61 -8.61
C ILE H 143 -30.02 -8.76 -9.28
N ASN H 144 -31.08 -9.44 -9.73
CA ASN H 144 -32.26 -8.76 -10.23
C ASN H 144 -33.51 -9.22 -9.48
N ILE H 145 -34.40 -8.27 -9.18
CA ILE H 145 -35.73 -8.61 -8.66
C ILE H 145 -36.80 -7.76 -9.35
N SER H 146 -37.69 -8.45 -10.06
CA SER H 146 -38.81 -7.82 -10.74
C SER H 146 -39.74 -7.12 -9.74
N GLU H 147 -40.10 -7.83 -8.67
CA GLU H 147 -41.16 -7.35 -7.76
C GLU H 147 -40.98 -7.81 -6.31
N MET H 148 -40.90 -6.81 -5.43
CA MET H 148 -40.95 -7.01 -3.99
C MET H 148 -42.31 -6.49 -3.53
N THR H 149 -43.00 -7.26 -2.69
CA THR H 149 -44.31 -6.85 -2.16
C THR H 149 -44.33 -6.93 -0.62
N PHE H 150 -44.75 -5.82 -0.02
CA PHE H 150 -44.60 -5.54 1.42
C PHE H 150 -45.94 -5.21 2.11
N ALA H 151 -46.06 -5.60 3.38
CA ALA H 151 -47.29 -5.38 4.16
C ALA H 151 -47.06 -4.55 5.45
N LEU H 152 -47.93 -3.57 5.67
CA LEU H 152 -47.80 -2.60 6.78
C LEU H 152 -48.41 -3.04 8.13
N SER H 153 -48.64 -4.35 8.29
CA SER H 153 -49.26 -4.90 9.50
C SER H 153 -48.97 -6.42 9.64
N THR I 9 1.62 -29.31 38.89
CA THR I 9 2.31 -28.29 38.03
C THR I 9 1.27 -27.51 37.23
N SER I 10 1.52 -26.21 37.05
CA SER I 10 0.66 -25.30 36.28
C SER I 10 0.43 -25.80 34.84
N ILE I 11 -0.82 -25.71 34.37
CA ILE I 11 -1.17 -26.13 33.00
C ILE I 11 -2.01 -25.07 32.28
N ASP I 12 -1.48 -24.55 31.17
CA ASP I 12 -2.09 -23.43 30.45
C ASP I 12 -3.25 -23.83 29.52
N ILE I 13 -3.82 -22.83 28.84
CA ILE I 13 -5.02 -23.01 28.00
C ILE I 13 -4.87 -23.95 26.79
N GLU I 14 -3.67 -24.02 26.21
CA GLU I 14 -3.47 -24.84 25.00
C GLU I 14 -3.54 -26.34 25.30
N ASP I 15 -3.08 -26.72 26.50
CA ASP I 15 -3.11 -28.10 26.95
C ASP I 15 -4.50 -28.49 27.46
N ILE I 16 -5.19 -27.54 28.09
CA ILE I 16 -6.56 -27.75 28.53
C ILE I 16 -7.42 -28.19 27.33
N LYS I 17 -7.19 -27.54 26.18
CA LYS I 17 -7.88 -27.85 24.94
C LYS I 17 -7.50 -29.22 24.35
N LYS I 18 -6.32 -29.72 24.76
CA LYS I 18 -5.90 -31.08 24.44
C LYS I 18 -6.50 -32.11 25.40
N ILE I 19 -6.91 -31.64 26.58
CA ILE I 19 -7.57 -32.52 27.55
C ILE I 19 -9.08 -32.47 27.38
N LEU I 20 -9.66 -31.29 27.52
CA LEU I 20 -11.09 -31.10 27.41
C LEU I 20 -11.48 -30.94 25.95
N PRO I 21 -12.64 -31.52 25.55
CA PRO I 21 -13.12 -31.33 24.18
C PRO I 21 -13.91 -30.03 24.04
N HIS I 22 -14.17 -29.36 25.16
CA HIS I 22 -14.98 -28.15 25.21
C HIS I 22 -14.32 -27.01 24.43
N ARG I 23 -15.14 -26.18 23.78
CA ARG I 23 -14.64 -25.06 22.98
C ARG I 23 -15.51 -23.83 23.16
N TYR I 24 -15.04 -22.70 22.61
CA TYR I 24 -15.84 -21.47 22.63
C TYR I 24 -17.22 -21.78 22.02
N PRO I 25 -18.31 -21.31 22.66
CA PRO I 25 -18.35 -20.43 23.83
C PRO I 25 -18.70 -21.14 25.15
N PHE I 26 -18.30 -22.39 25.28
CA PHE I 26 -18.64 -23.18 26.45
C PHE I 26 -17.44 -23.87 27.09
N LEU I 27 -16.24 -23.35 26.82
CA LEU I 27 -15.06 -23.74 27.58
C LEU I 27 -14.88 -22.73 28.72
N LEU I 28 -14.96 -23.24 29.96
CA LEU I 28 -15.01 -22.38 31.15
C LEU I 28 -13.87 -22.57 32.16
N VAL I 29 -12.71 -22.97 31.65
CA VAL I 29 -11.49 -23.13 32.47
C VAL I 29 -10.30 -22.49 31.73
N ASP I 30 -9.91 -21.32 32.22
CA ASP I 30 -8.85 -20.53 31.58
C ASP I 30 -7.45 -21.08 31.86
N LYS I 31 -7.29 -21.66 33.06
CA LYS I 31 -6.01 -22.16 33.52
C LYS I 31 -6.22 -23.17 34.65
N VAL I 32 -5.28 -24.11 34.76
CA VAL I 32 -5.18 -24.93 35.94
C VAL I 32 -3.93 -24.42 36.64
N ILE I 33 -4.05 -24.13 37.94
CA ILE I 33 -2.88 -23.77 38.75
C ILE I 33 -2.27 -24.95 39.54
N TYR I 34 -3.10 -25.90 39.98
CA TYR I 34 -2.59 -27.07 40.71
C TYR I 34 -3.48 -28.31 40.53
N MET I 35 -2.83 -29.47 40.41
CA MET I 35 -3.53 -30.75 40.19
C MET I 35 -2.74 -31.95 40.74
N GLN I 36 -3.34 -32.65 41.69
CA GLN I 36 -2.73 -33.87 42.25
C GLN I 36 -3.52 -35.12 41.89
N PRO I 37 -2.91 -36.03 41.10
CA PRO I 37 -3.65 -37.13 40.49
C PRO I 37 -4.49 -37.90 41.52
N ASN I 38 -5.74 -38.17 41.17
CA ASN I 38 -6.67 -38.98 41.99
C ASN I 38 -7.21 -38.29 43.25
N LYS I 39 -6.86 -37.02 43.44
CA LYS I 39 -7.25 -36.32 44.65
C LYS I 39 -7.91 -34.97 44.34
N THR I 40 -7.10 -33.96 44.04
CA THR I 40 -7.64 -32.61 43.92
C THR I 40 -7.16 -31.83 42.70
N ILE I 41 -7.96 -30.84 42.30
CA ILE I 41 -7.61 -29.95 41.20
C ILE I 41 -8.06 -28.49 41.45
N ILE I 42 -7.14 -27.55 41.30
CA ILE I 42 -7.44 -26.13 41.48
C ILE I 42 -7.22 -25.37 40.17
N GLY I 43 -8.21 -24.58 39.78
CA GLY I 43 -8.13 -23.75 38.56
C GLY I 43 -8.74 -22.36 38.75
N LEU I 44 -8.80 -21.60 37.66
CA LEU I 44 -9.50 -20.30 37.68
C LEU I 44 -10.10 -19.87 36.35
N LYS I 45 -11.20 -19.14 36.43
CA LYS I 45 -11.91 -18.66 35.25
C LYS I 45 -12.12 -17.15 35.38
N GLN I 46 -11.55 -16.40 34.43
CA GLN I 46 -11.58 -14.95 34.47
C GLN I 46 -12.92 -14.39 33.99
N VAL I 47 -13.58 -13.64 34.87
CA VAL I 47 -14.92 -13.16 34.57
C VAL I 47 -14.86 -11.78 33.93
N SER I 48 -14.81 -11.77 32.59
CA SER I 48 -14.76 -10.55 31.78
C SER I 48 -16.15 -10.21 31.25
N THR I 49 -16.46 -8.91 31.18
CA THR I 49 -17.68 -8.40 30.53
C THR I 49 -17.72 -8.81 29.06
N ASN I 50 -16.53 -8.91 28.44
CA ASN I 50 -16.44 -9.26 27.05
C ASN I 50 -16.63 -10.76 26.78
N GLU I 51 -17.64 -11.34 27.43
CA GLU I 51 -17.96 -12.75 27.23
C GLU I 51 -19.37 -12.78 26.71
N PRO I 52 -19.69 -13.78 25.84
CA PRO I 52 -20.97 -13.90 25.12
C PRO I 52 -22.22 -13.81 25.99
N PHE I 53 -22.19 -14.47 27.15
CA PHE I 53 -23.39 -14.59 27.98
C PHE I 53 -23.84 -13.27 28.64
N PHE I 54 -22.91 -12.39 28.99
CA PHE I 54 -23.28 -11.20 29.78
C PHE I 54 -24.36 -10.26 29.23
N ASN I 55 -24.44 -10.12 27.90
CA ASN I 55 -25.56 -9.38 27.29
C ASN I 55 -26.96 -9.84 27.71
N GLY I 56 -27.11 -11.14 27.96
CA GLY I 56 -28.41 -11.71 28.28
C GLY I 56 -28.61 -12.21 29.72
N HIS I 57 -27.65 -11.95 30.61
CA HIS I 57 -27.78 -12.38 32.01
C HIS I 57 -26.97 -11.45 32.93
N PHE I 58 -27.43 -10.21 33.13
CA PHE I 58 -28.65 -9.66 32.54
C PHE I 58 -28.30 -8.28 31.99
N PRO I 59 -29.07 -7.79 30.98
CA PRO I 59 -28.75 -6.48 30.37
C PRO I 59 -28.55 -5.37 31.41
N GLN I 60 -29.47 -5.30 32.37
CA GLN I 60 -29.52 -4.22 33.36
C GLN I 60 -28.58 -4.37 34.56
N LYS I 61 -28.00 -5.57 34.72
CA LYS I 61 -27.09 -5.88 35.83
C LYS I 61 -26.33 -7.19 35.55
N GLN I 62 -25.09 -7.04 35.11
CA GLN I 62 -24.27 -8.17 34.70
C GLN I 62 -23.90 -9.06 35.89
N ILE I 63 -24.35 -10.31 35.85
CA ILE I 63 -24.05 -11.33 36.88
C ILE I 63 -23.82 -12.68 36.21
N MET I 64 -22.70 -13.35 36.54
CA MET I 64 -22.41 -14.68 35.96
C MET I 64 -23.42 -15.76 36.40
N PRO I 65 -24.11 -16.37 35.41
CA PRO I 65 -25.14 -17.39 35.63
C PRO I 65 -24.65 -18.58 36.45
N GLY I 66 -25.39 -18.86 37.50
CA GLY I 66 -25.02 -19.91 38.45
C GLY I 66 -24.62 -21.19 37.75
N VAL I 67 -25.47 -21.64 36.82
CA VAL I 67 -25.24 -22.90 36.11
C VAL I 67 -23.85 -22.95 35.46
N LEU I 68 -23.39 -21.81 34.94
CA LEU I 68 -22.08 -21.76 34.30
C LEU I 68 -20.93 -21.91 35.29
N GLN I 69 -21.12 -21.41 36.53
CA GLN I 69 -20.16 -21.65 37.62
C GLN I 69 -20.09 -23.15 37.89
N ILE I 70 -21.26 -23.80 37.88
CA ILE I 70 -21.34 -25.25 37.96
C ILE I 70 -20.50 -25.84 36.83
N GLU I 71 -20.78 -25.43 35.60
CA GLU I 71 -20.11 -26.00 34.43
C GLU I 71 -18.60 -25.78 34.47
N ALA I 72 -18.17 -24.62 34.98
CA ALA I 72 -16.76 -24.28 35.10
C ALA I 72 -16.02 -25.24 36.06
N LEU I 73 -16.64 -25.49 37.22
CA LEU I 73 -16.11 -26.43 38.20
C LEU I 73 -16.20 -27.86 37.65
N ALA I 74 -17.29 -28.13 36.91
CA ALA I 74 -17.52 -29.43 36.30
C ALA I 74 -16.41 -29.76 35.33
N GLN I 75 -15.98 -28.76 34.59
CA GLN I 75 -14.99 -28.92 33.54
C GLN I 75 -13.61 -29.06 34.17
N LEU I 76 -13.43 -28.43 35.33
CA LEU I 76 -12.20 -28.60 36.10
C LEU I 76 -12.15 -30.01 36.67
N ALA I 77 -13.26 -30.42 37.29
CA ALA I 77 -13.42 -31.78 37.81
C ALA I 77 -13.17 -32.79 36.70
N GLY I 78 -13.66 -32.48 35.50
CA GLY I 78 -13.44 -33.30 34.33
C GLY I 78 -11.98 -33.52 34.01
N ILE I 79 -11.21 -32.42 33.92
CA ILE I 79 -9.77 -32.51 33.69
C ILE I 79 -9.16 -33.51 34.68
N LEU I 80 -9.52 -33.37 35.95
CA LEU I 80 -8.98 -34.21 37.02
C LEU I 80 -9.17 -35.70 36.78
N CYS I 81 -10.39 -36.08 36.45
CA CYS I 81 -10.75 -37.45 36.14
C CYS I 81 -9.88 -38.00 35.02
N LEU I 82 -9.61 -37.14 34.04
CA LEU I 82 -8.88 -37.54 32.83
C LEU I 82 -7.38 -37.75 33.05
N LYS I 83 -6.81 -37.01 34.01
CA LYS I 83 -5.38 -37.15 34.29
C LYS I 83 -5.14 -38.14 35.40
N SER I 84 -6.21 -38.51 36.10
CA SER I 84 -6.15 -39.54 37.15
C SER I 84 -6.13 -40.95 36.56
N ASP I 85 -6.79 -41.14 35.43
CA ASP I 85 -6.97 -42.45 34.80
C ASP I 85 -7.36 -42.27 33.33
N ASP I 86 -6.40 -42.53 32.42
CA ASP I 86 -6.65 -42.37 30.98
C ASP I 86 -6.56 -43.70 30.22
N SER I 87 -6.88 -44.81 30.92
CA SER I 87 -7.04 -46.11 30.25
C SER I 87 -8.32 -46.11 29.38
N GLN I 88 -9.41 -45.53 29.91
CA GLN I 88 -10.59 -45.21 29.08
C GLN I 88 -10.29 -44.00 28.20
N LYS I 89 -9.88 -44.26 26.96
CA LYS I 89 -9.52 -43.20 26.03
C LYS I 89 -10.75 -42.44 25.48
N ASN I 90 -11.55 -41.93 26.41
CA ASN I 90 -12.76 -41.17 26.12
C ASN I 90 -12.72 -39.85 26.90
N ASN I 91 -12.64 -38.72 26.18
CA ASN I 91 -12.61 -37.41 26.85
C ASN I 91 -13.98 -36.74 27.00
N LEU I 92 -14.95 -37.21 26.20
CA LEU I 92 -16.36 -36.75 26.23
C LEU I 92 -17.18 -37.29 27.42
N PHE I 93 -16.74 -36.95 28.66
CA PHE I 93 -17.50 -37.33 29.86
CA PHE I 93 -17.49 -37.30 29.88
C PHE I 93 -18.83 -36.59 29.91
N LEU I 94 -19.83 -37.21 30.54
CA LEU I 94 -21.15 -36.60 30.67
C LEU I 94 -21.62 -36.43 32.10
N PHE I 95 -21.98 -35.18 32.42
CA PHE I 95 -22.60 -34.79 33.68
C PHE I 95 -23.83 -35.67 33.92
N ALA I 96 -23.69 -36.64 34.82
CA ALA I 96 -24.78 -37.55 35.15
C ALA I 96 -25.69 -36.96 36.23
N GLY I 97 -25.11 -36.11 37.08
CA GLY I 97 -25.86 -35.48 38.15
C GLY I 97 -25.07 -34.39 38.84
N VAL I 98 -25.80 -33.57 39.59
CA VAL I 98 -25.20 -32.57 40.47
C VAL I 98 -26.11 -32.38 41.69
N ASP I 99 -25.50 -32.22 42.86
CA ASP I 99 -26.23 -32.21 44.12
C ASP I 99 -25.59 -31.29 45.15
N GLY I 100 -26.43 -30.67 45.98
CA GLY I 100 -25.96 -29.76 47.01
C GLY I 100 -25.25 -28.56 46.41
N VAL I 101 -26.00 -27.79 45.64
CA VAL I 101 -25.46 -26.60 45.01
C VAL I 101 -25.88 -25.37 45.80
N ARG I 102 -24.91 -24.51 46.08
CA ARG I 102 -25.16 -23.31 46.88
C ARG I 102 -24.40 -22.09 46.36
N TRP I 103 -25.15 -21.07 45.98
CA TRP I 103 -24.59 -19.81 45.50
C TRP I 103 -24.67 -18.72 46.58
N LYS I 104 -23.52 -18.47 47.20
CA LYS I 104 -23.45 -17.56 48.34
C LYS I 104 -23.37 -16.10 47.90
N LYS I 105 -22.54 -15.83 46.90
CA LYS I 105 -22.26 -14.45 46.48
C LYS I 105 -22.20 -14.35 44.95
N PRO I 106 -22.98 -13.41 44.37
CA PRO I 106 -22.99 -13.16 42.92
C PRO I 106 -21.58 -13.03 42.37
N VAL I 107 -21.33 -13.63 41.22
CA VAL I 107 -20.03 -13.49 40.55
C VAL I 107 -20.16 -12.49 39.41
N LEU I 108 -19.38 -11.42 39.49
CA LEU I 108 -19.54 -10.26 38.62
C LEU I 108 -18.36 -10.13 37.66
N PRO I 109 -18.49 -9.29 36.60
CA PRO I 109 -17.34 -8.96 35.75
C PRO I 109 -16.21 -8.33 36.55
N GLY I 110 -14.97 -8.78 36.31
CA GLY I 110 -13.80 -8.27 37.03
C GLY I 110 -13.21 -9.29 37.99
N ASP I 111 -14.11 -10.17 38.48
CA ASP I 111 -13.75 -11.22 39.45
C ASP I 111 -12.87 -12.35 38.88
N THR I 112 -11.93 -12.82 39.69
CA THR I 112 -11.23 -14.05 39.37
C THR I 112 -11.89 -15.21 40.11
N LEU I 113 -12.48 -16.12 39.34
CA LEU I 113 -13.14 -17.28 39.94
C LEU I 113 -12.09 -18.36 40.14
N THR I 114 -11.63 -18.49 41.38
CA THR I 114 -10.74 -19.59 41.75
C THR I 114 -11.62 -20.75 42.15
N MET I 115 -11.34 -21.92 41.62
CA MET I 115 -12.17 -23.09 41.83
C MET I 115 -11.32 -24.25 42.28
N GLN I 116 -11.89 -25.10 43.14
CA GLN I 116 -11.23 -26.33 43.56
C GLN I 116 -12.20 -27.50 43.54
N ALA I 117 -11.82 -28.55 42.83
CA ALA I 117 -12.59 -29.80 42.84
C ALA I 117 -11.78 -30.92 43.46
N ASN I 118 -12.44 -31.75 44.28
CA ASN I 118 -11.78 -32.85 44.97
C ASN I 118 -12.51 -34.16 44.69
N LEU I 119 -11.75 -35.18 44.31
CA LEU I 119 -12.31 -36.48 43.97
C LEU I 119 -12.78 -37.21 45.23
N ILE I 120 -13.97 -37.80 45.18
CA ILE I 120 -14.48 -38.63 46.28
C ILE I 120 -14.32 -40.13 45.95
N SER I 121 -15.01 -40.59 44.89
CA SER I 121 -14.97 -42.01 44.48
C SER I 121 -14.75 -42.17 42.98
N PHE I 122 -14.04 -43.23 42.61
CA PHE I 122 -13.76 -43.56 41.21
C PHE I 122 -13.86 -45.08 41.01
N LYS I 123 -14.81 -45.51 40.19
CA LYS I 123 -15.06 -46.95 39.98
C LYS I 123 -14.36 -47.52 38.73
N SER I 124 -13.75 -46.62 37.95
CA SER I 124 -13.08 -46.93 36.66
C SER I 124 -14.01 -47.57 35.61
N LEU I 126 -16.74 -49.22 35.93
CA LEU I 126 -18.14 -48.92 36.27
C LEU I 126 -18.43 -47.47 35.83
N GLY I 127 -17.36 -46.78 35.41
CA GLY I 127 -17.41 -45.50 34.72
C GLY I 127 -18.11 -44.38 35.47
N ILE I 128 -17.94 -44.33 36.79
CA ILE I 128 -18.65 -43.36 37.61
C ILE I 128 -17.79 -42.66 38.68
N ALA I 129 -17.57 -41.36 38.49
CA ALA I 129 -16.78 -40.56 39.41
C ALA I 129 -17.64 -39.51 40.12
N LYS I 130 -17.33 -39.28 41.39
CA LYS I 130 -18.05 -38.29 42.21
C LYS I 130 -17.07 -37.32 42.85
N LEU I 131 -17.39 -36.04 42.77
CA LEU I 131 -16.48 -34.99 43.23
C LEU I 131 -17.20 -33.92 44.04
N SER I 132 -16.43 -33.10 44.74
CA SER I 132 -16.96 -31.91 45.43
C SER I 132 -16.24 -30.70 44.87
N GLY I 133 -16.96 -29.56 44.81
CA GLY I 133 -16.38 -28.35 44.24
C GLY I 133 -16.63 -27.08 45.03
N VAL I 134 -15.57 -26.30 45.24
CA VAL I 134 -15.66 -25.00 45.89
C VAL I 134 -15.15 -23.91 44.95
N GLY I 135 -15.77 -22.73 45.01
CA GLY I 135 -15.33 -21.60 44.18
C GLY I 135 -15.16 -20.31 44.99
N TYR I 136 -13.97 -19.70 44.88
CA TYR I 136 -13.63 -18.46 45.61
C TYR I 136 -13.40 -17.24 44.72
N VAL I 137 -14.00 -16.13 45.13
CA VAL I 137 -13.70 -14.83 44.57
C VAL I 137 -13.15 -13.94 45.69
N ASN I 138 -11.84 -13.68 45.64
CA ASN I 138 -11.13 -12.92 46.70
C ASN I 138 -11.20 -13.56 48.08
N GLY I 139 -10.96 -14.88 48.12
CA GLY I 139 -10.97 -15.64 49.38
C GLY I 139 -12.36 -15.95 49.92
N LYS I 140 -13.38 -15.24 49.41
CA LYS I 140 -14.78 -15.48 49.77
C LYS I 140 -15.32 -16.67 48.99
N VAL I 141 -15.96 -17.60 49.68
CA VAL I 141 -16.62 -18.74 49.01
C VAL I 141 -17.91 -18.27 48.35
N VAL I 142 -17.98 -18.38 47.03
CA VAL I 142 -19.15 -17.95 46.27
C VAL I 142 -20.08 -19.10 45.88
N ILE I 143 -19.49 -20.23 45.51
CA ILE I 143 -20.24 -21.44 45.16
C ILE I 143 -19.82 -22.67 45.96
N ASN I 144 -20.82 -23.46 46.37
CA ASN I 144 -20.63 -24.81 46.92
C ASN I 144 -21.32 -25.89 46.11
N ILE I 145 -20.59 -26.98 45.88
CA ILE I 145 -21.16 -28.20 45.34
C ILE I 145 -20.68 -29.39 46.15
N SER I 146 -21.62 -30.03 46.85
CA SER I 146 -21.34 -31.26 47.59
C SER I 146 -20.86 -32.34 46.63
N GLU I 147 -21.67 -32.60 45.60
CA GLU I 147 -21.46 -33.74 44.72
C GLU I 147 -21.71 -33.45 43.23
N MET I 148 -20.69 -33.72 42.42
CA MET I 148 -20.81 -33.77 40.98
C MET I 148 -20.60 -35.21 40.53
N THR I 149 -21.49 -35.70 39.68
CA THR I 149 -21.37 -37.06 39.17
C THR I 149 -21.16 -37.03 37.66
N PHE I 150 -20.21 -37.85 37.19
CA PHE I 150 -19.82 -37.89 35.78
C PHE I 150 -19.80 -39.29 35.23
N ALA I 151 -20.17 -39.42 33.95
CA ALA I 151 -20.22 -40.73 33.29
C ALA I 151 -19.20 -40.84 32.14
N LEU I 152 -18.48 -41.96 32.14
CA LEU I 152 -17.23 -42.12 31.38
C LEU I 152 -17.40 -42.53 29.88
N ASP J 8 -55.90 -21.85 26.39
CA ASP J 8 -55.65 -20.38 26.21
C ASP J 8 -55.34 -19.62 27.53
N THR J 9 -54.49 -20.22 28.37
CA THR J 9 -54.05 -19.53 29.60
C THR J 9 -52.53 -19.34 29.67
N SER J 10 -51.91 -19.13 28.50
CA SER J 10 -50.45 -19.11 28.38
C SER J 10 -49.90 -18.00 27.49
N ILE J 11 -48.58 -17.81 27.54
CA ILE J 11 -47.90 -16.68 26.91
C ILE J 11 -46.83 -17.13 25.90
N ASP J 12 -46.75 -16.38 24.79
CA ASP J 12 -45.69 -16.52 23.78
C ASP J 12 -44.40 -15.81 24.19
N ILE J 13 -43.43 -15.80 23.29
CA ILE J 13 -42.12 -15.22 23.54
C ILE J 13 -42.12 -13.71 23.88
N GLU J 14 -42.99 -12.92 23.23
CA GLU J 14 -43.00 -11.45 23.43
C GLU J 14 -43.36 -11.02 24.85
N ASP J 15 -44.23 -11.82 25.50
CA ASP J 15 -44.64 -11.57 26.90
C ASP J 15 -43.61 -12.13 27.89
N ILE J 16 -42.96 -13.23 27.52
CA ILE J 16 -41.89 -13.83 28.33
C ILE J 16 -40.74 -12.84 28.63
N LYS J 17 -40.41 -12.00 27.65
CA LYS J 17 -39.41 -10.95 27.84
C LYS J 17 -39.96 -9.84 28.74
N LYS J 18 -41.28 -9.70 28.76
CA LYS J 18 -41.93 -8.69 29.61
C LYS J 18 -42.02 -9.15 31.08
N ILE J 19 -41.91 -10.46 31.29
CA ILE J 19 -41.83 -11.03 32.64
C ILE J 19 -40.38 -11.26 33.06
N LEU J 20 -39.69 -12.13 32.31
CA LEU J 20 -38.30 -12.45 32.61
C LEU J 20 -37.40 -11.34 32.08
N PRO J 21 -36.32 -11.01 32.82
CA PRO J 21 -35.36 -10.03 32.28
C PRO J 21 -34.29 -10.64 31.35
N HIS J 22 -34.16 -11.98 31.35
CA HIS J 22 -33.17 -12.66 30.50
C HIS J 22 -33.28 -12.26 29.03
N ARG J 23 -32.17 -12.35 28.31
CA ARG J 23 -32.18 -12.10 26.88
C ARG J 23 -31.20 -13.03 26.19
N TYR J 24 -31.03 -12.83 24.89
CA TYR J 24 -30.03 -13.57 24.12
C TYR J 24 -28.63 -13.22 24.65
N PRO J 25 -27.72 -14.23 24.77
CA PRO J 25 -27.87 -15.62 24.40
C PRO J 25 -28.23 -16.53 25.58
N PHE J 26 -29.03 -16.02 26.52
CA PHE J 26 -29.31 -16.79 27.74
C PHE J 26 -30.79 -16.83 28.16
N LEU J 27 -31.68 -16.34 27.28
CA LEU J 27 -33.10 -16.62 27.40
C LEU J 27 -33.36 -18.03 26.84
N LEU J 28 -33.87 -18.92 27.69
CA LEU J 28 -34.04 -20.34 27.32
C LEU J 28 -35.48 -20.86 27.45
N VAL J 29 -36.45 -19.95 27.35
CA VAL J 29 -37.85 -20.30 27.42
C VAL J 29 -38.57 -19.65 26.23
N ASP J 30 -38.68 -20.42 25.14
CA ASP J 30 -39.34 -19.99 23.91
C ASP J 30 -40.83 -19.72 24.09
N LYS J 31 -41.52 -20.65 24.77
CA LYS J 31 -42.97 -20.52 25.02
C LYS J 31 -43.37 -21.18 26.34
N VAL J 32 -44.42 -20.64 26.96
CA VAL J 32 -45.10 -21.28 28.08
C VAL J 32 -46.44 -21.77 27.50
N ILE J 33 -46.74 -23.04 27.71
CA ILE J 33 -47.99 -23.60 27.18
C ILE J 33 -49.14 -23.62 28.20
N TYR J 34 -48.79 -23.76 29.50
CA TYR J 34 -49.81 -23.85 30.57
C TYR J 34 -49.30 -23.31 31.92
N MET J 35 -50.01 -22.31 32.48
CA MET J 35 -49.58 -21.68 33.73
C MET J 35 -50.69 -21.42 34.75
N GLN J 36 -50.69 -22.23 35.81
CA GLN J 36 -51.62 -22.07 36.90
C GLN J 36 -50.90 -21.42 38.09
N PRO J 37 -51.42 -20.26 38.55
CA PRO J 37 -50.69 -19.49 39.59
C PRO J 37 -50.57 -20.26 40.91
N ASN J 38 -49.42 -20.11 41.57
CA ASN J 38 -49.14 -20.76 42.86
C ASN J 38 -49.13 -22.30 42.79
N LYS J 39 -49.26 -22.85 41.58
CA LYS J 39 -49.28 -24.30 41.40
C LYS J 39 -48.17 -24.82 40.46
N THR J 40 -48.42 -24.73 39.15
CA THR J 40 -47.55 -25.38 38.16
C THR J 40 -47.41 -24.59 36.84
N ILE J 41 -46.28 -24.78 36.16
CA ILE J 41 -46.01 -24.14 34.87
C ILE J 41 -45.41 -25.14 33.87
N ILE J 42 -46.00 -25.18 32.67
CA ILE J 42 -45.49 -25.99 31.56
C ILE J 42 -45.02 -25.08 30.41
N GLY J 43 -43.89 -25.44 29.81
CA GLY J 43 -43.37 -24.72 28.64
C GLY J 43 -42.39 -25.53 27.81
N LEU J 44 -41.86 -24.91 26.75
CA LEU J 44 -40.93 -25.60 25.85
C LEU J 44 -39.77 -24.76 25.25
N LYS J 45 -38.60 -25.40 25.19
CA LYS J 45 -37.38 -24.82 24.63
C LYS J 45 -36.92 -25.64 23.43
N GLN J 46 -37.05 -25.03 22.24
CA GLN J 46 -36.69 -25.64 20.97
C GLN J 46 -35.18 -25.77 20.80
N VAL J 47 -34.71 -27.01 20.78
CA VAL J 47 -33.30 -27.30 20.57
C VAL J 47 -32.97 -27.48 19.07
N SER J 48 -32.48 -26.38 18.48
CA SER J 48 -32.06 -26.28 17.10
C SER J 48 -30.54 -26.23 17.12
N THR J 49 -29.88 -26.59 16.02
CA THR J 49 -28.42 -26.49 15.98
C THR J 49 -27.92 -25.07 15.85
N ASN J 50 -28.81 -24.19 15.33
CA ASN J 50 -28.46 -22.79 15.14
C ASN J 50 -28.49 -22.00 16.45
N GLU J 51 -27.98 -22.61 17.52
CA GLU J 51 -27.83 -21.94 18.81
C GLU J 51 -26.36 -21.89 19.21
N PRO J 52 -25.86 -20.68 19.56
CA PRO J 52 -24.43 -20.38 19.70
C PRO J 52 -23.66 -21.40 20.54
N PHE J 53 -24.29 -21.92 21.59
CA PHE J 53 -23.59 -22.81 22.52
C PHE J 53 -23.19 -24.15 21.89
N PHE J 54 -23.85 -24.53 20.79
CA PHE J 54 -23.66 -25.87 20.26
C PHE J 54 -22.26 -26.13 19.74
N ASN J 55 -21.69 -25.12 19.08
CA ASN J 55 -20.32 -25.18 18.56
C ASN J 55 -19.32 -25.69 19.57
N GLY J 56 -19.48 -25.25 20.83
CA GLY J 56 -18.53 -25.55 21.90
C GLY J 56 -18.94 -26.61 22.91
N HIS J 57 -20.06 -27.28 22.68
CA HIS J 57 -20.47 -28.42 23.48
C HIS J 57 -21.30 -29.36 22.60
N PHE J 58 -20.64 -30.13 21.73
CA PHE J 58 -19.20 -30.09 21.45
C PHE J 58 -19.01 -30.10 19.94
N PRO J 59 -17.85 -29.62 19.44
CA PRO J 59 -17.64 -29.61 17.98
C PRO J 59 -17.92 -30.95 17.29
N GLN J 60 -17.48 -32.06 17.90
CA GLN J 60 -17.57 -33.40 17.32
C GLN J 60 -18.87 -34.15 17.64
N LYS J 61 -19.68 -33.62 18.56
CA LYS J 61 -20.94 -34.25 18.92
C LYS J 61 -21.83 -33.30 19.71
N GLN J 62 -22.66 -32.55 18.97
CA GLN J 62 -23.54 -31.54 19.56
C GLN J 62 -24.47 -32.16 20.61
N ILE J 63 -24.34 -31.70 21.85
CA ILE J 63 -25.20 -32.12 22.97
C ILE J 63 -25.62 -30.89 23.74
N MET J 64 -26.90 -30.78 24.12
CA MET J 64 -27.31 -29.65 24.93
C MET J 64 -26.74 -29.82 26.33
N PRO J 65 -25.93 -28.85 26.79
CA PRO J 65 -25.32 -28.91 28.10
C PRO J 65 -26.33 -29.13 29.21
N GLY J 66 -25.99 -30.03 30.14
CA GLY J 66 -26.81 -30.30 31.30
C GLY J 66 -27.20 -29.01 32.01
N VAL J 67 -26.19 -28.26 32.44
CA VAL J 67 -26.39 -26.95 33.08
C VAL J 67 -27.42 -26.01 32.40
N LEU J 68 -27.56 -26.10 31.09
CA LEU J 68 -28.53 -25.21 30.39
C LEU J 68 -29.96 -25.74 30.44
N GLN J 69 -30.10 -27.07 30.54
CA GLN J 69 -31.40 -27.69 30.84
C GLN J 69 -31.89 -27.21 32.21
N ILE J 70 -30.97 -27.17 33.19
CA ILE J 70 -31.26 -26.63 34.50
C ILE J 70 -31.74 -25.17 34.39
N GLU J 71 -30.94 -24.33 33.72
CA GLU J 71 -31.29 -22.90 33.62
C GLU J 71 -32.66 -22.72 32.97
N ALA J 72 -32.97 -23.58 32.00
CA ALA J 72 -34.21 -23.51 31.24
C ALA J 72 -35.41 -23.71 32.18
N LEU J 73 -35.33 -24.77 33.00
CA LEU J 73 -36.36 -25.05 34.01
C LEU J 73 -36.42 -23.96 35.06
N ALA J 74 -35.26 -23.48 35.49
CA ALA J 74 -35.17 -22.36 36.42
C ALA J 74 -35.85 -21.08 35.90
N GLN J 75 -35.79 -20.87 34.59
CA GLN J 75 -36.35 -19.66 33.98
C GLN J 75 -37.86 -19.74 33.91
N LEU J 76 -38.36 -20.92 33.51
CA LEU J 76 -39.76 -21.27 33.55
C LEU J 76 -40.28 -21.09 34.98
N ALA J 77 -39.61 -21.74 35.93
CA ALA J 77 -39.94 -21.61 37.34
C ALA J 77 -40.04 -20.14 37.72
N GLY J 78 -39.07 -19.35 37.28
CA GLY J 78 -39.05 -17.90 37.53
C GLY J 78 -40.36 -17.21 37.15
N ILE J 79 -40.84 -17.50 35.93
CA ILE J 79 -42.10 -16.93 35.42
C ILE J 79 -43.24 -17.19 36.40
N LEU J 80 -43.43 -18.47 36.72
CA LEU J 80 -44.43 -18.91 37.69
C LEU J 80 -44.39 -18.09 38.98
N CYS J 81 -43.18 -17.92 39.52
CA CYS J 81 -42.94 -17.14 40.72
C CYS J 81 -43.32 -15.68 40.53
N LEU J 82 -43.11 -15.16 39.32
CA LEU J 82 -43.40 -13.75 39.04
C LEU J 82 -44.89 -13.49 38.77
N LYS J 83 -45.59 -14.51 38.28
CA LYS J 83 -47.02 -14.39 37.97
C LYS J 83 -47.93 -14.85 39.11
N SER J 84 -47.39 -15.67 40.01
CA SER J 84 -48.12 -16.06 41.22
C SER J 84 -48.22 -14.91 42.21
N ASP J 85 -47.18 -14.06 42.23
CA ASP J 85 -47.08 -12.99 43.20
C ASP J 85 -46.12 -11.90 42.71
N ASP J 86 -46.70 -10.81 42.22
CA ASP J 86 -45.91 -9.68 41.73
C ASP J 86 -46.07 -8.44 42.64
N SER J 87 -46.43 -8.69 43.90
CA SER J 87 -46.42 -7.64 44.91
C SER J 87 -44.98 -7.14 45.17
N GLN J 88 -44.01 -8.06 44.92
CA GLN J 88 -42.58 -7.65 44.88
C GLN J 88 -42.24 -7.33 43.42
N LYS J 89 -42.12 -6.03 43.12
CA LYS J 89 -41.83 -5.51 41.76
C LYS J 89 -40.37 -5.78 41.36
N ASN J 90 -39.90 -6.99 41.62
CA ASN J 90 -38.53 -7.41 41.37
C ASN J 90 -38.53 -8.61 40.41
N ASN J 91 -38.07 -8.39 39.17
CA ASN J 91 -38.03 -9.43 38.15
C ASN J 91 -36.67 -10.14 38.00
N LEU J 92 -35.62 -9.53 38.55
CA LEU J 92 -34.30 -10.14 38.56
C LEU J 92 -34.19 -11.13 39.72
N PHE J 93 -34.62 -12.36 39.50
CA PHE J 93 -34.63 -13.41 40.53
C PHE J 93 -33.39 -14.32 40.43
N LEU J 94 -32.64 -14.41 41.52
CA LEU J 94 -31.35 -15.09 41.53
C LEU J 94 -31.40 -16.53 42.05
N PHE J 95 -30.57 -17.39 41.42
CA PHE J 95 -30.42 -18.79 41.81
C PHE J 95 -29.63 -18.85 43.12
N ALA J 96 -30.26 -19.40 44.16
CA ALA J 96 -29.65 -19.52 45.48
C ALA J 96 -29.07 -20.92 45.68
N GLY J 97 -29.75 -21.90 45.11
CA GLY J 97 -29.38 -23.30 45.25
C GLY J 97 -30.23 -24.23 44.41
N VAL J 98 -29.68 -25.42 44.14
CA VAL J 98 -30.35 -26.40 43.29
C VAL J 98 -29.90 -27.80 43.72
N ASP J 99 -30.83 -28.76 43.69
CA ASP J 99 -30.66 -30.01 44.43
C ASP J 99 -31.31 -31.17 43.70
N GLY J 100 -30.68 -32.34 43.79
CA GLY J 100 -31.23 -33.57 43.21
C GLY J 100 -31.43 -33.50 41.71
N VAL J 101 -30.37 -33.07 41.01
CA VAL J 101 -30.40 -32.96 39.55
C VAL J 101 -29.91 -34.26 38.92
N ARG J 102 -30.71 -34.78 37.98
CA ARG J 102 -30.45 -36.05 37.30
C ARG J 102 -30.57 -35.91 35.79
N TRP J 103 -29.51 -36.24 35.07
CA TRP J 103 -29.55 -36.25 33.60
C TRP J 103 -29.57 -37.67 33.09
N LYS J 104 -30.73 -38.07 32.58
CA LYS J 104 -30.95 -39.46 32.16
C LYS J 104 -30.57 -39.64 30.69
N LYS J 105 -31.07 -38.74 29.83
CA LYS J 105 -30.95 -38.88 28.38
C LYS J 105 -30.39 -37.60 27.74
N PRO J 106 -29.43 -37.74 26.81
CA PRO J 106 -28.89 -36.60 26.06
C PRO J 106 -29.97 -35.86 25.27
N VAL J 107 -29.92 -34.54 25.27
CA VAL J 107 -30.84 -33.69 24.51
C VAL J 107 -30.07 -33.12 23.32
N LEU J 108 -30.58 -33.35 22.12
CA LEU J 108 -29.86 -33.05 20.89
C LEU J 108 -30.57 -31.98 20.04
N PRO J 109 -29.87 -31.39 19.05
CA PRO J 109 -30.54 -30.49 18.12
C PRO J 109 -31.67 -31.23 17.39
N GLY J 110 -32.80 -30.55 17.18
CA GLY J 110 -33.99 -31.14 16.55
C GLY J 110 -35.15 -31.35 17.52
N ASP J 111 -34.86 -32.10 18.61
CA ASP J 111 -35.84 -32.40 19.68
C ASP J 111 -36.57 -31.16 20.19
N THR J 112 -37.74 -31.39 20.79
CA THR J 112 -38.39 -30.35 21.59
C THR J 112 -38.22 -30.79 23.04
N LEU J 113 -37.62 -29.91 23.85
CA LEU J 113 -37.56 -30.10 25.28
C LEU J 113 -38.81 -29.48 25.88
N THR J 114 -39.68 -30.31 26.44
CA THR J 114 -40.83 -29.79 27.18
C THR J 114 -40.57 -29.91 28.68
N MET J 115 -40.96 -28.87 29.40
CA MET J 115 -40.56 -28.70 30.78
C MET J 115 -41.78 -28.38 31.62
N GLN J 116 -41.74 -28.82 32.87
CA GLN J 116 -42.77 -28.46 33.83
C GLN J 116 -42.15 -28.18 35.18
N ALA J 117 -42.50 -27.02 35.74
CA ALA J 117 -42.03 -26.62 37.07
C ALA J 117 -43.19 -26.49 38.06
N ASN J 118 -43.09 -27.25 39.18
CA ASN J 118 -44.11 -27.24 40.23
C ASN J 118 -43.61 -26.48 41.46
N LEU J 119 -44.39 -25.51 41.94
CA LEU J 119 -44.01 -24.75 43.13
C LEU J 119 -44.16 -25.64 44.36
N ILE J 120 -43.26 -25.44 45.34
CA ILE J 120 -43.30 -26.19 46.60
C ILE J 120 -43.64 -25.25 47.76
N SER J 121 -42.83 -24.21 47.95
CA SER J 121 -43.09 -23.21 48.99
C SER J 121 -42.79 -21.79 48.51
N PHE J 122 -43.56 -20.84 49.05
CA PHE J 122 -43.32 -19.43 48.84
C PHE J 122 -43.39 -18.70 50.19
N LYS J 123 -42.34 -17.93 50.49
CA LYS J 123 -42.24 -17.14 51.74
C LYS J 123 -42.36 -15.63 51.46
N SER J 124 -43.52 -15.06 51.84
CA SER J 124 -43.95 -13.71 51.42
C SER J 124 -43.14 -12.57 52.05
N SER J 125 -42.57 -12.81 53.24
CA SER J 125 -41.74 -11.81 53.91
C SER J 125 -40.41 -11.55 53.17
N LEU J 126 -39.51 -12.53 53.17
CA LEU J 126 -38.20 -12.35 52.51
C LEU J 126 -38.14 -12.70 51.00
N GLY J 127 -39.26 -13.14 50.43
CA GLY J 127 -39.33 -13.52 49.03
C GLY J 127 -38.38 -14.64 48.57
N ILE J 128 -38.61 -15.84 49.11
CA ILE J 128 -37.78 -17.02 48.81
C ILE J 128 -38.57 -18.25 48.37
N ALA J 129 -38.41 -18.64 47.07
CA ALA J 129 -39.26 -19.72 46.53
C ALA J 129 -38.51 -21.04 46.29
N LYS J 130 -39.25 -22.15 46.43
CA LYS J 130 -38.73 -23.51 46.21
C LYS J 130 -39.60 -24.25 45.21
N LEU J 131 -38.98 -24.88 44.22
CA LEU J 131 -39.73 -25.57 43.17
C LEU J 131 -39.14 -26.93 42.82
N SER J 132 -39.96 -27.75 42.15
CA SER J 132 -39.49 -28.99 41.52
C SER J 132 -39.51 -28.80 40.01
N GLY J 133 -38.83 -29.69 39.29
CA GLY J 133 -38.74 -29.58 37.84
C GLY J 133 -38.49 -30.88 37.10
N VAL J 134 -39.25 -31.08 36.02
CA VAL J 134 -38.98 -32.18 35.08
C VAL J 134 -38.96 -31.59 33.66
N GLY J 135 -38.08 -32.17 32.81
CA GLY J 135 -38.02 -31.83 31.39
C GLY J 135 -38.07 -33.09 30.56
N TYR J 136 -38.90 -33.08 29.52
CA TYR J 136 -39.08 -34.25 28.67
C TYR J 136 -38.67 -33.97 27.22
N VAL J 137 -38.28 -35.04 26.54
CA VAL J 137 -38.19 -35.04 25.10
C VAL J 137 -38.98 -36.27 24.59
N ASN J 138 -40.08 -36.01 23.88
CA ASN J 138 -40.95 -37.05 23.28
C ASN J 138 -41.51 -38.10 24.27
N GLY J 139 -41.78 -37.66 25.53
CA GLY J 139 -42.30 -38.57 26.54
C GLY J 139 -41.25 -39.32 27.37
N LYS J 140 -39.98 -39.26 26.95
CA LYS J 140 -38.86 -39.77 27.75
C LYS J 140 -38.35 -38.68 28.68
N VAL J 141 -38.40 -38.92 30.00
CA VAL J 141 -37.83 -37.97 30.96
C VAL J 141 -36.33 -37.90 30.70
N VAL J 142 -35.80 -36.67 30.61
CA VAL J 142 -34.38 -36.47 30.33
C VAL J 142 -33.64 -35.91 31.55
N ILE J 143 -34.28 -34.93 32.21
CA ILE J 143 -33.75 -34.27 33.41
C ILE J 143 -34.78 -34.20 34.56
N ASN J 144 -34.32 -34.56 35.76
CA ASN J 144 -35.11 -34.41 36.98
C ASN J 144 -34.47 -33.40 37.90
N ILE J 145 -35.29 -32.54 38.51
CA ILE J 145 -34.81 -31.66 39.57
C ILE J 145 -35.78 -31.68 40.76
N SER J 146 -35.28 -32.18 41.89
CA SER J 146 -36.03 -32.21 43.14
C SER J 146 -36.34 -30.79 43.64
N GLU J 147 -35.30 -29.96 43.77
CA GLU J 147 -35.46 -28.66 44.40
C GLU J 147 -34.60 -27.53 43.81
N MET J 148 -35.27 -26.48 43.35
CA MET J 148 -34.63 -25.24 42.93
C MET J 148 -35.02 -24.20 43.98
N THR J 149 -34.05 -23.45 44.47
CA THR J 149 -34.31 -22.43 45.49
C THR J 149 -33.87 -21.07 45.00
N PHE J 150 -34.79 -20.10 45.00
CA PHE J 150 -34.53 -18.77 44.44
C PHE J 150 -34.69 -17.64 45.46
N ALA J 151 -33.91 -16.58 45.29
CA ALA J 151 -33.93 -15.43 46.21
C ALA J 151 -34.37 -14.12 45.53
N ASP K 8 1.21 -7.25 -9.01
CA ASP K 8 1.17 -7.91 -10.35
C ASP K 8 -0.11 -8.75 -10.47
N THR K 9 -0.40 -9.52 -9.42
CA THR K 9 -1.68 -10.25 -9.25
C THR K 9 -2.50 -9.69 -8.07
N SER K 10 -3.83 -9.71 -8.22
CA SER K 10 -4.78 -9.44 -7.14
C SER K 10 -5.33 -10.75 -6.63
N ILE K 11 -5.03 -11.10 -5.38
CA ILE K 11 -5.44 -12.43 -4.86
C ILE K 11 -6.51 -12.45 -3.72
N ASP K 12 -7.45 -13.40 -3.87
CA ASP K 12 -8.73 -13.43 -3.13
C ASP K 12 -8.66 -13.83 -1.64
N ILE K 13 -9.82 -13.91 -1.00
CA ILE K 13 -9.93 -14.18 0.46
C ILE K 13 -9.57 -15.61 0.86
N GLU K 14 -9.85 -16.56 -0.02
CA GLU K 14 -9.51 -17.95 0.23
C GLU K 14 -8.00 -18.16 0.27
N ASP K 15 -7.28 -17.40 -0.56
CA ASP K 15 -5.82 -17.47 -0.57
C ASP K 15 -5.18 -16.74 0.61
N ILE K 16 -5.80 -15.63 1.03
CA ILE K 16 -5.36 -14.86 2.21
C ILE K 16 -5.29 -15.77 3.45
N LYS K 17 -6.34 -16.58 3.65
CA LYS K 17 -6.41 -17.48 4.80
C LYS K 17 -5.35 -18.59 4.70
N LYS K 18 -4.85 -18.83 3.48
CA LYS K 18 -3.76 -19.80 3.28
C LYS K 18 -2.39 -19.17 3.53
N ILE K 19 -2.39 -17.83 3.68
CA ILE K 19 -1.18 -17.05 3.95
C ILE K 19 -1.13 -16.58 5.40
N LEU K 20 -2.22 -15.96 5.86
CA LEU K 20 -2.35 -15.51 7.24
C LEU K 20 -3.03 -16.57 8.10
N PRO K 21 -2.69 -16.62 9.39
CA PRO K 21 -3.38 -17.56 10.29
C PRO K 21 -4.65 -16.99 10.95
N HIS K 22 -4.98 -15.72 10.65
CA HIS K 22 -6.09 -15.05 11.31
C HIS K 22 -7.40 -15.61 10.83
N ARG K 23 -8.40 -15.62 11.73
CA ARG K 23 -9.76 -16.09 11.44
C ARG K 23 -10.83 -15.14 12.00
N TYR K 24 -12.09 -15.40 11.65
CA TYR K 24 -13.22 -14.64 12.21
C TYR K 24 -13.14 -14.75 13.73
N PRO K 25 -13.33 -13.61 14.45
CA PRO K 25 -13.74 -12.30 13.96
C PRO K 25 -12.61 -11.27 13.93
N PHE K 26 -11.39 -11.73 13.65
CA PHE K 26 -10.22 -10.86 13.65
C PHE K 26 -9.38 -10.94 12.36
N LEU K 27 -10.01 -11.35 11.25
CA LEU K 27 -9.41 -11.21 9.92
C LEU K 27 -9.92 -9.94 9.25
N LEU K 28 -9.01 -8.97 9.08
CA LEU K 28 -9.38 -7.65 8.55
C LEU K 28 -8.73 -7.34 7.18
N VAL K 29 -8.46 -8.39 6.42
CA VAL K 29 -7.97 -8.26 5.06
C VAL K 29 -8.90 -9.03 4.11
N ASP K 30 -9.81 -8.29 3.49
CA ASP K 30 -10.81 -8.87 2.59
C ASP K 30 -10.21 -9.23 1.21
N LYS K 31 -9.37 -8.33 0.69
CA LYS K 31 -8.77 -8.50 -0.64
C LYS K 31 -7.43 -7.81 -0.71
N VAL K 32 -6.51 -8.39 -1.50
CA VAL K 32 -5.27 -7.73 -1.90
C VAL K 32 -5.38 -7.42 -3.40
N ILE K 33 -5.11 -6.18 -3.79
CA ILE K 33 -5.23 -5.78 -5.21
C ILE K 33 -3.89 -5.73 -5.96
N TYR K 34 -2.85 -5.25 -5.28
CA TYR K 34 -1.51 -5.13 -5.86
C TYR K 34 -0.43 -5.46 -4.82
N MET K 35 0.43 -6.44 -5.14
CA MET K 35 1.52 -6.87 -4.24
C MET K 35 2.86 -7.10 -4.94
N GLN K 36 3.84 -6.26 -4.62
CA GLN K 36 5.21 -6.43 -5.13
C GLN K 36 6.15 -6.96 -4.04
N PRO K 37 6.79 -8.12 -4.27
CA PRO K 37 7.59 -8.79 -3.23
C PRO K 37 8.71 -7.90 -2.71
N ASN K 38 8.91 -7.92 -1.39
CA ASN K 38 9.98 -7.17 -0.73
C ASN K 38 9.86 -5.64 -0.76
N LYS K 39 8.79 -5.13 -1.39
CA LYS K 39 8.64 -3.69 -1.55
C LYS K 39 7.35 -3.12 -0.98
N THR K 40 6.22 -3.45 -1.61
CA THR K 40 4.97 -2.81 -1.26
C THR K 40 3.75 -3.70 -1.49
N ILE K 41 2.70 -3.43 -0.73
CA ILE K 41 1.45 -4.18 -0.82
C ILE K 41 0.26 -3.22 -0.70
N ILE K 42 -0.79 -3.48 -1.49
CA ILE K 42 -2.05 -2.72 -1.41
C ILE K 42 -3.23 -3.68 -1.29
N GLY K 43 -4.18 -3.34 -0.43
CA GLY K 43 -5.39 -4.15 -0.26
C GLY K 43 -6.58 -3.33 0.22
N LEU K 44 -7.64 -4.02 0.60
CA LEU K 44 -8.81 -3.34 1.15
C LEU K 44 -9.61 -4.16 2.17
N LYS K 45 -10.34 -3.45 3.02
CA LYS K 45 -11.24 -4.05 4.00
C LYS K 45 -12.58 -3.31 3.99
N GLN K 46 -13.63 -4.04 3.65
CA GLN K 46 -14.94 -3.47 3.49
C GLN K 46 -15.57 -3.18 4.83
N VAL K 47 -15.95 -1.93 5.06
CA VAL K 47 -16.54 -1.59 6.33
C VAL K 47 -18.07 -1.69 6.21
N SER K 48 -18.59 -2.83 6.64
CA SER K 48 -20.03 -3.12 6.70
C SER K 48 -20.55 -3.04 8.13
N THR K 49 -21.82 -2.62 8.29
CA THR K 49 -22.45 -2.55 9.62
C THR K 49 -22.69 -3.96 10.21
N ASN K 50 -22.77 -4.95 9.35
CA ASN K 50 -22.96 -6.31 9.79
C ASN K 50 -21.65 -6.92 10.29
N GLU K 51 -20.86 -6.11 11.00
CA GLU K 51 -19.63 -6.59 11.64
C GLU K 51 -19.79 -6.51 13.16
N PRO K 52 -19.56 -7.65 13.87
CA PRO K 52 -19.87 -7.79 15.29
C PRO K 52 -19.41 -6.60 16.14
N PHE K 53 -18.24 -6.03 15.83
CA PHE K 53 -17.70 -4.98 16.68
C PHE K 53 -18.56 -3.72 16.74
N PHE K 54 -19.37 -3.49 15.72
CA PHE K 54 -20.09 -2.21 15.60
C PHE K 54 -21.06 -1.90 16.73
N ASN K 55 -21.89 -2.89 17.09
CA ASN K 55 -22.68 -2.84 18.32
C ASN K 55 -21.93 -2.26 19.53
N GLY K 56 -20.62 -2.52 19.61
CA GLY K 56 -19.81 -2.13 20.74
C GLY K 56 -18.91 -0.93 20.56
N HIS K 57 -18.88 -0.35 19.37
CA HIS K 57 -18.08 0.83 19.08
C HIS K 57 -18.73 1.61 17.95
N PHE K 58 -19.81 2.35 18.21
CA PHE K 58 -20.50 2.47 19.49
C PHE K 58 -21.98 2.22 19.20
N PRO K 59 -22.84 2.11 20.26
CA PRO K 59 -24.26 1.87 19.92
C PRO K 59 -24.97 3.13 19.43
N GLN K 60 -24.48 4.31 19.88
CA GLN K 60 -25.05 5.63 19.51
C GLN K 60 -24.49 6.27 18.22
N LYS K 61 -23.33 5.79 17.75
CA LYS K 61 -22.69 6.32 16.54
C LYS K 61 -21.56 5.43 16.01
N GLN K 62 -21.91 4.44 15.17
CA GLN K 62 -20.93 3.45 14.64
C GLN K 62 -19.68 4.04 13.94
N ILE K 63 -18.51 3.84 14.53
CA ILE K 63 -17.22 4.27 13.95
C ILE K 63 -16.21 3.12 14.06
N MET K 64 -15.56 2.78 12.95
CA MET K 64 -14.55 1.72 12.98
C MET K 64 -13.42 2.04 13.98
N PRO K 65 -13.23 1.17 15.00
CA PRO K 65 -12.21 1.38 16.03
C PRO K 65 -10.81 1.61 15.48
N GLY K 66 -10.15 2.66 15.99
CA GLY K 66 -8.80 3.04 15.53
C GLY K 66 -7.84 1.87 15.47
N VAL K 67 -7.71 1.19 16.63
CA VAL K 67 -6.90 -0.03 16.77
C VAL K 67 -7.16 -1.12 15.71
N LEU K 68 -8.40 -1.22 15.23
CA LEU K 68 -8.72 -2.22 14.23
C LEU K 68 -8.23 -1.82 12.83
N GLN K 69 -8.10 -0.52 12.59
CA GLN K 69 -7.48 -0.05 11.35
C GLN K 69 -6.00 -0.48 11.35
N ILE K 70 -5.36 -0.29 12.51
CA ILE K 70 -3.96 -0.67 12.69
C ILE K 70 -3.80 -2.15 12.38
N GLU K 71 -4.68 -2.98 12.97
CA GLU K 71 -4.63 -4.43 12.78
C GLU K 71 -4.83 -4.77 11.30
N ALA K 72 -5.85 -4.16 10.70
CA ALA K 72 -6.08 -4.30 9.27
C ALA K 72 -4.78 -4.07 8.48
N LEU K 73 -4.21 -2.87 8.59
CA LEU K 73 -2.92 -2.57 7.97
C LEU K 73 -1.81 -3.57 8.31
N ALA K 74 -1.74 -3.94 9.59
CA ALA K 74 -0.69 -4.83 10.10
C ALA K 74 -0.79 -6.25 9.54
N GLN K 75 -2.02 -6.68 9.22
CA GLN K 75 -2.24 -8.00 8.63
C GLN K 75 -1.79 -7.97 7.17
N LEU K 76 -2.08 -6.84 6.52
CA LEU K 76 -1.65 -6.60 5.15
C LEU K 76 -0.13 -6.58 5.06
N ALA K 77 0.51 -5.83 5.97
CA ALA K 77 1.96 -5.81 6.11
C ALA K 77 2.47 -7.23 6.32
N GLY K 78 1.77 -7.96 7.19
CA GLY K 78 2.07 -9.35 7.49
C GLY K 78 2.14 -10.22 6.26
N ILE K 79 1.16 -10.06 5.36
CA ILE K 79 1.12 -10.82 4.11
C ILE K 79 2.35 -10.53 3.23
N LEU K 80 2.74 -9.27 3.18
CA LEU K 80 3.92 -8.85 2.41
C LEU K 80 5.17 -9.62 2.82
N CYS K 81 5.50 -9.53 4.11
CA CYS K 81 6.65 -10.23 4.69
C CYS K 81 6.63 -11.74 4.42
N LEU K 82 5.45 -12.34 4.46
CA LEU K 82 5.31 -13.78 4.27
C LEU K 82 5.51 -14.22 2.81
N LYS K 83 5.16 -13.36 1.87
CA LYS K 83 5.38 -13.64 0.44
C LYS K 83 6.79 -13.22 -0.01
N SER K 84 7.34 -12.22 0.68
CA SER K 84 8.71 -11.75 0.43
C SER K 84 9.79 -12.77 0.80
N ASP K 85 9.50 -13.56 1.82
CA ASP K 85 10.46 -14.49 2.43
C ASP K 85 9.72 -15.60 3.19
N ASP K 86 9.67 -16.80 2.57
CA ASP K 86 9.00 -17.96 3.20
C ASP K 86 9.99 -19.10 3.53
N SER K 87 11.27 -18.75 3.70
CA SER K 87 12.25 -19.71 4.20
C SER K 87 11.91 -20.06 5.65
N GLN K 88 11.50 -19.07 6.44
CA GLN K 88 10.94 -19.33 7.77
C GLN K 88 9.47 -19.78 7.66
N LYS K 89 9.23 -21.08 7.87
CA LYS K 89 7.90 -21.66 7.67
C LYS K 89 6.94 -21.37 8.84
N ASN K 90 6.98 -20.13 9.31
CA ASN K 90 6.16 -19.66 10.44
C ASN K 90 5.21 -18.57 9.96
N ASN K 91 3.90 -18.89 9.90
CA ASN K 91 2.90 -17.90 9.47
C ASN K 91 2.31 -17.07 10.62
N LEU K 92 2.68 -17.42 11.84
CA LEU K 92 2.19 -16.70 13.02
C LEU K 92 3.08 -15.55 13.47
N PHE K 93 3.13 -14.48 12.68
CA PHE K 93 3.87 -13.27 13.03
C PHE K 93 3.28 -12.64 14.30
N LEU K 94 4.07 -11.87 15.04
CA LEU K 94 3.58 -11.17 16.24
C LEU K 94 3.95 -9.69 16.26
N PHE K 95 2.98 -8.85 16.62
CA PHE K 95 3.15 -7.40 16.71
C PHE K 95 4.09 -7.07 17.84
N ALA K 96 5.30 -6.63 17.51
CA ALA K 96 6.29 -6.30 18.53
C ALA K 96 6.24 -4.81 18.93
N GLY K 97 5.88 -3.95 17.98
CA GLY K 97 5.78 -2.52 18.25
C GLY K 97 5.18 -1.73 17.11
N VAL K 98 4.50 -0.63 17.45
CA VAL K 98 3.89 0.24 16.47
C VAL K 98 4.14 1.72 16.79
N ASP K 99 4.44 2.51 15.74
CA ASP K 99 4.96 3.86 15.93
C ASP K 99 4.41 4.91 14.96
N GLY K 100 4.11 6.09 15.49
CA GLY K 100 3.61 7.19 14.70
C GLY K 100 2.30 6.89 14.02
N VAL K 101 1.27 6.66 14.85
CA VAL K 101 -0.06 6.31 14.37
C VAL K 101 -1.01 7.51 14.45
N ARG K 102 -1.46 7.99 13.28
CA ARG K 102 -2.29 9.20 13.23
C ARG K 102 -3.66 8.99 12.58
N TRP K 103 -4.72 9.24 13.36
CA TRP K 103 -6.10 9.08 12.87
C TRP K 103 -6.72 10.41 12.42
N LYS K 104 -6.76 10.58 11.10
CA LYS K 104 -7.14 11.83 10.49
C LYS K 104 -8.66 12.00 10.41
N LYS K 105 -9.35 10.92 10.03
CA LYS K 105 -10.78 10.96 9.73
C LYS K 105 -11.46 9.62 10.07
N PRO K 106 -12.62 9.67 10.79
CA PRO K 106 -13.38 8.46 11.18
C PRO K 106 -13.75 7.59 9.97
N VAL K 107 -13.72 6.28 10.14
CA VAL K 107 -14.17 5.34 9.10
C VAL K 107 -15.53 4.75 9.45
N LEU K 108 -16.52 4.99 8.59
CA LEU K 108 -17.92 4.67 8.88
C LEU K 108 -18.43 3.48 8.07
N PRO K 109 -19.59 2.90 8.47
CA PRO K 109 -20.11 1.78 7.69
C PRO K 109 -20.47 2.26 6.30
N GLY K 110 -20.33 1.39 5.30
CA GLY K 110 -20.52 1.78 3.90
C GLY K 110 -19.24 2.18 3.16
N ASP K 111 -18.22 2.63 3.91
CA ASP K 111 -16.92 2.98 3.34
C ASP K 111 -16.12 1.76 2.84
N THR K 112 -15.13 2.02 1.98
CA THR K 112 -14.13 1.03 1.59
C THR K 112 -12.78 1.52 2.08
N LEU K 113 -12.17 0.76 2.98
CA LEU K 113 -10.86 1.13 3.50
C LEU K 113 -9.77 0.51 2.64
N THR K 114 -9.16 1.35 1.80
CA THR K 114 -8.02 0.96 0.97
C THR K 114 -6.77 1.09 1.84
N MET K 115 -5.87 0.12 1.75
CA MET K 115 -4.66 0.14 2.56
C MET K 115 -3.40 -0.18 1.76
N GLN K 116 -2.31 0.53 2.06
CA GLN K 116 -1.01 0.26 1.44
C GLN K 116 0.14 0.23 2.44
N ALA K 117 0.89 -0.87 2.43
CA ALA K 117 2.07 -0.98 3.25
C ALA K 117 3.31 -1.09 2.38
N ASN K 118 4.41 -0.51 2.88
CA ASN K 118 5.72 -0.59 2.23
C ASN K 118 6.76 -1.09 3.22
N LEU K 119 7.64 -1.95 2.73
CA LEU K 119 8.68 -2.55 3.58
C LEU K 119 9.85 -1.58 3.79
N ILE K 120 10.38 -1.56 5.02
CA ILE K 120 11.53 -0.73 5.37
C ILE K 120 12.81 -1.58 5.48
N SER K 121 12.81 -2.57 6.38
CA SER K 121 13.96 -3.48 6.53
C SER K 121 13.54 -4.90 6.89
N PHE K 122 14.26 -5.87 6.31
CA PHE K 122 14.04 -7.30 6.56
C PHE K 122 15.30 -7.90 7.20
N LYS K 123 15.10 -8.57 8.33
CA LYS K 123 16.14 -9.31 9.01
C LYS K 123 15.69 -10.77 9.05
N SER K 124 16.44 -11.64 8.38
CA SER K 124 16.04 -13.04 8.23
C SER K 124 16.28 -13.91 9.46
N SER K 125 17.52 -13.88 9.99
CA SER K 125 17.95 -14.76 11.08
C SER K 125 17.41 -14.39 12.46
N LEU K 126 16.92 -13.16 12.62
CA LEU K 126 16.35 -12.68 13.89
C LEU K 126 14.81 -12.66 13.91
N GLY K 127 14.20 -12.62 12.72
CA GLY K 127 12.75 -12.44 12.60
C GLY K 127 12.33 -10.99 12.83
N ILE K 128 13.16 -10.05 12.36
CA ILE K 128 12.90 -8.62 12.47
C ILE K 128 12.42 -8.07 11.13
N ALA K 129 11.34 -7.27 11.15
CA ALA K 129 10.79 -6.68 9.92
C ALA K 129 9.94 -5.42 10.14
N LYS K 130 10.38 -4.32 9.52
CA LYS K 130 9.76 -3.00 9.71
C LYS K 130 9.00 -2.51 8.48
N LEU K 131 7.89 -1.79 8.73
CA LEU K 131 7.01 -1.34 7.65
C LEU K 131 6.31 -0.03 8.00
N SER K 132 5.92 0.70 6.95
CA SER K 132 5.03 1.85 7.06
C SER K 132 3.67 1.41 6.52
N GLY K 133 2.65 2.27 6.66
CA GLY K 133 1.31 1.90 6.23
C GLY K 133 0.31 3.04 6.24
N VAL K 134 -0.46 3.12 5.15
CA VAL K 134 -1.44 4.18 4.93
C VAL K 134 -2.79 3.57 4.53
N GLY K 135 -3.88 4.16 5.01
CA GLY K 135 -5.23 3.73 4.65
C GLY K 135 -6.16 4.85 4.20
N TYR K 136 -6.84 4.65 3.08
CA TYR K 136 -7.71 5.69 2.52
C TYR K 136 -9.20 5.30 2.50
N VAL K 137 -10.05 6.33 2.60
CA VAL K 137 -11.49 6.19 2.32
C VAL K 137 -11.91 7.22 1.24
N ASN K 138 -12.03 6.73 -0.01
CA ASN K 138 -12.29 7.60 -1.18
C ASN K 138 -11.13 8.54 -1.57
N GLY K 139 -9.89 8.06 -1.46
CA GLY K 139 -8.72 8.87 -1.82
C GLY K 139 -8.19 9.80 -0.74
N LYS K 140 -8.98 10.01 0.32
CA LYS K 140 -8.60 10.89 1.44
C LYS K 140 -7.93 10.06 2.53
N VAL K 141 -6.73 10.48 2.96
CA VAL K 141 -5.98 9.74 3.96
C VAL K 141 -6.68 9.79 5.32
N VAL K 142 -6.98 8.61 5.90
CA VAL K 142 -7.67 8.52 7.20
C VAL K 142 -6.76 8.01 8.34
N ILE K 143 -5.75 7.23 7.97
CA ILE K 143 -4.81 6.66 8.95
C ILE K 143 -3.37 6.61 8.42
N ASN K 144 -2.45 7.11 9.22
CA ASN K 144 -1.03 6.96 8.96
C ASN K 144 -0.29 6.16 10.03
N ILE K 145 0.66 5.35 9.58
CA ILE K 145 1.59 4.66 10.46
C ILE K 145 2.99 4.83 9.89
N SER K 146 3.86 5.44 10.69
CA SER K 146 5.27 5.60 10.32
C SER K 146 5.91 4.23 10.29
N GLU K 147 5.72 3.49 11.39
CA GLU K 147 6.35 2.18 11.57
C GLU K 147 5.41 1.15 12.21
N MET K 148 5.48 -0.06 11.67
CA MET K 148 4.98 -1.26 12.34
C MET K 148 6.17 -2.22 12.44
N THR K 149 6.37 -2.81 13.62
CA THR K 149 7.50 -3.73 13.80
C THR K 149 6.96 -5.10 14.22
N PHE K 150 7.46 -6.13 13.55
CA PHE K 150 6.96 -7.49 13.74
C PHE K 150 8.11 -8.45 14.08
N ALA K 151 7.75 -9.54 14.76
CA ALA K 151 8.68 -10.64 15.04
C ALA K 151 8.05 -11.96 14.60
N LEU K 152 8.80 -12.73 13.80
CA LEU K 152 8.38 -14.01 13.20
C LEU K 152 6.92 -14.42 13.50
N ASP L 8 -9.75 4.81 46.40
CA ASP L 8 -9.95 3.33 46.49
C ASP L 8 -11.43 2.91 46.55
N THR L 9 -12.35 3.82 46.19
CA THR L 9 -13.76 3.42 46.01
C THR L 9 -13.78 2.55 44.74
N SER L 10 -14.12 1.28 44.92
CA SER L 10 -13.92 0.26 43.88
C SER L 10 -14.97 0.27 42.75
N ILE L 11 -14.97 1.33 41.93
CA ILE L 11 -15.97 1.54 40.83
C ILE L 11 -16.13 0.33 39.89
N ASP L 12 -17.36 -0.19 39.82
CA ASP L 12 -17.66 -1.46 39.16
C ASP L 12 -18.08 -1.33 37.70
N ILE L 13 -18.47 -2.45 37.09
CA ILE L 13 -18.83 -2.53 35.66
C ILE L 13 -20.11 -1.77 35.28
N GLU L 14 -21.11 -1.79 36.16
CA GLU L 14 -22.38 -1.11 35.88
C GLU L 14 -22.20 0.40 35.80
N ASP L 15 -21.24 0.93 36.55
CA ASP L 15 -20.94 2.36 36.57
C ASP L 15 -19.96 2.73 35.48
N ILE L 16 -19.16 1.75 35.05
CA ILE L 16 -18.31 1.90 33.88
C ILE L 16 -19.17 2.11 32.62
N LYS L 17 -20.26 1.36 32.51
CA LYS L 17 -21.14 1.47 31.35
C LYS L 17 -21.84 2.81 31.37
N LYS L 18 -21.93 3.41 32.56
CA LYS L 18 -22.52 4.73 32.71
C LYS L 18 -21.58 5.89 32.37
N ILE L 19 -20.28 5.60 32.32
CA ILE L 19 -19.26 6.58 31.89
C ILE L 19 -18.81 6.34 30.44
N LEU L 20 -18.45 5.10 30.13
CA LEU L 20 -18.05 4.73 28.77
C LEU L 20 -19.26 4.32 27.94
N PRO L 21 -19.36 4.82 26.69
CA PRO L 21 -20.46 4.41 25.83
C PRO L 21 -20.19 3.06 25.15
N HIS L 22 -18.97 2.55 25.31
CA HIS L 22 -18.56 1.24 24.77
C HIS L 22 -19.46 0.08 25.23
N ARG L 23 -19.67 -0.89 24.35
CA ARG L 23 -20.50 -2.05 24.71
C ARG L 23 -19.90 -3.35 24.18
N TYR L 24 -20.53 -4.47 24.51
CA TYR L 24 -20.05 -5.76 24.03
C TYR L 24 -20.15 -5.72 22.50
N PRO L 25 -19.16 -6.29 21.78
CA PRO L 25 -17.99 -6.98 22.28
C PRO L 25 -16.76 -6.12 22.21
N PHE L 26 -16.88 -4.86 22.61
CA PHE L 26 -15.73 -3.97 22.58
C PHE L 26 -15.58 -3.08 23.81
N LEU L 27 -16.28 -3.45 24.88
CA LEU L 27 -15.92 -2.95 26.22
C LEU L 27 -14.81 -3.85 26.72
N LEU L 28 -13.72 -3.21 27.16
CA LEU L 28 -12.52 -3.92 27.59
C LEU L 28 -11.96 -3.34 28.90
N VAL L 29 -12.84 -2.87 29.77
CA VAL L 29 -12.45 -2.42 31.11
C VAL L 29 -13.45 -2.95 32.14
N ASP L 30 -13.07 -4.06 32.78
CA ASP L 30 -13.95 -4.80 33.70
C ASP L 30 -14.19 -4.01 34.98
N LYS L 31 -13.14 -3.37 35.50
CA LYS L 31 -13.19 -2.70 36.81
C LYS L 31 -12.08 -1.67 36.96
N VAL L 32 -12.41 -0.62 37.70
CA VAL L 32 -11.45 0.39 38.13
C VAL L 32 -11.22 0.20 39.63
N ILE L 33 -9.97 -0.09 39.99
CA ILE L 33 -9.61 -0.23 41.40
C ILE L 33 -9.20 1.10 42.04
N TYR L 34 -8.59 2.00 41.26
CA TYR L 34 -8.14 3.30 41.79
C TYR L 34 -8.06 4.40 40.72
N MET L 35 -8.56 5.60 41.06
CA MET L 35 -8.62 6.72 40.12
C MET L 35 -8.60 8.07 40.83
N GLN L 36 -7.62 8.90 40.45
CA GLN L 36 -7.49 10.25 41.01
C GLN L 36 -7.78 11.25 39.90
N PRO L 37 -8.72 12.19 40.14
CA PRO L 37 -9.10 13.15 39.09
C PRO L 37 -7.89 13.99 38.63
N ASN L 38 -7.69 14.08 37.31
CA ASN L 38 -6.60 14.88 36.72
C ASN L 38 -5.18 14.30 36.83
N LYS L 39 -5.07 13.11 37.41
CA LYS L 39 -3.74 12.50 37.58
C LYS L 39 -3.62 11.09 36.99
N THR L 40 -4.07 10.07 37.72
CA THR L 40 -3.88 8.69 37.27
C THR L 40 -5.11 7.78 37.44
N ILE L 41 -5.17 6.74 36.62
CA ILE L 41 -6.21 5.71 36.72
C ILE L 41 -5.61 4.31 36.63
N ILE L 42 -5.98 3.46 37.61
CA ILE L 42 -5.63 2.05 37.61
C ILE L 42 -6.90 1.21 37.48
N GLY L 43 -6.86 0.18 36.63
CA GLY L 43 -7.94 -0.80 36.50
C GLY L 43 -7.45 -2.13 35.94
N LEU L 44 -8.38 -3.05 35.67
CA LEU L 44 -7.98 -4.33 35.06
C LEU L 44 -8.98 -4.92 34.04
N LYS L 45 -8.50 -5.86 33.23
CA LYS L 45 -9.32 -6.57 32.25
C LYS L 45 -9.00 -8.06 32.21
N GLN L 46 -9.97 -8.87 32.61
CA GLN L 46 -9.78 -10.31 32.80
C GLN L 46 -9.77 -11.09 31.49
N VAL L 47 -8.62 -11.70 31.20
CA VAL L 47 -8.41 -12.35 29.93
C VAL L 47 -8.90 -13.80 29.99
N SER L 48 -10.14 -14.01 29.53
CA SER L 48 -10.74 -15.34 29.48
C SER L 48 -10.73 -15.96 28.09
N THR L 49 -10.71 -17.29 28.04
CA THR L 49 -10.87 -17.97 26.77
C THR L 49 -12.25 -17.71 26.18
N ASN L 50 -13.21 -17.44 27.06
CA ASN L 50 -14.58 -17.29 26.63
C ASN L 50 -14.86 -15.90 26.08
N GLU L 51 -13.92 -15.40 25.29
CA GLU L 51 -14.09 -14.10 24.66
C GLU L 51 -14.09 -14.33 23.15
N PRO L 52 -14.97 -13.58 22.43
CA PRO L 52 -15.19 -13.85 21.00
C PRO L 52 -13.91 -13.84 20.17
N PHE L 53 -13.00 -12.91 20.45
CA PHE L 53 -11.81 -12.71 19.62
C PHE L 53 -10.78 -13.84 19.66
N PHE L 54 -10.80 -14.66 20.71
CA PHE L 54 -9.79 -15.72 20.83
C PHE L 54 -9.87 -16.77 19.72
N ASN L 55 -11.08 -17.05 19.26
CA ASN L 55 -11.29 -17.99 18.18
C ASN L 55 -10.49 -17.66 16.92
N GLY L 56 -10.18 -16.35 16.77
CA GLY L 56 -9.53 -15.82 15.58
C GLY L 56 -8.10 -15.34 15.71
N HIS L 57 -7.55 -15.35 16.92
CA HIS L 57 -6.21 -14.79 17.13
C HIS L 57 -5.47 -15.51 18.26
N PHE L 58 -5.09 -16.76 18.05
CA PHE L 58 -5.25 -17.48 16.81
C PHE L 58 -5.77 -18.86 17.18
N PRO L 59 -6.46 -19.55 16.24
CA PRO L 59 -7.06 -20.84 16.58
C PRO L 59 -6.02 -21.81 17.12
N GLN L 60 -4.83 -21.82 16.50
CA GLN L 60 -3.76 -22.73 16.88
C GLN L 60 -3.01 -22.31 18.16
N LYS L 61 -3.21 -21.06 18.58
CA LYS L 61 -2.54 -20.55 19.78
C LYS L 61 -3.20 -19.27 20.27
N GLN L 62 -3.88 -19.34 21.42
CA GLN L 62 -4.69 -18.22 21.91
C GLN L 62 -3.85 -17.10 22.49
N ILE L 63 -3.86 -15.94 21.84
CA ILE L 63 -3.05 -14.81 22.26
C ILE L 63 -3.88 -13.54 22.13
N MET L 64 -4.05 -12.80 23.21
CA MET L 64 -4.85 -11.57 23.13
C MET L 64 -4.12 -10.54 22.25
N PRO L 65 -4.76 -10.15 21.12
CA PRO L 65 -4.20 -9.22 20.13
C PRO L 65 -3.68 -7.95 20.75
N GLY L 66 -2.47 -7.56 20.35
CA GLY L 66 -1.83 -6.37 20.87
C GLY L 66 -2.72 -5.14 20.83
N VAL L 67 -3.34 -4.93 19.66
CA VAL L 67 -4.20 -3.77 19.41
C VAL L 67 -5.32 -3.67 20.43
N LEU L 68 -5.78 -4.81 20.94
CA LEU L 68 -6.85 -4.83 21.93
C LEU L 68 -6.40 -4.37 23.31
N GLN L 69 -5.10 -4.54 23.60
CA GLN L 69 -4.50 -4.03 24.84
C GLN L 69 -4.48 -2.50 24.79
N ILE L 70 -4.11 -1.98 23.61
CA ILE L 70 -4.12 -0.54 23.34
C ILE L 70 -5.51 0.03 23.63
N GLU L 71 -6.53 -0.59 23.03
CA GLU L 71 -7.91 -0.17 23.23
C GLU L 71 -8.29 -0.17 24.70
N ALA L 72 -7.86 -1.20 25.43
CA ALA L 72 -8.18 -1.36 26.86
C ALA L 72 -7.61 -0.24 27.73
N LEU L 73 -6.29 -0.03 27.64
CA LEU L 73 -5.65 1.11 28.29
C LEU L 73 -6.26 2.43 27.84
N ALA L 74 -6.57 2.51 26.54
CA ALA L 74 -7.23 3.68 25.95
C ALA L 74 -8.60 3.93 26.57
N GLN L 75 -9.33 2.84 26.83
CA GLN L 75 -10.66 2.92 27.41
C GLN L 75 -10.59 3.41 28.84
N LEU L 76 -9.55 2.97 29.55
CA LEU L 76 -9.28 3.38 30.91
C LEU L 76 -8.96 4.88 30.92
N ALA L 77 -8.07 5.30 30.02
CA ALA L 77 -7.71 6.72 29.91
C ALA L 77 -8.97 7.55 29.69
N GLY L 78 -9.81 7.10 28.76
CA GLY L 78 -11.10 7.72 28.53
C GLY L 78 -11.87 8.01 29.81
N ILE L 79 -11.94 7.02 30.71
CA ILE L 79 -12.70 7.18 31.95
C ILE L 79 -12.10 8.29 32.82
N LEU L 80 -10.77 8.27 32.92
CA LEU L 80 -10.02 9.30 33.62
C LEU L 80 -10.39 10.69 33.08
N CYS L 81 -10.26 10.83 31.76
CA CYS L 81 -10.60 12.06 31.03
C CYS L 81 -12.04 12.55 31.26
N LEU L 82 -12.96 11.58 31.40
CA LEU L 82 -14.39 11.89 31.57
C LEU L 82 -14.80 12.20 33.02
N LYS L 83 -14.04 11.71 34.00
CA LYS L 83 -14.34 11.97 35.41
C LYS L 83 -13.53 13.14 35.98
N SER L 84 -12.46 13.51 35.27
CA SER L 84 -11.66 14.69 35.60
C SER L 84 -12.37 15.97 35.16
N ASP L 85 -13.15 15.87 34.08
CA ASP L 85 -13.75 17.05 33.45
C ASP L 85 -14.99 16.67 32.63
N ASP L 86 -16.17 16.79 33.24
CA ASP L 86 -17.42 16.52 32.50
C ASP L 86 -18.23 17.77 32.16
N SER L 87 -17.55 18.91 32.03
CA SER L 87 -18.17 20.11 31.51
C SER L 87 -18.56 19.87 30.04
N GLN L 88 -17.69 19.14 29.32
CA GLN L 88 -18.03 18.61 28.01
C GLN L 88 -18.85 17.33 28.19
N LYS L 89 -20.18 17.48 28.24
CA LYS L 89 -21.08 16.33 28.38
C LYS L 89 -21.12 15.52 27.07
N ASN L 90 -19.92 15.08 26.67
CA ASN L 90 -19.71 14.31 25.45
C ASN L 90 -18.87 13.08 25.81
N ASN L 91 -19.55 11.93 25.95
CA ASN L 91 -18.87 10.67 26.33
C ASN L 91 -18.28 9.87 25.14
N LEU L 92 -18.59 10.34 23.92
CA LEU L 92 -18.07 9.76 22.70
C LEU L 92 -16.64 10.27 22.40
N PHE L 93 -15.63 9.59 22.96
CA PHE L 93 -14.23 9.97 22.78
C PHE L 93 -13.50 9.17 21.68
N LEU L 94 -12.95 9.92 20.70
CA LEU L 94 -12.25 9.31 19.57
C LEU L 94 -10.74 9.31 19.68
N PHE L 95 -10.15 8.15 19.35
CA PHE L 95 -8.72 7.93 19.30
C PHE L 95 -8.11 8.76 18.17
N ALA L 96 -7.41 9.84 18.52
CA ALA L 96 -6.86 10.76 17.52
C ALA L 96 -5.47 10.34 17.07
N GLY L 97 -4.70 9.76 17.99
CA GLY L 97 -3.32 9.38 17.71
C GLY L 97 -2.75 8.59 18.86
N VAL L 98 -1.74 7.78 18.55
CA VAL L 98 -1.11 6.92 19.55
C VAL L 98 0.35 6.73 19.17
N ASP L 99 1.22 6.69 20.18
CA ASP L 99 2.66 6.68 19.93
C ASP L 99 3.47 5.93 20.97
N GLY L 100 4.57 5.32 20.51
CA GLY L 100 5.48 4.57 21.38
C GLY L 100 4.77 3.43 22.09
N VAL L 101 4.25 2.50 21.29
CA VAL L 101 3.61 1.28 21.81
C VAL L 101 4.59 0.13 21.77
N ARG L 102 4.66 -0.62 22.88
CA ARG L 102 5.60 -1.72 23.01
C ARG L 102 5.01 -2.97 23.65
N TRP L 103 5.07 -4.09 22.93
CA TRP L 103 4.55 -5.38 23.43
C TRP L 103 5.69 -6.32 23.84
N LYS L 104 5.95 -6.35 25.15
CA LYS L 104 7.10 -7.08 25.67
C LYS L 104 6.82 -8.59 25.74
N LYS L 105 5.64 -8.93 26.27
CA LYS L 105 5.29 -10.31 26.61
C LYS L 105 3.82 -10.59 26.22
N PRO L 106 3.56 -11.77 25.61
CA PRO L 106 2.21 -12.20 25.18
C PRO L 106 1.18 -12.15 26.31
N VAL L 107 -0.05 -11.77 26.00
CA VAL L 107 -1.12 -11.85 26.99
C VAL L 107 -2.05 -13.07 26.72
N LEU L 108 -2.00 -14.05 27.63
CA LEU L 108 -2.69 -15.32 27.44
C LEU L 108 -4.01 -15.42 28.23
N PRO L 109 -4.97 -16.26 27.76
CA PRO L 109 -6.15 -16.49 28.57
C PRO L 109 -5.74 -16.90 29.98
N GLY L 110 -6.46 -16.38 30.96
CA GLY L 110 -6.21 -16.73 32.37
C GLY L 110 -5.55 -15.61 33.15
N ASP L 111 -4.70 -14.84 32.47
CA ASP L 111 -3.97 -13.72 33.06
C ASP L 111 -4.92 -12.59 33.48
N THR L 112 -4.47 -11.79 34.45
CA THR L 112 -5.17 -10.56 34.81
C THR L 112 -4.34 -9.38 34.35
N LEU L 113 -4.86 -8.69 33.34
CA LEU L 113 -4.19 -7.51 32.79
C LEU L 113 -4.51 -6.29 33.65
N THR L 114 -3.55 -5.87 34.48
CA THR L 114 -3.74 -4.68 35.33
C THR L 114 -3.12 -3.47 34.63
N MET L 115 -3.87 -2.37 34.59
CA MET L 115 -3.51 -1.27 33.71
C MET L 115 -3.43 0.05 34.45
N GLN L 116 -2.56 0.93 33.98
CA GLN L 116 -2.42 2.26 34.56
C GLN L 116 -2.18 3.34 33.50
N ALA L 117 -3.10 4.29 33.44
CA ALA L 117 -2.97 5.43 32.54
C ALA L 117 -2.84 6.75 33.31
N ASN L 118 -1.84 7.55 32.92
CA ASN L 118 -1.50 8.81 33.58
C ASN L 118 -1.68 9.99 32.63
N LEU L 119 -2.43 10.99 33.08
CA LEU L 119 -2.72 12.17 32.28
C LEU L 119 -1.48 13.05 32.15
N ILE L 120 -1.16 13.40 30.91
CA ILE L 120 -0.03 14.30 30.63
C ILE L 120 -0.57 15.71 30.46
N SER L 121 -1.39 15.89 29.41
CA SER L 121 -2.04 17.18 29.20
C SER L 121 -3.54 17.05 28.94
N PHE L 122 -4.24 18.12 29.31
CA PHE L 122 -5.65 18.29 29.04
C PHE L 122 -5.85 19.76 28.69
N LYS L 123 -6.42 20.02 27.50
CA LYS L 123 -6.82 21.37 27.14
C LYS L 123 -8.34 21.51 27.23
N SER L 124 -8.77 22.66 27.75
CA SER L 124 -10.17 23.08 27.68
C SER L 124 -10.40 23.80 26.34
N SER L 125 -9.30 24.02 25.60
CA SER L 125 -9.31 24.68 24.29
C SER L 125 -9.78 23.74 23.17
N LEU L 126 -9.07 22.62 23.00
CA LEU L 126 -9.25 21.74 21.84
C LEU L 126 -10.14 20.53 22.11
N GLY L 127 -9.95 19.89 23.26
CA GLY L 127 -10.58 18.59 23.54
C GLY L 127 -9.53 17.48 23.47
N ILE L 128 -8.27 17.89 23.31
CA ILE L 128 -7.13 16.96 23.32
C ILE L 128 -6.74 16.58 24.74
N ALA L 129 -6.65 15.28 24.98
CA ALA L 129 -6.07 14.74 26.19
C ALA L 129 -4.97 13.77 25.77
N LYS L 130 -3.78 13.95 26.34
CA LYS L 130 -2.65 13.06 26.07
C LYS L 130 -2.30 12.29 27.33
N LEU L 131 -2.18 10.97 27.20
CA LEU L 131 -1.89 10.11 28.36
C LEU L 131 -0.82 9.09 28.05
N SER L 132 -0.23 8.53 29.10
CA SER L 132 0.71 7.42 29.00
C SER L 132 -0.02 6.18 29.48
N GLY L 133 0.47 5.00 29.07
CA GLY L 133 -0.20 3.74 29.40
C GLY L 133 0.79 2.63 29.72
N VAL L 134 0.46 1.87 30.78
CA VAL L 134 1.24 0.70 31.18
C VAL L 134 0.27 -0.41 31.57
N GLY L 135 0.68 -1.66 31.32
CA GLY L 135 -0.13 -2.81 31.69
C GLY L 135 0.76 -3.94 32.15
N TYR L 136 0.35 -4.59 33.25
CA TYR L 136 1.09 -5.70 33.84
C TYR L 136 0.26 -6.98 33.93
N VAL L 137 0.94 -8.09 33.66
CA VAL L 137 0.45 -9.42 34.04
C VAL L 137 1.43 -9.96 35.09
N ASN L 138 0.88 -10.22 36.30
CA ASN L 138 1.69 -10.63 37.46
C ASN L 138 2.87 -9.70 37.78
N GLY L 139 2.65 -8.39 37.65
CA GLY L 139 3.68 -7.40 37.99
C GLY L 139 4.74 -7.15 36.92
N LYS L 140 4.86 -8.10 35.98
CA LYS L 140 5.70 -7.94 34.78
C LYS L 140 4.98 -7.13 33.70
N VAL L 141 5.56 -5.98 33.33
CA VAL L 141 5.01 -5.13 32.25
C VAL L 141 4.96 -5.90 30.91
N VAL L 142 3.77 -5.90 30.29
CA VAL L 142 3.57 -6.60 29.02
C VAL L 142 3.35 -5.61 27.87
N ILE L 143 2.73 -4.47 28.19
CA ILE L 143 2.51 -3.41 27.22
C ILE L 143 2.95 -2.03 27.77
N ASN L 144 3.71 -1.29 26.95
CA ASN L 144 4.06 0.11 27.20
C ASN L 144 3.45 1.02 26.15
N ILE L 145 2.86 2.13 26.61
CA ILE L 145 2.36 3.19 25.72
C ILE L 145 2.86 4.55 26.22
N SER L 146 3.73 5.18 25.41
CA SER L 146 4.22 6.53 25.70
C SER L 146 3.10 7.55 25.64
N GLU L 147 2.38 7.59 24.51
CA GLU L 147 1.35 8.60 24.31
C GLU L 147 0.08 8.12 23.60
N MET L 148 -1.06 8.36 24.26
CA MET L 148 -2.38 8.23 23.66
C MET L 148 -2.96 9.63 23.55
N THR L 149 -3.46 9.96 22.37
CA THR L 149 -4.05 11.27 22.12
C THR L 149 -5.52 11.11 21.72
N PHE L 150 -6.37 11.89 22.38
CA PHE L 150 -7.82 11.70 22.27
C PHE L 150 -8.57 12.95 21.87
N ALA L 151 -9.71 12.76 21.21
CA ALA L 151 -10.52 13.88 20.74
C ALA L 151 -12.02 13.61 20.86
N LEU L 152 -12.72 14.55 21.49
CA LEU L 152 -14.18 14.54 21.55
C LEU L 152 -14.74 15.26 20.32
N SER L 153 -15.61 14.58 19.56
CA SER L 153 -16.23 15.13 18.35
C SER L 153 -17.28 16.21 18.68
N ASP M 8 32.10 -57.94 43.93
CA ASP M 8 32.14 -57.41 42.57
C ASP M 8 30.93 -57.88 41.79
N THR M 9 31.15 -58.86 40.93
CA THR M 9 30.10 -59.44 40.11
C THR M 9 29.45 -58.47 39.13
N SER M 10 29.92 -57.23 39.09
CA SER M 10 29.42 -56.27 38.11
C SER M 10 30.41 -56.28 36.97
N ILE M 11 29.98 -55.85 35.79
CA ILE M 11 30.85 -55.95 34.60
C ILE M 11 30.66 -54.81 33.57
N ASP M 12 31.78 -54.20 33.19
CA ASP M 12 31.72 -52.99 32.36
C ASP M 12 31.74 -53.26 30.84
N ILE M 13 31.63 -52.19 30.06
CA ILE M 13 31.47 -52.28 28.60
C ILE M 13 32.53 -53.11 27.85
N GLU M 14 33.79 -53.02 28.27
CA GLU M 14 34.88 -53.69 27.54
C GLU M 14 34.86 -55.19 27.78
N ASP M 15 34.19 -55.62 28.86
CA ASP M 15 34.03 -57.04 29.12
C ASP M 15 32.80 -57.57 28.41
N ILE M 16 31.75 -56.74 28.39
CA ILE M 16 30.51 -57.05 27.68
C ILE M 16 30.77 -57.36 26.20
N LYS M 17 31.61 -56.55 25.57
CA LYS M 17 32.00 -56.77 24.19
C LYS M 17 32.81 -58.07 24.03
N LYS M 18 33.39 -58.55 25.12
CA LYS M 18 34.12 -59.81 25.06
C LYS M 18 33.17 -61.02 25.14
N ILE M 19 32.04 -60.81 25.81
CA ILE M 19 30.98 -61.81 25.93
C ILE M 19 30.13 -61.86 24.65
N LEU M 20 29.48 -60.74 24.32
CA LEU M 20 28.62 -60.65 23.11
C LEU M 20 29.43 -60.32 21.86
N PRO M 21 28.94 -60.73 20.68
CA PRO M 21 29.59 -60.27 19.44
C PRO M 21 28.99 -58.94 18.94
N HIS M 22 27.98 -58.45 19.66
CA HIS M 22 27.19 -57.28 19.26
C HIS M 22 28.02 -56.00 19.29
N ARG M 23 27.89 -55.18 18.25
CA ARG M 23 28.60 -53.89 18.18
C ARG M 23 27.65 -52.76 17.85
N TYR M 24 28.20 -51.56 17.70
CA TYR M 24 27.47 -50.40 17.22
C TYR M 24 26.92 -50.75 15.86
N PRO M 25 25.69 -50.32 15.55
CA PRO M 25 24.81 -49.54 16.40
C PRO M 25 23.76 -50.46 16.98
N PHE M 26 24.17 -51.71 17.21
CA PHE M 26 23.24 -52.69 17.73
C PHE M 26 23.55 -53.31 19.08
N LEU M 27 24.57 -52.78 19.75
CA LEU M 27 24.85 -53.10 21.16
C LEU M 27 23.96 -52.22 22.04
N LEU M 28 23.26 -52.85 22.99
CA LEU M 28 22.26 -52.14 23.81
C LEU M 28 22.28 -52.56 25.29
N VAL M 29 23.48 -52.88 25.80
CA VAL M 29 23.69 -53.19 27.20
C VAL M 29 24.94 -52.42 27.57
N ASP M 30 24.77 -51.33 28.31
CA ASP M 30 25.88 -50.43 28.62
C ASP M 30 26.71 -50.97 29.79
N LYS M 31 26.05 -51.73 30.67
CA LYS M 31 26.71 -52.22 31.88
C LYS M 31 25.89 -53.30 32.57
N VAL M 32 26.59 -54.33 33.05
CA VAL M 32 26.04 -55.35 33.92
C VAL M 32 26.31 -54.88 35.36
N ILE M 33 25.25 -54.80 36.17
CA ILE M 33 25.44 -54.48 37.60
C ILE M 33 25.46 -55.71 38.51
N TYR M 34 24.75 -56.78 38.11
CA TYR M 34 24.69 -58.02 38.89
C TYR M 34 24.51 -59.22 37.99
N MET M 35 25.15 -60.33 38.37
CA MET M 35 25.00 -61.60 37.67
C MET M 35 25.20 -62.80 38.59
N GLN M 36 24.20 -63.67 38.64
CA GLN M 36 24.31 -64.97 39.27
C GLN M 36 24.10 -66.02 38.19
N PRO M 37 25.11 -66.93 38.01
CA PRO M 37 25.08 -67.95 36.95
C PRO M 37 23.79 -68.77 36.99
N ASN M 38 23.29 -69.13 35.80
CA ASN M 38 22.14 -70.05 35.63
C ASN M 38 20.85 -69.64 36.35
N LYS M 39 20.79 -68.41 36.86
CA LYS M 39 19.57 -67.94 37.51
C LYS M 39 19.14 -66.56 37.02
N THR M 40 19.86 -65.51 37.40
CA THR M 40 19.45 -64.16 37.06
C THR M 40 20.61 -63.22 36.72
N ILE M 41 20.25 -62.16 35.99
CA ILE M 41 21.18 -61.07 35.65
C ILE M 41 20.40 -59.76 35.66
N ILE M 42 21.06 -58.70 36.14
CA ILE M 42 20.53 -57.34 36.11
C ILE M 42 21.56 -56.40 35.45
N GLY M 43 21.13 -55.68 34.41
CA GLY M 43 22.01 -54.72 33.76
C GLY M 43 21.24 -53.49 33.35
N LEU M 44 21.95 -52.50 32.80
CA LEU M 44 21.27 -51.28 32.38
C LEU M 44 21.68 -50.75 31.03
N LYS M 45 20.73 -50.06 30.40
CA LYS M 45 20.95 -49.38 29.14
C LYS M 45 20.56 -47.92 29.33
N GLN M 46 21.55 -47.03 29.16
CA GLN M 46 21.35 -45.59 29.29
C GLN M 46 20.79 -45.06 27.98
N VAL M 47 19.66 -44.36 28.05
CA VAL M 47 19.04 -43.83 26.82
C VAL M 47 19.26 -42.32 26.67
N SER M 48 20.00 -41.97 25.62
CA SER M 48 20.43 -40.60 25.35
C SER M 48 19.82 -40.08 24.05
N THR M 49 19.66 -38.77 23.92
CA THR M 49 19.23 -38.22 22.63
C THR M 49 20.23 -38.57 21.52
N ASN M 50 21.45 -38.93 21.93
CA ASN M 50 22.58 -39.09 21.04
C ASN M 50 22.77 -40.52 20.53
N GLU M 51 21.67 -41.15 20.15
CA GLU M 51 21.71 -42.51 19.61
C GLU M 51 21.00 -42.49 18.26
N PRO M 52 21.70 -43.02 17.23
CA PRO M 52 21.32 -42.82 15.85
C PRO M 52 19.84 -43.09 15.57
N PHE M 53 19.21 -44.01 16.31
CA PHE M 53 17.82 -44.37 16.04
C PHE M 53 16.77 -43.29 16.31
N PHE M 54 17.06 -42.38 17.26
CA PHE M 54 16.08 -41.36 17.68
C PHE M 54 15.69 -40.37 16.60
N ASN M 55 16.58 -40.21 15.62
CA ASN M 55 16.28 -39.45 14.41
C ASN M 55 15.12 -40.05 13.64
N GLY M 56 14.98 -41.37 13.75
CA GLY M 56 13.97 -42.09 12.98
C GLY M 56 12.65 -42.26 13.71
N HIS M 57 12.69 -42.26 15.04
CA HIS M 57 11.58 -42.76 15.83
C HIS M 57 11.40 -41.89 17.09
N PHE M 58 10.80 -40.71 16.97
CA PHE M 58 10.31 -40.11 15.73
C PHE M 58 10.83 -38.68 15.64
N PRO M 59 10.85 -38.10 14.42
CA PRO M 59 11.22 -36.69 14.25
C PRO M 59 10.67 -35.79 15.36
N GLN M 60 9.34 -35.67 15.45
CA GLN M 60 8.68 -34.74 16.40
C GLN M 60 8.58 -35.25 17.84
N LYS M 61 9.22 -36.38 18.13
CA LYS M 61 9.08 -37.00 19.45
C LYS M 61 10.04 -38.18 19.49
N GLN M 62 10.93 -38.18 20.47
CA GLN M 62 11.97 -39.22 20.55
C GLN M 62 11.53 -40.29 21.55
N ILE M 63 11.19 -41.47 21.03
CA ILE M 63 10.73 -42.61 21.83
C ILE M 63 11.51 -43.87 21.50
N MET M 64 12.12 -44.49 22.50
CA MET M 64 12.88 -45.72 22.27
C MET M 64 12.00 -46.87 21.74
N PRO M 65 12.25 -47.29 20.49
CA PRO M 65 11.45 -48.30 19.81
C PRO M 65 11.27 -49.54 20.69
N GLY M 66 10.01 -49.90 20.91
CA GLY M 66 9.65 -51.09 21.68
C GLY M 66 10.51 -52.31 21.34
N VAL M 67 10.73 -52.53 20.04
CA VAL M 67 11.54 -53.66 19.59
C VAL M 67 12.98 -53.61 20.15
N LEU M 68 13.54 -52.41 20.25
CA LEU M 68 14.91 -52.24 20.76
C LEU M 68 15.05 -52.44 22.28
N GLN M 69 13.96 -52.22 23.02
CA GLN M 69 13.84 -52.63 24.43
C GLN M 69 13.86 -54.15 24.60
N ILE M 70 13.11 -54.87 23.76
CA ILE M 70 13.21 -56.33 23.71
C ILE M 70 14.67 -56.69 23.51
N GLU M 71 15.22 -56.28 22.35
CA GLU M 71 16.59 -56.61 21.97
C GLU M 71 17.58 -56.30 23.10
N ALA M 72 17.38 -55.17 23.76
CA ALA M 72 18.16 -54.85 24.95
C ALA M 72 18.11 -56.03 25.93
N LEU M 73 16.89 -56.44 26.29
CA LEU M 73 16.67 -57.50 27.29
C LEU M 73 17.18 -58.86 26.82
N ALA M 74 16.96 -59.13 25.53
CA ALA M 74 17.48 -60.30 24.85
C ALA M 74 18.98 -60.41 24.98
N GLN M 75 19.68 -59.30 24.68
CA GLN M 75 21.14 -59.27 24.73
C GLN M 75 21.64 -59.61 26.15
N LEU M 76 20.97 -59.05 27.16
CA LEU M 76 21.32 -59.27 28.55
C LEU M 76 21.11 -60.74 28.89
N ALA M 77 19.98 -61.28 28.41
CA ALA M 77 19.67 -62.70 28.58
C ALA M 77 20.79 -63.54 27.98
N GLY M 78 21.20 -63.17 26.77
CA GLY M 78 22.29 -63.84 26.06
C GLY M 78 23.63 -63.83 26.79
N ILE M 79 23.86 -62.78 27.58
CA ILE M 79 25.08 -62.69 28.39
C ILE M 79 25.01 -63.66 29.56
N LEU M 80 23.79 -63.87 30.07
CA LEU M 80 23.58 -64.81 31.16
C LEU M 80 23.85 -66.23 30.69
N CYS M 81 23.24 -66.62 29.56
CA CYS M 81 23.41 -67.96 28.99
C CYS M 81 24.87 -68.27 28.68
N LEU M 82 25.57 -67.27 28.16
CA LEU M 82 26.95 -67.44 27.70
C LEU M 82 27.91 -67.75 28.85
N LYS M 83 27.73 -67.08 29.99
CA LYS M 83 28.56 -67.29 31.18
C LYS M 83 28.01 -68.41 32.07
N SER M 84 26.76 -68.83 31.81
CA SER M 84 26.13 -69.94 32.53
C SER M 84 26.66 -71.30 32.06
N ASP M 85 26.97 -71.39 30.75
CA ASP M 85 27.51 -72.60 30.15
C ASP M 85 28.34 -72.26 28.90
N ASP M 86 29.66 -72.12 29.06
CA ASP M 86 30.55 -71.97 27.90
C ASP M 86 31.37 -73.22 27.63
N SER M 87 30.67 -74.26 27.17
CA SER M 87 31.30 -75.45 26.61
C SER M 87 30.97 -75.49 25.10
N GLN M 88 29.83 -74.88 24.76
CA GLN M 88 29.51 -74.47 23.39
C GLN M 88 30.16 -73.12 23.12
N LYS M 89 31.40 -73.17 22.60
CA LYS M 89 32.19 -71.96 22.36
C LYS M 89 31.69 -71.21 21.12
N ASN M 90 30.42 -70.82 21.20
CA ASN M 90 29.75 -70.04 20.17
C ASN M 90 28.97 -68.92 20.86
N ASN M 91 29.36 -67.66 20.60
CA ASN M 91 28.71 -66.49 21.20
C ASN M 91 27.58 -65.89 20.35
N LEU M 92 27.50 -66.36 19.10
CA LEU M 92 26.46 -65.94 18.17
C LEU M 92 25.14 -66.66 18.46
N PHE M 93 24.41 -66.10 19.43
CA PHE M 93 23.10 -66.60 19.81
C PHE M 93 22.02 -65.93 18.96
N LEU M 94 21.00 -66.71 18.60
CA LEU M 94 19.88 -66.17 17.82
C LEU M 94 18.54 -66.21 18.56
N PHE M 95 17.75 -65.17 18.32
CA PHE M 95 16.42 -65.03 18.90
C PHE M 95 15.50 -65.98 18.15
N ALA M 96 15.10 -67.07 18.79
CA ALA M 96 14.29 -68.11 18.14
C ALA M 96 12.81 -67.81 18.27
N GLY M 97 12.43 -67.21 19.40
CA GLY M 97 11.04 -66.82 19.61
C GLY M 97 10.90 -65.89 20.80
N VAL M 98 9.98 -64.93 20.70
CA VAL M 98 9.68 -64.06 21.84
C VAL M 98 8.17 -64.03 22.06
N ASP M 99 7.77 -64.12 23.33
CA ASP M 99 6.38 -64.39 23.68
C ASP M 99 5.95 -63.62 24.91
N GLY M 100 4.76 -63.04 24.83
CA GLY M 100 4.18 -62.26 25.92
C GLY M 100 4.98 -61.02 26.20
N VAL M 101 4.96 -60.09 25.23
CA VAL M 101 5.55 -58.76 25.41
C VAL M 101 4.49 -57.68 25.63
N ARG M 102 4.71 -56.84 26.65
CA ARG M 102 3.85 -55.69 26.93
C ARG M 102 4.66 -54.45 27.31
N TRP M 103 4.44 -53.37 26.57
CA TRP M 103 5.06 -52.07 26.87
C TRP M 103 4.09 -51.20 27.68
N LYS M 104 4.49 -50.92 28.91
CA LYS M 104 3.64 -50.18 29.86
C LYS M 104 3.73 -48.67 29.63
N LYS M 105 4.96 -48.18 29.58
CA LYS M 105 5.26 -46.76 29.58
C LYS M 105 6.30 -46.49 28.49
N PRO M 106 6.24 -45.31 27.84
CA PRO M 106 7.27 -44.93 26.86
C PRO M 106 8.62 -44.71 27.54
N VAL M 107 9.67 -45.25 26.94
CA VAL M 107 11.03 -45.01 27.42
C VAL M 107 11.62 -43.82 26.64
N LEU M 108 12.13 -42.81 27.37
CA LEU M 108 12.53 -41.53 26.77
C LEU M 108 14.05 -41.24 26.84
N PRO M 109 14.55 -40.33 25.98
CA PRO M 109 15.91 -39.80 26.19
C PRO M 109 16.03 -39.20 27.57
N GLY M 110 17.05 -39.63 28.30
CA GLY M 110 17.22 -39.20 29.68
C GLY M 110 17.10 -40.37 30.64
N ASP M 111 16.21 -41.31 30.30
CA ASP M 111 15.94 -42.47 31.15
C ASP M 111 17.08 -43.48 31.29
N THR M 112 17.04 -44.21 32.41
CA THR M 112 17.92 -45.32 32.64
C THR M 112 17.07 -46.58 32.68
N LEU M 113 17.17 -47.37 31.62
CA LEU M 113 16.41 -48.60 31.50
C LEU M 113 17.10 -49.74 32.25
N THR M 114 16.72 -49.90 33.52
CA THR M 114 17.24 -51.02 34.31
C THR M 114 16.48 -52.30 33.96
N MET M 115 17.23 -53.32 33.51
CA MET M 115 16.63 -54.55 33.01
C MET M 115 17.05 -55.73 33.88
N GLN M 116 16.16 -56.69 34.01
CA GLN M 116 16.50 -57.94 34.67
C GLN M 116 15.99 -59.15 33.89
N ALA M 117 16.92 -60.05 33.55
CA ALA M 117 16.58 -61.29 32.85
C ALA M 117 16.77 -62.51 33.75
N ASN M 118 15.85 -63.47 33.63
CA ASN M 118 15.83 -64.69 34.45
C ASN M 118 15.65 -65.97 33.62
N LEU M 119 16.64 -66.85 33.69
CA LEU M 119 16.62 -68.13 32.97
C LEU M 119 15.53 -69.06 33.49
N ILE M 120 14.81 -69.69 32.56
CA ILE M 120 13.70 -70.59 32.88
C ILE M 120 14.12 -72.07 32.77
N SER M 121 14.76 -72.40 31.64
CA SER M 121 15.18 -73.76 31.34
C SER M 121 16.32 -73.74 30.35
N PHE M 122 17.38 -74.49 30.64
CA PHE M 122 18.48 -74.63 29.69
C PHE M 122 18.61 -76.09 29.22
N LYS M 123 18.33 -76.31 27.93
CA LYS M 123 18.66 -77.59 27.28
C LYS M 123 19.93 -77.40 26.43
N SER M 124 21.09 -77.55 27.10
CA SER M 124 22.42 -77.52 26.47
C SER M 124 22.53 -78.46 25.25
N SER M 125 21.99 -79.67 25.42
CA SER M 125 21.98 -80.74 24.40
C SER M 125 21.69 -80.33 22.93
N LEU M 126 21.03 -79.19 22.74
CA LEU M 126 20.57 -78.77 21.41
C LEU M 126 20.56 -77.23 21.18
N GLY M 127 20.95 -76.48 22.23
CA GLY M 127 21.12 -75.02 22.18
C GLY M 127 19.87 -74.20 22.46
N ILE M 128 18.93 -74.77 23.22
CA ILE M 128 17.65 -74.09 23.49
C ILE M 128 17.55 -73.57 24.94
N ALA M 129 17.36 -72.26 25.06
CA ALA M 129 17.26 -71.59 26.36
C ALA M 129 16.06 -70.66 26.38
N LYS M 130 15.30 -70.72 27.48
CA LYS M 130 14.15 -69.83 27.68
C LYS M 130 14.35 -68.94 28.90
N LEU M 131 14.03 -67.65 28.75
CA LEU M 131 14.25 -66.64 29.79
C LEU M 131 13.12 -65.63 29.81
N SER M 132 12.81 -65.13 31.01
CA SER M 132 11.83 -64.04 31.17
C SER M 132 12.57 -62.71 31.36
N GLY M 133 11.87 -61.59 31.18
CA GLY M 133 12.51 -60.29 31.31
C GLY M 133 11.60 -59.16 31.79
N VAL M 134 12.17 -58.30 32.63
CA VAL M 134 11.50 -57.08 33.10
C VAL M 134 12.43 -55.86 32.95
N GLY M 135 11.88 -54.76 32.46
CA GLY M 135 12.62 -53.50 32.31
C GLY M 135 12.07 -52.33 33.13
N TYR M 136 12.96 -51.65 33.84
CA TYR M 136 12.57 -50.60 34.78
C TYR M 136 13.04 -49.20 34.42
N VAL M 137 12.16 -48.23 34.64
CA VAL M 137 12.52 -46.80 34.55
C VAL M 137 12.03 -46.10 35.82
N ASN M 138 12.97 -45.82 36.72
CA ASN M 138 12.66 -45.15 38.00
C ASN M 138 11.80 -46.01 38.93
N GLY M 139 12.24 -47.24 39.14
CA GLY M 139 11.49 -48.21 39.94
C GLY M 139 10.18 -48.67 39.32
N LYS M 140 9.78 -48.06 38.21
CA LYS M 140 8.57 -48.48 37.51
C LYS M 140 8.90 -49.53 36.45
N VAL M 141 7.94 -50.42 36.18
CA VAL M 141 8.04 -51.37 35.07
C VAL M 141 7.65 -50.66 33.78
N VAL M 142 8.53 -50.71 32.77
CA VAL M 142 8.19 -50.20 31.45
C VAL M 142 7.93 -51.33 30.46
N ILE M 143 8.63 -52.45 30.61
CA ILE M 143 8.46 -53.59 29.71
C ILE M 143 8.43 -54.92 30.46
N ASN M 144 7.54 -55.80 30.02
CA ASN M 144 7.50 -57.19 30.47
C ASN M 144 7.63 -58.15 29.30
N ILE M 145 8.45 -59.19 29.47
CA ILE M 145 8.55 -60.28 28.50
C ILE M 145 8.39 -61.63 29.19
N SER M 146 7.32 -62.35 28.84
CA SER M 146 7.03 -63.68 29.40
C SER M 146 8.05 -64.75 28.99
N GLU M 147 8.39 -64.81 27.71
CA GLU M 147 9.29 -65.85 27.26
C GLU M 147 10.16 -65.42 26.08
N MET M 148 11.48 -65.39 26.31
CA MET M 148 12.46 -65.24 25.23
C MET M 148 13.13 -66.58 25.03
N THR M 149 13.00 -67.13 23.83
CA THR M 149 13.66 -68.39 23.51
C THR M 149 14.92 -68.07 22.71
N PHE M 150 15.97 -68.87 22.91
CA PHE M 150 17.20 -68.69 22.12
C PHE M 150 17.78 -70.01 21.57
N ALA M 151 18.39 -69.92 20.39
CA ALA M 151 18.94 -71.08 19.66
C ALA M 151 20.49 -71.14 19.67
N LEU M 152 21.00 -72.39 19.78
CA LEU M 152 22.47 -72.65 19.76
C LEU M 152 23.21 -71.91 20.90
N THR N 9 -4.14 -50.78 -2.25
CA THR N 9 -3.66 -50.13 -3.51
C THR N 9 -2.12 -50.07 -3.59
N SER N 10 -1.58 -49.74 -4.76
CA SER N 10 -0.15 -49.93 -5.05
C SER N 10 0.72 -48.67 -4.88
N ILE N 11 1.61 -48.71 -3.88
CA ILE N 11 2.24 -47.51 -3.31
C ILE N 11 3.78 -47.46 -3.38
N ASP N 12 4.34 -46.25 -3.34
CA ASP N 12 5.79 -46.03 -3.34
C ASP N 12 6.29 -45.47 -2.00
N ILE N 13 7.58 -45.20 -1.89
CA ILE N 13 8.20 -44.74 -0.63
C ILE N 13 7.83 -43.30 -0.22
N GLU N 14 7.58 -42.44 -1.21
CA GLU N 14 7.29 -41.03 -0.93
C GLU N 14 5.89 -40.87 -0.33
N ASP N 15 5.01 -41.85 -0.58
CA ASP N 15 3.68 -41.84 0.01
C ASP N 15 3.71 -42.48 1.40
N ILE N 16 4.57 -43.49 1.56
CA ILE N 16 4.72 -44.22 2.82
C ILE N 16 5.22 -43.28 3.91
N LYS N 17 6.14 -42.39 3.54
CA LYS N 17 6.63 -41.36 4.45
C LYS N 17 5.53 -40.37 4.84
N LYS N 18 4.57 -40.16 3.94
CA LYS N 18 3.43 -39.29 4.24
C LYS N 18 2.47 -39.93 5.25
N ILE N 19 2.23 -41.24 5.07
CA ILE N 19 1.38 -42.04 5.98
C ILE N 19 2.02 -42.23 7.35
N LEU N 20 3.27 -42.72 7.36
CA LEU N 20 4.02 -42.94 8.59
C LEU N 20 4.88 -41.73 8.98
N PRO N 21 5.16 -41.56 10.28
CA PRO N 21 6.07 -40.51 10.73
C PRO N 21 7.51 -41.01 10.92
N HIS N 22 7.77 -42.25 10.53
CA HIS N 22 9.08 -42.87 10.72
C HIS N 22 10.03 -42.38 9.64
N ARG N 23 11.32 -42.32 9.96
CA ARG N 23 12.35 -41.97 8.99
C ARG N 23 13.60 -42.82 9.20
N TYR N 24 14.65 -42.51 8.44
CA TYR N 24 15.96 -43.12 8.63
C TYR N 24 16.51 -42.76 10.03
N PRO N 25 17.20 -43.73 10.69
CA PRO N 25 17.47 -45.10 10.25
C PRO N 25 16.41 -46.11 10.70
N PHE N 26 15.15 -45.69 10.78
CA PHE N 26 14.13 -46.57 11.34
C PHE N 26 12.86 -46.69 10.49
N LEU N 27 12.98 -46.43 9.20
CA LEU N 27 11.92 -46.69 8.26
C LEU N 27 12.20 -48.04 7.61
N LEU N 28 11.25 -48.96 7.74
CA LEU N 28 11.49 -50.36 7.38
C LEU N 28 10.42 -50.96 6.48
N VAL N 29 9.73 -50.08 5.75
CA VAL N 29 8.83 -50.48 4.68
C VAL N 29 9.28 -49.73 3.46
N ASP N 30 9.86 -50.44 2.50
CA ASP N 30 10.38 -49.79 1.29
C ASP N 30 9.25 -49.47 0.29
N LYS N 31 8.17 -50.26 0.32
CA LYS N 31 7.14 -50.26 -0.72
C LYS N 31 5.92 -51.11 -0.33
N VAL N 32 4.72 -50.58 -0.59
CA VAL N 32 3.47 -51.33 -0.38
C VAL N 32 2.96 -51.84 -1.73
N ILE N 33 2.83 -53.16 -1.87
CA ILE N 33 2.39 -53.73 -3.15
C ILE N 33 0.88 -53.99 -3.24
N TYR N 34 0.26 -54.37 -2.11
CA TYR N 34 -1.19 -54.55 -2.04
C TYR N 34 -1.78 -54.13 -0.70
N MET N 35 -2.90 -53.40 -0.74
CA MET N 35 -3.64 -53.03 0.46
C MET N 35 -5.13 -52.92 0.22
N GLN N 36 -5.88 -53.77 0.94
CA GLN N 36 -7.34 -53.74 0.94
C GLN N 36 -7.79 -53.32 2.33
N PRO N 37 -8.43 -52.13 2.44
CA PRO N 37 -8.71 -51.46 3.71
C PRO N 37 -9.41 -52.37 4.70
N ASN N 38 -9.20 -52.10 5.99
CA ASN N 38 -9.83 -52.86 7.09
C ASN N 38 -9.65 -54.39 7.02
N LYS N 39 -8.69 -54.87 6.20
CA LYS N 39 -8.50 -56.32 6.04
C LYS N 39 -7.05 -56.77 6.00
N THR N 40 -6.39 -56.57 4.87
CA THR N 40 -5.02 -57.08 4.69
C THR N 40 -4.13 -56.14 3.89
N ILE N 41 -2.83 -56.21 4.16
CA ILE N 41 -1.85 -55.39 3.46
C ILE N 41 -0.59 -56.22 3.23
N ILE N 42 -0.03 -56.09 2.02
CA ILE N 42 1.21 -56.77 1.67
C ILE N 42 2.22 -55.73 1.17
N GLY N 43 3.40 -55.72 1.81
CA GLY N 43 4.48 -54.83 1.39
C GLY N 43 5.81 -55.54 1.49
N LEU N 44 6.86 -54.89 1.02
CA LEU N 44 8.18 -55.51 1.06
C LEU N 44 9.29 -54.61 1.63
N LYS N 45 10.31 -55.26 2.20
CA LYS N 45 11.49 -54.57 2.66
C LYS N 45 12.70 -55.23 2.01
N GLN N 46 13.43 -54.44 1.22
CA GLN N 46 14.68 -54.90 0.60
C GLN N 46 15.83 -54.85 1.58
N VAL N 47 16.58 -55.94 1.69
CA VAL N 47 17.68 -56.02 2.64
C VAL N 47 19.03 -55.88 1.95
N SER N 48 19.76 -54.84 2.35
CA SER N 48 21.05 -54.50 1.76
C SER N 48 22.15 -54.41 2.82
N THR N 49 23.31 -54.98 2.48
CA THR N 49 24.54 -54.85 3.28
C THR N 49 24.93 -53.38 3.54
N ASN N 50 24.38 -52.48 2.71
CA ASN N 50 24.54 -51.07 2.94
C ASN N 50 23.51 -50.49 3.92
N GLU N 51 23.20 -51.26 4.97
CA GLU N 51 22.30 -50.77 6.03
C GLU N 51 23.06 -50.63 7.36
N PRO N 52 22.82 -49.51 8.10
CA PRO N 52 23.63 -49.16 9.26
C PRO N 52 23.70 -50.22 10.34
N PHE N 53 22.64 -50.98 10.54
CA PHE N 53 22.60 -51.97 11.61
C PHE N 53 23.53 -53.19 11.41
N PHE N 54 23.70 -53.62 10.17
CA PHE N 54 24.53 -54.78 9.87
C PHE N 54 25.97 -54.65 10.36
N ASN N 55 26.44 -53.42 10.53
CA ASN N 55 27.76 -53.17 11.11
C ASN N 55 27.83 -53.73 12.52
N GLY N 56 26.68 -53.74 13.17
CA GLY N 56 26.57 -54.06 14.58
C GLY N 56 26.01 -55.43 14.86
N HIS N 57 25.40 -56.03 13.84
CA HIS N 57 24.73 -57.33 13.98
C HIS N 57 24.91 -58.10 12.68
N PHE N 58 26.04 -58.78 12.50
CA PHE N 58 27.21 -58.77 13.38
C PHE N 58 28.44 -58.53 12.50
N PRO N 59 29.51 -57.93 13.04
CA PRO N 59 30.68 -57.73 12.19
C PRO N 59 31.01 -58.94 11.29
N GLN N 60 31.21 -60.12 11.89
CA GLN N 60 31.70 -61.31 11.17
C GLN N 60 30.65 -62.05 10.35
N LYS N 61 29.36 -61.77 10.63
CA LYS N 61 28.25 -62.48 10.02
C LYS N 61 27.02 -61.56 10.03
N GLN N 62 26.62 -61.09 8.86
CA GLN N 62 25.60 -60.07 8.79
C GLN N 62 24.21 -60.68 8.78
N ILE N 63 23.47 -60.52 9.87
CA ILE N 63 22.13 -61.09 10.00
C ILE N 63 21.16 -60.00 10.43
N MET N 64 20.10 -59.80 9.66
CA MET N 64 19.11 -58.80 10.04
C MET N 64 18.49 -59.19 11.39
N PRO N 65 18.46 -58.23 12.35
CA PRO N 65 17.87 -58.39 13.67
C PRO N 65 16.42 -58.83 13.67
N GLY N 66 16.16 -59.97 14.32
CA GLY N 66 14.81 -60.47 14.47
C GLY N 66 13.85 -59.34 14.84
N VAL N 67 14.27 -58.55 15.83
CA VAL N 67 13.47 -57.43 16.33
C VAL N 67 13.13 -56.35 15.27
N LEU N 68 13.99 -56.20 14.25
CA LEU N 68 13.69 -55.25 13.17
C LEU N 68 12.76 -55.87 12.13
N GLN N 69 12.59 -57.19 12.21
CA GLN N 69 11.60 -57.90 11.38
C GLN N 69 10.20 -57.70 11.94
N ILE N 70 10.09 -57.78 13.26
CA ILE N 70 8.87 -57.37 13.94
C ILE N 70 8.53 -55.94 13.57
N GLU N 71 9.49 -55.02 13.74
CA GLU N 71 9.27 -53.59 13.47
C GLU N 71 8.81 -53.33 12.04
N ALA N 72 9.54 -53.91 11.08
CA ALA N 72 9.16 -53.83 9.66
C ALA N 72 7.70 -54.27 9.45
N LEU N 73 7.35 -55.45 9.97
CA LEU N 73 5.98 -55.95 9.87
C LEU N 73 4.96 -55.03 10.55
N ALA N 74 5.26 -54.63 11.78
CA ALA N 74 4.43 -53.71 12.55
C ALA N 74 4.20 -52.40 11.78
N GLN N 75 5.29 -51.86 11.21
CA GLN N 75 5.19 -50.64 10.41
C GLN N 75 4.17 -50.80 9.29
N LEU N 76 4.25 -51.94 8.61
CA LEU N 76 3.33 -52.26 7.53
C LEU N 76 1.92 -52.40 8.07
N ALA N 77 1.81 -53.00 9.25
CA ALA N 77 0.56 -53.13 9.97
C ALA N 77 0.05 -51.75 10.41
N GLY N 78 0.98 -50.87 10.77
CA GLY N 78 0.69 -49.48 11.13
C GLY N 78 0.02 -48.74 9.99
N ILE N 79 0.56 -48.92 8.78
CA ILE N 79 0.04 -48.27 7.56
C ILE N 79 -1.39 -48.72 7.24
N LEU N 80 -1.63 -50.02 7.36
CA LEU N 80 -2.95 -50.59 7.10
C LEU N 80 -4.01 -49.92 7.97
N CYS N 81 -3.74 -49.86 9.28
CA CYS N 81 -4.63 -49.22 10.24
C CYS N 81 -4.92 -47.78 9.85
N LEU N 82 -3.85 -47.04 9.51
CA LEU N 82 -3.96 -45.61 9.19
C LEU N 82 -4.83 -45.30 7.97
N LYS N 83 -4.73 -46.13 6.92
CA LYS N 83 -5.59 -45.97 5.75
C LYS N 83 -6.97 -46.62 5.96
N SER N 84 -7.10 -47.42 7.03
CA SER N 84 -8.36 -48.08 7.38
C SER N 84 -9.33 -47.15 8.09
N ASP N 85 -8.81 -46.31 8.99
CA ASP N 85 -9.61 -45.35 9.74
C ASP N 85 -8.73 -44.20 10.23
N ASP N 86 -8.75 -43.08 9.51
CA ASP N 86 -7.90 -41.94 9.84
C ASP N 86 -8.64 -40.81 10.57
N SER N 87 -9.89 -41.07 10.97
CA SER N 87 -10.70 -40.06 11.68
C SER N 87 -10.00 -39.49 12.93
N GLN N 88 -9.08 -40.29 13.48
CA GLN N 88 -8.08 -39.78 14.44
C GLN N 88 -6.87 -39.30 13.62
N LYS N 89 -6.73 -37.98 13.53
CA LYS N 89 -5.71 -37.35 12.67
C LYS N 89 -4.31 -37.41 13.30
N ASN N 90 -3.88 -38.65 13.63
CA ASN N 90 -2.66 -38.91 14.38
C ASN N 90 -1.95 -40.12 13.77
N ASN N 91 -0.76 -39.92 13.23
CA ASN N 91 0.04 -41.01 12.64
C ASN N 91 1.02 -41.64 13.63
N LEU N 92 1.28 -40.94 14.73
CA LEU N 92 2.15 -41.41 15.81
C LEU N 92 1.51 -42.57 16.58
N PHE N 93 1.62 -43.78 16.06
CA PHE N 93 1.07 -44.97 16.72
C PHE N 93 2.15 -45.76 17.46
N LEU N 94 1.80 -46.30 18.63
CA LEU N 94 2.80 -47.00 19.44
C LEU N 94 2.52 -48.49 19.68
N PHE N 95 3.62 -49.24 19.80
CA PHE N 95 3.59 -50.69 20.06
C PHE N 95 3.16 -51.00 21.49
N ALA N 96 1.96 -51.56 21.63
CA ALA N 96 1.32 -51.76 22.93
C ALA N 96 1.65 -53.13 23.49
N GLY N 97 1.66 -54.14 22.61
CA GLY N 97 1.94 -55.50 23.00
C GLY N 97 2.15 -56.36 21.77
N VAL N 98 3.12 -57.28 21.85
CA VAL N 98 3.35 -58.24 20.77
C VAL N 98 3.42 -59.66 21.33
N ASP N 99 2.92 -60.62 20.56
CA ASP N 99 2.69 -61.95 21.06
C ASP N 99 2.86 -63.01 19.99
N GLY N 100 3.56 -64.09 20.37
CA GLY N 100 3.78 -65.23 19.47
C GLY N 100 4.71 -64.94 18.31
N VAL N 101 5.93 -64.55 18.63
CA VAL N 101 6.92 -64.25 17.59
C VAL N 101 7.86 -65.43 17.42
N ARG N 102 7.88 -65.99 16.20
CA ARG N 102 8.75 -67.12 15.89
C ARG N 102 9.62 -66.80 14.67
N TRP N 103 10.93 -66.93 14.83
CA TRP N 103 11.85 -66.70 13.72
C TRP N 103 12.31 -68.05 13.19
N LYS N 104 12.02 -68.32 11.91
CA LYS N 104 12.28 -69.64 11.33
C LYS N 104 13.66 -69.68 10.64
N LYS N 105 13.90 -68.68 9.80
CA LYS N 105 15.09 -68.62 8.94
C LYS N 105 15.82 -67.28 9.13
N PRO N 106 17.16 -67.27 9.06
CA PRO N 106 17.98 -66.05 9.06
C PRO N 106 17.80 -65.20 7.80
N VAL N 107 17.49 -63.90 7.97
CA VAL N 107 17.34 -63.01 6.79
C VAL N 107 18.62 -62.20 6.51
N LEU N 108 19.20 -62.47 5.35
CA LEU N 108 20.54 -61.95 5.00
C LEU N 108 20.50 -60.79 3.99
N PRO N 109 21.66 -60.10 3.82
CA PRO N 109 21.85 -59.14 2.74
C PRO N 109 21.62 -59.79 1.38
N GLY N 110 20.94 -59.09 0.49
CA GLY N 110 20.58 -59.67 -0.80
C GLY N 110 19.14 -60.18 -0.81
N ASP N 111 18.60 -60.44 0.38
CA ASP N 111 17.27 -61.02 0.47
C ASP N 111 16.18 -59.98 0.26
N THR N 112 14.97 -60.45 -0.08
CA THR N 112 13.78 -59.62 -0.09
C THR N 112 12.77 -60.14 0.95
N LEU N 113 12.54 -59.35 1.98
CA LEU N 113 11.55 -59.66 2.99
C LEU N 113 10.17 -59.19 2.53
N THR N 114 9.36 -60.17 2.09
CA THR N 114 7.95 -59.96 1.74
C THR N 114 7.12 -60.14 3.00
N MET N 115 6.21 -59.21 3.27
CA MET N 115 5.49 -59.19 4.53
C MET N 115 4.00 -58.97 4.31
N GLN N 116 3.18 -59.78 4.99
CA GLN N 116 1.73 -59.56 5.04
C GLN N 116 1.21 -59.42 6.47
N ALA N 117 0.33 -58.43 6.65
CA ALA N 117 -0.29 -58.15 7.92
C ALA N 117 -1.78 -58.12 7.72
N ASN N 118 -2.50 -58.75 8.65
CA ASN N 118 -3.97 -58.84 8.62
C ASN N 118 -4.60 -58.33 9.90
N LEU N 119 -5.48 -57.34 9.75
CA LEU N 119 -6.24 -56.76 10.87
C LEU N 119 -7.24 -57.75 11.48
N ILE N 120 -7.22 -57.86 12.81
CA ILE N 120 -8.11 -58.77 13.54
C ILE N 120 -9.29 -58.03 14.19
N SER N 121 -8.99 -56.92 14.88
CA SER N 121 -10.00 -56.15 15.63
C SER N 121 -9.65 -54.67 15.77
N PHE N 122 -10.54 -53.79 15.29
CA PHE N 122 -10.36 -52.35 15.46
C PHE N 122 -11.45 -51.78 16.35
N LYS N 123 -11.05 -51.31 17.53
CA LYS N 123 -11.99 -50.70 18.49
C LYS N 123 -12.01 -49.19 18.34
N SER N 124 -12.86 -48.71 17.41
CA SER N 124 -12.98 -47.29 17.08
C SER N 124 -12.86 -46.34 18.30
N SER N 125 -13.44 -46.75 19.44
CA SER N 125 -13.49 -45.92 20.66
C SER N 125 -12.18 -45.78 21.41
N LEU N 126 -11.41 -46.87 21.46
CA LEU N 126 -10.24 -46.94 22.34
C LEU N 126 -8.94 -46.37 21.71
N GLY N 127 -8.61 -46.82 20.50
CA GLY N 127 -7.29 -46.60 19.92
C GLY N 127 -6.51 -47.91 20.04
N ILE N 128 -7.27 -49.02 20.11
CA ILE N 128 -6.71 -50.39 20.20
C ILE N 128 -6.95 -51.17 18.90
N ALA N 129 -5.86 -51.54 18.22
CA ALA N 129 -5.96 -52.34 17.00
C ALA N 129 -5.04 -53.59 17.04
N LYS N 130 -5.63 -54.75 16.73
CA LYS N 130 -4.89 -56.02 16.79
C LYS N 130 -4.68 -56.64 15.43
N LEU N 131 -3.47 -57.13 15.19
CA LEU N 131 -3.10 -57.67 13.88
C LEU N 131 -2.15 -58.86 13.98
N SER N 132 -2.16 -59.70 12.95
CA SER N 132 -1.16 -60.75 12.82
C SER N 132 -0.21 -60.42 11.67
N GLY N 133 0.95 -61.07 11.64
CA GLY N 133 1.95 -60.78 10.61
C GLY N 133 2.85 -61.94 10.20
N VAL N 134 3.04 -62.08 8.88
CA VAL N 134 3.89 -63.13 8.32
C VAL N 134 4.91 -62.50 7.38
N GLY N 135 6.15 -63.00 7.43
CA GLY N 135 7.23 -62.51 6.57
C GLY N 135 7.86 -63.58 5.70
N TYR N 136 8.16 -63.24 4.44
CA TYR N 136 8.70 -64.19 3.49
C TYR N 136 9.99 -63.75 2.79
N VAL N 137 10.83 -64.73 2.50
CA VAL N 137 12.01 -64.59 1.66
C VAL N 137 11.99 -65.79 0.72
N ASN N 138 11.67 -65.56 -0.55
CA ASN N 138 11.63 -66.64 -1.54
C ASN N 138 10.52 -67.67 -1.36
N GLY N 139 9.28 -67.18 -1.16
CA GLY N 139 8.14 -68.06 -0.90
C GLY N 139 8.12 -68.76 0.45
N LYS N 140 9.24 -68.75 1.18
CA LYS N 140 9.34 -69.43 2.47
C LYS N 140 9.08 -68.49 3.66
N VAL N 141 8.41 -69.01 4.70
CA VAL N 141 8.09 -68.24 5.90
C VAL N 141 9.34 -68.07 6.78
N VAL N 142 9.74 -66.82 7.00
CA VAL N 142 10.87 -66.51 7.89
C VAL N 142 10.46 -65.99 9.27
N ILE N 143 9.25 -65.41 9.35
CA ILE N 143 8.77 -64.84 10.61
C ILE N 143 7.25 -64.97 10.82
N ASN N 144 6.88 -65.41 12.02
CA ASN N 144 5.48 -65.47 12.43
C ASN N 144 5.20 -64.59 13.63
N ILE N 145 4.14 -63.80 13.50
CA ILE N 145 3.60 -63.01 14.60
C ILE N 145 2.09 -63.25 14.67
N SER N 146 1.66 -63.77 15.82
CA SER N 146 0.26 -64.08 16.06
C SER N 146 -0.57 -62.82 16.39
N GLU N 147 0.05 -61.85 17.07
CA GLU N 147 -0.68 -60.69 17.54
C GLU N 147 0.17 -59.49 17.95
N MET N 148 0.10 -58.44 17.15
CA MET N 148 0.68 -57.13 17.46
C MET N 148 -0.47 -56.21 17.86
N THR N 149 -0.36 -55.59 19.03
CA THR N 149 -1.37 -54.65 19.49
C THR N 149 -0.81 -53.24 19.37
N PHE N 150 -1.62 -52.33 18.83
CA PHE N 150 -1.20 -50.93 18.68
C PHE N 150 -2.15 -49.91 19.31
N ALA N 151 -1.54 -48.86 19.88
CA ALA N 151 -2.26 -47.81 20.59
C ALA N 151 -2.05 -46.43 19.97
N LEU N 152 -3.15 -45.76 19.67
CA LEU N 152 -3.14 -44.36 19.25
C LEU N 152 -3.13 -43.44 20.46
N SER N 153 -2.51 -42.26 20.28
CA SER N 153 -2.47 -41.20 21.28
C SER N 153 -1.87 -39.96 20.62
N THR O 9 60.57 -34.13 8.63
CA THR O 9 59.75 -34.98 7.70
C THR O 9 58.26 -34.70 7.90
N SER O 10 57.46 -35.24 6.97
CA SER O 10 55.99 -35.18 7.00
C SER O 10 55.34 -36.53 7.36
N ILE O 11 54.04 -36.50 7.66
CA ILE O 11 53.27 -37.69 8.03
C ILE O 11 51.84 -37.60 7.49
N ASP O 12 51.52 -38.42 6.48
CA ASP O 12 50.19 -38.43 5.88
C ASP O 12 49.22 -39.33 6.66
N ILE O 13 47.96 -39.38 6.21
CA ILE O 13 46.87 -39.93 7.03
C ILE O 13 47.04 -41.34 7.57
N GLU O 14 47.62 -42.25 6.76
CA GLU O 14 47.75 -43.64 7.18
C GLU O 14 48.78 -43.77 8.29
N ASP O 15 49.86 -42.96 8.18
CA ASP O 15 50.91 -42.93 9.20
C ASP O 15 50.40 -42.27 10.47
N ILE O 16 49.30 -41.51 10.35
CA ILE O 16 48.68 -40.82 11.48
C ILE O 16 47.81 -41.79 12.28
N LYS O 17 47.15 -42.72 11.58
CA LYS O 17 46.33 -43.73 12.26
C LYS O 17 47.17 -44.79 12.98
N LYS O 18 48.37 -45.06 12.46
CA LYS O 18 49.39 -45.86 13.16
C LYS O 18 49.95 -45.14 14.39
N ILE O 19 49.88 -43.80 14.39
CA ILE O 19 50.34 -42.99 15.52
C ILE O 19 49.26 -42.89 16.59
N LEU O 20 48.08 -42.36 16.22
CA LEU O 20 46.98 -42.18 17.17
C LEU O 20 46.03 -43.37 17.18
N PRO O 21 45.34 -43.61 18.30
CA PRO O 21 44.24 -44.58 18.38
C PRO O 21 42.87 -43.97 18.03
N HIS O 22 42.89 -42.79 17.37
CA HIS O 22 41.67 -42.05 17.04
C HIS O 22 41.18 -42.41 15.66
N ARG O 23 39.87 -42.62 15.54
CA ARG O 23 39.29 -42.99 14.25
C ARG O 23 38.01 -42.22 14.06
N TYR O 24 37.38 -42.43 12.89
CA TYR O 24 36.06 -41.88 12.60
C TYR O 24 35.10 -42.20 13.73
N PRO O 25 34.23 -41.24 14.09
CA PRO O 25 34.10 -39.89 13.57
C PRO O 25 34.90 -38.88 14.40
N PHE O 26 35.94 -39.36 15.07
CA PHE O 26 36.74 -38.55 15.97
C PHE O 26 38.25 -38.46 15.66
N LEU O 27 38.63 -38.67 14.40
CA LEU O 27 40.01 -38.39 13.97
C LEU O 27 40.10 -37.03 13.27
N LEU O 28 40.74 -36.07 13.92
CA LEU O 28 40.64 -34.69 13.45
C LEU O 28 41.93 -34.04 12.98
N VAL O 29 42.78 -34.81 12.29
CA VAL O 29 44.00 -34.31 11.67
C VAL O 29 44.17 -35.12 10.40
N ASP O 30 43.91 -34.47 9.27
CA ASP O 30 43.99 -35.11 7.96
C ASP O 30 45.42 -35.23 7.42
N LYS O 31 46.34 -34.39 7.90
CA LYS O 31 47.75 -34.47 7.50
C LYS O 31 48.68 -33.71 8.44
N VAL O 32 49.89 -34.23 8.61
CA VAL O 32 50.95 -33.54 9.33
C VAL O 32 51.93 -32.99 8.31
N ILE O 33 52.15 -31.68 8.33
CA ILE O 33 53.00 -31.04 7.30
C ILE O 33 54.44 -30.80 7.72
N TYR O 34 54.66 -30.77 9.02
CA TYR O 34 55.99 -30.60 9.59
C TYR O 34 56.02 -31.04 11.04
N MET O 35 57.08 -31.73 11.44
CA MET O 35 57.24 -32.15 12.81
C MET O 35 58.71 -32.21 13.22
N GLN O 36 59.07 -31.47 14.28
CA GLN O 36 60.44 -31.50 14.78
C GLN O 36 60.46 -31.77 16.27
N PRO O 37 60.76 -33.02 16.56
CA PRO O 37 60.62 -33.68 17.86
C PRO O 37 60.96 -32.78 19.05
N ASN O 38 60.25 -32.96 20.15
CA ASN O 38 60.51 -32.23 21.39
C ASN O 38 60.42 -30.71 21.24
N LYS O 39 59.93 -30.23 20.10
CA LYS O 39 59.73 -28.79 19.92
C LYS O 39 58.36 -28.37 19.38
N THR O 40 58.14 -28.59 18.08
CA THR O 40 56.91 -28.10 17.46
C THR O 40 56.34 -29.08 16.45
N ILE O 41 55.03 -29.01 16.24
CA ILE O 41 54.35 -29.76 15.20
C ILE O 41 53.32 -28.89 14.47
N ILE O 42 53.33 -28.97 13.15
CA ILE O 42 52.32 -28.30 12.34
C ILE O 42 51.55 -29.34 11.53
N GLY O 43 50.22 -29.28 11.60
CA GLY O 43 49.35 -30.09 10.75
C GLY O 43 48.14 -29.31 10.24
N LEU O 44 47.29 -29.97 9.48
CA LEU O 44 46.07 -29.32 9.02
C LEU O 44 44.81 -30.21 9.04
N LYS O 45 43.67 -29.57 9.26
CA LYS O 45 42.37 -30.22 9.30
C LYS O 45 41.46 -29.49 8.31
N GLN O 46 41.18 -30.16 7.19
CA GLN O 46 40.28 -29.64 6.18
C GLN O 46 38.85 -29.75 6.68
N VAL O 47 38.11 -28.65 6.51
CA VAL O 47 36.75 -28.59 6.98
C VAL O 47 35.83 -28.73 5.77
N SER O 48 34.95 -29.74 5.81
CA SER O 48 34.02 -30.00 4.71
C SER O 48 32.60 -29.95 5.21
N THR O 49 31.64 -29.66 4.33
CA THR O 49 30.23 -29.76 4.71
C THR O 49 29.82 -31.22 4.93
N ASN O 50 30.63 -32.12 4.38
CA ASN O 50 30.40 -33.55 4.42
C ASN O 50 31.00 -34.22 5.66
N GLU O 51 30.86 -33.56 6.81
CA GLU O 51 31.33 -34.11 8.08
C GLU O 51 30.13 -34.30 9.02
N PRO O 52 30.05 -35.47 9.68
CA PRO O 52 28.84 -35.85 10.41
C PRO O 52 28.36 -34.84 11.44
N PHE O 53 29.28 -34.08 12.03
CA PHE O 53 28.90 -33.12 13.09
C PHE O 53 28.10 -31.92 12.60
N PHE O 54 28.26 -31.52 11.35
CA PHE O 54 27.61 -30.30 10.84
C PHE O 54 26.09 -30.39 10.78
N ASN O 55 25.56 -31.60 10.76
CA ASN O 55 24.12 -31.80 10.79
C ASN O 55 23.46 -31.35 12.10
N GLY O 56 24.24 -31.35 13.18
CA GLY O 56 23.72 -30.92 14.47
C GLY O 56 24.15 -29.52 14.87
N HIS O 57 25.12 -28.97 14.15
CA HIS O 57 25.77 -27.75 14.60
C HIS O 57 26.15 -26.85 13.42
N PHE O 58 25.17 -26.10 12.88
CA PHE O 58 23.76 -26.17 13.27
C PHE O 58 22.98 -26.37 11.99
N PRO O 59 21.74 -26.89 12.07
CA PRO O 59 20.98 -27.04 10.84
C PRO O 59 20.93 -25.74 10.00
N GLN O 60 20.73 -24.59 10.66
CA GLN O 60 20.53 -23.31 9.97
C GLN O 60 21.85 -22.67 9.53
N LYS O 61 22.95 -23.12 10.12
CA LYS O 61 24.24 -22.47 9.89
C LYS O 61 25.33 -23.43 10.35
N GLN O 62 26.18 -23.84 9.42
CA GLN O 62 27.24 -24.79 9.75
C GLN O 62 28.50 -24.06 10.22
N ILE O 63 28.82 -24.24 11.51
CA ILE O 63 29.97 -23.63 12.16
C ILE O 63 30.72 -24.72 12.94
N MET O 64 32.00 -24.89 12.65
CA MET O 64 32.78 -25.89 13.37
C MET O 64 32.76 -25.67 14.88
N PRO O 65 32.37 -26.70 15.64
CA PRO O 65 32.34 -26.59 17.10
C PRO O 65 33.70 -26.25 17.68
N GLY O 66 33.70 -25.30 18.60
CA GLY O 66 34.90 -24.82 19.24
C GLY O 66 35.61 -25.93 19.95
N VAL O 67 34.85 -26.79 20.62
CA VAL O 67 35.39 -27.96 21.31
C VAL O 67 36.16 -28.89 20.37
N LEU O 68 35.65 -29.07 19.17
CA LEU O 68 36.31 -29.93 18.19
C LEU O 68 37.59 -29.30 17.62
N GLN O 69 37.70 -27.98 17.74
CA GLN O 69 38.92 -27.25 17.36
C GLN O 69 40.02 -27.40 18.41
N ILE O 70 39.59 -27.50 19.67
CA ILE O 70 40.50 -27.86 20.76
C ILE O 70 40.95 -29.28 20.52
N GLU O 71 39.99 -30.19 20.29
CA GLU O 71 40.29 -31.61 20.10
C GLU O 71 41.30 -31.84 18.98
N ALA O 72 41.01 -31.28 17.81
CA ALA O 72 41.93 -31.38 16.68
C ALA O 72 43.36 -30.99 17.06
N LEU O 73 43.54 -29.85 17.71
CA LEU O 73 44.84 -29.43 18.20
C LEU O 73 45.43 -30.46 19.17
N ALA O 74 44.64 -30.82 20.17
CA ALA O 74 45.01 -31.84 21.16
C ALA O 74 45.54 -33.13 20.53
N GLN O 75 44.94 -33.52 19.42
CA GLN O 75 45.32 -34.74 18.71
C GLN O 75 46.67 -34.59 18.04
N LEU O 76 46.87 -33.45 17.40
CA LEU O 76 48.12 -33.12 16.73
C LEU O 76 49.26 -33.01 17.74
N ALA O 77 48.91 -32.55 18.94
CA ALA O 77 49.85 -32.45 20.03
C ALA O 77 50.21 -33.83 20.56
N GLY O 78 49.18 -34.69 20.66
CA GLY O 78 49.36 -36.10 21.07
C GLY O 78 50.35 -36.81 20.18
N ILE O 79 50.18 -36.61 18.87
CA ILE O 79 51.16 -37.08 17.86
C ILE O 79 52.57 -36.62 18.23
N LEU O 80 52.75 -35.32 18.47
CA LEU O 80 54.05 -34.75 18.80
C LEU O 80 54.67 -35.40 20.05
N CYS O 81 53.87 -35.56 21.10
CA CYS O 81 54.30 -36.24 22.32
C CYS O 81 54.79 -37.63 22.03
N LEU O 82 54.05 -38.36 21.18
CA LEU O 82 54.37 -39.76 20.85
C LEU O 82 55.72 -39.95 20.14
N LYS O 83 55.95 -39.16 19.09
CA LYS O 83 57.23 -39.21 18.36
C LYS O 83 58.35 -38.46 19.09
N SER O 84 58.00 -37.61 20.05
CA SER O 84 59.00 -36.95 20.89
C SER O 84 59.64 -37.93 21.88
N ASP O 85 58.84 -38.86 22.38
CA ASP O 85 59.35 -39.95 23.23
C ASP O 85 58.46 -41.20 23.15
N ASP O 86 58.87 -42.17 22.33
CA ASP O 86 58.19 -43.47 22.25
C ASP O 86 59.00 -44.58 22.93
N SER O 87 59.27 -44.38 24.22
CA SER O 87 59.74 -45.46 25.09
C SER O 87 58.56 -45.99 25.90
N GLN O 88 57.59 -45.10 26.15
CA GLN O 88 56.30 -45.49 26.73
C GLN O 88 55.36 -45.92 25.58
N LYS O 89 55.31 -47.23 25.34
CA LYS O 89 54.58 -47.78 24.18
C LYS O 89 53.05 -47.75 24.28
N ASN O 90 52.55 -46.76 25.15
CA ASN O 90 51.10 -46.54 25.26
C ASN O 90 50.77 -45.34 24.39
N ASN O 91 49.85 -45.53 23.45
CA ASN O 91 49.39 -44.43 22.61
C ASN O 91 48.14 -43.70 23.14
N LEU O 92 47.35 -44.41 23.95
CA LEU O 92 46.15 -43.83 24.59
C LEU O 92 46.53 -42.75 25.57
N PHE O 93 46.61 -41.52 25.06
CA PHE O 93 46.80 -40.34 25.91
C PHE O 93 45.42 -39.81 26.28
N LEU O 94 45.34 -39.23 27.48
CA LEU O 94 44.10 -38.59 27.92
C LEU O 94 44.24 -37.09 28.22
N PHE O 95 43.19 -36.35 27.88
CA PHE O 95 43.11 -34.93 28.15
C PHE O 95 42.90 -34.77 29.66
N ALA O 96 43.92 -34.26 30.34
CA ALA O 96 43.85 -34.04 31.78
C ALA O 96 43.31 -32.65 32.13
N GLY O 97 43.51 -31.71 31.20
CA GLY O 97 43.04 -30.33 31.40
C GLY O 97 43.43 -29.39 30.28
N VAL O 98 42.64 -28.35 30.10
CA VAL O 98 42.91 -27.33 29.09
C VAL O 98 42.67 -25.95 29.69
N ASP O 99 43.46 -24.96 29.27
CA ASP O 99 43.50 -23.67 29.96
C ASP O 99 43.82 -22.55 28.99
N GLY O 100 43.07 -21.45 29.12
CA GLY O 100 43.28 -20.25 28.30
C GLY O 100 42.87 -20.39 26.84
N VAL O 101 41.64 -20.84 26.61
CA VAL O 101 41.14 -21.06 25.25
C VAL O 101 40.33 -19.88 24.76
N ARG O 102 40.71 -19.36 23.59
CA ARG O 102 39.99 -18.24 22.99
C ARG O 102 39.61 -18.60 21.56
N TRP O 103 38.38 -18.23 21.18
CA TRP O 103 37.93 -18.46 19.80
C TRP O 103 37.68 -17.13 19.07
N LYS O 104 38.58 -16.83 18.13
CA LYS O 104 38.61 -15.53 17.46
C LYS O 104 37.61 -15.40 16.31
N LYS O 105 37.70 -16.31 15.34
CA LYS O 105 36.87 -16.28 14.13
C LYS O 105 36.22 -17.64 13.90
N PRO O 106 34.93 -17.67 13.48
CA PRO O 106 34.24 -18.93 13.15
C PRO O 106 34.90 -19.74 12.03
N VAL O 107 35.07 -21.03 12.27
CA VAL O 107 35.54 -21.97 11.25
C VAL O 107 34.32 -22.59 10.56
N LEU O 108 34.29 -22.48 9.23
CA LEU O 108 33.16 -22.93 8.43
C LEU O 108 33.62 -23.93 7.36
N PRO O 109 32.68 -24.78 6.87
CA PRO O 109 32.96 -25.60 5.69
C PRO O 109 33.57 -24.75 4.54
N GLY O 110 34.64 -25.25 3.94
CA GLY O 110 35.38 -24.49 2.95
C GLY O 110 36.75 -24.10 3.47
N ASP O 111 36.87 -23.98 4.79
CA ASP O 111 38.14 -23.57 5.42
C ASP O 111 39.15 -24.71 5.56
N THR O 112 40.42 -24.32 5.60
CA THR O 112 41.49 -25.20 5.97
C THR O 112 42.04 -24.73 7.32
N LEU O 113 41.92 -25.60 8.32
CA LEU O 113 42.44 -25.31 9.64
C LEU O 113 43.89 -25.78 9.70
N THR O 114 44.80 -24.81 9.60
CA THR O 114 46.22 -25.05 9.88
C THR O 114 46.43 -24.80 11.35
N MET O 115 46.97 -25.80 12.03
CA MET O 115 47.21 -25.73 13.46
C MET O 115 48.70 -25.88 13.72
N GLN O 116 49.13 -25.39 14.88
CA GLN O 116 50.48 -25.62 15.36
C GLN O 116 50.46 -25.83 16.86
N ALA O 117 51.18 -26.85 17.30
CA ALA O 117 51.25 -27.23 18.71
C ALA O 117 52.71 -27.24 19.13
N ASN O 118 52.99 -26.63 20.28
CA ASN O 118 54.34 -26.50 20.77
C ASN O 118 54.45 -27.12 22.15
N LEU O 119 55.48 -27.96 22.33
CA LEU O 119 55.72 -28.56 23.63
C LEU O 119 56.29 -27.54 24.60
N ILE O 120 55.79 -27.58 25.84
CA ILE O 120 56.28 -26.71 26.90
C ILE O 120 57.17 -27.53 27.83
N SER O 121 56.60 -28.57 28.43
CA SER O 121 57.30 -29.36 29.43
C SER O 121 56.90 -30.84 29.41
N PHE O 122 57.91 -31.72 29.30
CA PHE O 122 57.69 -33.16 29.35
C PHE O 122 58.36 -33.76 30.59
N LYS O 123 57.56 -34.40 31.45
CA LYS O 123 58.10 -35.05 32.64
C LYS O 123 58.25 -36.57 32.52
N SER O 124 58.75 -37.02 31.36
CA SER O 124 59.13 -38.44 31.12
C SER O 124 57.88 -39.27 31.53
N SER O 125 58.13 -40.28 32.38
CA SER O 125 57.04 -41.15 32.87
C SER O 125 56.28 -40.78 34.16
N LEU O 126 56.04 -39.48 34.29
CA LEU O 126 54.94 -38.99 35.09
C LEU O 126 53.74 -38.87 34.16
N GLY O 127 53.99 -39.08 32.85
CA GLY O 127 52.97 -39.01 31.81
C GLY O 127 52.44 -37.60 31.55
N ILE O 128 53.01 -36.62 32.28
CA ILE O 128 52.55 -35.23 32.21
C ILE O 128 53.27 -34.47 31.09
N ALA O 129 52.51 -34.05 30.09
CA ALA O 129 53.03 -33.20 29.03
C ALA O 129 52.16 -31.96 28.86
N LYS O 130 52.81 -30.79 28.84
CA LYS O 130 52.13 -29.50 28.67
C LYS O 130 52.45 -28.88 27.33
N LEU O 131 51.43 -28.39 26.64
CA LEU O 131 51.58 -27.84 25.29
C LEU O 131 50.70 -26.61 25.04
N SER O 132 51.18 -25.71 24.18
CA SER O 132 50.37 -24.59 23.70
C SER O 132 49.89 -24.87 22.29
N GLY O 133 48.81 -24.23 21.88
CA GLY O 133 48.27 -24.44 20.54
C GLY O 133 47.69 -23.21 19.89
N VAL O 134 47.93 -23.07 18.59
CA VAL O 134 47.34 -22.01 17.78
C VAL O 134 46.72 -22.62 16.53
N GLY O 135 45.56 -22.11 16.13
CA GLY O 135 44.91 -22.54 14.89
C GLY O 135 44.68 -21.39 13.91
N TYR O 136 45.00 -21.64 12.65
CA TYR O 136 44.92 -20.60 11.61
C TYR O 136 43.94 -20.96 10.51
N VAL O 137 43.28 -19.92 9.99
CA VAL O 137 42.50 -19.97 8.75
C VAL O 137 42.85 -18.73 7.91
N ASN O 138 43.46 -18.99 6.74
CA ASN O 138 43.95 -17.97 5.80
C ASN O 138 44.88 -16.93 6.44
N GLY O 139 45.94 -17.41 7.07
CA GLY O 139 46.92 -16.52 7.70
C GLY O 139 46.43 -15.85 8.99
N LYS O 140 45.16 -16.11 9.37
CA LYS O 140 44.57 -15.46 10.55
C LYS O 140 44.30 -16.47 11.68
N VAL O 141 44.53 -16.04 12.92
CA VAL O 141 44.35 -16.91 14.09
C VAL O 141 42.88 -17.06 14.42
N VAL O 142 42.40 -18.31 14.44
CA VAL O 142 41.02 -18.59 14.80
C VAL O 142 40.89 -19.19 16.20
N ILE O 143 41.92 -19.91 16.64
CA ILE O 143 41.90 -20.53 17.95
C ILE O 143 43.26 -20.47 18.66
N ASN O 144 43.19 -20.09 19.93
CA ASN O 144 44.35 -20.02 20.83
C ASN O 144 44.14 -20.83 22.08
N ILE O 145 45.13 -21.66 22.41
CA ILE O 145 45.13 -22.40 23.67
C ILE O 145 46.48 -22.20 24.35
N SER O 146 46.44 -21.65 25.57
CA SER O 146 47.64 -21.32 26.34
C SER O 146 48.32 -22.55 26.91
N GLU O 147 47.51 -23.54 27.29
CA GLU O 147 48.04 -24.78 27.84
C GLU O 147 47.05 -25.93 27.71
N MET O 148 47.53 -27.02 27.12
CA MET O 148 46.86 -28.31 27.19
C MET O 148 47.76 -29.22 28.00
N THR O 149 47.21 -29.80 29.06
CA THR O 149 47.93 -30.80 29.85
C THR O 149 47.45 -32.18 29.45
N PHE O 150 48.39 -33.10 29.24
CA PHE O 150 48.05 -34.47 28.87
C PHE O 150 48.74 -35.49 29.75
N ALA O 151 48.05 -36.60 29.99
CA ALA O 151 48.60 -37.73 30.75
C ALA O 151 48.42 -39.03 29.95
N LEU O 152 49.46 -39.87 29.95
CA LEU O 152 49.43 -41.17 29.27
C LEU O 152 50.23 -42.21 30.09
N ASP P 8 9.25 -29.95 40.10
CA ASP P 8 9.01 -29.89 38.61
C ASP P 8 9.16 -28.45 38.07
N THR P 9 10.36 -27.91 38.23
CA THR P 9 10.80 -26.74 37.47
C THR P 9 11.59 -27.23 36.24
N SER P 10 11.23 -28.44 35.76
CA SER P 10 12.08 -29.23 34.87
C SER P 10 11.81 -29.07 33.37
N ILE P 11 12.78 -29.50 32.56
CA ILE P 11 12.74 -29.33 31.11
C ILE P 11 13.31 -30.57 30.42
N ASP P 12 12.41 -31.35 29.80
CA ASP P 12 12.79 -32.60 29.11
C ASP P 12 13.18 -32.33 27.66
N ILE P 13 13.36 -33.38 26.87
CA ILE P 13 14.08 -33.27 25.59
C ILE P 13 13.43 -32.42 24.49
N GLU P 14 12.12 -32.56 24.33
CA GLU P 14 11.40 -31.81 23.30
C GLU P 14 11.42 -30.32 23.60
N ASP P 15 11.43 -29.96 24.89
CA ASP P 15 11.49 -28.54 25.30
C ASP P 15 12.90 -27.96 25.15
N ILE P 16 13.90 -28.82 25.35
CA ILE P 16 15.33 -28.47 25.18
C ILE P 16 15.60 -28.11 23.72
N LYS P 17 15.02 -28.92 22.82
CA LYS P 17 15.14 -28.69 21.39
C LYS P 17 14.52 -27.36 20.98
N LYS P 18 13.47 -26.93 21.70
CA LYS P 18 12.89 -25.61 21.48
C LYS P 18 13.81 -24.49 21.97
N ILE P 19 14.51 -24.74 23.07
CA ILE P 19 15.47 -23.78 23.61
C ILE P 19 16.75 -23.66 22.75
N LEU P 20 17.45 -24.78 22.53
CA LEU P 20 18.68 -24.79 21.74
C LEU P 20 18.43 -25.04 20.24
N PRO P 21 19.43 -24.74 19.38
CA PRO P 21 19.37 -25.15 17.98
C PRO P 21 20.14 -26.46 17.68
N HIS P 22 20.88 -26.95 18.68
CA HIS P 22 21.71 -28.14 18.55
C HIS P 22 20.87 -29.36 18.26
N ARG P 23 21.31 -30.16 17.30
CA ARG P 23 20.65 -31.42 16.97
C ARG P 23 21.65 -32.54 16.89
N TYR P 24 21.16 -33.73 16.57
CA TYR P 24 22.00 -34.90 16.36
C TYR P 24 23.08 -34.55 15.32
N PRO P 25 24.32 -35.03 15.54
CA PRO P 25 24.83 -35.78 16.69
C PRO P 25 25.56 -34.89 17.70
N PHE P 26 25.11 -33.65 17.84
CA PHE P 26 25.80 -32.71 18.72
C PHE P 26 24.93 -32.12 19.82
N LEU P 27 23.78 -32.74 20.09
CA LEU P 27 22.96 -32.40 21.25
C LEU P 27 23.39 -33.27 22.43
N LEU P 28 23.89 -32.62 23.48
CA LEU P 28 24.49 -33.32 24.61
C LEU P 28 23.88 -32.97 25.96
N VAL P 29 22.58 -32.67 25.98
CA VAL P 29 21.82 -32.52 27.21
C VAL P 29 20.51 -33.28 27.06
N ASP P 30 20.39 -34.39 27.78
CA ASP P 30 19.19 -35.24 27.67
C ASP P 30 17.99 -34.71 28.48
N LYS P 31 18.25 -34.08 29.63
CA LYS P 31 17.16 -33.62 30.50
C LYS P 31 17.63 -32.60 31.53
N VAL P 32 16.86 -31.52 31.68
CA VAL P 32 17.14 -30.50 32.68
C VAL P 32 16.24 -30.74 33.92
N ILE P 33 16.88 -30.99 35.06
CA ILE P 33 16.14 -31.32 36.30
C ILE P 33 15.82 -30.07 37.14
N TYR P 34 16.79 -29.14 37.21
CA TYR P 34 16.64 -27.95 38.02
C TYR P 34 17.13 -26.73 37.27
N MET P 35 16.36 -25.65 37.37
CA MET P 35 16.81 -24.36 36.84
C MET P 35 16.22 -23.17 37.58
N GLN P 36 17.12 -22.37 38.14
CA GLN P 36 16.79 -21.10 38.73
C GLN P 36 17.45 -20.04 37.83
N PRO P 37 16.63 -19.14 37.24
CA PRO P 37 17.11 -18.07 36.35
C PRO P 37 18.16 -17.17 37.00
N ASN P 38 19.07 -16.62 36.18
CA ASN P 38 20.12 -15.69 36.61
C ASN P 38 21.10 -16.25 37.65
N LYS P 39 21.08 -17.58 37.88
CA LYS P 39 21.94 -18.17 38.87
C LYS P 39 22.51 -19.55 38.48
N THR P 40 21.65 -20.57 38.42
CA THR P 40 22.13 -21.95 38.25
C THR P 40 21.23 -22.87 37.43
N ILE P 41 21.87 -23.79 36.69
CA ILE P 41 21.18 -24.81 35.91
C ILE P 41 21.81 -26.20 36.08
N ILE P 42 20.99 -27.16 36.48
CA ILE P 42 21.44 -28.54 36.63
C ILE P 42 20.68 -29.39 35.61
N GLY P 43 21.43 -30.16 34.84
CA GLY P 43 20.87 -31.11 33.89
C GLY P 43 21.75 -32.34 33.81
N LEU P 44 21.32 -33.32 33.03
CA LEU P 44 22.07 -34.57 32.91
C LEU P 44 22.06 -35.12 31.49
N LYS P 45 23.20 -35.70 31.12
CA LYS P 45 23.38 -36.36 29.84
C LYS P 45 23.71 -37.82 30.10
N GLN P 46 22.89 -38.73 29.56
CA GLN P 46 23.16 -40.17 29.69
C GLN P 46 24.20 -40.60 28.67
N VAL P 47 25.18 -41.34 29.14
CA VAL P 47 26.27 -41.81 28.30
C VAL P 47 26.05 -43.29 27.96
N SER P 48 25.77 -43.53 26.69
CA SER P 48 25.51 -44.86 26.16
C SER P 48 26.67 -45.37 25.32
N THR P 49 26.82 -46.69 25.21
CA THR P 49 27.74 -47.27 24.21
C THR P 49 27.20 -47.00 22.81
N ASN P 50 25.90 -46.74 22.73
CA ASN P 50 25.22 -46.57 21.45
C ASN P 50 25.29 -45.11 20.94
N GLU P 51 26.47 -44.51 21.08
CA GLU P 51 26.71 -43.12 20.71
C GLU P 51 27.74 -43.00 19.59
N PRO P 52 27.40 -42.27 18.50
CA PRO P 52 28.20 -42.31 17.28
C PRO P 52 29.67 -42.06 17.50
N PHE P 53 30.03 -41.30 18.54
CA PHE P 53 31.42 -40.93 18.78
C PHE P 53 32.28 -42.03 19.38
N PHE P 54 31.66 -43.02 20.04
CA PHE P 54 32.41 -44.04 20.79
C PHE P 54 33.26 -44.98 19.94
N ASN P 55 32.79 -45.25 18.72
CA ASN P 55 33.58 -45.96 17.71
C ASN P 55 34.87 -45.28 17.36
N GLY P 56 34.92 -43.98 17.66
CA GLY P 56 36.07 -43.14 17.34
C GLY P 56 36.99 -42.85 18.50
N HIS P 57 36.48 -43.00 19.73
CA HIS P 57 37.25 -42.59 20.92
C HIS P 57 37.06 -43.51 22.16
N PHE P 58 37.70 -44.68 22.23
CA PHE P 58 38.56 -45.28 21.21
C PHE P 58 38.02 -46.68 20.88
N PRO P 59 38.45 -47.28 19.73
CA PRO P 59 38.11 -48.67 19.43
C PRO P 59 38.36 -49.69 20.56
N GLN P 60 39.56 -49.68 21.14
CA GLN P 60 39.88 -50.60 22.24
C GLN P 60 39.38 -50.16 23.61
N LYS P 61 38.95 -48.90 23.70
CA LYS P 61 38.57 -48.31 24.99
C LYS P 61 37.56 -47.17 24.80
N GLN P 62 36.30 -47.39 25.21
CA GLN P 62 35.25 -46.39 25.06
C GLN P 62 35.25 -45.37 26.20
N ILE P 63 35.64 -44.14 25.88
CA ILE P 63 35.75 -43.05 26.86
C ILE P 63 35.16 -41.80 26.23
N MET P 64 34.24 -41.12 26.94
CA MET P 64 33.68 -39.89 26.39
C MET P 64 34.73 -38.79 26.30
N PRO P 65 34.89 -38.19 25.11
CA PRO P 65 35.75 -37.02 24.87
C PRO P 65 35.57 -35.95 25.92
N GLY P 66 36.67 -35.59 26.58
CA GLY P 66 36.69 -34.48 27.54
C GLY P 66 36.10 -33.23 26.93
N VAL P 67 36.42 -32.98 25.67
CA VAL P 67 35.85 -31.84 24.95
C VAL P 67 34.32 -31.92 24.82
N LEU P 68 33.77 -33.13 24.69
CA LEU P 68 32.32 -33.29 24.61
C LEU P 68 31.65 -33.16 25.98
N GLN P 69 32.46 -33.29 27.03
CA GLN P 69 32.02 -32.99 28.40
C GLN P 69 31.92 -31.48 28.57
N ILE P 70 32.91 -30.75 28.08
CA ILE P 70 32.85 -29.29 28.06
C ILE P 70 31.59 -28.86 27.32
N GLU P 71 31.44 -29.38 26.10
CA GLU P 71 30.37 -28.99 25.21
C GLU P 71 29.00 -29.27 25.84
N ALA P 72 28.92 -30.40 26.54
CA ALA P 72 27.71 -30.80 27.28
C ALA P 72 27.30 -29.79 28.37
N LEU P 73 28.29 -29.36 29.16
CA LEU P 73 28.06 -28.30 30.15
C LEU P 73 27.79 -26.96 29.47
N ALA P 74 28.55 -26.67 28.43
CA ALA P 74 28.42 -25.43 27.68
C ALA P 74 27.02 -25.27 27.13
N GLN P 75 26.43 -26.38 26.70
CA GLN P 75 25.07 -26.39 26.15
C GLN P 75 24.07 -26.05 27.24
N LEU P 76 24.16 -26.81 28.35
CA LEU P 76 23.36 -26.58 29.54
C LEU P 76 23.50 -25.14 30.04
N ALA P 77 24.73 -24.63 30.03
CA ALA P 77 25.01 -23.24 30.36
C ALA P 77 24.31 -22.27 29.41
N GLY P 78 24.24 -22.66 28.14
CA GLY P 78 23.59 -21.83 27.14
C GLY P 78 22.09 -21.75 27.37
N ILE P 79 21.50 -22.90 27.75
CA ILE P 79 20.09 -22.97 28.06
C ILE P 79 19.77 -22.00 29.19
N LEU P 80 20.60 -22.02 30.23
CA LEU P 80 20.45 -21.14 31.38
C LEU P 80 20.43 -19.68 30.97
N CYS P 81 21.40 -19.29 30.16
CA CYS P 81 21.45 -17.93 29.62
C CYS P 81 20.13 -17.63 28.91
N LEU P 82 19.72 -18.54 28.03
CA LEU P 82 18.53 -18.36 27.20
C LEU P 82 17.26 -18.16 28.02
N LYS P 83 17.10 -18.93 29.10
CA LYS P 83 15.96 -18.75 29.99
C LYS P 83 16.20 -17.65 31.05
N SER P 84 17.43 -17.14 31.11
CA SER P 84 17.77 -16.05 32.04
C SER P 84 17.36 -14.69 31.49
N ASP P 85 17.54 -14.50 30.17
CA ASP P 85 17.19 -13.24 29.53
C ASP P 85 16.73 -13.45 28.08
N ASP P 86 15.41 -13.43 27.90
CA ASP P 86 14.78 -13.76 26.63
C ASP P 86 14.47 -12.55 25.72
N SER P 87 15.11 -11.40 25.98
CA SER P 87 14.95 -10.25 25.07
C SER P 87 15.78 -10.39 23.76
N GLN P 88 17.06 -10.80 23.91
CA GLN P 88 17.89 -11.17 22.75
C GLN P 88 17.27 -12.40 22.07
N LYS P 89 16.46 -12.16 21.03
CA LYS P 89 15.70 -13.21 20.33
C LYS P 89 16.54 -14.04 19.35
N ASN P 90 17.76 -14.40 19.73
CA ASN P 90 18.56 -15.34 18.95
C ASN P 90 19.17 -16.42 19.82
N ASN P 91 18.78 -17.68 19.57
CA ASN P 91 19.31 -18.83 20.33
C ASN P 91 20.72 -19.32 19.94
N LEU P 92 21.22 -18.85 18.79
CA LEU P 92 22.57 -19.22 18.35
C LEU P 92 23.67 -18.50 19.13
N PHE P 93 24.07 -19.10 20.25
CA PHE P 93 25.21 -18.62 21.04
C PHE P 93 26.47 -19.39 20.63
N LEU P 94 27.63 -18.74 20.82
CA LEU P 94 28.91 -19.37 20.48
C LEU P 94 29.93 -19.27 21.60
N PHE P 95 30.67 -20.35 21.76
CA PHE P 95 31.78 -20.41 22.69
C PHE P 95 32.82 -19.36 22.29
N ALA P 96 32.91 -18.30 23.10
CA ALA P 96 33.92 -17.28 22.88
C ALA P 96 35.24 -17.77 23.45
N GLY P 97 35.14 -18.57 24.51
CA GLY P 97 36.33 -19.14 25.17
C GLY P 97 36.02 -19.94 26.41
N VAL P 98 36.92 -20.87 26.73
CA VAL P 98 36.81 -21.70 27.94
C VAL P 98 38.12 -21.66 28.75
N ASP P 99 38.00 -21.58 30.08
CA ASP P 99 39.15 -21.36 30.94
C ASP P 99 39.09 -22.20 32.21
N GLY P 100 40.20 -22.83 32.56
CA GLY P 100 40.29 -23.64 33.78
C GLY P 100 39.48 -24.92 33.69
N VAL P 101 39.75 -25.71 32.66
CA VAL P 101 39.08 -26.99 32.48
C VAL P 101 39.98 -28.13 32.96
N ARG P 102 39.42 -28.96 33.83
CA ARG P 102 40.14 -30.05 34.45
C ARG P 102 39.32 -31.33 34.42
N TRP P 103 39.94 -32.42 33.96
CA TRP P 103 39.27 -33.71 33.90
C TRP P 103 39.83 -34.67 34.96
N LYS P 104 38.98 -35.02 35.93
CA LYS P 104 39.41 -35.75 37.11
C LYS P 104 39.37 -37.27 36.93
N LYS P 105 38.32 -37.74 36.26
CA LYS P 105 37.97 -39.16 36.23
C LYS P 105 37.32 -39.47 34.86
N PRO P 106 37.71 -40.60 34.22
CA PRO P 106 37.13 -40.96 32.93
C PRO P 106 35.63 -41.21 33.05
N VAL P 107 34.88 -40.70 32.09
CA VAL P 107 33.44 -40.92 32.05
C VAL P 107 33.19 -42.00 31.00
N LEU P 108 32.45 -43.03 31.41
CA LEU P 108 32.35 -44.25 30.62
C LEU P 108 30.91 -44.50 30.15
N PRO P 109 30.74 -45.42 29.17
CA PRO P 109 29.38 -45.87 28.82
C PRO P 109 28.76 -46.52 30.04
N GLY P 110 27.51 -46.20 30.33
CA GLY P 110 26.85 -46.71 31.51
C GLY P 110 26.74 -45.66 32.59
N ASP P 111 27.66 -44.69 32.57
CA ASP P 111 27.63 -43.55 33.50
C ASP P 111 26.49 -42.57 33.23
N THR P 112 26.03 -41.92 34.29
CA THR P 112 25.16 -40.75 34.19
C THR P 112 25.98 -39.52 34.55
N LEU P 113 26.11 -38.59 33.59
CA LEU P 113 26.82 -37.35 33.82
C LEU P 113 25.84 -36.28 34.28
N THR P 114 25.82 -36.05 35.59
CA THR P 114 25.02 -34.99 36.17
C THR P 114 25.88 -33.75 36.14
N MET P 115 25.37 -32.71 35.48
CA MET P 115 26.11 -31.48 35.23
C MET P 115 25.40 -30.28 35.82
N GLN P 116 26.16 -29.40 36.46
CA GLN P 116 25.64 -28.13 36.94
C GLN P 116 26.45 -26.99 36.37
N ALA P 117 25.75 -25.98 35.83
CA ALA P 117 26.40 -24.74 35.39
C ALA P 117 25.90 -23.55 36.22
N ASN P 118 26.82 -22.65 36.57
CA ASN P 118 26.46 -21.48 37.36
C ASN P 118 26.91 -20.18 36.71
N LEU P 119 25.97 -19.24 36.58
CA LEU P 119 26.24 -17.92 36.01
C LEU P 119 27.11 -17.08 36.94
N ILE P 120 28.05 -16.34 36.36
CA ILE P 120 28.97 -15.49 37.11
C ILE P 120 28.74 -14.00 36.86
N SER P 121 28.61 -13.63 35.58
CA SER P 121 28.28 -12.27 35.17
C SER P 121 27.59 -12.27 33.80
N PHE P 122 26.60 -11.39 33.66
CA PHE P 122 25.87 -11.22 32.40
C PHE P 122 25.76 -9.73 32.08
N LYS P 123 26.52 -9.29 31.06
CA LYS P 123 26.46 -7.89 30.60
C LYS P 123 25.38 -7.73 29.52
N SER P 124 24.16 -7.37 29.95
CA SER P 124 22.96 -7.36 29.10
C SER P 124 23.04 -6.41 27.88
N SER P 125 23.87 -5.37 28.02
CA SER P 125 24.21 -4.45 26.94
C SER P 125 24.70 -5.12 25.65
N LEU P 126 25.60 -6.11 25.84
CA LEU P 126 26.17 -6.88 24.71
C LEU P 126 25.66 -8.33 24.88
N GLY P 127 26.40 -9.31 24.35
CA GLY P 127 26.02 -10.72 24.52
C GLY P 127 27.05 -11.55 25.28
N ILE P 128 27.76 -10.90 26.23
CA ILE P 128 28.92 -11.49 26.91
C ILE P 128 28.61 -11.89 28.36
N ALA P 129 28.56 -13.21 28.58
CA ALA P 129 28.21 -13.75 29.90
C ALA P 129 29.18 -14.88 30.27
N LYS P 130 29.45 -15.00 31.57
CA LYS P 130 30.42 -16.00 32.07
C LYS P 130 29.79 -16.98 33.05
N LEU P 131 30.24 -18.23 32.98
CA LEU P 131 29.65 -19.32 33.77
C LEU P 131 30.66 -20.40 34.15
N SER P 132 30.50 -20.97 35.34
CA SER P 132 31.31 -22.12 35.75
C SER P 132 30.53 -23.43 35.61
N GLY P 133 31.25 -24.54 35.52
CA GLY P 133 30.63 -25.84 35.26
C GLY P 133 31.21 -27.01 36.05
N VAL P 134 30.33 -27.84 36.60
CA VAL P 134 30.76 -29.01 37.33
C VAL P 134 30.01 -30.23 36.79
N GLY P 135 30.71 -31.35 36.67
CA GLY P 135 30.10 -32.60 36.21
C GLY P 135 30.28 -33.72 37.22
N TYR P 136 29.20 -34.47 37.47
CA TYR P 136 29.21 -35.54 38.47
C TYR P 136 28.78 -36.91 37.94
N VAL P 137 29.49 -37.94 38.39
CA VAL P 137 29.15 -39.33 38.14
C VAL P 137 29.18 -40.08 39.48
N ASN P 138 28.02 -40.58 39.91
CA ASN P 138 27.84 -41.13 41.27
C ASN P 138 28.40 -40.19 42.35
N GLY P 139 27.87 -38.97 42.40
CA GLY P 139 28.32 -37.97 43.37
C GLY P 139 29.78 -37.56 43.29
N LYS P 140 30.55 -38.20 42.40
CA LYS P 140 31.99 -37.93 42.20
C LYS P 140 32.22 -36.81 41.17
N VAL P 141 33.14 -35.89 41.49
CA VAL P 141 33.54 -34.81 40.56
C VAL P 141 34.37 -35.40 39.44
N VAL P 142 33.91 -35.23 38.20
CA VAL P 142 34.65 -35.76 37.04
C VAL P 142 35.24 -34.67 36.15
N ILE P 143 34.55 -33.52 36.10
CA ILE P 143 35.00 -32.39 35.30
C ILE P 143 34.76 -31.05 36.00
N ASN P 144 35.76 -30.19 35.93
CA ASN P 144 35.65 -28.81 36.39
C ASN P 144 35.90 -27.80 35.30
N ILE P 145 35.07 -26.76 35.29
CA ILE P 145 35.30 -25.60 34.43
C ILE P 145 35.14 -24.34 35.26
N SER P 146 36.24 -23.62 35.46
CA SER P 146 36.20 -22.34 36.16
C SER P 146 35.39 -21.29 35.40
N GLU P 147 35.56 -21.26 34.07
CA GLU P 147 34.95 -20.22 33.24
C GLU P 147 34.71 -20.67 31.79
N MET P 148 33.45 -20.53 31.35
CA MET P 148 33.11 -20.55 29.94
C MET P 148 32.57 -19.17 29.61
N THR P 149 33.05 -18.58 28.52
CA THR P 149 32.58 -17.26 28.08
C THR P 149 31.79 -17.41 26.76
N PHE P 150 30.62 -16.79 26.70
CA PHE P 150 29.79 -16.93 25.53
C PHE P 150 29.39 -15.58 24.95
N ALA P 151 29.17 -15.56 23.65
CA ALA P 151 28.70 -14.39 22.95
C ALA P 151 27.28 -14.67 22.54
N LEU P 152 26.89 -15.93 22.63
CA LEU P 152 25.53 -16.36 22.35
C LEU P 152 24.56 -15.89 23.42
N ASP Q 8 27.70 -69.55 -9.97
CA ASP Q 8 27.84 -70.96 -9.52
C ASP Q 8 26.75 -71.29 -8.49
N THR Q 9 27.16 -71.57 -7.26
CA THR Q 9 26.31 -71.29 -6.11
C THR Q 9 26.26 -69.77 -6.00
N SER Q 10 25.32 -69.26 -5.21
CA SER Q 10 25.36 -67.87 -4.78
C SER Q 10 26.73 -67.59 -4.12
N ILE Q 11 27.39 -66.47 -4.50
CA ILE Q 11 28.46 -65.89 -3.65
C ILE Q 11 27.83 -64.89 -2.66
N ASP Q 12 27.86 -65.26 -1.37
CA ASP Q 12 27.24 -64.46 -0.30
C ASP Q 12 28.12 -63.29 0.18
N ILE Q 13 27.59 -62.44 1.03
CA ILE Q 13 28.28 -61.20 1.45
C ILE Q 13 29.57 -61.37 2.26
N GLU Q 14 29.64 -62.39 3.11
CA GLU Q 14 30.84 -62.67 3.90
C GLU Q 14 32.00 -63.15 3.03
N ASP Q 15 31.70 -63.52 1.77
CA ASP Q 15 32.75 -63.96 0.85
C ASP Q 15 33.16 -62.84 -0.08
N ILE Q 16 32.19 -62.00 -0.42
CA ILE Q 16 32.45 -60.77 -1.15
C ILE Q 16 33.37 -59.88 -0.29
N LYS Q 17 33.02 -59.74 0.99
CA LYS Q 17 33.86 -59.00 1.96
C LYS Q 17 35.30 -59.49 2.06
N LYS Q 18 35.53 -60.74 1.69
CA LYS Q 18 36.88 -61.28 1.67
C LYS Q 18 37.58 -60.86 0.38
N ILE Q 19 36.80 -60.80 -0.70
CA ILE Q 19 37.34 -60.46 -2.02
C ILE Q 19 37.66 -58.97 -2.11
N LEU Q 20 36.63 -58.14 -1.96
CA LEU Q 20 36.76 -56.69 -2.02
C LEU Q 20 37.08 -56.09 -0.66
N PRO Q 21 37.97 -55.06 -0.63
CA PRO Q 21 38.27 -54.37 0.61
C PRO Q 21 37.17 -53.37 0.99
N HIS Q 22 36.20 -53.19 0.09
CA HIS Q 22 35.10 -52.24 0.27
C HIS Q 22 34.25 -52.59 1.47
N ARG Q 23 33.86 -51.59 2.26
CA ARG Q 23 33.01 -51.78 3.44
C ARG Q 23 31.94 -50.71 3.54
N TYR Q 24 31.04 -50.84 4.51
CA TYR Q 24 30.00 -49.84 4.76
C TYR Q 24 30.67 -48.47 4.96
N PRO Q 25 30.06 -47.39 4.44
CA PRO Q 25 28.87 -47.36 3.62
C PRO Q 25 29.16 -47.34 2.12
N PHE Q 26 30.26 -47.98 1.73
CA PHE Q 26 30.68 -47.94 0.34
C PHE Q 26 30.88 -49.31 -0.31
N LEU Q 27 30.33 -50.34 0.33
CA LEU Q 27 30.15 -51.63 -0.30
C LEU Q 27 28.76 -51.63 -0.93
N LEU Q 28 28.71 -51.95 -2.24
CA LEU Q 28 27.49 -51.84 -3.02
C LEU Q 28 27.21 -53.08 -3.85
N VAL Q 29 27.62 -54.23 -3.32
CA VAL Q 29 27.35 -55.51 -3.94
C VAL Q 29 26.85 -56.42 -2.84
N ASP Q 30 25.55 -56.72 -2.88
CA ASP Q 30 24.92 -57.49 -1.81
C ASP Q 30 25.21 -58.99 -1.93
N LYS Q 31 25.39 -59.45 -3.16
CA LYS Q 31 25.45 -60.87 -3.49
C LYS Q 31 25.80 -61.04 -4.95
N VAL Q 32 26.77 -61.93 -5.22
CA VAL Q 32 27.05 -62.34 -6.59
C VAL Q 32 26.17 -63.56 -6.84
N ILE Q 33 25.49 -63.57 -7.98
CA ILE Q 33 24.64 -64.71 -8.32
C ILE Q 33 25.32 -65.69 -9.27
N TYR Q 34 26.17 -65.16 -10.15
CA TYR Q 34 26.93 -65.98 -11.08
C TYR Q 34 28.27 -65.35 -11.45
N MET Q 35 29.31 -66.17 -11.41
CA MET Q 35 30.59 -65.74 -11.89
C MET Q 35 31.30 -66.84 -12.68
N GLN Q 36 31.72 -66.47 -13.88
CA GLN Q 36 32.50 -67.31 -14.75
C GLN Q 36 33.81 -66.53 -14.94
N PRO Q 37 34.91 -67.02 -14.35
CA PRO Q 37 36.18 -66.31 -14.39
C PRO Q 37 36.56 -65.85 -15.81
N ASN Q 38 37.21 -64.69 -15.89
CA ASN Q 38 37.70 -64.13 -17.16
C ASN Q 38 36.62 -63.85 -18.22
N LYS Q 39 35.35 -64.15 -17.91
CA LYS Q 39 34.29 -63.86 -18.87
C LYS Q 39 33.25 -62.87 -18.36
N THR Q 40 32.43 -63.29 -17.40
CA THR Q 40 31.29 -62.50 -16.99
C THR Q 40 30.98 -62.64 -15.50
N ILE Q 41 30.27 -61.66 -14.96
CA ILE Q 41 29.80 -61.71 -13.58
C ILE Q 41 28.43 -61.05 -13.42
N ILE Q 42 27.50 -61.78 -12.78
CA ILE Q 42 26.19 -61.25 -12.47
C ILE Q 42 26.00 -61.23 -10.95
N GLY Q 43 25.35 -60.17 -10.47
CA GLY Q 43 25.06 -60.00 -9.07
C GLY Q 43 23.94 -59.00 -8.92
N LEU Q 44 23.57 -58.71 -7.68
CA LEU Q 44 22.48 -57.79 -7.44
C LEU Q 44 22.69 -56.98 -6.19
N LYS Q 45 22.03 -55.83 -6.15
CA LYS Q 45 22.11 -54.92 -5.02
C LYS Q 45 20.69 -54.49 -4.80
N GLN Q 46 20.23 -54.71 -3.56
CA GLN Q 46 18.88 -54.32 -3.15
C GLN Q 46 18.93 -52.89 -2.69
N VAL Q 47 17.95 -52.10 -3.13
CA VAL Q 47 17.92 -50.65 -2.87
C VAL Q 47 16.82 -50.29 -1.88
N SER Q 48 17.22 -50.02 -0.64
CA SER Q 48 16.25 -49.76 0.44
C SER Q 48 16.15 -48.27 0.79
N THR Q 49 15.05 -47.91 1.43
CA THR Q 49 14.90 -46.56 1.98
C THR Q 49 15.84 -46.35 3.17
N ASN Q 50 16.41 -47.44 3.64
CA ASN Q 50 17.29 -47.43 4.80
C ASN Q 50 18.76 -47.57 4.43
N GLU Q 51 19.21 -46.82 3.42
CA GLU Q 51 20.64 -46.68 3.08
C GLU Q 51 21.02 -45.22 3.26
N PRO Q 52 22.18 -44.96 3.88
CA PRO Q 52 22.54 -43.61 4.33
C PRO Q 52 22.50 -42.51 3.27
N PHE Q 53 22.51 -42.88 1.99
CA PHE Q 53 22.65 -41.87 0.94
C PHE Q 53 21.35 -41.22 0.51
N PHE Q 54 20.24 -41.88 0.82
CA PHE Q 54 18.91 -41.43 0.38
C PHE Q 54 18.42 -40.14 1.05
N ASN Q 55 18.87 -39.92 2.29
CA ASN Q 55 18.62 -38.66 2.99
C ASN Q 55 19.21 -37.46 2.26
N GLY Q 56 20.34 -37.67 1.58
CA GLY Q 56 21.01 -36.61 0.84
C GLY Q 56 20.62 -36.49 -0.62
N HIS Q 57 19.92 -37.48 -1.16
CA HIS Q 57 19.66 -37.54 -2.58
C HIS Q 57 18.37 -38.30 -2.90
N PHE Q 58 17.21 -37.66 -2.77
CA PHE Q 58 17.06 -36.30 -2.28
C PHE Q 58 15.99 -36.29 -1.19
N PRO Q 59 16.04 -35.31 -0.27
CA PRO Q 59 14.98 -35.18 0.74
C PRO Q 59 13.56 -35.25 0.18
N GLN Q 60 13.22 -34.41 -0.80
CA GLN Q 60 11.86 -34.47 -1.41
C GLN Q 60 11.59 -35.68 -2.28
N LYS Q 61 12.62 -36.46 -2.60
CA LYS Q 61 12.52 -37.52 -3.60
C LYS Q 61 13.73 -38.44 -3.51
N GLN Q 62 13.53 -39.69 -3.08
CA GLN Q 62 14.64 -40.63 -2.95
C GLN Q 62 14.99 -41.36 -4.25
N ILE Q 63 16.09 -40.93 -4.87
CA ILE Q 63 16.57 -41.45 -6.15
C ILE Q 63 18.00 -41.93 -5.98
N MET Q 64 18.28 -43.21 -6.24
CA MET Q 64 19.64 -43.70 -6.13
C MET Q 64 20.57 -42.93 -7.06
N PRO Q 65 21.60 -42.29 -6.50
CA PRO Q 65 22.62 -41.60 -7.29
C PRO Q 65 23.14 -42.45 -8.45
N GLY Q 66 23.11 -41.87 -9.63
CA GLY Q 66 23.66 -42.49 -10.82
C GLY Q 66 25.10 -42.87 -10.59
N VAL Q 67 25.86 -41.98 -9.96
CA VAL Q 67 27.28 -42.25 -9.67
C VAL Q 67 27.47 -43.52 -8.81
N LEU Q 68 26.50 -43.79 -7.92
CA LEU Q 68 26.56 -44.99 -7.10
C LEU Q 68 26.19 -46.28 -7.85
N GLN Q 69 25.38 -46.14 -8.90
CA GLN Q 69 25.09 -47.22 -9.82
C GLN Q 69 26.33 -47.60 -10.62
N ILE Q 70 27.14 -46.60 -10.96
CA ILE Q 70 28.44 -46.81 -11.58
C ILE Q 70 29.34 -47.58 -10.63
N GLU Q 71 29.50 -47.05 -9.42
CA GLU Q 71 30.32 -47.71 -8.39
C GLU Q 71 29.92 -49.18 -8.15
N ALA Q 72 28.62 -49.46 -8.15
CA ALA Q 72 28.13 -50.82 -7.87
C ALA Q 72 28.54 -51.82 -8.96
N LEU Q 73 28.36 -51.44 -10.22
CA LEU Q 73 28.77 -52.27 -11.34
C LEU Q 73 30.28 -52.45 -11.37
N ALA Q 74 30.99 -51.38 -11.07
CA ALA Q 74 32.45 -51.37 -11.08
C ALA Q 74 33.02 -52.25 -9.96
N GLN Q 75 32.27 -52.36 -8.87
CA GLN Q 75 32.63 -53.22 -7.74
C GLN Q 75 32.45 -54.67 -8.13
N LEU Q 76 31.39 -54.93 -8.90
CA LEU Q 76 31.09 -56.24 -9.45
C LEU Q 76 32.19 -56.63 -10.42
N ALA Q 77 32.56 -55.69 -11.28
CA ALA Q 77 33.69 -55.83 -12.19
C ALA Q 77 34.98 -56.10 -11.41
N GLY Q 78 35.12 -55.44 -10.26
CA GLY Q 78 36.28 -55.63 -9.38
C GLY Q 78 36.41 -57.08 -8.92
N ILE Q 79 35.29 -57.67 -8.52
CA ILE Q 79 35.24 -59.06 -8.08
C ILE Q 79 35.64 -60.00 -9.22
N LEU Q 80 35.11 -59.74 -10.41
CA LEU Q 80 35.47 -60.54 -11.56
C LEU Q 80 36.98 -60.54 -11.73
N CYS Q 81 37.55 -59.34 -11.85
CA CYS Q 81 38.99 -59.16 -12.07
C CYS Q 81 39.85 -59.87 -11.04
N LEU Q 82 39.46 -59.78 -9.79
CA LEU Q 82 40.23 -60.36 -8.70
C LEU Q 82 40.17 -61.89 -8.71
N LYS Q 83 38.99 -62.45 -8.98
CA LYS Q 83 38.83 -63.91 -9.08
C LYS Q 83 39.24 -64.45 -10.47
N SER Q 84 39.49 -63.55 -11.41
CA SER Q 84 39.91 -63.92 -12.77
C SER Q 84 41.39 -64.25 -12.83
N ASP Q 85 42.16 -63.62 -11.92
CA ASP Q 85 43.61 -63.75 -11.85
C ASP Q 85 44.08 -63.21 -10.49
N ASP Q 86 44.27 -64.13 -9.52
CA ASP Q 86 44.60 -63.80 -8.11
C ASP Q 86 46.11 -63.73 -7.78
N SER Q 87 46.96 -63.94 -8.79
CA SER Q 87 48.42 -63.99 -8.59
C SER Q 87 49.03 -62.65 -8.11
N GLN Q 88 48.38 -61.53 -8.45
CA GLN Q 88 48.72 -60.22 -7.85
C GLN Q 88 47.87 -60.15 -6.59
N LYS Q 89 48.52 -60.37 -5.44
CA LYS Q 89 47.85 -60.52 -4.14
C LYS Q 89 47.40 -59.15 -3.57
N ASN Q 90 46.88 -58.29 -4.45
CA ASN Q 90 46.44 -56.96 -4.10
C ASN Q 90 44.97 -56.80 -4.47
N ASN Q 91 44.13 -56.57 -3.47
CA ASN Q 91 42.69 -56.39 -3.71
C ASN Q 91 42.24 -54.94 -3.96
N LEU Q 92 43.12 -53.99 -3.69
CA LEU Q 92 42.82 -52.57 -3.92
C LEU Q 92 42.90 -52.23 -5.41
N PHE Q 93 41.73 -52.28 -6.06
CA PHE Q 93 41.58 -51.87 -7.46
C PHE Q 93 41.07 -50.41 -7.54
N LEU Q 94 41.57 -49.67 -8.53
CA LEU Q 94 41.17 -48.26 -8.70
C LEU Q 94 40.63 -47.94 -10.10
N PHE Q 95 39.51 -47.21 -10.10
CA PHE Q 95 38.87 -46.71 -11.29
C PHE Q 95 39.83 -45.79 -12.04
N ALA Q 96 40.32 -46.27 -13.18
CA ALA Q 96 41.26 -45.52 -14.00
C ALA Q 96 40.51 -44.72 -15.04
N GLY Q 97 39.36 -45.22 -15.45
CA GLY Q 97 38.56 -44.54 -16.46
C GLY Q 97 37.23 -45.20 -16.73
N VAL Q 98 36.21 -44.39 -16.95
CA VAL Q 98 34.90 -44.89 -17.32
C VAL Q 98 34.37 -44.14 -18.56
N ASP Q 99 33.77 -44.89 -19.47
CA ASP Q 99 33.34 -44.34 -20.76
C ASP Q 99 32.00 -44.91 -21.25
N GLY Q 100 31.21 -44.03 -21.89
CA GLY Q 100 29.92 -44.40 -22.47
C GLY Q 100 28.87 -44.83 -21.46
N VAL Q 101 28.65 -44.02 -20.42
CA VAL Q 101 27.62 -44.33 -19.44
C VAL Q 101 26.32 -43.64 -19.81
N ARG Q 102 25.22 -44.40 -19.75
CA ARG Q 102 23.88 -43.89 -20.02
C ARG Q 102 22.87 -44.42 -18.98
N TRP Q 103 22.21 -43.49 -18.30
CA TRP Q 103 21.15 -43.82 -17.35
C TRP Q 103 19.77 -43.66 -18.01
N LYS Q 104 19.00 -44.75 -18.02
CA LYS Q 104 17.73 -44.78 -18.79
C LYS Q 104 16.49 -44.60 -17.92
N LYS Q 105 16.57 -45.12 -16.69
CA LYS Q 105 15.42 -45.12 -15.78
C LYS Q 105 15.93 -44.97 -14.35
N PRO Q 106 15.25 -44.13 -13.54
CA PRO Q 106 15.64 -43.98 -12.13
C PRO Q 106 15.53 -45.31 -11.39
N VAL Q 107 16.45 -45.55 -10.45
CA VAL Q 107 16.37 -46.70 -9.57
C VAL Q 107 15.93 -46.21 -8.19
N LEU Q 108 14.84 -46.78 -7.69
CA LEU Q 108 14.14 -46.29 -6.48
C LEU Q 108 14.18 -47.27 -5.31
N PRO Q 109 13.92 -46.78 -4.08
CA PRO Q 109 13.79 -47.69 -2.95
C PRO Q 109 12.73 -48.72 -3.24
N GLY Q 110 13.01 -49.98 -2.91
CA GLY Q 110 12.09 -51.07 -3.20
C GLY Q 110 12.58 -51.89 -4.38
N ASP Q 111 13.29 -51.23 -5.30
CA ASP Q 111 13.86 -51.91 -6.47
C ASP Q 111 14.97 -52.91 -6.10
N THR Q 112 15.25 -53.82 -7.04
CA THR Q 112 16.41 -54.70 -6.98
C THR Q 112 17.21 -54.42 -8.23
N LEU Q 113 18.48 -54.05 -8.05
CA LEU Q 113 19.34 -53.74 -9.16
C LEU Q 113 20.16 -54.96 -9.49
N THR Q 114 19.77 -55.68 -10.55
CA THR Q 114 20.50 -56.85 -11.01
C THR Q 114 21.50 -56.37 -12.06
N MET Q 115 22.78 -56.61 -11.81
CA MET Q 115 23.86 -56.06 -12.65
C MET Q 115 24.70 -57.15 -13.29
N GLN Q 116 25.16 -56.91 -14.51
CA GLN Q 116 26.09 -57.82 -15.18
C GLN Q 116 27.28 -57.07 -15.76
N ALA Q 117 28.45 -57.71 -15.67
CA ALA Q 117 29.69 -57.12 -16.16
C ALA Q 117 30.45 -58.11 -17.01
N ASN Q 118 31.04 -57.62 -18.10
CA ASN Q 118 31.78 -58.47 -19.02
C ASN Q 118 33.17 -57.94 -19.32
N LEU Q 119 34.18 -58.75 -19.00
CA LEU Q 119 35.58 -58.43 -19.26
C LEU Q 119 35.82 -58.39 -20.78
N ILE Q 120 36.64 -57.44 -21.22
CA ILE Q 120 36.89 -57.23 -22.66
C ILE Q 120 38.35 -57.53 -23.04
N SER Q 121 39.30 -57.02 -22.25
CA SER Q 121 40.73 -57.33 -22.39
C SER Q 121 41.46 -57.16 -21.06
N PHE Q 122 42.23 -58.19 -20.69
CA PHE Q 122 42.98 -58.20 -19.44
C PHE Q 122 44.46 -58.30 -19.76
N LYS Q 123 45.20 -57.24 -19.44
CA LYS Q 123 46.65 -57.23 -19.65
C LYS Q 123 47.38 -57.55 -18.34
N GLY Q 127 48.36 -53.89 -14.90
CA GLY Q 127 47.10 -53.80 -14.17
C GLY Q 127 46.06 -53.00 -14.94
N ILE Q 128 45.95 -53.28 -16.24
CA ILE Q 128 45.00 -52.59 -17.14
C ILE Q 128 43.84 -53.53 -17.50
N ALA Q 129 42.66 -53.33 -16.90
CA ALA Q 129 41.49 -54.20 -17.16
C ALA Q 129 40.27 -53.43 -17.66
N LYS Q 130 39.71 -53.88 -18.79
CA LYS Q 130 38.59 -53.17 -19.43
C LYS Q 130 37.32 -54.02 -19.48
N LEU Q 131 36.23 -53.45 -18.96
CA LEU Q 131 34.97 -54.16 -18.84
C LEU Q 131 33.79 -53.34 -19.34
N SER Q 132 32.71 -54.04 -19.67
CA SER Q 132 31.43 -53.40 -19.96
C SER Q 132 30.48 -53.74 -18.82
N GLY Q 133 29.43 -52.92 -18.64
CA GLY Q 133 28.45 -53.15 -17.58
C GLY Q 133 27.03 -52.77 -17.95
N VAL Q 134 26.07 -53.51 -17.40
CA VAL Q 134 24.63 -53.21 -17.52
C VAL Q 134 23.91 -53.52 -16.21
N GLY Q 135 22.86 -52.76 -15.92
CA GLY Q 135 21.99 -52.98 -14.77
C GLY Q 135 20.53 -53.08 -15.17
N TYR Q 136 19.77 -53.88 -14.41
CA TYR Q 136 18.36 -54.15 -14.70
C TYR Q 136 17.45 -54.05 -13.49
N VAL Q 137 16.34 -53.32 -13.66
CA VAL Q 137 15.27 -53.28 -12.67
C VAL Q 137 14.02 -53.80 -13.39
N ASN Q 138 13.46 -54.89 -12.89
CA ASN Q 138 12.36 -55.61 -13.57
C ASN Q 138 12.65 -55.94 -15.05
N GLY Q 139 13.80 -56.56 -15.32
CA GLY Q 139 14.13 -56.98 -16.69
C GLY Q 139 14.38 -55.87 -17.69
N LYS Q 140 14.22 -54.62 -17.27
CA LYS Q 140 14.53 -53.46 -18.11
C LYS Q 140 15.90 -52.85 -17.78
N VAL Q 141 16.58 -52.33 -18.80
CA VAL Q 141 17.91 -51.72 -18.62
C VAL Q 141 17.80 -50.33 -17.99
N VAL Q 142 18.40 -50.18 -16.82
CA VAL Q 142 18.43 -48.89 -16.15
C VAL Q 142 19.75 -48.14 -16.35
N ILE Q 143 20.84 -48.87 -16.54
CA ILE Q 143 22.15 -48.26 -16.73
C ILE Q 143 23.04 -49.06 -17.69
N ASN Q 144 23.65 -48.33 -18.62
CA ASN Q 144 24.64 -48.89 -19.54
C ASN Q 144 26.02 -48.28 -19.36
N ILE Q 145 27.03 -49.13 -19.43
CA ILE Q 145 28.41 -48.68 -19.46
C ILE Q 145 29.14 -49.49 -20.53
N SER Q 146 29.61 -48.81 -21.58
CA SER Q 146 30.40 -49.44 -22.63
C SER Q 146 31.79 -49.82 -22.13
N GLU Q 147 32.39 -48.99 -21.27
CA GLU Q 147 33.75 -49.24 -20.83
C GLU Q 147 34.08 -48.76 -19.42
N MET Q 148 34.55 -49.71 -18.61
CA MET Q 148 35.17 -49.39 -17.35
C MET Q 148 36.62 -49.86 -17.44
N THR Q 149 37.54 -48.96 -17.14
CA THR Q 149 38.95 -49.31 -17.06
C THR Q 149 39.33 -49.37 -15.59
N PHE Q 150 40.19 -50.32 -15.24
CA PHE Q 150 40.67 -50.42 -13.88
C PHE Q 150 42.17 -50.58 -13.82
N ALA Q 151 42.74 -50.10 -12.71
CA ALA Q 151 44.17 -50.23 -12.44
C ALA Q 151 44.41 -50.84 -11.06
N LEU Q 152 45.24 -51.89 -11.05
CA LEU Q 152 45.80 -52.48 -9.82
C LEU Q 152 46.49 -51.39 -8.96
N ASP R 8 31.68 -12.06 -10.47
CA ASP R 8 32.79 -12.78 -9.78
C ASP R 8 32.30 -13.33 -8.41
N THR R 9 31.20 -14.09 -8.44
CA THR R 9 30.51 -14.60 -7.24
C THR R 9 31.36 -15.47 -6.31
N SER R 10 31.27 -15.23 -4.99
CA SER R 10 31.74 -16.22 -4.02
C SER R 10 30.53 -16.79 -3.26
N ILE R 11 30.16 -18.04 -3.57
CA ILE R 11 28.96 -18.68 -2.97
C ILE R 11 29.31 -19.66 -1.85
N ASP R 12 28.96 -19.29 -0.61
CA ASP R 12 29.22 -20.13 0.56
C ASP R 12 28.29 -21.35 0.65
N ILE R 13 28.39 -22.12 1.74
CA ILE R 13 27.64 -23.38 1.86
C ILE R 13 26.13 -23.23 2.15
N GLU R 14 25.75 -22.14 2.81
CA GLU R 14 24.33 -21.87 3.08
C GLU R 14 23.62 -21.44 1.80
N ASP R 15 24.41 -20.91 0.85
CA ASP R 15 23.90 -20.47 -0.47
C ASP R 15 23.87 -21.60 -1.51
N ILE R 16 24.88 -22.48 -1.47
CA ILE R 16 24.87 -23.71 -2.26
C ILE R 16 23.67 -24.57 -1.87
N LYS R 17 23.36 -24.61 -0.58
CA LYS R 17 22.24 -25.38 -0.07
C LYS R 17 20.88 -24.85 -0.55
N LYS R 18 20.77 -23.54 -0.78
CA LYS R 18 19.54 -23.02 -1.39
C LYS R 18 19.43 -23.27 -2.92
N ILE R 19 20.57 -23.53 -3.58
CA ILE R 19 20.57 -23.83 -5.02
C ILE R 19 20.29 -25.31 -5.33
N LEU R 20 21.12 -26.20 -4.78
CA LEU R 20 20.96 -27.62 -4.98
C LEU R 20 20.00 -28.13 -3.93
N PRO R 21 19.43 -29.35 -4.14
CA PRO R 21 18.64 -29.98 -3.11
C PRO R 21 19.42 -31.04 -2.33
N HIS R 22 20.66 -31.32 -2.78
CA HIS R 22 21.54 -32.33 -2.15
C HIS R 22 21.84 -32.00 -0.71
N ARG R 23 21.87 -33.03 0.12
CA ARG R 23 22.26 -32.86 1.53
C ARG R 23 23.30 -33.88 1.96
N TYR R 24 23.67 -33.83 3.23
CA TYR R 24 24.51 -34.85 3.86
C TYR R 24 23.83 -36.21 3.67
N PRO R 25 24.61 -37.28 3.43
CA PRO R 25 26.05 -37.34 3.22
C PRO R 25 26.42 -37.31 1.72
N PHE R 26 25.63 -36.59 0.92
CA PHE R 26 25.83 -36.57 -0.52
C PHE R 26 26.01 -35.18 -1.18
N LEU R 27 26.36 -34.18 -0.39
CA LEU R 27 26.59 -32.81 -0.89
C LEU R 27 28.10 -32.57 -0.99
N LEU R 28 28.60 -32.38 -2.21
CA LEU R 28 30.05 -32.43 -2.44
C LEU R 28 30.67 -31.17 -3.02
N VAL R 29 30.09 -30.02 -2.70
CA VAL R 29 30.66 -28.73 -3.03
C VAL R 29 30.60 -27.89 -1.75
N ASP R 30 31.77 -27.60 -1.17
CA ASP R 30 31.84 -26.80 0.05
C ASP R 30 31.73 -25.30 -0.24
N LYS R 31 32.17 -24.90 -1.44
CA LYS R 31 32.20 -23.50 -1.83
C LYS R 31 32.34 -23.33 -3.34
N VAL R 32 31.56 -22.41 -3.90
CA VAL R 32 31.79 -21.89 -5.25
C VAL R 32 32.67 -20.64 -5.12
N ILE R 33 33.78 -20.63 -5.85
CA ILE R 33 34.71 -19.49 -5.81
C ILE R 33 34.57 -18.56 -7.03
N TYR R 34 34.10 -19.10 -8.15
CA TYR R 34 33.84 -18.31 -9.36
C TYR R 34 32.67 -18.87 -10.17
N MET R 35 31.85 -17.97 -10.70
CA MET R 35 30.74 -18.36 -11.56
C MET R 35 30.38 -17.28 -12.58
N GLN R 36 30.40 -17.66 -13.85
CA GLN R 36 29.97 -16.82 -14.94
C GLN R 36 28.82 -17.54 -15.66
N PRO R 37 27.57 -17.09 -15.42
CA PRO R 37 26.37 -17.76 -15.92
C PRO R 37 26.49 -18.15 -17.40
N ASN R 38 25.93 -19.32 -17.72
CA ASN R 38 25.94 -19.89 -19.08
C ASN R 38 27.32 -20.13 -19.72
N LYS R 39 28.38 -20.15 -18.89
CA LYS R 39 29.73 -20.41 -19.40
C LYS R 39 30.58 -21.36 -18.53
N THR R 40 31.09 -20.84 -17.41
CA THR R 40 32.02 -21.60 -16.56
C THR R 40 31.68 -21.45 -15.09
N ILE R 41 32.12 -22.44 -14.28
CA ILE R 41 31.96 -22.36 -12.83
C ILE R 41 33.18 -22.99 -12.16
N ILE R 42 33.67 -22.33 -11.11
CA ILE R 42 34.79 -22.87 -10.34
C ILE R 42 34.41 -23.04 -8.87
N GLY R 43 34.66 -24.23 -8.35
CA GLY R 43 34.35 -24.56 -6.96
C GLY R 43 35.41 -25.43 -6.30
N LEU R 44 35.28 -25.62 -4.99
CA LEU R 44 36.20 -26.50 -4.26
C LEU R 44 35.54 -27.37 -3.17
N LYS R 45 36.08 -28.58 -3.01
CA LYS R 45 35.59 -29.56 -2.05
C LYS R 45 36.78 -30.01 -1.22
N GLN R 46 36.68 -29.82 0.10
CA GLN R 46 37.77 -30.11 1.01
C GLN R 46 37.69 -31.54 1.49
N VAL R 47 38.78 -32.29 1.32
CA VAL R 47 38.74 -33.74 1.51
C VAL R 47 39.31 -34.15 2.86
N SER R 48 38.42 -34.49 3.80
CA SER R 48 38.82 -34.83 5.16
C SER R 48 38.73 -36.32 5.46
N THR R 49 39.59 -36.79 6.36
CA THR R 49 39.47 -38.15 6.88
C THR R 49 38.15 -38.33 7.63
N ASN R 50 37.54 -37.22 8.04
CA ASN R 50 36.29 -37.21 8.82
C ASN R 50 35.04 -37.21 7.96
N GLU R 51 35.13 -37.85 6.79
CA GLU R 51 33.95 -38.04 5.95
C GLU R 51 33.48 -39.50 6.07
N PRO R 52 32.15 -39.70 6.03
CA PRO R 52 31.61 -41.04 6.28
C PRO R 52 32.08 -42.13 5.29
N PHE R 53 32.31 -41.77 4.03
CA PHE R 53 32.72 -42.76 3.03
C PHE R 53 34.12 -43.37 3.20
N PHE R 54 35.04 -42.69 3.88
CA PHE R 54 36.42 -43.16 3.97
C PHE R 54 36.54 -44.39 4.85
N ASN R 55 35.49 -44.68 5.60
CA ASN R 55 35.46 -45.92 6.35
C ASN R 55 35.36 -47.14 5.47
N GLY R 56 34.61 -46.99 4.38
CA GLY R 56 34.45 -48.06 3.42
C GLY R 56 35.38 -48.03 2.22
N HIS R 57 36.08 -46.91 2.01
CA HIS R 57 36.90 -46.77 0.80
C HIS R 57 38.30 -46.16 1.03
N PHE R 58 39.20 -46.85 1.72
CA PHE R 58 39.03 -48.22 2.19
C PHE R 58 39.65 -48.24 3.58
N PRO R 59 39.30 -49.22 4.43
CA PRO R 59 39.88 -49.19 5.78
C PRO R 59 41.43 -49.24 5.83
N GLN R 60 42.07 -49.93 4.88
CA GLN R 60 43.55 -50.02 4.88
C GLN R 60 44.22 -48.84 4.19
N LYS R 61 43.44 -48.01 3.50
CA LYS R 61 43.99 -46.94 2.68
C LYS R 61 42.85 -46.06 2.26
N GLN R 62 42.88 -44.80 2.68
CA GLN R 62 41.77 -43.91 2.43
C GLN R 62 41.97 -43.14 1.13
N ILE R 63 41.06 -43.35 0.19
CA ILE R 63 41.13 -42.75 -1.14
C ILE R 63 39.71 -42.39 -1.58
N MET R 64 39.49 -41.11 -1.91
CA MET R 64 38.21 -40.67 -2.39
C MET R 64 37.83 -41.47 -3.62
N PRO R 65 36.67 -42.15 -3.58
CA PRO R 65 36.18 -42.90 -4.73
C PRO R 65 36.10 -42.02 -5.96
N GLY R 66 36.47 -42.58 -7.11
CA GLY R 66 36.41 -41.87 -8.38
C GLY R 66 35.02 -41.36 -8.72
N VAL R 67 34.01 -42.17 -8.43
CA VAL R 67 32.63 -41.80 -8.69
C VAL R 67 32.24 -40.54 -7.92
N LEU R 68 32.74 -40.39 -6.70
CA LEU R 68 32.39 -39.24 -5.87
C LEU R 68 33.04 -37.97 -6.39
N GLN R 69 34.18 -38.12 -7.05
CA GLN R 69 34.80 -37.02 -7.81
C GLN R 69 33.99 -36.63 -9.06
N ILE R 70 33.35 -37.60 -9.69
CA ILE R 70 32.41 -37.29 -10.77
C ILE R 70 31.27 -36.48 -10.18
N GLU R 71 30.72 -36.98 -9.06
CA GLU R 71 29.55 -36.40 -8.41
C GLU R 71 29.83 -34.96 -8.00
N ALA R 72 30.99 -34.76 -7.38
CA ALA R 72 31.42 -33.43 -6.96
C ALA R 72 31.38 -32.43 -8.11
N LEU R 73 32.00 -32.76 -9.24
CA LEU R 73 31.96 -31.91 -10.42
C LEU R 73 30.56 -31.81 -11.00
N ALA R 74 29.80 -32.91 -10.90
CA ALA R 74 28.47 -32.96 -11.47
C ALA R 74 27.54 -32.02 -10.72
N GLN R 75 27.80 -31.86 -9.43
CA GLN R 75 27.00 -31.00 -8.57
C GLN R 75 27.33 -29.53 -8.81
N LEU R 76 28.62 -29.26 -9.05
CA LEU R 76 29.05 -27.91 -9.43
C LEU R 76 28.43 -27.52 -10.76
N ALA R 77 28.51 -28.44 -11.72
CA ALA R 77 27.90 -28.28 -13.04
C ALA R 77 26.41 -27.98 -12.92
N GLY R 78 25.75 -28.58 -11.92
CA GLY R 78 24.32 -28.35 -11.68
C GLY R 78 23.99 -26.98 -11.13
N ILE R 79 24.94 -26.41 -10.37
CA ILE R 79 24.81 -25.05 -9.82
C ILE R 79 24.86 -24.00 -10.91
N LEU R 80 25.75 -24.19 -11.87
CA LEU R 80 25.84 -23.32 -13.04
C LEU R 80 24.54 -23.39 -13.83
N CYS R 81 24.07 -24.60 -14.10
CA CYS R 81 22.83 -24.81 -14.86
C CYS R 81 21.63 -24.08 -14.25
N LEU R 82 21.49 -24.22 -12.93
CA LEU R 82 20.39 -23.60 -12.21
C LEU R 82 20.50 -22.08 -12.18
N LYS R 83 21.72 -21.56 -12.08
CA LYS R 83 21.93 -20.09 -12.04
C LYS R 83 21.98 -19.48 -13.44
N SER R 84 22.35 -20.28 -14.44
CA SER R 84 22.41 -19.82 -15.84
C SER R 84 21.02 -19.63 -16.41
N ASP R 85 20.08 -20.45 -15.95
CA ASP R 85 18.69 -20.41 -16.41
C ASP R 85 17.77 -20.96 -15.34
N ASP R 86 16.95 -20.07 -14.74
CA ASP R 86 16.03 -20.53 -13.68
C ASP R 86 14.55 -20.31 -14.00
N SER R 87 14.22 -20.24 -15.30
CA SER R 87 12.83 -20.20 -15.75
C SER R 87 12.12 -21.54 -15.50
N GLN R 88 12.90 -22.63 -15.49
CA GLN R 88 12.42 -23.92 -15.02
C GLN R 88 12.58 -24.01 -13.50
N LYS R 89 11.45 -23.94 -12.78
CA LYS R 89 11.41 -23.90 -11.31
C LYS R 89 11.43 -25.30 -10.68
N ASN R 90 12.50 -26.03 -11.09
CA ASN R 90 12.79 -27.38 -10.64
C ASN R 90 14.29 -27.34 -10.36
N ASN R 91 14.68 -27.70 -9.13
CA ASN R 91 16.11 -27.82 -8.86
C ASN R 91 16.67 -29.24 -9.03
N LEU R 92 15.77 -30.23 -9.07
CA LEU R 92 16.16 -31.65 -9.18
C LEU R 92 16.66 -32.02 -10.56
N PHE R 93 17.97 -31.91 -10.75
CA PHE R 93 18.61 -32.37 -11.98
C PHE R 93 19.04 -33.81 -11.86
N LEU R 94 19.02 -34.52 -12.99
CA LEU R 94 19.45 -35.92 -13.00
C LEU R 94 20.50 -36.21 -14.08
N PHE R 95 21.48 -37.02 -13.70
CA PHE R 95 22.58 -37.46 -14.57
C PHE R 95 21.98 -38.34 -15.67
N ALA R 96 22.06 -37.86 -16.90
CA ALA R 96 21.50 -38.58 -18.04
C ALA R 96 22.56 -39.44 -18.67
N GLY R 97 23.80 -39.00 -18.57
CA GLY R 97 24.92 -39.71 -19.18
C GLY R 97 26.24 -39.00 -18.97
N VAL R 98 27.29 -39.78 -18.72
CA VAL R 98 28.62 -39.23 -18.54
C VAL R 98 29.54 -39.90 -19.55
N ASP R 99 30.48 -39.14 -20.08
CA ASP R 99 31.35 -39.62 -21.12
C ASP R 99 32.76 -39.04 -21.02
N GLY R 100 33.75 -39.88 -21.30
CA GLY R 100 35.15 -39.48 -21.31
C GLY R 100 35.65 -39.14 -19.93
N VAL R 101 35.59 -40.12 -19.03
CA VAL R 101 36.04 -39.92 -17.66
C VAL R 101 37.36 -40.65 -17.43
N ARG R 102 38.40 -39.86 -17.09
CA ARG R 102 39.74 -40.37 -16.83
C ARG R 102 40.21 -39.88 -15.47
N TRP R 103 40.73 -40.77 -14.64
CA TRP R 103 41.31 -40.36 -13.37
C TRP R 103 42.83 -40.50 -13.45
N LYS R 104 43.53 -39.39 -13.19
CA LYS R 104 44.99 -39.36 -13.34
C LYS R 104 45.72 -39.63 -12.04
N LYS R 105 45.24 -39.01 -10.95
CA LYS R 105 45.95 -39.03 -9.68
C LYS R 105 44.95 -39.29 -8.57
N PRO R 106 45.34 -40.09 -7.56
CA PRO R 106 44.51 -40.29 -6.38
C PRO R 106 44.24 -39.00 -5.63
N VAL R 107 43.08 -38.95 -4.93
CA VAL R 107 42.71 -37.83 -4.09
C VAL R 107 42.63 -38.37 -2.68
N LEU R 108 43.45 -37.82 -1.77
CA LEU R 108 43.56 -38.32 -0.39
C LEU R 108 42.98 -37.34 0.65
N PRO R 109 42.92 -37.76 1.94
CA PRO R 109 42.57 -36.84 3.05
C PRO R 109 43.61 -35.77 3.23
N GLY R 110 43.16 -34.51 3.31
CA GLY R 110 44.08 -33.38 3.36
C GLY R 110 44.11 -32.60 2.06
N ASP R 111 43.74 -33.26 0.96
CA ASP R 111 43.78 -32.63 -0.35
C ASP R 111 42.61 -31.71 -0.54
N THR R 112 42.78 -30.72 -1.41
CA THR R 112 41.71 -29.84 -1.83
C THR R 112 41.47 -30.02 -3.31
N LEU R 113 40.30 -30.55 -3.61
CA LEU R 113 39.87 -30.80 -4.98
C LEU R 113 39.20 -29.54 -5.47
N THR R 114 39.94 -28.74 -6.26
CA THR R 114 39.37 -27.58 -6.94
C THR R 114 38.79 -28.13 -8.23
N MET R 115 37.62 -27.62 -8.62
CA MET R 115 36.92 -28.14 -9.78
C MET R 115 36.39 -27.04 -10.67
N GLN R 116 36.37 -27.31 -11.96
CA GLN R 116 35.76 -26.41 -12.93
C GLN R 116 34.91 -27.17 -13.93
N ALA R 117 33.66 -26.73 -14.07
CA ALA R 117 32.74 -27.27 -15.06
C ALA R 117 32.40 -26.18 -16.09
N ASN R 118 32.20 -26.59 -17.35
CA ASN R 118 31.99 -25.63 -18.44
C ASN R 118 30.85 -26.02 -19.38
N LEU R 119 29.79 -25.22 -19.34
CA LEU R 119 28.60 -25.45 -20.17
C LEU R 119 28.93 -25.49 -21.66
N ILE R 120 28.61 -26.65 -22.28
CA ILE R 120 28.79 -26.83 -23.72
C ILE R 120 27.49 -26.41 -24.43
N SER R 121 26.40 -27.12 -24.12
CA SER R 121 25.13 -26.91 -24.81
C SER R 121 23.93 -26.97 -23.88
N PHE R 122 23.03 -26.00 -24.01
CA PHE R 122 21.81 -25.97 -23.20
C PHE R 122 20.54 -25.91 -24.06
N LYS R 123 19.79 -27.00 -24.06
CA LYS R 123 18.53 -27.09 -24.78
C LYS R 123 17.40 -27.05 -23.77
N SER R 124 16.97 -25.84 -23.38
CA SER R 124 15.81 -25.66 -22.49
C SER R 124 14.55 -26.37 -23.02
N SER R 125 14.74 -27.08 -24.15
CA SER R 125 13.75 -27.99 -24.76
C SER R 125 13.24 -29.09 -23.81
N LEU R 126 14.12 -30.05 -23.52
CA LEU R 126 13.77 -31.13 -22.59
C LEU R 126 14.53 -30.94 -21.27
N GLY R 127 15.36 -29.89 -21.22
CA GLY R 127 16.28 -29.68 -20.11
C GLY R 127 17.53 -30.52 -20.32
N ILE R 128 17.99 -30.57 -21.58
CA ILE R 128 19.25 -31.23 -21.89
C ILE R 128 20.33 -30.16 -21.78
N ALA R 129 21.26 -30.40 -20.86
CA ALA R 129 22.42 -29.53 -20.69
C ALA R 129 23.68 -30.38 -20.66
N LYS R 130 24.65 -30.02 -21.48
CA LYS R 130 25.90 -30.78 -21.57
C LYS R 130 27.08 -29.94 -21.09
N LEU R 131 27.98 -30.57 -20.32
CA LEU R 131 29.10 -29.87 -19.71
C LEU R 131 30.37 -30.72 -19.69
N SER R 132 31.53 -30.05 -19.70
CA SER R 132 32.79 -30.72 -19.42
C SER R 132 33.23 -30.38 -17.99
N GLY R 133 34.14 -31.18 -17.44
CA GLY R 133 34.57 -30.98 -16.06
C GLY R 133 35.99 -31.41 -15.82
N VAL R 134 36.72 -30.63 -15.02
CA VAL R 134 38.09 -30.96 -14.64
C VAL R 134 38.24 -30.78 -13.13
N GLY R 135 39.00 -31.68 -12.50
CA GLY R 135 39.30 -31.60 -11.08
C GLY R 135 40.79 -31.58 -10.82
N TYR R 136 41.23 -30.64 -9.98
CA TYR R 136 42.65 -30.44 -9.66
C TYR R 136 42.93 -30.62 -8.18
N VAL R 137 44.10 -31.20 -7.88
CA VAL R 137 44.68 -31.15 -6.54
C VAL R 137 46.09 -30.63 -6.75
N ASN R 138 46.41 -29.50 -6.14
CA ASN R 138 47.73 -28.91 -6.31
C ASN R 138 48.07 -28.59 -7.77
N GLY R 139 47.15 -27.91 -8.45
CA GLY R 139 47.37 -27.45 -9.82
C GLY R 139 47.62 -28.56 -10.84
N LYS R 140 47.69 -29.80 -10.37
CA LYS R 140 47.79 -31.01 -11.22
C LYS R 140 46.40 -31.64 -11.41
N VAL R 141 46.11 -32.14 -12.61
CA VAL R 141 44.78 -32.70 -12.94
C VAL R 141 44.56 -34.08 -12.32
N VAL R 142 43.46 -34.26 -11.58
CA VAL R 142 43.10 -35.60 -11.07
C VAL R 142 41.95 -36.30 -11.81
N ILE R 143 41.02 -35.52 -12.34
CA ILE R 143 39.87 -36.08 -13.07
C ILE R 143 39.42 -35.26 -14.28
N ASN R 144 39.40 -35.91 -15.45
CA ASN R 144 38.85 -35.33 -16.67
C ASN R 144 37.50 -35.93 -16.98
N ILE R 145 36.54 -35.09 -17.34
CA ILE R 145 35.27 -35.55 -17.88
C ILE R 145 34.96 -34.77 -19.14
N SER R 146 35.00 -35.48 -20.27
CA SER R 146 34.64 -34.93 -21.57
C SER R 146 33.23 -34.32 -21.57
N GLU R 147 32.25 -35.14 -21.18
CA GLU R 147 30.86 -34.73 -21.31
C GLU R 147 29.98 -35.33 -20.22
N MET R 148 29.30 -34.44 -19.51
CA MET R 148 28.27 -34.81 -18.56
C MET R 148 26.94 -34.28 -19.13
N THR R 149 25.97 -35.17 -19.27
CA THR R 149 24.64 -34.82 -19.77
C THR R 149 23.72 -34.81 -18.57
N PHE R 150 22.92 -33.76 -18.43
CA PHE R 150 21.93 -33.71 -17.36
C PHE R 150 20.53 -33.42 -17.89
N ALA R 151 19.55 -34.04 -17.22
CA ALA R 151 18.13 -33.88 -17.55
C ALA R 151 17.36 -33.40 -16.32
N LEU R 152 16.57 -32.34 -16.50
CA LEU R 152 15.75 -31.78 -15.40
C LEU R 152 14.44 -32.54 -15.23
N SER R 153 14.19 -32.99 -14.00
CA SER R 153 13.04 -33.83 -13.68
C SER R 153 11.95 -33.04 -12.98
N ASP S 8 -14.54 8.16 -62.18
CA ASP S 8 -15.53 9.24 -61.83
C ASP S 8 -16.24 8.93 -60.49
N THR S 9 -17.24 8.03 -60.54
CA THR S 9 -17.97 7.42 -59.38
C THR S 9 -18.18 8.20 -58.06
N SER S 10 -18.84 9.37 -58.10
CA SER S 10 -19.09 10.10 -56.83
C SER S 10 -20.57 10.37 -56.47
N ILE S 11 -21.04 9.63 -55.45
CA ILE S 11 -22.46 9.62 -55.03
C ILE S 11 -22.83 10.83 -54.17
N ASP S 12 -23.77 11.64 -54.67
CA ASP S 12 -24.23 12.84 -53.97
C ASP S 12 -25.26 12.52 -52.91
N ILE S 13 -25.76 13.56 -52.24
CA ILE S 13 -26.70 13.42 -51.13
C ILE S 13 -28.00 12.69 -51.49
N GLU S 14 -28.48 12.87 -52.73
CA GLU S 14 -29.77 12.33 -53.14
C GLU S 14 -29.79 10.81 -53.17
N ASP S 15 -28.64 10.24 -53.54
CA ASP S 15 -28.45 8.78 -53.57
C ASP S 15 -28.13 8.24 -52.19
N ILE S 16 -27.41 9.03 -51.39
CA ILE S 16 -27.05 8.69 -50.01
C ILE S 16 -28.30 8.41 -49.19
N LYS S 17 -29.37 9.13 -49.48
CA LYS S 17 -30.66 8.92 -48.83
C LYS S 17 -31.35 7.62 -49.29
N LYS S 18 -30.98 7.13 -50.46
CA LYS S 18 -31.54 5.86 -50.91
C LYS S 18 -30.82 4.71 -50.23
N ILE S 19 -29.59 4.95 -49.81
CA ILE S 19 -28.80 3.94 -49.13
C ILE S 19 -29.05 4.00 -47.61
N LEU S 20 -28.81 5.17 -47.03
CA LEU S 20 -28.88 5.33 -45.58
C LEU S 20 -30.27 5.69 -45.09
N PRO S 21 -30.70 5.11 -43.96
CA PRO S 21 -31.97 5.53 -43.38
C PRO S 21 -31.85 6.88 -42.66
N HIS S 22 -30.62 7.26 -42.32
CA HIS S 22 -30.37 8.48 -41.56
C HIS S 22 -30.95 9.71 -42.26
N ARG S 23 -31.76 10.48 -41.53
CA ARG S 23 -32.30 11.74 -42.04
C ARG S 23 -31.88 12.84 -41.09
N TYR S 24 -32.35 14.06 -41.35
CA TYR S 24 -32.01 15.24 -40.54
C TYR S 24 -32.68 15.19 -39.16
N PRO S 25 -31.97 15.61 -38.10
CA PRO S 25 -30.64 16.19 -38.06
C PRO S 25 -29.56 15.20 -37.62
N PHE S 26 -29.61 13.98 -38.13
CA PHE S 26 -28.61 12.99 -37.76
C PHE S 26 -27.88 12.31 -38.96
N LEU S 27 -28.12 12.83 -40.17
CA LEU S 27 -27.35 12.39 -41.34
C LEU S 27 -26.07 13.21 -41.43
N LEU S 28 -24.94 12.52 -41.48
CA LEU S 28 -23.66 13.22 -41.43
C LEU S 28 -22.68 12.83 -42.54
N VAL S 29 -23.21 12.36 -43.67
CA VAL S 29 -22.41 12.23 -44.89
C VAL S 29 -22.97 13.08 -46.04
N ASP S 30 -22.27 14.17 -46.35
CA ASP S 30 -22.71 15.10 -47.39
C ASP S 30 -22.46 14.55 -48.79
N LYS S 31 -21.29 13.94 -49.00
CA LYS S 31 -20.94 13.40 -50.30
C LYS S 31 -19.95 12.24 -50.14
N VAL S 32 -20.20 11.17 -50.88
CA VAL S 32 -19.23 10.11 -51.10
C VAL S 32 -18.45 10.49 -52.36
N ILE S 33 -17.13 10.63 -52.25
CA ILE S 33 -16.31 10.94 -53.43
C ILE S 33 -15.67 9.72 -54.10
N TYR S 34 -15.23 8.75 -53.31
CA TYR S 34 -14.66 7.50 -53.84
C TYR S 34 -15.08 6.28 -52.99
N MET S 35 -15.37 5.17 -53.67
CA MET S 35 -15.72 3.92 -53.00
C MET S 35 -15.37 2.73 -53.89
N GLN S 36 -14.71 1.75 -53.28
CA GLN S 36 -14.35 0.50 -53.94
C GLN S 36 -14.89 -0.66 -53.11
N PRO S 37 -15.95 -1.34 -53.63
CA PRO S 37 -16.66 -2.41 -52.94
C PRO S 37 -15.73 -3.39 -52.23
N ASN S 38 -16.14 -3.83 -51.05
CA ASN S 38 -15.38 -4.75 -50.20
C ASN S 38 -13.96 -4.25 -49.78
N LYS S 39 -13.66 -2.97 -50.06
CA LYS S 39 -12.35 -2.40 -49.68
C LYS S 39 -12.36 -1.07 -48.90
N THR S 40 -12.55 0.05 -49.60
CA THR S 40 -12.44 1.37 -48.95
C THR S 40 -13.50 2.38 -49.42
N ILE S 41 -13.83 3.33 -48.55
CA ILE S 41 -14.77 4.40 -48.90
C ILE S 41 -14.30 5.76 -48.43
N ILE S 42 -14.24 6.70 -49.37
CA ILE S 42 -13.87 8.07 -49.07
C ILE S 42 -15.06 8.99 -49.35
N GLY S 43 -15.35 9.85 -48.39
CA GLY S 43 -16.39 10.87 -48.54
C GLY S 43 -16.02 12.16 -47.82
N LEU S 44 -17.03 12.99 -47.59
CA LEU S 44 -16.84 14.20 -46.78
C LEU S 44 -18.12 14.67 -46.11
N LYS S 45 -17.94 15.36 -44.99
CA LYS S 45 -19.01 16.02 -44.24
C LYS S 45 -18.66 17.51 -44.09
N GLN S 46 -19.49 18.39 -44.63
CA GLN S 46 -19.24 19.84 -44.51
C GLN S 46 -19.62 20.36 -43.13
N VAL S 47 -18.74 21.17 -42.55
CA VAL S 47 -18.96 21.68 -41.20
C VAL S 47 -19.24 23.18 -41.25
N SER S 48 -20.50 23.53 -40.99
CA SER S 48 -20.98 24.92 -41.08
C SER S 48 -21.63 25.35 -39.77
N THR S 49 -21.72 26.66 -39.54
CA THR S 49 -22.30 27.18 -38.29
C THR S 49 -23.82 27.11 -38.27
N ASN S 50 -24.39 26.79 -39.42
CA ASN S 50 -25.82 26.62 -39.57
C ASN S 50 -26.24 25.16 -39.33
N GLU S 51 -25.70 24.57 -38.28
CA GLU S 51 -26.00 23.18 -37.96
C GLU S 51 -26.56 23.16 -36.55
N PRO S 52 -27.59 22.32 -36.30
CA PRO S 52 -28.33 22.45 -35.04
C PRO S 52 -27.53 22.17 -33.76
N PHE S 53 -26.43 21.43 -33.87
CA PHE S 53 -25.68 20.99 -32.68
C PHE S 53 -24.65 22.00 -32.16
N PHE S 54 -24.25 22.97 -32.99
CA PHE S 54 -23.29 23.98 -32.57
C PHE S 54 -23.81 25.00 -31.57
N ASN S 55 -25.12 25.29 -31.62
CA ASN S 55 -25.76 26.07 -30.57
C ASN S 55 -25.47 25.53 -29.16
N GLY S 56 -25.47 24.20 -29.07
CA GLY S 56 -25.27 23.52 -27.79
C GLY S 56 -23.85 23.10 -27.47
N HIS S 57 -22.96 23.04 -28.47
CA HIS S 57 -21.62 22.52 -28.22
C HIS S 57 -20.52 23.38 -28.88
N PHE S 58 -20.18 24.53 -28.29
CA PHE S 58 -20.76 25.05 -27.05
C PHE S 58 -21.10 26.52 -27.33
N PRO S 59 -22.06 27.12 -26.57
CA PRO S 59 -22.44 28.53 -26.75
C PRO S 59 -21.24 29.44 -26.98
N GLN S 60 -20.26 29.33 -26.09
CA GLN S 60 -19.10 30.22 -26.09
C GLN S 60 -18.05 29.85 -27.12
N LYS S 61 -17.98 28.56 -27.48
CA LYS S 61 -16.99 28.09 -28.46
C LYS S 61 -17.51 26.94 -29.35
N GLN S 62 -17.74 27.25 -30.63
CA GLN S 62 -18.29 26.27 -31.57
C GLN S 62 -17.25 25.21 -31.94
N ILE S 63 -17.53 23.95 -31.59
CA ILE S 63 -16.63 22.81 -31.82
C ILE S 63 -17.43 21.54 -32.03
N MET S 64 -17.22 20.90 -33.18
CA MET S 64 -17.94 19.66 -33.50
C MET S 64 -17.67 18.62 -32.41
N PRO S 65 -18.76 18.05 -31.82
CA PRO S 65 -18.64 17.03 -30.78
C PRO S 65 -17.94 15.79 -31.30
N GLY S 66 -17.08 15.21 -30.46
CA GLY S 66 -16.32 14.04 -30.85
C GLY S 66 -17.21 12.95 -31.40
N VAL S 67 -18.30 12.68 -30.68
CA VAL S 67 -19.22 11.61 -31.03
C VAL S 67 -19.77 11.76 -32.44
N LEU S 68 -19.87 13.00 -32.89
CA LEU S 68 -20.44 13.28 -34.21
C LEU S 68 -19.46 12.95 -35.34
N GLN S 69 -18.18 13.23 -35.10
CA GLN S 69 -17.11 12.73 -35.97
C GLN S 69 -17.14 11.20 -36.07
N ILE S 70 -17.43 10.52 -34.94
CA ILE S 70 -17.52 9.06 -34.94
C ILE S 70 -18.65 8.59 -35.87
N GLU S 71 -19.88 9.02 -35.55
CA GLU S 71 -21.09 8.59 -36.25
C GLU S 71 -20.94 8.82 -37.74
N ALA S 72 -20.33 9.95 -38.09
CA ALA S 72 -20.05 10.34 -39.47
C ALA S 72 -19.21 9.30 -40.22
N LEU S 73 -18.13 8.84 -39.61
CA LEU S 73 -17.33 7.75 -40.15
C LEU S 73 -18.12 6.43 -40.16
N ALA S 74 -18.89 6.23 -39.10
CA ALA S 74 -19.71 5.03 -38.94
C ALA S 74 -20.76 4.95 -40.03
N GLN S 75 -21.32 6.10 -40.39
CA GLN S 75 -22.31 6.18 -41.44
C GLN S 75 -21.63 5.87 -42.76
N LEU S 76 -20.48 6.51 -42.99
CA LEU S 76 -19.69 6.27 -44.19
C LEU S 76 -19.27 4.80 -44.28
N ALA S 77 -18.85 4.24 -43.14
CA ALA S 77 -18.59 2.80 -43.06
C ALA S 77 -19.84 2.00 -43.44
N GLY S 78 -20.97 2.33 -42.82
CA GLY S 78 -22.24 1.70 -43.13
C GLY S 78 -22.66 1.69 -44.59
N ILE S 79 -22.36 2.78 -45.33
CA ILE S 79 -22.68 2.84 -46.76
C ILE S 79 -21.84 1.82 -47.49
N LEU S 80 -20.56 1.76 -47.14
CA LEU S 80 -19.61 0.81 -47.73
C LEU S 80 -20.14 -0.61 -47.58
N CYS S 81 -20.50 -0.99 -46.35
CA CYS S 81 -21.12 -2.28 -46.07
C CYS S 81 -22.28 -2.57 -47.00
N LEU S 82 -23.14 -1.58 -47.18
CA LEU S 82 -24.38 -1.77 -47.91
C LEU S 82 -24.23 -1.80 -49.44
N LYS S 83 -23.17 -1.17 -49.96
CA LYS S 83 -22.84 -1.30 -51.38
C LYS S 83 -21.91 -2.49 -51.64
N SER S 84 -21.26 -2.98 -50.58
CA SER S 84 -20.43 -4.19 -50.67
C SER S 84 -21.27 -5.44 -50.82
N ASP S 85 -22.36 -5.52 -50.06
CA ASP S 85 -23.16 -6.73 -49.96
C ASP S 85 -24.57 -6.44 -49.45
N ASP S 86 -25.52 -6.32 -50.39
CA ASP S 86 -26.91 -5.98 -50.07
C ASP S 86 -27.85 -7.20 -50.20
N SER S 87 -27.28 -8.41 -50.09
CA SER S 87 -28.08 -9.64 -50.11
C SER S 87 -28.95 -9.71 -48.84
N GLN S 88 -28.43 -9.13 -47.75
CA GLN S 88 -29.27 -8.73 -46.63
C GLN S 88 -29.87 -7.36 -46.95
N LYS S 89 -31.13 -7.35 -47.43
CA LYS S 89 -31.83 -6.13 -47.85
C LYS S 89 -32.35 -5.33 -46.64
N ASN S 90 -31.49 -5.25 -45.62
CA ASN S 90 -31.79 -4.57 -44.38
C ASN S 90 -30.78 -3.44 -44.18
N ASN S 91 -31.21 -2.21 -44.54
CA ASN S 91 -30.36 -1.01 -44.44
C ASN S 91 -30.30 -0.41 -43.00
N LEU S 92 -30.91 -1.11 -42.04
CA LEU S 92 -30.88 -0.72 -40.62
C LEU S 92 -29.68 -1.33 -39.86
N PHE S 93 -28.50 -0.70 -40.03
CA PHE S 93 -27.31 -1.16 -39.33
CA PHE S 93 -27.30 -1.15 -39.34
C PHE S 93 -27.13 -0.41 -38.00
N LEU S 94 -26.81 -1.17 -36.95
CA LEU S 94 -26.58 -0.57 -35.65
C LEU S 94 -25.15 -0.77 -35.20
N PHE S 95 -24.61 0.31 -34.67
CA PHE S 95 -23.28 0.33 -34.10
C PHE S 95 -23.21 -0.69 -32.96
N ALA S 96 -22.50 -1.81 -33.19
CA ALA S 96 -22.33 -2.84 -32.17
C ALA S 96 -21.15 -2.55 -31.26
N GLY S 97 -20.14 -1.86 -31.79
CA GLY S 97 -18.94 -1.53 -31.00
C GLY S 97 -17.89 -0.67 -31.69
N VAL S 98 -17.12 0.04 -30.87
CA VAL S 98 -16.04 0.89 -31.39
C VAL S 98 -14.82 0.85 -30.44
N ASP S 99 -13.63 0.75 -31.05
CA ASP S 99 -12.36 0.60 -30.31
C ASP S 99 -11.25 1.41 -30.96
N GLY S 100 -10.45 2.07 -30.13
CA GLY S 100 -9.30 2.84 -30.60
C GLY S 100 -9.68 4.15 -31.26
N VAL S 101 -10.36 5.00 -30.52
CA VAL S 101 -10.76 6.31 -31.00
C VAL S 101 -9.91 7.38 -30.35
N ARG S 102 -9.43 8.32 -31.18
CA ARG S 102 -8.60 9.43 -30.74
C ARG S 102 -8.93 10.72 -31.51
N TRP S 103 -8.97 11.83 -30.78
CA TRP S 103 -9.25 13.14 -31.38
C TRP S 103 -8.02 14.04 -31.27
N LYS S 104 -7.32 14.19 -32.39
CA LYS S 104 -6.06 14.93 -32.44
C LYS S 104 -6.23 16.44 -32.50
N LYS S 105 -7.19 16.89 -33.30
CA LYS S 105 -7.39 18.31 -33.52
C LYS S 105 -8.89 18.63 -33.55
N PRO S 106 -9.27 19.83 -33.05
CA PRO S 106 -10.69 20.18 -33.01
C PRO S 106 -11.18 20.47 -34.40
N VAL S 107 -12.43 20.08 -34.71
CA VAL S 107 -13.02 20.37 -36.01
C VAL S 107 -14.01 21.53 -35.87
N LEU S 108 -13.71 22.61 -36.59
CA LEU S 108 -14.37 23.91 -36.45
C LEU S 108 -15.26 24.26 -37.64
N PRO S 109 -16.24 25.17 -37.44
CA PRO S 109 -17.10 25.63 -38.53
C PRO S 109 -16.25 26.18 -39.67
N GLY S 110 -16.51 25.70 -40.89
CA GLY S 110 -15.77 26.15 -42.07
C GLY S 110 -14.98 25.02 -42.69
N ASP S 111 -14.63 24.03 -41.87
CA ASP S 111 -13.81 22.91 -42.31
C ASP S 111 -14.57 21.96 -43.23
N THR S 112 -13.82 21.32 -44.15
CA THR S 112 -14.32 20.16 -44.85
C THR S 112 -13.74 18.90 -44.20
N LEU S 113 -14.60 18.16 -43.50
CA LEU S 113 -14.20 16.90 -42.91
C LEU S 113 -14.12 15.83 -43.99
N THR S 114 -12.89 15.42 -44.30
CA THR S 114 -12.65 14.38 -45.31
C THR S 114 -12.50 13.03 -44.60
N MET S 115 -13.26 12.03 -45.03
CA MET S 115 -13.34 10.80 -44.27
C MET S 115 -13.09 9.55 -45.08
N GLN S 116 -12.26 8.66 -44.52
CA GLN S 116 -12.00 7.38 -45.14
C GLN S 116 -12.26 6.26 -44.14
N ALA S 117 -13.13 5.34 -44.53
CA ALA S 117 -13.36 4.14 -43.76
C ALA S 117 -12.93 2.90 -44.56
N ASN S 118 -12.20 2.00 -43.90
CA ASN S 118 -11.62 0.82 -44.53
C ASN S 118 -12.16 -0.47 -43.92
N LEU S 119 -12.53 -1.43 -44.77
CA LEU S 119 -13.15 -2.68 -44.33
C LEU S 119 -12.12 -3.71 -43.88
N ILE S 120 -12.33 -4.25 -42.69
CA ILE S 120 -11.39 -5.21 -42.12
C ILE S 120 -11.87 -6.65 -42.28
N SER S 121 -13.11 -6.93 -41.89
CA SER S 121 -13.67 -8.26 -42.01
C SER S 121 -15.16 -8.24 -42.26
N PHE S 122 -15.63 -9.05 -43.22
CA PHE S 122 -17.08 -9.22 -43.45
C PHE S 122 -17.48 -10.67 -43.20
N LYS S 123 -18.38 -10.88 -42.24
CA LYS S 123 -18.93 -12.21 -41.99
C LYS S 123 -20.45 -12.26 -42.22
N SER S 124 -20.83 -12.38 -43.50
CA SER S 124 -22.23 -12.54 -43.95
C SER S 124 -23.04 -13.49 -43.07
N SER S 125 -22.36 -14.48 -42.51
CA SER S 125 -22.91 -15.39 -41.49
C SER S 125 -23.61 -14.61 -40.37
N LEU S 126 -22.81 -13.95 -39.52
CA LEU S 126 -23.31 -13.32 -38.29
C LEU S 126 -23.84 -11.90 -38.46
N GLY S 127 -23.66 -11.33 -39.66
CA GLY S 127 -23.98 -9.92 -39.91
C GLY S 127 -22.97 -9.02 -39.21
N ILE S 128 -21.75 -9.53 -39.05
CA ILE S 128 -20.72 -8.81 -38.29
C ILE S 128 -19.60 -8.26 -39.18
N ALA S 129 -19.58 -6.95 -39.31
CA ALA S 129 -18.58 -6.27 -40.11
C ALA S 129 -17.73 -5.39 -39.22
N LYS S 130 -16.42 -5.41 -39.49
CA LYS S 130 -15.47 -4.55 -38.78
C LYS S 130 -14.77 -3.62 -39.77
N LEU S 131 -14.61 -2.36 -39.35
CA LEU S 131 -14.01 -1.35 -40.22
C LEU S 131 -13.16 -0.36 -39.43
N SER S 132 -12.15 0.20 -40.10
CA SER S 132 -11.32 1.27 -39.53
C SER S 132 -11.61 2.57 -40.25
N GLY S 133 -11.36 3.68 -39.57
CA GLY S 133 -11.65 5.00 -40.14
C GLY S 133 -10.63 6.07 -39.81
N VAL S 134 -10.45 7.00 -40.74
CA VAL S 134 -9.62 8.19 -40.52
C VAL S 134 -10.46 9.40 -40.93
N GLY S 135 -10.21 10.53 -40.28
CA GLY S 135 -10.83 11.81 -40.67
C GLY S 135 -9.79 12.89 -40.89
N TYR S 136 -9.97 13.69 -41.93
CA TYR S 136 -9.03 14.78 -42.23
C TYR S 136 -9.65 16.16 -42.42
N VAL S 137 -8.88 17.18 -42.03
CA VAL S 137 -9.20 18.57 -42.32
C VAL S 137 -7.93 19.21 -42.88
N ASN S 138 -7.92 19.47 -44.19
CA ASN S 138 -6.78 20.03 -44.91
C ASN S 138 -5.55 19.13 -44.83
N GLY S 139 -5.75 17.82 -45.03
CA GLY S 139 -4.63 16.88 -45.03
C GLY S 139 -4.16 16.47 -43.64
N LYS S 140 -4.45 17.30 -42.64
CA LYS S 140 -4.17 17.00 -41.24
C LYS S 140 -5.10 15.90 -40.72
N VAL S 141 -4.55 14.95 -39.96
CA VAL S 141 -5.37 13.90 -39.37
C VAL S 141 -6.02 14.46 -38.11
N VAL S 142 -7.35 14.42 -38.06
CA VAL S 142 -8.11 14.92 -36.90
C VAL S 142 -8.74 13.84 -36.03
N ILE S 143 -9.21 12.76 -36.66
CA ILE S 143 -9.77 11.63 -35.91
C ILE S 143 -9.28 10.29 -36.43
N ASN S 144 -9.13 9.37 -35.48
CA ASN S 144 -8.73 8.02 -35.77
C ASN S 144 -9.62 7.03 -35.09
N ILE S 145 -10.07 6.03 -35.85
CA ILE S 145 -10.78 4.89 -35.31
C ILE S 145 -10.13 3.56 -35.71
N SER S 146 -9.56 2.86 -34.73
CA SER S 146 -8.97 1.52 -34.95
C SER S 146 -9.99 0.50 -35.46
N GLU S 147 -11.17 0.49 -34.84
CA GLU S 147 -12.18 -0.51 -35.15
C GLU S 147 -13.62 -0.08 -34.85
N MET S 148 -14.44 -0.08 -35.90
CA MET S 148 -15.88 0.07 -35.79
C MET S 148 -16.49 -1.29 -36.11
N THR S 149 -17.36 -1.76 -35.21
CA THR S 149 -18.02 -3.06 -35.39
C THR S 149 -19.52 -2.88 -35.61
N PHE S 150 -20.00 -3.35 -36.78
CA PHE S 150 -21.41 -3.26 -37.14
C PHE S 150 -22.14 -4.61 -37.08
N ALA S 151 -23.42 -4.55 -36.73
CA ALA S 151 -24.30 -5.72 -36.66
C ALA S 151 -25.68 -5.38 -37.22
N LEU S 152 -26.15 -6.25 -38.11
CA LEU S 152 -27.51 -6.19 -38.63
C LEU S 152 -28.41 -7.15 -37.81
N SER S 153 -29.22 -6.59 -36.90
CA SER S 153 -30.19 -7.39 -36.12
C SER S 153 -31.46 -7.67 -36.92
N THR T 9 -23.16 13.72 -4.04
CA THR T 9 -24.50 14.19 -3.62
C THR T 9 -25.52 14.01 -4.79
N SER T 10 -26.54 14.87 -4.93
CA SER T 10 -27.55 14.71 -6.01
C SER T 10 -27.98 16.01 -6.72
N ILE T 11 -27.70 16.08 -8.02
CA ILE T 11 -27.90 17.32 -8.80
C ILE T 11 -29.05 17.23 -9.80
N ASP T 12 -29.89 18.28 -9.83
CA ASP T 12 -30.91 18.42 -10.89
C ASP T 12 -30.42 19.26 -12.08
N ILE T 13 -31.20 19.25 -13.16
CA ILE T 13 -30.82 19.89 -14.43
C ILE T 13 -30.36 21.36 -14.33
N GLU T 14 -30.97 22.12 -13.40
CA GLU T 14 -30.61 23.54 -13.20
C GLU T 14 -29.15 23.68 -12.82
N ASP T 15 -28.73 22.83 -11.88
CA ASP T 15 -27.38 22.86 -11.37
C ASP T 15 -26.41 22.22 -12.37
N ILE T 16 -26.92 21.21 -13.09
CA ILE T 16 -26.16 20.51 -14.15
C ILE T 16 -25.69 21.48 -15.23
N LYS T 17 -26.52 22.48 -15.55
CA LYS T 17 -26.17 23.49 -16.53
C LYS T 17 -25.20 24.56 -16.00
N LYS T 18 -24.94 24.53 -14.69
CA LYS T 18 -23.94 25.42 -14.08
C LYS T 18 -22.53 24.78 -14.08
N ILE T 19 -22.48 23.44 -14.06
CA ILE T 19 -21.21 22.70 -14.17
C ILE T 19 -20.79 22.52 -15.64
N LEU T 20 -21.68 21.91 -16.42
CA LEU T 20 -21.47 21.67 -17.86
C LEU T 20 -21.90 22.87 -18.72
N PRO T 21 -21.09 23.21 -19.75
CA PRO T 21 -21.53 24.24 -20.71
C PRO T 21 -22.52 23.70 -21.75
N HIS T 22 -22.68 22.37 -21.83
CA HIS T 22 -23.56 21.72 -22.82
C HIS T 22 -25.01 22.24 -22.78
N ARG T 23 -25.45 22.81 -23.90
CA ARG T 23 -26.84 23.25 -24.05
C ARG T 23 -27.57 22.48 -25.15
N TYR T 24 -28.89 22.68 -25.20
CA TYR T 24 -29.75 22.06 -26.21
C TYR T 24 -29.18 22.40 -27.59
N PRO T 25 -29.16 21.41 -28.51
CA PRO T 25 -29.75 20.08 -28.41
C PRO T 25 -28.74 19.01 -28.01
N PHE T 26 -27.69 19.44 -27.30
CA PHE T 26 -26.64 18.50 -26.96
C PHE T 26 -26.42 18.20 -25.45
N LEU T 27 -27.27 18.75 -24.58
CA LEU T 27 -27.19 18.40 -23.17
C LEU T 27 -27.87 17.05 -22.89
N LEU T 28 -27.08 16.06 -22.51
CA LEU T 28 -27.59 14.69 -22.42
C LEU T 28 -27.61 14.04 -21.01
N VAL T 29 -27.64 14.88 -19.98
CA VAL T 29 -27.67 14.42 -18.58
C VAL T 29 -28.81 15.11 -17.83
N ASP T 30 -29.95 14.40 -17.74
CA ASP T 30 -31.19 14.96 -17.17
C ASP T 30 -31.14 15.26 -15.66
N LYS T 31 -30.75 14.24 -14.87
CA LYS T 31 -30.57 14.39 -13.42
C LYS T 31 -29.43 13.49 -12.90
N VAL T 32 -28.54 14.09 -12.11
CA VAL T 32 -27.55 13.33 -11.37
C VAL T 32 -28.20 12.88 -10.08
N ILE T 33 -28.12 11.59 -9.82
CA ILE T 33 -28.74 11.02 -8.62
C ILE T 33 -27.71 10.86 -7.49
N TYR T 34 -26.58 10.19 -7.78
CA TYR T 34 -25.51 10.01 -6.79
C TYR T 34 -24.14 10.40 -7.33
N MET T 35 -23.38 11.13 -6.52
CA MET T 35 -22.01 11.52 -6.86
C MET T 35 -21.12 11.52 -5.63
N GLN T 36 -19.93 10.95 -5.80
CA GLN T 36 -18.90 11.02 -4.75
C GLN T 36 -17.59 11.47 -5.40
N PRO T 37 -17.11 12.67 -5.00
CA PRO T 37 -15.96 13.31 -5.67
C PRO T 37 -14.74 12.38 -5.68
N ASN T 38 -14.03 12.36 -6.81
CA ASN T 38 -12.88 11.47 -7.02
C ASN T 38 -13.17 9.96 -7.13
N LYS T 39 -14.43 9.55 -7.07
CA LYS T 39 -14.74 8.12 -7.17
C LYS T 39 -15.73 7.71 -8.30
N THR T 40 -17.02 7.94 -8.06
CA THR T 40 -18.06 7.56 -9.02
C THR T 40 -19.22 8.56 -9.08
N ILE T 41 -19.92 8.54 -10.22
CA ILE T 41 -21.12 9.35 -10.43
C ILE T 41 -22.21 8.59 -11.20
N ILE T 42 -23.38 8.45 -10.57
CA ILE T 42 -24.54 7.84 -11.22
C ILE T 42 -25.54 8.94 -11.61
N GLY T 43 -26.05 8.83 -12.83
CA GLY T 43 -27.03 9.77 -13.34
C GLY T 43 -28.10 9.06 -14.16
N LEU T 44 -28.94 9.85 -14.82
CA LEU T 44 -29.91 9.31 -15.77
C LEU T 44 -30.33 10.29 -16.87
N LYS T 45 -30.52 9.74 -18.06
CA LYS T 45 -31.00 10.47 -19.22
C LYS T 45 -32.28 9.79 -19.67
N GLN T 46 -33.36 10.56 -19.72
CA GLN T 46 -34.66 10.04 -20.13
C GLN T 46 -34.81 10.04 -21.64
N VAL T 47 -35.45 9.00 -22.16
CA VAL T 47 -35.49 8.81 -23.59
C VAL T 47 -36.93 8.91 -24.11
N SER T 48 -37.33 10.12 -24.52
CA SER T 48 -38.65 10.35 -25.11
C SER T 48 -38.59 10.51 -26.63
N THR T 49 -39.69 10.24 -27.32
CA THR T 49 -39.76 10.48 -28.77
C THR T 49 -39.73 11.98 -29.16
N ASN T 50 -39.94 12.85 -28.19
CA ASN T 50 -39.92 14.28 -28.44
C ASN T 50 -38.49 14.83 -28.41
N GLU T 51 -37.56 14.03 -28.94
CA GLU T 51 -36.16 14.43 -29.01
C GLU T 51 -35.70 14.66 -30.47
N PRO T 52 -35.04 15.81 -30.74
CA PRO T 52 -34.83 16.26 -32.12
C PRO T 52 -34.05 15.27 -32.99
N PHE T 53 -33.21 14.46 -32.37
CA PHE T 53 -32.46 13.42 -33.10
C PHE T 53 -33.30 12.19 -33.54
N PHE T 54 -34.48 12.00 -32.93
CA PHE T 54 -35.31 10.84 -33.24
C PHE T 54 -35.93 10.86 -34.64
N ASN T 55 -36.05 12.07 -35.21
CA ASN T 55 -36.53 12.23 -36.59
C ASN T 55 -35.55 11.64 -37.61
N GLY T 56 -34.27 11.78 -37.31
CA GLY T 56 -33.23 11.33 -38.23
C GLY T 56 -32.76 9.91 -38.02
N HIS T 57 -33.02 9.35 -36.84
CA HIS T 57 -32.40 8.08 -36.46
C HIS T 57 -33.39 7.13 -35.75
N PHE T 58 -34.31 6.49 -36.49
CA PHE T 58 -34.49 6.61 -37.94
C PHE T 58 -35.98 6.86 -38.15
N PRO T 59 -36.38 7.49 -39.29
CA PRO T 59 -37.80 7.76 -39.50
C PRO T 59 -38.66 6.52 -39.35
N GLN T 60 -38.22 5.40 -39.96
CA GLN T 60 -38.93 4.12 -39.90
C GLN T 60 -38.87 3.43 -38.54
N LYS T 61 -37.86 3.75 -37.72
CA LYS T 61 -37.63 3.05 -36.43
C LYS T 61 -36.78 3.88 -35.46
N GLN T 62 -37.43 4.44 -34.44
CA GLN T 62 -36.75 5.30 -33.48
C GLN T 62 -35.90 4.54 -32.43
N ILE T 63 -34.60 4.77 -32.50
CA ILE T 63 -33.60 4.13 -31.66
C ILE T 63 -32.61 5.24 -31.31
N MET T 64 -32.25 5.36 -30.04
CA MET T 64 -31.22 6.33 -29.65
C MET T 64 -29.88 5.92 -30.24
N PRO T 65 -29.20 6.89 -30.89
CA PRO T 65 -27.93 6.61 -31.55
C PRO T 65 -26.90 6.18 -30.54
N GLY T 66 -26.13 5.15 -30.89
CA GLY T 66 -25.07 4.67 -30.02
C GLY T 66 -24.21 5.81 -29.51
N VAL T 67 -23.62 6.55 -30.45
CA VAL T 67 -22.73 7.66 -30.14
C VAL T 67 -23.28 8.63 -29.10
N LEU T 68 -24.60 8.77 -29.04
CA LEU T 68 -25.23 9.67 -28.09
C LEU T 68 -25.32 9.05 -26.69
N GLN T 69 -25.43 7.72 -26.64
CA GLN T 69 -25.31 7.04 -25.35
C GLN T 69 -23.91 7.35 -24.82
N ILE T 70 -22.93 7.41 -25.71
CA ILE T 70 -21.54 7.77 -25.37
C ILE T 70 -21.46 9.18 -24.77
N GLU T 71 -21.81 10.19 -25.56
CA GLU T 71 -21.83 11.57 -25.10
C GLU T 71 -22.52 11.75 -23.74
N ALA T 72 -23.53 10.93 -23.48
CA ALA T 72 -24.29 10.96 -22.25
C ALA T 72 -23.46 10.52 -21.04
N LEU T 73 -22.73 9.43 -21.21
CA LEU T 73 -21.82 8.94 -20.19
C LEU T 73 -20.63 9.89 -20.03
N ALA T 74 -20.05 10.30 -21.16
CA ALA T 74 -18.95 11.24 -21.22
C ALA T 74 -19.25 12.56 -20.47
N GLN T 75 -20.48 13.06 -20.66
CA GLN T 75 -20.92 14.25 -19.97
C GLN T 75 -21.06 13.97 -18.47
N LEU T 76 -21.62 12.82 -18.12
CA LEU T 76 -21.76 12.42 -16.72
C LEU T 76 -20.40 12.21 -16.04
N ALA T 77 -19.47 11.65 -16.82
CA ALA T 77 -18.09 11.51 -16.40
C ALA T 77 -17.44 12.90 -16.20
N GLY T 78 -17.74 13.81 -17.12
CA GLY T 78 -17.19 15.17 -17.05
C GLY T 78 -17.66 15.99 -15.86
N ILE T 79 -18.88 15.71 -15.40
CA ILE T 79 -19.44 16.37 -14.22
C ILE T 79 -18.61 15.98 -13.00
N LEU T 80 -18.43 14.65 -12.84
CA LEU T 80 -17.55 14.10 -11.80
C LEU T 80 -16.19 14.79 -11.76
N CYS T 81 -15.50 14.84 -12.90
CA CYS T 81 -14.21 15.49 -12.98
C CYS T 81 -14.25 16.91 -12.42
N LEU T 82 -15.28 17.67 -12.80
CA LEU T 82 -15.39 19.08 -12.45
C LEU T 82 -15.78 19.36 -10.98
N LYS T 83 -16.45 18.40 -10.35
CA LYS T 83 -16.74 18.51 -8.92
C LYS T 83 -15.59 17.97 -8.06
N SER T 84 -14.86 17.00 -8.62
CA SER T 84 -13.68 16.47 -7.92
C SER T 84 -12.57 17.51 -7.85
N ASP T 85 -12.34 18.22 -8.96
CA ASP T 85 -11.20 19.12 -9.06
C ASP T 85 -11.54 20.32 -9.97
N ASP T 86 -11.93 21.44 -9.34
CA ASP T 86 -12.20 22.70 -10.06
C ASP T 86 -11.20 23.82 -9.70
N SER T 87 -9.98 23.44 -9.33
CA SER T 87 -8.89 24.43 -9.22
C SER T 87 -8.65 25.07 -10.61
N GLN T 88 -8.53 24.22 -11.65
CA GLN T 88 -8.62 24.68 -13.04
C GLN T 88 -10.07 25.06 -13.35
N LYS T 89 -10.37 26.37 -13.24
CA LYS T 89 -11.73 26.89 -13.42
C LYS T 89 -12.19 26.90 -14.89
N ASN T 90 -11.88 25.82 -15.62
CA ASN T 90 -12.27 25.69 -17.02
C ASN T 90 -13.30 24.58 -17.16
N ASN T 91 -14.53 24.94 -17.54
CA ASN T 91 -15.57 23.93 -17.73
C ASN T 91 -15.62 23.28 -19.12
N LEU T 92 -14.86 23.85 -20.06
CA LEU T 92 -14.77 23.32 -21.43
C LEU T 92 -13.83 22.10 -21.54
N PHE T 93 -14.40 20.89 -21.45
CA PHE T 93 -13.60 19.65 -21.48
C PHE T 93 -13.80 18.88 -22.78
N LEU T 94 -12.70 18.60 -23.46
CA LEU T 94 -12.75 17.90 -24.74
C LEU T 94 -12.54 16.40 -24.62
N PHE T 95 -13.27 15.68 -25.49
CA PHE T 95 -13.16 14.23 -25.65
C PHE T 95 -11.87 13.97 -26.39
N ALA T 96 -10.89 13.40 -25.69
CA ALA T 96 -9.58 13.14 -26.29
C ALA T 96 -9.48 11.71 -26.84
N GLY T 97 -10.32 10.82 -26.30
CA GLY T 97 -10.30 9.44 -26.77
C GLY T 97 -11.23 8.53 -26.02
N VAL T 98 -11.79 7.56 -26.74
CA VAL T 98 -12.59 6.53 -26.10
C VAL T 98 -12.10 5.19 -26.56
N ASP T 99 -12.33 4.18 -25.72
CA ASP T 99 -11.88 2.84 -26.02
C ASP T 99 -12.85 1.85 -25.40
N GLY T 100 -13.11 0.77 -26.12
CA GLY T 100 -13.87 -0.35 -25.58
C GLY T 100 -15.31 0.02 -25.30
N VAL T 101 -16.04 0.35 -26.36
CA VAL T 101 -17.48 0.62 -26.26
C VAL T 101 -18.27 -0.56 -26.82
N ARG T 102 -19.15 -1.13 -25.99
CA ARG T 102 -20.02 -2.23 -26.41
C ARG T 102 -21.49 -1.83 -26.28
N TRP T 103 -22.25 -2.00 -27.35
CA TRP T 103 -23.70 -1.72 -27.33
C TRP T 103 -24.50 -3.02 -27.32
N LYS T 104 -24.90 -3.44 -26.11
CA LYS T 104 -25.56 -4.74 -25.89
C LYS T 104 -27.03 -4.76 -26.29
N LYS T 105 -27.77 -3.70 -25.97
CA LYS T 105 -29.18 -3.61 -26.30
C LYS T 105 -29.60 -2.23 -26.78
N PRO T 106 -30.46 -2.19 -27.80
CA PRO T 106 -30.98 -0.92 -28.35
C PRO T 106 -31.83 -0.13 -27.35
N VAL T 107 -31.54 1.17 -27.21
CA VAL T 107 -32.25 2.07 -26.29
C VAL T 107 -33.36 2.83 -27.02
N LEU T 108 -34.62 2.47 -26.72
CA LEU T 108 -35.81 2.99 -27.42
C LEU T 108 -36.55 4.09 -26.65
N PRO T 109 -37.39 4.88 -27.36
CA PRO T 109 -38.27 5.87 -26.72
C PRO T 109 -39.04 5.25 -25.56
N GLY T 110 -39.13 5.97 -24.45
CA GLY T 110 -39.86 5.45 -23.29
C GLY T 110 -38.98 4.83 -22.22
N ASP T 111 -37.70 4.62 -22.54
CA ASP T 111 -36.75 4.13 -21.56
C ASP T 111 -36.32 5.20 -20.55
N THR T 112 -35.67 4.74 -19.47
CA THR T 112 -34.87 5.61 -18.59
C THR T 112 -33.42 5.13 -18.62
N LEU T 113 -32.52 5.95 -19.15
CA LEU T 113 -31.13 5.54 -19.24
C LEU T 113 -30.45 5.90 -17.93
N THR T 114 -30.12 4.87 -17.15
CA THR T 114 -29.34 5.06 -15.94
C THR T 114 -27.88 4.87 -16.34
N MET T 115 -27.02 5.74 -15.84
CA MET T 115 -25.61 5.70 -16.20
C MET T 115 -24.72 5.75 -14.96
N GLN T 116 -23.59 5.06 -15.01
CA GLN T 116 -22.58 5.19 -13.96
C GLN T 116 -21.20 5.36 -14.59
N ALA T 117 -20.57 6.50 -14.29
CA ALA T 117 -19.20 6.77 -14.69
C ALA T 117 -18.28 6.69 -13.48
N ASN T 118 -17.32 5.74 -13.51
CA ASN T 118 -16.33 5.58 -12.45
C ASN T 118 -15.00 6.15 -12.91
N LEU T 119 -14.29 6.83 -12.00
CA LEU T 119 -12.99 7.41 -12.33
C LEU T 119 -11.89 6.35 -12.20
N ILE T 120 -10.88 6.42 -13.07
CA ILE T 120 -9.72 5.51 -13.00
C ILE T 120 -8.42 6.25 -12.66
N SER T 121 -8.23 7.46 -13.23
CA SER T 121 -7.07 8.30 -12.90
C SER T 121 -7.29 9.79 -13.17
N PHE T 122 -6.54 10.62 -12.40
CA PHE T 122 -6.59 12.08 -12.53
C PHE T 122 -5.17 12.67 -12.31
N LYS T 123 -4.71 13.50 -13.26
CA LYS T 123 -3.35 14.03 -13.20
C LYS T 123 -3.28 15.53 -13.53
N GLY T 127 -4.28 18.13 -17.31
CA GLY T 127 -5.76 17.83 -17.21
C GLY T 127 -6.11 16.58 -17.98
N ILE T 128 -5.45 15.46 -17.66
CA ILE T 128 -5.78 14.17 -18.29
C ILE T 128 -6.53 13.26 -17.30
N ALA T 129 -7.83 13.07 -17.53
CA ALA T 129 -8.62 12.14 -16.75
C ALA T 129 -8.99 10.94 -17.58
N LYS T 130 -9.19 9.80 -16.90
CA LYS T 130 -9.65 8.57 -17.54
C LYS T 130 -10.75 7.90 -16.71
N LEU T 131 -11.86 7.58 -17.37
CA LEU T 131 -13.01 7.00 -16.68
C LEU T 131 -13.60 5.79 -17.39
N SER T 132 -14.29 4.94 -16.63
CA SER T 132 -15.08 3.85 -17.22
C SER T 132 -16.57 4.19 -17.10
N GLY T 133 -17.39 3.45 -17.85
CA GLY T 133 -18.81 3.75 -17.89
C GLY T 133 -19.70 2.61 -18.31
N VAL T 134 -20.87 2.55 -17.68
CA VAL T 134 -21.90 1.56 -17.94
C VAL T 134 -23.22 2.31 -18.08
N GLY T 135 -24.13 1.77 -18.87
CA GLY T 135 -25.48 2.33 -18.97
C GLY T 135 -26.56 1.27 -18.93
N TYR T 136 -27.61 1.52 -18.14
CA TYR T 136 -28.69 0.54 -17.95
C TYR T 136 -30.08 0.98 -18.39
N VAL T 137 -30.89 0.00 -18.80
CA VAL T 137 -32.32 0.18 -19.08
C VAL T 137 -33.07 -0.98 -18.42
N ASN T 138 -33.69 -0.68 -17.28
CA ASN T 138 -34.37 -1.68 -16.44
C ASN T 138 -33.44 -2.75 -15.84
N GLY T 139 -32.37 -2.29 -15.19
CA GLY T 139 -31.39 -3.19 -14.57
C GLY T 139 -30.49 -3.99 -15.52
N LYS T 140 -30.86 -4.06 -16.81
CA LYS T 140 -30.03 -4.72 -17.82
C LYS T 140 -28.98 -3.75 -18.39
N VAL T 141 -27.80 -4.27 -18.73
CA VAL T 141 -26.74 -3.46 -19.32
C VAL T 141 -27.00 -3.24 -20.81
N VAL T 142 -26.90 -1.99 -21.26
CA VAL T 142 -27.14 -1.65 -22.67
C VAL T 142 -25.89 -1.12 -23.38
N ILE T 143 -25.07 -0.38 -22.63
CA ILE T 143 -23.82 0.15 -23.14
C ILE T 143 -22.68 -0.01 -22.13
N ASN T 144 -21.50 -0.35 -22.64
CA ASN T 144 -20.30 -0.44 -21.83
C ASN T 144 -19.15 0.34 -22.43
N ILE T 145 -18.46 1.10 -21.58
CA ILE T 145 -17.27 1.85 -21.96
C ILE T 145 -16.11 1.53 -21.02
N SER T 146 -15.08 0.86 -21.58
CA SER T 146 -13.86 0.54 -20.85
C SER T 146 -13.18 1.81 -20.37
N GLU T 147 -12.86 2.69 -21.32
CA GLU T 147 -12.10 3.89 -20.99
C GLU T 147 -12.54 5.11 -21.78
N MET T 148 -12.79 6.19 -21.05
CA MET T 148 -12.95 7.52 -21.64
C MET T 148 -11.72 8.37 -21.27
N THR T 149 -11.17 9.07 -22.25
CA THR T 149 -10.00 9.93 -22.03
C THR T 149 -10.33 11.38 -22.34
N PHE T 150 -10.07 12.27 -21.37
CA PHE T 150 -10.43 13.68 -21.50
C PHE T 150 -9.22 14.57 -21.37
N ALA T 151 -9.34 15.78 -21.93
CA ALA T 151 -8.33 16.83 -21.73
C ALA T 151 -8.99 18.22 -21.65
N LEU T 152 -8.42 19.10 -20.82
CA LEU T 152 -9.05 20.39 -20.52
C LEU T 152 -8.19 21.61 -20.87
N SER T 153 -7.84 21.74 -22.16
CA SER T 153 -7.07 22.88 -22.67
C SER T 153 -7.56 23.37 -24.04
N THR U 9 -61.84 33.21 -55.57
CA THR U 9 -61.91 32.35 -54.35
C THR U 9 -60.59 32.40 -53.52
N SER U 10 -60.59 31.77 -52.35
CA SER U 10 -59.47 31.90 -51.40
C SER U 10 -58.66 30.62 -51.21
N ILE U 11 -57.36 30.69 -51.47
CA ILE U 11 -56.44 29.55 -51.34
C ILE U 11 -55.80 29.53 -49.94
N ASP U 12 -56.13 28.49 -49.17
CA ASP U 12 -55.55 28.33 -47.84
C ASP U 12 -54.33 27.41 -47.86
N ILE U 13 -53.63 27.35 -46.73
CA ILE U 13 -52.34 26.69 -46.62
C ILE U 13 -52.26 25.24 -47.14
N GLU U 14 -53.37 24.50 -47.07
CA GLU U 14 -53.41 23.08 -47.46
C GLU U 14 -53.25 22.88 -48.96
N ASP U 15 -53.95 23.70 -49.74
CA ASP U 15 -53.83 23.72 -51.20
C ASP U 15 -52.54 24.40 -51.68
N ILE U 16 -51.99 25.32 -50.88
CA ILE U 16 -50.73 25.97 -51.22
C ILE U 16 -49.59 24.95 -51.31
N LYS U 17 -49.63 23.94 -50.45
CA LYS U 17 -48.60 22.90 -50.42
C LYS U 17 -48.79 21.90 -51.59
N LYS U 18 -50.01 21.87 -52.14
CA LYS U 18 -50.32 21.07 -53.32
C LYS U 18 -49.77 21.73 -54.60
N ILE U 19 -49.51 23.03 -54.52
CA ILE U 19 -48.93 23.78 -55.65
C ILE U 19 -47.41 23.95 -55.50
N LEU U 20 -46.96 24.46 -54.36
CA LEU U 20 -45.55 24.66 -54.08
C LEU U 20 -44.92 23.45 -53.39
N PRO U 21 -43.64 23.15 -53.73
CA PRO U 21 -42.92 22.04 -53.11
C PRO U 21 -42.34 22.42 -51.76
N HIS U 22 -42.27 23.72 -51.50
CA HIS U 22 -41.65 24.24 -50.30
C HIS U 22 -42.35 23.70 -49.07
N ARG U 23 -41.55 23.29 -48.10
CA ARG U 23 -42.05 22.84 -46.82
C ARG U 23 -41.35 23.63 -45.70
N TYR U 24 -41.74 23.38 -44.45
CA TYR U 24 -41.05 23.96 -43.29
C TYR U 24 -39.56 23.57 -43.32
N PRO U 25 -38.67 24.48 -42.89
CA PRO U 25 -38.90 25.84 -42.44
C PRO U 25 -38.72 26.91 -43.53
N PHE U 26 -39.19 26.64 -44.74
CA PHE U 26 -38.96 27.54 -45.85
C PHE U 26 -40.20 27.84 -46.71
N LEU U 27 -41.37 27.45 -46.20
CA LEU U 27 -42.63 27.83 -46.83
C LEU U 27 -43.07 29.17 -46.27
N LEU U 28 -43.19 30.15 -47.16
CA LEU U 28 -43.40 31.56 -46.75
C LEU U 28 -44.65 32.23 -47.34
N VAL U 29 -45.63 31.40 -47.72
CA VAL U 29 -46.93 31.89 -48.12
C VAL U 29 -47.96 31.22 -47.22
N ASP U 30 -48.68 32.01 -46.44
CA ASP U 30 -49.63 31.42 -45.49
C ASP U 30 -51.03 31.31 -46.10
N LYS U 31 -51.48 32.38 -46.76
CA LYS U 31 -52.78 32.35 -47.47
C LYS U 31 -52.81 33.24 -48.72
N VAL U 32 -53.31 32.65 -49.82
CA VAL U 32 -53.62 33.42 -51.04
C VAL U 32 -55.09 33.91 -51.00
N ILE U 33 -55.25 35.24 -50.91
CA ILE U 33 -56.59 35.86 -50.83
C ILE U 33 -57.26 36.13 -52.19
N TYR U 34 -56.46 36.51 -53.19
CA TYR U 34 -56.97 36.71 -54.55
C TYR U 34 -55.92 36.36 -55.59
N MET U 35 -56.38 35.74 -56.68
CA MET U 35 -55.49 35.46 -57.79
C MET U 35 -56.27 35.54 -59.10
N GLN U 36 -55.65 36.18 -60.09
CA GLN U 36 -56.17 36.16 -61.43
C GLN U 36 -55.13 35.46 -62.30
N PRO U 37 -55.52 34.32 -62.91
CA PRO U 37 -54.61 33.58 -63.78
C PRO U 37 -53.98 34.49 -64.83
N ASN U 38 -52.70 34.23 -65.14
CA ASN U 38 -51.91 34.95 -66.15
C ASN U 38 -51.80 36.47 -65.97
N LYS U 39 -52.29 36.98 -64.84
CA LYS U 39 -52.25 38.42 -64.55
C LYS U 39 -51.58 38.78 -63.22
N THR U 40 -52.25 38.46 -62.11
CA THR U 40 -51.77 38.91 -60.79
C THR U 40 -52.28 38.04 -59.65
N ILE U 41 -51.53 38.05 -58.55
CA ILE U 41 -51.82 37.23 -57.39
C ILE U 41 -51.57 38.04 -56.10
N ILE U 42 -52.51 37.94 -55.17
CA ILE U 42 -52.34 38.56 -53.87
C ILE U 42 -52.35 37.47 -52.79
N GLY U 43 -51.39 37.56 -51.86
CA GLY U 43 -51.34 36.64 -50.71
C GLY U 43 -50.78 37.32 -49.47
N LEU U 44 -50.49 36.51 -48.45
CA LEU U 44 -49.91 37.01 -47.20
C LEU U 44 -49.08 35.98 -46.45
N LYS U 45 -48.08 36.48 -45.74
CA LYS U 45 -47.23 35.70 -44.85
C LYS U 45 -47.29 36.38 -43.48
N GLN U 46 -47.76 35.64 -42.48
CA GLN U 46 -47.99 36.20 -41.15
C GLN U 46 -46.67 36.26 -40.40
N VAL U 47 -46.46 37.31 -39.62
CA VAL U 47 -45.19 37.47 -38.93
C VAL U 47 -45.30 37.28 -37.40
N SER U 48 -44.97 36.07 -36.95
CA SER U 48 -44.94 35.73 -35.52
C SER U 48 -43.52 35.66 -34.98
N THR U 49 -43.37 35.79 -33.65
CA THR U 49 -42.09 35.55 -33.00
C THR U 49 -41.78 34.06 -32.95
N ASN U 50 -42.80 33.23 -33.16
CA ASN U 50 -42.61 31.79 -33.12
C ASN U 50 -42.16 31.20 -34.47
N GLU U 51 -41.18 31.86 -35.08
CA GLU U 51 -40.57 31.39 -36.32
C GLU U 51 -39.07 31.16 -36.07
N PRO U 52 -38.54 30.04 -36.58
CA PRO U 52 -37.18 29.64 -36.25
C PRO U 52 -36.12 30.70 -36.56
N PHE U 53 -36.28 31.44 -37.67
CA PHE U 53 -35.24 32.35 -38.13
C PHE U 53 -35.06 33.61 -37.27
N PHE U 54 -36.05 33.88 -36.42
CA PHE U 54 -36.01 35.09 -35.60
C PHE U 54 -34.94 35.09 -34.50
N ASN U 55 -34.63 33.91 -33.94
CA ASN U 55 -33.52 33.76 -32.99
C ASN U 55 -32.19 34.30 -33.53
N GLY U 56 -31.97 34.05 -34.83
CA GLY U 56 -30.71 34.43 -35.46
C GLY U 56 -30.70 35.72 -36.27
N HIS U 57 -31.82 36.44 -36.27
CA HIS U 57 -31.90 37.70 -37.03
C HIS U 57 -32.86 38.72 -36.41
N PHE U 58 -32.53 39.26 -35.24
CA PHE U 58 -31.28 39.01 -34.50
C PHE U 58 -31.65 38.78 -33.01
N PRO U 59 -30.68 38.29 -32.19
CA PRO U 59 -31.04 37.99 -30.79
C PRO U 59 -31.50 39.22 -30.02
N GLN U 60 -30.77 40.33 -30.18
CA GLN U 60 -31.08 41.59 -29.50
C GLN U 60 -32.30 42.26 -30.10
N LYS U 61 -32.60 41.97 -31.36
CA LYS U 61 -33.62 42.73 -32.09
C LYS U 61 -34.24 41.98 -33.29
N GLN U 62 -35.44 41.46 -33.07
CA GLN U 62 -36.16 40.69 -34.07
C GLN U 62 -36.59 41.58 -35.24
N ILE U 63 -36.13 41.20 -36.43
CA ILE U 63 -36.43 41.87 -37.70
C ILE U 63 -36.49 40.78 -38.77
N MET U 64 -37.50 40.81 -39.64
CA MET U 64 -37.60 39.76 -40.67
C MET U 64 -36.52 40.00 -41.73
N PRO U 65 -35.73 38.97 -42.05
CA PRO U 65 -34.63 39.04 -43.01
C PRO U 65 -35.07 39.46 -44.40
N GLY U 66 -34.34 40.43 -44.96
CA GLY U 66 -34.62 40.95 -46.29
C GLY U 66 -34.89 39.81 -47.24
N VAL U 67 -33.88 38.99 -47.48
CA VAL U 67 -33.96 37.85 -48.40
C VAL U 67 -35.24 36.99 -48.27
N LEU U 68 -35.76 36.88 -47.05
CA LEU U 68 -36.96 36.08 -46.83
C LEU U 68 -38.24 36.81 -47.30
N GLN U 69 -38.22 38.15 -47.25
CA GLN U 69 -39.28 39.00 -47.80
C GLN U 69 -39.34 38.89 -49.32
N ILE U 70 -38.16 38.69 -49.92
CA ILE U 70 -38.07 38.33 -51.33
C ILE U 70 -38.69 36.95 -51.52
N GLU U 71 -38.10 35.94 -50.87
CA GLU U 71 -38.54 34.55 -51.04
C GLU U 71 -40.06 34.41 -50.98
N ALA U 72 -40.67 35.13 -50.04
CA ALA U 72 -42.14 35.12 -49.84
C ALA U 72 -42.90 35.74 -51.02
N LEU U 73 -42.25 36.66 -51.74
CA LEU U 73 -42.85 37.22 -52.94
C LEU U 73 -42.60 36.26 -54.10
N ALA U 74 -41.36 35.80 -54.22
CA ALA U 74 -40.94 34.79 -55.19
C ALA U 74 -41.81 33.54 -55.14
N GLN U 75 -42.18 33.14 -53.92
CA GLN U 75 -43.04 31.99 -53.69
C GLN U 75 -44.45 32.25 -54.13
N LEU U 76 -44.99 33.40 -53.71
CA LEU U 76 -46.28 33.89 -54.19
C LEU U 76 -46.35 33.96 -55.71
N ALA U 77 -45.30 34.51 -56.32
CA ALA U 77 -45.18 34.60 -57.77
C ALA U 77 -45.30 33.21 -58.41
N GLY U 78 -44.50 32.26 -57.90
CA GLY U 78 -44.46 30.87 -58.39
C GLY U 78 -45.78 30.13 -58.38
N ILE U 79 -46.66 30.49 -57.45
CA ILE U 79 -48.02 29.94 -57.40
C ILE U 79 -48.79 30.44 -58.62
N LEU U 80 -48.66 31.74 -58.91
CA LEU U 80 -49.28 32.34 -60.09
C LEU U 80 -48.87 31.63 -61.39
N CYS U 81 -47.56 31.54 -61.64
CA CYS U 81 -47.04 30.79 -62.79
C CYS U 81 -47.62 29.37 -62.92
N LEU U 82 -47.64 28.62 -61.82
CA LEU U 82 -48.10 27.23 -61.83
C LEU U 82 -49.61 27.09 -62.02
N LYS U 83 -50.37 28.07 -61.56
CA LYS U 83 -51.81 28.04 -61.78
C LYS U 83 -52.18 28.64 -63.14
N SER U 84 -51.31 29.50 -63.67
CA SER U 84 -51.50 30.09 -64.99
C SER U 84 -51.37 29.00 -66.05
N ASP U 85 -50.31 28.21 -65.93
CA ASP U 85 -49.94 27.26 -66.96
C ASP U 85 -49.24 26.04 -66.37
N ASP U 86 -50.00 24.95 -66.23
CA ASP U 86 -49.42 23.67 -65.77
C ASP U 86 -49.47 22.57 -66.86
N SER U 87 -49.25 22.98 -68.12
CA SER U 87 -48.95 22.00 -69.18
C SER U 87 -47.52 21.46 -68.98
N GLN U 88 -46.66 22.32 -68.40
CA GLN U 88 -45.32 21.90 -67.93
C GLN U 88 -45.54 21.37 -66.49
N LYS U 89 -45.56 20.03 -66.37
CA LYS U 89 -45.83 19.31 -65.11
C LYS U 89 -44.62 19.37 -64.17
N ASN U 90 -44.00 20.56 -64.10
CA ASN U 90 -42.80 20.81 -63.28
C ASN U 90 -43.11 21.84 -62.19
N ASN U 91 -43.27 21.37 -60.94
CA ASN U 91 -43.54 22.26 -59.80
C ASN U 91 -42.29 22.88 -59.17
N LEU U 92 -41.12 22.36 -59.56
CA LEU U 92 -39.83 22.91 -59.13
C LEU U 92 -39.41 24.12 -60.00
N PHE U 93 -39.66 25.32 -59.48
CA PHE U 93 -39.26 26.58 -60.12
C PHE U 93 -38.12 27.21 -59.35
N LEU U 94 -36.94 27.31 -60.00
CA LEU U 94 -35.80 27.94 -59.33
C LEU U 94 -35.69 29.42 -59.67
N PHE U 95 -35.15 30.18 -58.72
CA PHE U 95 -34.90 31.61 -58.87
C PHE U 95 -33.74 31.81 -59.84
N ALA U 96 -34.03 32.23 -61.07
CA ALA U 96 -32.98 32.50 -62.06
C ALA U 96 -32.31 33.85 -61.78
N GLY U 97 -33.13 34.88 -61.54
CA GLY U 97 -32.60 36.21 -61.24
C GLY U 97 -33.53 37.16 -60.50
N VAL U 98 -32.95 38.18 -59.86
CA VAL U 98 -33.74 39.22 -59.21
C VAL U 98 -33.19 40.65 -59.45
N ASP U 99 -34.09 41.60 -59.65
CA ASP U 99 -33.71 42.93 -60.07
C ASP U 99 -34.61 43.94 -59.40
N GLY U 100 -34.02 45.04 -58.92
CA GLY U 100 -34.75 46.15 -58.32
C GLY U 100 -35.44 45.81 -57.01
N VAL U 101 -34.64 45.57 -55.98
CA VAL U 101 -35.18 45.31 -54.64
C VAL U 101 -34.85 46.45 -53.68
N ARG U 102 -35.90 47.07 -53.14
CA ARG U 102 -35.75 48.08 -52.10
C ARG U 102 -36.46 47.63 -50.81
N TRP U 103 -35.85 47.98 -49.66
CA TRP U 103 -36.48 47.71 -48.38
C TRP U 103 -36.66 49.02 -47.61
N LYS U 104 -37.89 49.55 -47.63
CA LYS U 104 -38.19 50.87 -47.06
C LYS U 104 -38.36 50.82 -45.54
N LYS U 105 -38.86 49.68 -45.06
CA LYS U 105 -39.35 49.57 -43.69
C LYS U 105 -39.11 48.15 -43.19
N PRO U 106 -38.48 48.02 -42.00
CA PRO U 106 -38.27 46.72 -41.32
C PRO U 106 -39.60 46.07 -40.89
N VAL U 107 -39.75 44.78 -41.20
CA VAL U 107 -40.98 44.05 -40.88
C VAL U 107 -40.79 43.28 -39.58
N LEU U 108 -41.62 43.56 -38.61
CA LEU U 108 -41.41 43.07 -37.27
C LEU U 108 -42.43 41.98 -36.90
N PRO U 109 -42.17 41.25 -35.79
CA PRO U 109 -43.13 40.26 -35.25
C PRO U 109 -44.53 40.85 -35.02
N GLY U 110 -45.56 40.04 -35.28
CA GLY U 110 -46.95 40.50 -35.15
C GLY U 110 -47.58 41.02 -36.44
N ASP U 111 -46.76 41.69 -37.28
CA ASP U 111 -47.21 42.24 -38.58
C ASP U 111 -47.96 41.24 -39.47
N THR U 112 -48.70 41.80 -40.43
CA THR U 112 -49.25 41.04 -41.52
C THR U 112 -48.63 41.57 -42.81
N LEU U 113 -47.77 40.76 -43.42
CA LEU U 113 -47.20 41.09 -44.72
C LEU U 113 -48.13 40.63 -45.83
N THR U 114 -48.86 41.60 -46.38
CA THR U 114 -49.65 41.41 -47.59
C THR U 114 -48.73 41.57 -48.80
N MET U 115 -48.78 40.61 -49.71
CA MET U 115 -47.93 40.67 -50.90
C MET U 115 -48.77 40.53 -52.15
N GLN U 116 -48.37 41.27 -53.17
CA GLN U 116 -48.95 41.12 -54.50
C GLN U 116 -47.82 41.00 -55.50
N ALA U 117 -47.98 40.06 -56.42
CA ALA U 117 -47.06 39.89 -57.52
C ALA U 117 -47.85 39.88 -58.82
N ASN U 118 -47.32 40.58 -59.81
CA ASN U 118 -47.98 40.72 -61.10
C ASN U 118 -47.09 40.06 -62.16
N LEU U 119 -47.71 39.53 -63.22
CA LEU U 119 -46.96 38.91 -64.32
C LEU U 119 -46.49 39.95 -65.35
N ILE U 120 -45.22 39.82 -65.77
CA ILE U 120 -44.63 40.65 -66.83
C ILE U 120 -44.56 39.88 -68.18
N SER U 121 -43.90 38.72 -68.18
CA SER U 121 -43.69 37.96 -69.42
C SER U 121 -43.48 36.45 -69.19
N PHE U 122 -44.14 35.65 -70.02
CA PHE U 122 -44.11 34.17 -69.95
C PHE U 122 -43.73 33.66 -71.35
N LYS U 123 -42.72 32.79 -71.41
CA LYS U 123 -42.18 32.35 -72.72
C LYS U 123 -42.31 30.84 -73.02
N SER U 124 -43.55 30.37 -73.21
CA SER U 124 -43.86 29.03 -73.78
C SER U 124 -43.08 27.86 -73.12
N SER U 125 -42.38 27.09 -73.96
CA SER U 125 -41.52 25.98 -73.54
C SER U 125 -40.02 26.31 -73.60
N LEU U 126 -39.64 27.30 -72.79
CA LEU U 126 -38.25 27.62 -72.45
C LEU U 126 -38.29 27.88 -70.95
N GLY U 127 -39.53 28.00 -70.43
CA GLY U 127 -39.79 28.09 -69.00
C GLY U 127 -39.19 29.31 -68.33
N ILE U 128 -39.23 30.44 -69.02
CA ILE U 128 -38.76 31.71 -68.45
C ILE U 128 -39.97 32.61 -68.17
N ALA U 129 -40.11 33.00 -66.90
CA ALA U 129 -41.16 33.94 -66.51
C ALA U 129 -40.56 35.16 -65.80
N LYS U 130 -41.21 36.31 -65.98
CA LYS U 130 -40.85 37.53 -65.24
C LYS U 130 -42.04 38.07 -64.47
N LEU U 131 -41.78 38.53 -63.25
CA LEU U 131 -42.82 39.04 -62.36
C LEU U 131 -42.33 40.22 -61.52
N SER U 132 -43.27 41.05 -61.06
CA SER U 132 -42.95 42.17 -60.17
C SER U 132 -43.62 41.95 -58.80
N GLY U 133 -43.00 42.47 -57.75
CA GLY U 133 -43.52 42.27 -56.39
C GLY U 133 -43.53 43.48 -55.48
N VAL U 134 -44.61 43.61 -54.72
CA VAL U 134 -44.75 44.68 -53.73
C VAL U 134 -45.26 44.06 -52.41
N GLY U 135 -44.67 44.48 -51.30
CA GLY U 135 -45.05 43.98 -49.98
C GLY U 135 -45.55 45.09 -49.07
N TYR U 136 -46.59 44.77 -48.29
CA TYR U 136 -47.24 45.76 -47.44
C TYR U 136 -47.41 45.31 -45.98
N VAL U 137 -47.29 46.28 -45.07
CA VAL U 137 -47.70 46.11 -43.67
C VAL U 137 -48.59 47.31 -43.30
N ASN U 138 -49.91 47.07 -43.26
CA ASN U 138 -50.90 48.08 -42.89
C ASN U 138 -51.08 49.19 -43.95
N GLY U 139 -51.20 48.77 -45.21
CA GLY U 139 -51.26 49.71 -46.35
C GLY U 139 -49.90 50.26 -46.78
N LYS U 140 -48.95 50.33 -45.84
CA LYS U 140 -47.60 50.91 -46.06
C LYS U 140 -46.67 49.96 -46.80
N VAL U 141 -46.01 50.46 -47.85
CA VAL U 141 -45.06 49.66 -48.62
C VAL U 141 -43.80 49.40 -47.80
N VAL U 142 -43.31 48.16 -47.82
CA VAL U 142 -42.09 47.78 -47.11
C VAL U 142 -41.02 47.23 -48.06
N ILE U 143 -41.44 46.53 -49.11
CA ILE U 143 -40.50 45.94 -50.07
C ILE U 143 -40.96 46.11 -51.52
N ASN U 144 -40.00 46.42 -52.39
CA ASN U 144 -40.26 46.61 -53.82
C ASN U 144 -39.37 45.73 -54.68
N ILE U 145 -40.00 44.87 -55.48
CA ILE U 145 -39.26 44.06 -56.45
C ILE U 145 -39.68 44.36 -57.89
N SER U 146 -38.84 45.11 -58.59
CA SER U 146 -39.05 45.43 -60.00
C SER U 146 -39.24 44.15 -60.82
N GLU U 147 -38.31 43.21 -60.68
CA GLU U 147 -38.28 42.02 -61.52
C GLU U 147 -37.75 40.76 -60.83
N MET U 148 -38.59 39.72 -60.81
CA MET U 148 -38.20 38.36 -60.44
C MET U 148 -38.19 37.53 -61.72
N THR U 149 -37.06 36.87 -62.01
CA THR U 149 -36.99 35.99 -63.17
C THR U 149 -36.81 34.53 -62.70
N PHE U 150 -37.59 33.61 -63.27
CA PHE U 150 -37.54 32.19 -62.90
C PHE U 150 -37.21 31.27 -64.08
N ALA U 151 -36.69 30.08 -63.77
CA ALA U 151 -36.46 29.04 -64.77
C ALA U 151 -37.19 27.75 -64.37
N LEU U 152 -37.88 27.14 -65.36
CA LEU U 152 -38.87 26.07 -65.11
C LEU U 152 -38.41 24.65 -65.46
N ASP V 8 -1.05 36.92 -42.64
CA ASP V 8 -2.40 36.28 -42.56
C ASP V 8 -3.43 37.24 -41.96
N THR V 9 -4.23 37.87 -42.83
CA THR V 9 -5.28 38.82 -42.37
C THR V 9 -6.68 38.19 -42.22
N SER V 10 -6.72 36.86 -42.07
CA SER V 10 -7.97 36.06 -42.08
C SER V 10 -8.69 35.92 -40.72
N ILE V 11 -9.97 35.51 -40.77
CA ILE V 11 -10.85 35.45 -39.59
C ILE V 11 -11.67 34.15 -39.54
N ASP V 12 -11.82 33.57 -38.35
CA ASP V 12 -12.66 32.39 -38.18
C ASP V 12 -14.03 32.72 -37.56
N ILE V 13 -14.82 31.67 -37.29
CA ILE V 13 -16.22 31.77 -36.85
C ILE V 13 -16.43 32.55 -35.54
N GLU V 14 -15.51 32.39 -34.59
CA GLU V 14 -15.64 33.05 -33.28
C GLU V 14 -15.56 34.57 -33.41
N ASP V 15 -14.59 35.06 -34.17
CA ASP V 15 -14.43 36.49 -34.35
C ASP V 15 -15.49 37.05 -35.28
N ILE V 16 -16.00 36.19 -36.17
CA ILE V 16 -17.14 36.53 -37.03
C ILE V 16 -18.33 36.91 -36.16
N LYS V 17 -18.49 36.20 -35.04
CA LYS V 17 -19.61 36.44 -34.14
C LYS V 17 -19.44 37.72 -33.34
N LYS V 18 -18.19 38.19 -33.24
CA LYS V 18 -17.89 39.49 -32.63
C LYS V 18 -18.13 40.66 -33.58
N ILE V 19 -18.18 40.37 -34.89
CA ILE V 19 -18.42 41.39 -35.93
C ILE V 19 -19.89 41.48 -36.38
N LEU V 20 -20.43 40.34 -36.80
CA LEU V 20 -21.82 40.27 -37.23
C LEU V 20 -22.75 39.91 -36.06
N PRO V 21 -23.96 40.51 -36.03
CA PRO V 21 -24.92 40.13 -34.99
C PRO V 21 -25.66 38.83 -35.27
N HIS V 22 -25.70 38.43 -36.55
CA HIS V 22 -26.40 37.21 -37.00
C HIS V 22 -26.01 35.96 -36.20
N ARG V 23 -27.00 35.22 -35.72
CA ARG V 23 -26.77 33.90 -35.11
C ARG V 23 -27.50 32.78 -35.85
N TYR V 24 -27.49 31.60 -35.26
CA TYR V 24 -28.24 30.48 -35.77
C TYR V 24 -29.70 30.92 -35.77
N PRO V 25 -30.47 30.52 -36.80
CA PRO V 25 -30.06 29.74 -37.96
C PRO V 25 -29.94 30.64 -39.19
N PHE V 26 -29.31 31.79 -39.02
CA PHE V 26 -29.21 32.76 -40.09
C PHE V 26 -27.84 33.41 -40.22
N LEU V 27 -26.85 32.89 -39.49
CA LEU V 27 -25.45 33.23 -39.76
C LEU V 27 -24.99 32.34 -40.91
N LEU V 28 -24.61 32.98 -42.03
CA LEU V 28 -24.24 32.25 -43.24
C LEU V 28 -22.86 32.59 -43.80
N VAL V 29 -21.92 32.93 -42.91
CA VAL V 29 -20.50 33.03 -43.24
C VAL V 29 -19.74 32.11 -42.30
N ASP V 30 -19.03 31.12 -42.84
CA ASP V 30 -18.30 30.21 -41.98
C ASP V 30 -16.89 30.72 -41.71
N LYS V 31 -16.20 31.16 -42.76
CA LYS V 31 -14.84 31.64 -42.64
C LYS V 31 -14.47 32.66 -43.71
N VAL V 32 -13.88 33.77 -43.26
CA VAL V 32 -13.30 34.78 -44.15
C VAL V 32 -11.84 34.39 -44.36
N ILE V 33 -11.42 34.17 -45.61
CA ILE V 33 -10.04 33.74 -45.89
C ILE V 33 -9.10 34.89 -46.29
N TYR V 34 -9.67 35.95 -46.87
CA TYR V 34 -8.91 37.17 -47.19
C TYR V 34 -9.80 38.42 -47.06
N MET V 35 -9.21 39.52 -46.59
CA MET V 35 -9.91 40.80 -46.45
C MET V 35 -8.93 41.97 -46.56
N GLN V 36 -9.28 42.95 -47.39
CA GLN V 36 -8.50 44.19 -47.53
C GLN V 36 -9.42 45.41 -47.28
N PRO V 37 -9.20 46.13 -46.15
CA PRO V 37 -10.13 47.17 -45.71
C PRO V 37 -10.37 48.22 -46.81
N ASN V 38 -11.60 48.74 -46.86
CA ASN V 38 -12.04 49.70 -47.90
C ASN V 38 -12.02 49.16 -49.34
N LYS V 39 -11.61 47.90 -49.52
CA LYS V 39 -11.57 47.28 -50.85
C LYS V 39 -12.36 45.96 -51.00
N THR V 40 -11.76 44.84 -50.56
CA THR V 40 -12.32 43.53 -50.89
C THR V 40 -12.30 42.53 -49.75
N ILE V 41 -13.18 41.53 -49.86
CA ILE V 41 -13.31 40.51 -48.84
C ILE V 41 -13.63 39.18 -49.50
N ILE V 42 -12.80 38.18 -49.23
CA ILE V 42 -13.04 36.81 -49.69
C ILE V 42 -13.37 35.89 -48.50
N GLY V 43 -14.51 35.22 -48.59
CA GLY V 43 -14.95 34.29 -47.55
C GLY V 43 -15.55 33.03 -48.14
N LEU V 44 -16.16 32.22 -47.28
CA LEU V 44 -16.83 31.01 -47.72
C LEU V 44 -17.93 30.50 -46.79
N LYS V 45 -18.90 29.82 -47.39
CA LYS V 45 -19.96 29.13 -46.67
C LYS V 45 -19.91 27.63 -47.02
N GLN V 46 -19.81 26.77 -46.01
CA GLN V 46 -19.84 25.32 -46.24
C GLN V 46 -21.28 24.85 -46.35
N VAL V 47 -21.56 24.00 -47.34
CA VAL V 47 -22.93 23.62 -47.63
C VAL V 47 -23.17 22.13 -47.33
N SER V 48 -23.70 21.88 -46.13
CA SER V 48 -23.86 20.54 -45.58
C SER V 48 -25.33 20.20 -45.46
N THR V 49 -25.66 18.91 -45.60
CA THR V 49 -27.06 18.49 -45.56
C THR V 49 -27.66 18.73 -44.19
N ASN V 50 -26.79 18.70 -43.19
CA ASN V 50 -27.17 18.91 -41.80
C ASN V 50 -27.44 20.38 -41.49
N GLU V 51 -28.27 21.01 -42.34
CA GLU V 51 -28.68 22.40 -42.17
C GLU V 51 -30.21 22.47 -42.21
N PRO V 52 -30.81 23.28 -41.32
CA PRO V 52 -32.26 23.22 -41.13
C PRO V 52 -33.08 23.57 -42.37
N PHE V 53 -32.57 24.41 -43.27
CA PHE V 53 -33.36 24.87 -44.42
C PHE V 53 -33.57 23.83 -45.51
N PHE V 54 -32.60 22.94 -45.70
CA PHE V 54 -32.68 21.87 -46.71
C PHE V 54 -33.91 20.97 -46.57
N ASN V 55 -34.39 20.79 -45.34
CA ASN V 55 -35.58 19.98 -45.11
C ASN V 55 -36.80 20.50 -45.85
N GLY V 56 -36.80 21.81 -46.12
CA GLY V 56 -37.92 22.46 -46.80
C GLY V 56 -37.67 22.80 -48.27
N HIS V 57 -36.42 22.76 -48.69
CA HIS V 57 -36.03 23.30 -49.98
C HIS V 57 -34.99 22.38 -50.65
N PHE V 58 -35.38 21.19 -51.11
CA PHE V 58 -36.75 20.68 -51.11
C PHE V 58 -36.74 19.23 -50.68
N PRO V 59 -37.80 18.77 -49.98
CA PRO V 59 -37.88 17.37 -49.53
C PRO V 59 -37.29 16.40 -50.57
N GLN V 60 -37.78 16.45 -51.80
CA GLN V 60 -37.33 15.58 -52.88
C GLN V 60 -35.95 15.92 -53.45
N LYS V 61 -35.55 17.19 -53.35
CA LYS V 61 -34.31 17.60 -54.00
C LYS V 61 -33.67 18.78 -53.25
N GLN V 62 -32.61 18.51 -52.51
CA GLN V 62 -32.00 19.54 -51.70
C GLN V 62 -31.22 20.50 -52.60
N ILE V 63 -31.59 21.78 -52.56
CA ILE V 63 -30.89 22.82 -53.30
C ILE V 63 -30.82 24.06 -52.42
N MET V 64 -29.63 24.66 -52.25
CA MET V 64 -29.50 25.85 -51.42
C MET V 64 -30.26 27.01 -52.04
N PRO V 65 -31.22 27.57 -51.30
CA PRO V 65 -32.08 28.65 -51.76
C PRO V 65 -31.29 29.83 -52.29
N GLY V 66 -31.77 30.39 -53.41
CA GLY V 66 -31.12 31.52 -54.06
C GLY V 66 -30.92 32.68 -53.10
N VAL V 67 -32.00 33.14 -52.49
CA VAL V 67 -31.92 34.21 -51.51
C VAL V 67 -30.83 33.98 -50.46
N LEU V 68 -30.75 32.75 -49.92
CA LEU V 68 -29.72 32.41 -48.91
C LEU V 68 -28.28 32.51 -49.44
N GLN V 69 -28.14 32.41 -50.77
CA GLN V 69 -26.87 32.68 -51.42
C GLN V 69 -26.61 34.18 -51.38
N ILE V 70 -27.66 35.00 -51.52
CA ILE V 70 -27.50 36.46 -51.42
C ILE V 70 -27.09 36.84 -50.00
N GLU V 71 -27.90 36.43 -49.01
CA GLU V 71 -27.62 36.79 -47.62
C GLU V 71 -26.14 36.54 -47.31
N ALA V 72 -25.68 35.35 -47.69
CA ALA V 72 -24.30 34.89 -47.50
C ALA V 72 -23.23 35.86 -48.03
N LEU V 73 -23.47 36.41 -49.23
CA LEU V 73 -22.60 37.44 -49.77
C LEU V 73 -22.86 38.82 -49.11
N ALA V 74 -24.13 39.13 -48.89
CA ALA V 74 -24.55 40.35 -48.22
C ALA V 74 -23.94 40.48 -46.83
N GLN V 75 -23.85 39.34 -46.13
CA GLN V 75 -23.22 39.29 -44.84
C GLN V 75 -21.72 39.50 -45.00
N LEU V 76 -21.14 38.87 -46.02
CA LEU V 76 -19.71 38.99 -46.26
C LEU V 76 -19.40 40.44 -46.55
N ALA V 77 -20.32 41.07 -47.29
CA ALA V 77 -20.28 42.49 -47.60
C ALA V 77 -20.29 43.35 -46.34
N GLY V 78 -21.18 43.01 -45.41
CA GLY V 78 -21.27 43.67 -44.11
C GLY V 78 -20.01 43.60 -43.24
N ILE V 79 -19.33 42.45 -43.24
CA ILE V 79 -18.09 42.25 -42.47
C ILE V 79 -16.95 43.13 -42.98
N LEU V 80 -16.87 43.25 -44.30
CA LEU V 80 -15.98 44.21 -44.94
C LEU V 80 -16.34 45.65 -44.55
N CYS V 81 -17.64 45.94 -44.53
CA CYS V 81 -18.12 47.26 -44.15
C CYS V 81 -17.76 47.61 -42.71
N LEU V 82 -17.88 46.63 -41.81
CA LEU V 82 -17.66 46.85 -40.37
C LEU V 82 -16.20 46.76 -39.92
N LYS V 83 -15.31 46.36 -40.88
CA LYS V 83 -13.87 46.46 -40.64
C LYS V 83 -13.24 47.65 -41.40
N SER V 84 -13.97 48.19 -42.37
CA SER V 84 -13.51 49.38 -43.10
C SER V 84 -13.78 50.65 -42.28
N ASP V 85 -14.90 50.62 -41.54
CA ASP V 85 -15.44 51.82 -40.89
C ASP V 85 -16.35 51.41 -39.72
N ASP V 86 -15.80 51.42 -38.51
CA ASP V 86 -16.62 51.16 -37.31
C ASP V 86 -16.63 52.37 -36.36
N SER V 87 -16.46 53.57 -36.94
CA SER V 87 -16.59 54.83 -36.17
C SER V 87 -18.07 55.07 -35.80
N GLN V 88 -18.97 54.65 -36.69
CA GLN V 88 -20.39 54.52 -36.31
C GLN V 88 -20.44 53.15 -35.63
N LYS V 89 -20.56 53.19 -34.30
CA LYS V 89 -20.47 51.99 -33.46
C LYS V 89 -21.76 51.16 -33.53
N ASN V 90 -22.31 51.06 -34.73
CA ASN V 90 -23.57 50.36 -34.99
C ASN V 90 -23.32 49.14 -35.88
N ASN V 91 -23.42 47.94 -35.29
CA ASN V 91 -23.19 46.68 -36.04
C ASN V 91 -24.45 46.08 -36.71
N LEU V 92 -25.62 46.65 -36.38
CA LEU V 92 -26.89 46.26 -37.00
C LEU V 92 -27.08 46.95 -38.37
N PHE V 93 -26.73 46.23 -39.44
CA PHE V 93 -26.87 46.73 -40.81
C PHE V 93 -28.00 46.04 -41.55
N LEU V 94 -29.00 46.85 -41.97
CA LEU V 94 -30.12 46.31 -42.73
C LEU V 94 -29.96 46.49 -44.24
N PHE V 95 -30.28 45.42 -44.95
CA PHE V 95 -30.25 45.37 -46.40
C PHE V 95 -31.25 46.40 -46.95
N ALA V 96 -30.73 47.45 -47.58
CA ALA V 96 -31.58 48.52 -48.11
C ALA V 96 -32.06 48.19 -49.52
N GLY V 97 -31.26 47.38 -50.23
CA GLY V 97 -31.61 46.92 -51.56
C GLY V 97 -30.57 46.05 -52.24
N VAL V 98 -31.00 45.34 -53.27
CA VAL V 98 -30.11 44.51 -54.09
C VAL V 98 -30.49 44.61 -55.56
N ASP V 99 -29.49 44.60 -56.43
CA ASP V 99 -29.71 44.72 -57.87
C ASP V 99 -28.77 43.83 -58.68
N GLY V 100 -29.33 43.25 -59.74
CA GLY V 100 -28.58 42.46 -60.72
C GLY V 100 -28.13 41.11 -60.19
N VAL V 101 -29.09 40.31 -59.76
CA VAL V 101 -28.79 38.97 -59.24
C VAL V 101 -29.05 37.84 -60.26
N ARG V 102 -28.05 36.96 -60.42
CA ARG V 102 -28.11 35.87 -61.41
C ARG V 102 -27.64 34.53 -60.84
N TRP V 103 -28.51 33.53 -60.92
CA TRP V 103 -28.18 32.20 -60.41
C TRP V 103 -27.90 31.24 -61.58
N LYS V 104 -26.62 31.04 -61.86
CA LYS V 104 -26.15 30.25 -63.02
C LYS V 104 -26.14 28.73 -62.75
N LYS V 105 -25.76 28.36 -61.53
CA LYS V 105 -25.68 26.96 -61.15
C LYS V 105 -26.29 26.77 -59.76
N PRO V 106 -27.04 25.66 -59.57
CA PRO V 106 -27.56 25.24 -58.26
C PRO V 106 -26.45 24.84 -57.27
N VAL V 107 -26.48 25.41 -56.06
CA VAL V 107 -25.54 25.03 -55.00
C VAL V 107 -26.07 23.84 -54.19
N LEU V 108 -25.34 22.73 -54.28
CA LEU V 108 -25.79 21.46 -53.68
C LEU V 108 -25.08 21.14 -52.35
N PRO V 109 -25.58 20.10 -51.62
CA PRO V 109 -24.89 19.65 -50.41
C PRO V 109 -23.49 19.17 -50.73
N GLY V 110 -22.55 19.48 -49.83
CA GLY V 110 -21.17 19.07 -49.98
C GLY V 110 -20.29 20.11 -50.65
N ASP V 111 -20.90 21.15 -51.22
CA ASP V 111 -20.17 22.19 -51.95
C ASP V 111 -19.45 23.16 -51.00
N THR V 112 -18.54 23.95 -51.56
CA THR V 112 -17.92 25.03 -50.80
C THR V 112 -18.13 26.35 -51.52
N LEU V 113 -19.08 27.13 -51.01
CA LEU V 113 -19.42 28.41 -51.60
C LEU V 113 -18.37 29.45 -51.26
N THR V 114 -17.40 29.58 -52.19
CA THR V 114 -16.37 30.60 -52.10
C THR V 114 -17.06 31.86 -52.55
N MET V 115 -16.89 32.95 -51.79
CA MET V 115 -17.58 34.19 -52.07
C MET V 115 -16.60 35.34 -52.08
N GLN V 116 -16.73 36.20 -53.10
CA GLN V 116 -16.01 37.47 -53.11
C GLN V 116 -16.98 38.65 -53.17
N ALA V 117 -16.80 39.59 -52.24
CA ALA V 117 -17.56 40.86 -52.22
C ALA V 117 -16.59 42.03 -52.37
N ASN V 118 -16.98 42.99 -53.21
CA ASN V 118 -16.15 44.17 -53.48
C ASN V 118 -16.88 45.49 -53.26
N LEU V 119 -16.22 46.42 -52.59
CA LEU V 119 -16.81 47.73 -52.28
C LEU V 119 -16.81 48.66 -53.49
N ILE V 120 -17.94 49.33 -53.69
CA ILE V 120 -18.12 50.33 -54.76
C ILE V 120 -18.09 51.75 -54.20
N SER V 121 -18.92 52.02 -53.19
CA SER V 121 -18.99 53.35 -52.55
C SER V 121 -19.44 53.36 -51.09
N PHE V 122 -18.78 54.19 -50.29
CA PHE V 122 -19.14 54.41 -48.90
C PHE V 122 -19.53 55.90 -48.74
N LYS V 123 -20.74 56.15 -48.21
CA LYS V 123 -21.21 57.52 -47.96
C LYS V 123 -21.38 57.76 -46.45
N SER V 124 -20.33 58.34 -45.86
CA SER V 124 -20.21 58.51 -44.40
C SER V 124 -21.34 59.38 -43.77
N SER V 125 -21.69 60.50 -44.44
CA SER V 125 -22.69 61.45 -43.91
C SER V 125 -24.10 60.89 -43.61
N LEU V 126 -24.35 59.63 -44.01
CA LEU V 126 -25.62 58.93 -43.71
C LEU V 126 -25.54 57.50 -43.17
N GLY V 127 -24.90 56.63 -43.96
CA GLY V 127 -24.85 55.19 -43.69
C GLY V 127 -25.13 54.30 -44.89
N ILE V 128 -24.94 54.86 -46.09
CA ILE V 128 -25.19 54.13 -47.34
C ILE V 128 -23.94 53.49 -47.96
N ALA V 129 -23.86 52.17 -47.88
CA ALA V 129 -22.74 51.42 -48.48
C ALA V 129 -23.23 50.50 -49.60
N LYS V 130 -22.46 50.47 -50.69
CA LYS V 130 -22.81 49.69 -51.88
C LYS V 130 -21.71 48.69 -52.20
N LEU V 131 -22.10 47.47 -52.56
CA LEU V 131 -21.14 46.41 -52.92
C LEU V 131 -21.59 45.51 -54.08
N SER V 132 -20.63 44.82 -54.67
CA SER V 132 -20.91 43.79 -55.67
C SER V 132 -20.36 42.47 -55.12
N GLY V 133 -21.04 41.37 -55.46
CA GLY V 133 -20.63 40.04 -55.01
C GLY V 133 -20.52 39.04 -56.14
N VAL V 134 -19.66 38.04 -55.93
CA VAL V 134 -19.54 36.87 -56.82
C VAL V 134 -19.42 35.60 -55.96
N GLY V 135 -20.07 34.52 -56.42
CA GLY V 135 -20.04 33.23 -55.70
C GLY V 135 -19.59 32.08 -56.57
N TYR V 136 -18.65 31.28 -56.05
CA TYR V 136 -18.08 30.14 -56.78
C TYR V 136 -18.24 28.77 -56.11
N VAL V 137 -18.48 27.75 -56.95
CA VAL V 137 -18.35 26.35 -56.58
C VAL V 137 -17.34 25.72 -57.54
N ASN V 138 -16.17 25.34 -57.00
CA ASN V 138 -15.04 24.79 -57.79
C ASN V 138 -14.55 25.72 -58.90
N GLY V 139 -14.16 26.95 -58.52
CA GLY V 139 -13.76 27.97 -59.48
C GLY V 139 -14.91 28.55 -60.31
N LYS V 140 -15.89 27.67 -60.63
CA LYS V 140 -17.02 28.05 -61.47
C LYS V 140 -17.96 28.98 -60.71
N VAL V 141 -18.50 29.97 -61.43
CA VAL V 141 -19.47 30.91 -60.86
C VAL V 141 -20.77 30.16 -60.59
N VAL V 142 -21.40 30.48 -59.46
CA VAL V 142 -22.78 30.09 -59.22
C VAL V 142 -23.73 31.29 -59.11
N ILE V 143 -23.32 32.34 -58.39
CA ILE V 143 -24.16 33.54 -58.22
C ILE V 143 -23.45 34.86 -58.56
N ASN V 144 -24.20 35.77 -59.17
CA ASN V 144 -23.70 37.10 -59.51
C ASN V 144 -24.56 38.22 -58.96
N ILE V 145 -23.92 39.16 -58.27
CA ILE V 145 -24.62 40.31 -57.70
C ILE V 145 -24.00 41.65 -58.11
N SER V 146 -24.67 42.37 -59.01
CA SER V 146 -24.21 43.68 -59.49
C SER V 146 -24.15 44.77 -58.41
N GLU V 147 -25.21 44.90 -57.62
CA GLU V 147 -25.25 45.93 -56.57
C GLU V 147 -26.03 45.51 -55.31
N MET V 148 -25.34 45.55 -54.19
CA MET V 148 -25.98 45.41 -52.88
C MET V 148 -25.96 46.80 -52.23
N THR V 149 -27.04 47.14 -51.53
CA THR V 149 -27.13 48.44 -50.87
C THR V 149 -27.51 48.24 -49.40
N PHE V 150 -26.74 48.87 -48.52
CA PHE V 150 -26.90 48.72 -47.07
C PHE V 150 -27.13 50.04 -46.34
N ALA V 151 -28.00 50.00 -45.33
CA ALA V 151 -28.19 51.11 -44.39
C ALA V 151 -28.12 50.61 -42.94
N ASP W 8 -51.41 -6.35 -20.56
CA ASP W 8 -51.61 -6.55 -22.03
C ASP W 8 -50.30 -6.42 -22.82
N THR W 9 -50.35 -6.77 -24.11
CA THR W 9 -49.19 -6.65 -25.00
C THR W 9 -48.93 -5.17 -25.30
N SER W 10 -47.99 -4.60 -24.56
CA SER W 10 -47.66 -3.18 -24.61
C SER W 10 -47.44 -2.66 -26.04
N ILE W 11 -48.09 -1.55 -26.38
CA ILE W 11 -47.83 -0.88 -27.66
C ILE W 11 -46.61 0.05 -27.53
N ASP W 12 -45.58 -0.23 -28.33
CA ASP W 12 -44.42 0.66 -28.43
C ASP W 12 -44.64 1.70 -29.54
N ILE W 13 -43.69 2.64 -29.65
CA ILE W 13 -43.84 3.84 -30.51
C ILE W 13 -44.18 3.60 -32.00
N GLU W 14 -43.61 2.56 -32.61
CA GLU W 14 -43.82 2.21 -34.05
C GLU W 14 -45.26 1.85 -34.43
N ASP W 15 -46.05 1.38 -33.41
CA ASP W 15 -47.46 1.06 -33.64
C ASP W 15 -48.37 2.23 -33.24
N ILE W 16 -47.95 2.98 -32.21
CA ILE W 16 -48.55 4.28 -31.81
C ILE W 16 -48.53 5.29 -32.99
N LYS W 17 -47.45 5.25 -33.77
CA LYS W 17 -47.35 6.01 -35.03
C LYS W 17 -48.33 5.47 -36.11
N LYS W 18 -48.73 4.20 -35.97
CA LYS W 18 -49.67 3.58 -36.91
C LYS W 18 -51.12 3.68 -36.42
N ILE W 19 -51.25 4.35 -35.22
CA ILE W 19 -52.58 4.72 -34.70
C ILE W 19 -52.79 6.26 -34.70
N LEU W 20 -51.87 7.02 -34.10
CA LEU W 20 -52.01 8.50 -34.03
C LEU W 20 -51.34 9.26 -35.21
N PRO W 21 -51.98 10.35 -35.69
CA PRO W 21 -51.47 11.14 -36.81
C PRO W 21 -50.41 12.20 -36.39
N HIS W 22 -50.30 12.44 -35.09
CA HIS W 22 -49.29 13.32 -34.52
C HIS W 22 -47.89 12.78 -34.79
N ARG W 23 -47.03 13.66 -35.27
CA ARG W 23 -45.61 13.37 -35.38
C ARG W 23 -44.84 14.47 -34.66
N TYR W 24 -43.51 14.36 -34.66
CA TYR W 24 -42.63 15.37 -34.04
C TYR W 24 -42.94 16.80 -34.52
N PRO W 25 -42.95 17.79 -33.60
CA PRO W 25 -42.65 17.76 -32.18
C PRO W 25 -43.89 17.86 -31.28
N PHE W 26 -44.87 16.98 -31.51
CA PHE W 26 -46.11 17.05 -30.74
C PHE W 26 -46.68 15.66 -30.46
N LEU W 27 -45.89 14.61 -30.74
CA LEU W 27 -46.25 13.26 -30.33
C LEU W 27 -45.73 13.02 -28.90
N LEU W 28 -46.65 12.83 -27.95
CA LEU W 28 -46.29 12.84 -26.53
C LEU W 28 -46.66 11.57 -25.77
N VAL W 29 -46.84 10.48 -26.51
CA VAL W 29 -47.02 9.15 -25.93
C VAL W 29 -45.87 8.27 -26.39
N ASP W 30 -44.97 7.95 -25.46
CA ASP W 30 -43.82 7.10 -25.76
C ASP W 30 -44.13 5.59 -25.82
N LYS W 31 -44.98 5.10 -24.92
CA LYS W 31 -45.34 3.67 -24.85
C LYS W 31 -46.72 3.43 -24.22
N VAL W 32 -47.48 2.51 -24.82
CA VAL W 32 -48.68 1.93 -24.22
C VAL W 32 -48.34 0.58 -23.57
N ILE W 33 -48.46 0.48 -22.24
CA ILE W 33 -48.14 -0.76 -21.49
C ILE W 33 -49.37 -1.66 -21.29
N TYR W 34 -50.55 -1.03 -21.21
CA TYR W 34 -51.81 -1.77 -21.02
C TYR W 34 -53.03 -1.02 -21.60
N MET W 35 -53.81 -1.73 -22.41
CA MET W 35 -55.06 -1.18 -22.98
C MET W 35 -56.16 -2.24 -23.06
N GLN W 36 -57.32 -1.91 -22.48
CA GLN W 36 -58.50 -2.75 -22.56
C GLN W 36 -59.59 -2.03 -23.37
N PRO W 37 -59.99 -2.61 -24.52
CA PRO W 37 -60.92 -1.98 -25.47
C PRO W 37 -62.24 -1.60 -24.79
N ASN W 38 -62.71 -0.39 -25.07
CA ASN W 38 -63.94 0.17 -24.47
C ASN W 38 -63.87 0.54 -22.97
N LYS W 39 -62.69 0.43 -22.36
CA LYS W 39 -62.55 0.66 -20.92
C LYS W 39 -61.45 1.65 -20.52
N THR W 40 -60.22 1.14 -20.41
CA THR W 40 -59.12 1.93 -19.86
C THR W 40 -57.82 1.71 -20.63
N ILE W 41 -56.91 2.67 -20.51
CA ILE W 41 -55.64 2.61 -21.19
C ILE W 41 -54.57 3.19 -20.27
N ILE W 42 -53.45 2.48 -20.15
CA ILE W 42 -52.29 2.95 -19.38
C ILE W 42 -51.04 3.04 -20.28
N GLY W 43 -50.36 4.18 -20.24
CA GLY W 43 -49.19 4.44 -21.07
C GLY W 43 -48.21 5.36 -20.36
N LEU W 44 -47.11 5.70 -21.03
CA LEU W 44 -46.10 6.58 -20.43
C LEU W 44 -45.43 7.57 -21.38
N LYS W 45 -45.23 8.78 -20.86
CA LYS W 45 -44.43 9.81 -21.55
C LYS W 45 -43.14 10.05 -20.75
N GLN W 46 -41.99 9.82 -21.38
CA GLN W 46 -40.69 10.07 -20.74
C GLN W 46 -40.34 11.54 -20.82
N VAL W 47 -39.80 12.11 -19.75
CA VAL W 47 -39.62 13.55 -19.70
C VAL W 47 -38.15 13.96 -19.57
N SER W 48 -37.49 14.20 -20.72
CA SER W 48 -36.05 14.52 -20.78
C SER W 48 -35.74 15.98 -21.15
N THR W 49 -34.57 16.48 -20.77
CA THR W 49 -34.19 17.86 -21.06
C THR W 49 -33.92 18.06 -22.55
N ASN W 50 -33.80 16.94 -23.27
CA ASN W 50 -33.59 17.01 -24.72
C ASN W 50 -34.90 17.01 -25.50
N GLU W 51 -35.78 17.94 -25.12
CA GLU W 51 -37.05 18.14 -25.79
C GLU W 51 -37.11 19.62 -26.14
N PRO W 52 -37.49 19.93 -27.40
CA PRO W 52 -37.41 21.30 -27.93
C PRO W 52 -38.23 22.36 -27.16
N PHE W 53 -39.28 21.95 -26.46
CA PHE W 53 -40.12 22.92 -25.72
C PHE W 53 -39.48 23.53 -24.47
N PHE W 54 -38.58 22.77 -23.81
CA PHE W 54 -37.93 23.20 -22.56
C PHE W 54 -37.15 24.49 -22.74
N ASN W 55 -36.61 24.69 -23.95
CA ASN W 55 -35.84 25.89 -24.28
C ASN W 55 -36.62 27.16 -23.99
N GLY W 56 -37.94 27.08 -24.14
CA GLY W 56 -38.83 28.22 -23.89
C GLY W 56 -39.62 28.17 -22.59
N HIS W 57 -39.77 26.96 -22.01
CA HIS W 57 -40.66 26.74 -20.86
C HIS W 57 -39.94 26.08 -19.66
N PHE W 58 -39.00 26.77 -18.99
CA PHE W 58 -38.56 28.14 -19.25
C PHE W 58 -37.03 28.17 -19.13
N PRO W 59 -36.36 29.17 -19.78
CA PRO W 59 -34.88 29.26 -19.78
C PRO W 59 -34.25 29.00 -18.41
N GLN W 60 -34.69 29.78 -17.42
CA GLN W 60 -34.16 29.70 -16.06
C GLN W 60 -34.55 28.42 -15.33
N LYS W 61 -35.68 27.80 -15.72
CA LYS W 61 -36.24 26.70 -14.95
C LYS W 61 -37.15 25.82 -15.79
N GLN W 62 -36.58 24.72 -16.26
CA GLN W 62 -37.27 23.79 -17.14
C GLN W 62 -38.43 23.08 -16.43
N ILE W 63 -39.65 23.37 -16.90
CA ILE W 63 -40.87 22.74 -16.39
C ILE W 63 -41.78 22.38 -17.56
N MET W 64 -42.14 21.09 -17.67
CA MET W 64 -43.10 20.64 -18.67
C MET W 64 -44.35 21.54 -18.60
N PRO W 65 -44.85 21.96 -19.78
CA PRO W 65 -46.07 22.74 -19.89
C PRO W 65 -47.33 21.98 -19.48
N GLY W 66 -48.11 22.54 -18.55
CA GLY W 66 -49.34 21.90 -18.10
C GLY W 66 -50.18 21.42 -19.29
N VAL W 67 -50.38 22.34 -20.23
CA VAL W 67 -51.12 22.07 -21.46
C VAL W 67 -50.67 20.77 -22.16
N LEU W 68 -49.35 20.53 -22.12
CA LEU W 68 -48.76 19.39 -22.78
C LEU W 68 -49.08 18.09 -22.05
N GLN W 69 -49.10 18.16 -20.71
CA GLN W 69 -49.60 17.05 -19.88
C GLN W 69 -51.01 16.65 -20.35
N ILE W 70 -51.90 17.63 -20.41
CA ILE W 70 -53.23 17.43 -21.01
C ILE W 70 -53.14 16.68 -22.34
N GLU W 71 -52.43 17.26 -23.32
CA GLU W 71 -52.29 16.71 -24.67
C GLU W 71 -51.83 15.26 -24.63
N ALA W 72 -50.94 14.97 -23.68
CA ALA W 72 -50.41 13.61 -23.48
C ALA W 72 -51.52 12.64 -23.10
N LEU W 73 -52.34 13.02 -22.14
CA LEU W 73 -53.51 12.25 -21.76
C LEU W 73 -54.52 12.19 -22.91
N ALA W 74 -54.74 13.34 -23.55
CA ALA W 74 -55.61 13.42 -24.72
C ALA W 74 -55.23 12.39 -25.79
N GLN W 75 -53.94 12.34 -26.11
CA GLN W 75 -53.45 11.47 -27.18
C GLN W 75 -53.55 10.01 -26.76
N LEU W 76 -53.26 9.75 -25.48
CA LEU W 76 -53.49 8.44 -24.90
C LEU W 76 -54.99 8.08 -24.94
N ALA W 77 -55.84 9.03 -24.55
CA ALA W 77 -57.30 8.85 -24.62
C ALA W 77 -57.71 8.38 -26.01
N GLY W 78 -57.14 9.05 -27.03
CA GLY W 78 -57.45 8.80 -28.44
C GLY W 78 -57.13 7.41 -28.97
N ILE W 79 -55.99 6.84 -28.55
CA ILE W 79 -55.59 5.49 -28.98
C ILE W 79 -56.60 4.43 -28.50
N LEU W 80 -57.11 4.63 -27.28
CA LEU W 80 -58.21 3.82 -26.74
C LEU W 80 -59.52 4.03 -27.52
N CYS W 81 -59.71 5.25 -28.05
CA CYS W 81 -60.90 5.57 -28.85
C CYS W 81 -60.85 4.92 -30.23
N LEU W 82 -59.65 4.89 -30.81
CA LEU W 82 -59.43 4.32 -32.14
C LEU W 82 -59.31 2.79 -32.14
N LYS W 83 -58.90 2.21 -31.01
CA LYS W 83 -58.78 0.76 -30.88
C LYS W 83 -60.07 0.10 -30.37
N SER W 84 -60.88 0.85 -29.63
CA SER W 84 -62.19 0.38 -29.18
C SER W 84 -63.16 0.23 -30.35
N ASP W 85 -63.12 1.22 -31.26
CA ASP W 85 -64.05 1.30 -32.38
C ASP W 85 -63.45 2.03 -33.59
N ASP W 86 -63.03 1.27 -34.61
CA ASP W 86 -62.50 1.89 -35.83
C ASP W 86 -63.38 1.65 -37.08
N SER W 87 -64.65 1.30 -36.86
CA SER W 87 -65.65 1.28 -37.93
C SER W 87 -65.60 2.61 -38.72
N GLN W 88 -65.51 3.73 -37.98
CA GLN W 88 -65.17 5.03 -38.55
C GLN W 88 -63.69 5.02 -38.96
N LYS W 89 -63.44 4.98 -40.28
CA LYS W 89 -62.08 4.94 -40.85
C LYS W 89 -61.45 6.34 -40.88
N ASN W 90 -61.41 6.96 -39.65
CA ASN W 90 -60.93 8.33 -39.50
C ASN W 90 -60.14 8.48 -38.19
N ASN W 91 -58.83 8.65 -38.32
CA ASN W 91 -57.93 8.75 -37.17
C ASN W 91 -57.59 10.18 -36.73
N LEU W 92 -58.16 11.16 -37.45
CA LEU W 92 -58.05 12.57 -37.05
C LEU W 92 -59.20 12.92 -36.09
N PHE W 93 -58.85 13.04 -34.80
CA PHE W 93 -59.82 13.39 -33.75
C PHE W 93 -59.40 14.67 -33.03
N LEU W 94 -60.30 15.65 -33.04
CA LEU W 94 -60.03 16.95 -32.45
C LEU W 94 -60.57 17.11 -31.03
N PHE W 95 -59.77 17.79 -30.20
CA PHE W 95 -60.15 18.12 -28.83
C PHE W 95 -61.36 19.04 -28.88
N ALA W 96 -62.51 18.51 -28.49
CA ALA W 96 -63.76 19.28 -28.45
C ALA W 96 -63.82 20.20 -27.21
N GLY W 97 -63.54 19.62 -26.04
CA GLY W 97 -63.53 20.40 -24.82
C GLY W 97 -62.90 19.64 -23.68
N VAL W 98 -62.41 20.38 -22.69
CA VAL W 98 -61.84 19.75 -21.48
C VAL W 98 -62.42 20.39 -20.22
N ASP W 99 -62.55 19.58 -19.16
CA ASP W 99 -63.20 20.03 -17.94
C ASP W 99 -62.64 19.32 -16.68
N GLY W 100 -62.49 20.07 -15.60
CA GLY W 100 -62.01 19.54 -14.33
C GLY W 100 -60.57 19.06 -14.37
N VAL W 101 -59.65 19.98 -14.70
CA VAL W 101 -58.22 19.68 -14.74
C VAL W 101 -57.50 20.40 -13.59
N ARG W 102 -56.63 19.66 -12.90
CA ARG W 102 -55.83 20.19 -11.80
C ARG W 102 -54.36 19.78 -11.94
N TRP W 103 -53.45 20.72 -11.74
CA TRP W 103 -52.01 20.43 -11.73
C TRP W 103 -51.43 20.52 -10.32
N LYS W 104 -51.30 19.35 -9.69
CA LYS W 104 -50.87 19.22 -8.30
C LYS W 104 -49.39 19.52 -8.16
N LYS W 105 -48.62 19.06 -9.14
CA LYS W 105 -47.17 18.95 -9.05
C LYS W 105 -46.48 19.23 -10.37
N PRO W 106 -45.54 20.18 -10.39
CA PRO W 106 -44.73 20.44 -11.59
C PRO W 106 -44.06 19.16 -12.08
N VAL W 107 -44.02 18.95 -13.39
CA VAL W 107 -43.35 17.76 -13.95
C VAL W 107 -41.97 18.14 -14.50
N LEU W 108 -40.93 17.50 -13.94
CA LEU W 108 -39.52 17.91 -14.14
C LEU W 108 -38.70 16.99 -15.07
N PRO W 109 -37.60 17.54 -15.67
CA PRO W 109 -36.64 16.75 -16.45
C PRO W 109 -36.13 15.54 -15.67
N GLY W 110 -36.24 14.36 -16.28
CA GLY W 110 -35.81 13.13 -15.62
C GLY W 110 -36.94 12.23 -15.17
N ASP W 111 -38.20 12.72 -15.26
CA ASP W 111 -39.32 11.93 -14.71
C ASP W 111 -39.85 10.92 -15.71
N THR W 112 -40.66 9.97 -15.22
CA THR W 112 -41.51 9.15 -16.10
C THR W 112 -42.95 9.51 -15.80
N LEU W 113 -43.59 10.20 -16.74
CA LEU W 113 -45.03 10.47 -16.63
C LEU W 113 -45.87 9.22 -17.00
N THR W 114 -46.46 8.61 -15.97
CA THR W 114 -47.41 7.53 -16.12
C THR W 114 -48.78 8.18 -16.29
N MET W 115 -49.57 7.64 -17.22
CA MET W 115 -50.87 8.19 -17.49
C MET W 115 -51.90 7.08 -17.64
N GLN W 116 -53.06 7.29 -17.00
CA GLN W 116 -54.20 6.43 -17.22
C GLN W 116 -55.40 7.25 -17.69
N ALA W 117 -55.98 6.83 -18.82
CA ALA W 117 -57.21 7.42 -19.32
C ALA W 117 -58.32 6.37 -19.31
N ASN W 118 -59.47 6.75 -18.75
CA ASN W 118 -60.64 5.88 -18.59
C ASN W 118 -61.87 6.37 -19.37
N LEU W 119 -62.46 5.48 -20.18
CA LEU W 119 -63.60 5.83 -21.02
C LEU W 119 -64.87 6.08 -20.18
N ILE W 120 -65.65 7.10 -20.61
CA ILE W 120 -66.88 7.53 -19.91
C ILE W 120 -68.15 7.32 -20.77
N SER W 121 -68.12 7.83 -22.01
CA SER W 121 -69.26 7.74 -22.94
C SER W 121 -68.84 7.82 -24.43
N PHE W 122 -69.28 6.84 -25.23
CA PHE W 122 -68.97 6.77 -26.67
C PHE W 122 -70.25 6.78 -27.53
N LYS W 123 -70.44 7.85 -28.29
CA LYS W 123 -71.63 8.02 -29.12
C LYS W 123 -71.34 7.78 -30.61
N GLY W 127 -70.08 11.25 -33.32
CA GLY W 127 -68.67 10.80 -32.97
C GLY W 127 -68.15 11.44 -31.70
N ILE W 128 -68.95 11.35 -30.62
CA ILE W 128 -68.65 12.04 -29.36
C ILE W 128 -68.15 11.07 -28.28
N ALA W 129 -66.88 11.22 -27.91
CA ALA W 129 -66.24 10.39 -26.87
C ALA W 129 -65.84 11.21 -25.62
N LYS W 130 -66.15 10.70 -24.43
CA LYS W 130 -65.76 11.34 -23.15
C LYS W 130 -64.84 10.46 -22.28
N LEU W 131 -63.81 11.08 -21.70
CA LEU W 131 -62.77 10.34 -20.96
C LEU W 131 -62.20 11.11 -19.77
N SER W 132 -61.84 10.37 -18.72
CA SER W 132 -61.18 10.91 -17.52
C SER W 132 -59.69 10.51 -17.48
N GLY W 133 -58.84 11.41 -17.01
CA GLY W 133 -57.40 11.21 -17.10
C GLY W 133 -56.64 11.63 -15.86
N VAL W 134 -55.62 10.85 -15.54
CA VAL W 134 -54.74 11.11 -14.40
C VAL W 134 -53.33 10.89 -14.92
N GLY W 135 -52.38 11.66 -14.41
CA GLY W 135 -50.98 11.47 -14.73
C GLY W 135 -50.20 11.32 -13.45
N TYR W 136 -49.20 10.44 -13.44
CA TYR W 136 -48.38 10.21 -12.26
C TYR W 136 -46.89 10.33 -12.56
N VAL W 137 -46.19 10.98 -11.63
CA VAL W 137 -44.74 10.84 -11.52
C VAL W 137 -44.55 10.20 -10.16
N ASN W 138 -44.17 8.92 -10.18
CA ASN W 138 -43.81 8.18 -8.96
C ASN W 138 -44.93 7.87 -7.98
N GLY W 139 -46.00 7.22 -8.48
CA GLY W 139 -47.15 6.86 -7.65
C GLY W 139 -47.88 8.09 -7.10
N LYS W 140 -47.22 9.25 -7.19
CA LYS W 140 -47.80 10.52 -6.78
C LYS W 140 -48.55 11.16 -7.99
N VAL W 141 -49.80 11.55 -7.77
CA VAL W 141 -50.58 12.24 -8.81
C VAL W 141 -50.02 13.64 -9.07
N VAL W 142 -49.86 13.97 -10.36
CA VAL W 142 -49.40 15.30 -10.78
C VAL W 142 -50.49 16.07 -11.55
N ILE W 143 -51.28 15.37 -12.35
CA ILE W 143 -52.38 16.00 -13.08
C ILE W 143 -53.67 15.19 -13.05
N ASN W 144 -54.80 15.90 -13.02
CA ASN W 144 -56.12 15.27 -12.98
C ASN W 144 -57.07 15.89 -13.98
N ILE W 145 -57.64 15.05 -14.85
CA ILE W 145 -58.68 15.48 -15.76
C ILE W 145 -60.00 14.73 -15.52
N SER W 146 -61.01 15.47 -15.07
CA SER W 146 -62.36 14.90 -14.94
C SER W 146 -62.84 14.43 -16.30
N GLU W 147 -62.77 15.30 -17.30
CA GLU W 147 -63.41 15.01 -18.58
C GLU W 147 -62.71 15.62 -19.78
N MET W 148 -62.35 14.75 -20.72
CA MET W 148 -61.94 15.16 -22.03
C MET W 148 -63.09 14.88 -23.00
N THR W 149 -63.34 15.79 -23.94
CA THR W 149 -64.35 15.55 -24.97
C THR W 149 -63.71 15.71 -26.35
N PHE W 150 -63.99 14.74 -27.23
CA PHE W 150 -63.44 14.73 -28.59
C PHE W 150 -64.56 14.58 -29.62
N ALA W 151 -64.23 14.91 -30.87
CA ALA W 151 -65.16 14.78 -31.98
C ALA W 151 -64.40 14.33 -33.22
N LEU W 152 -65.05 13.48 -34.04
CA LEU W 152 -64.45 12.84 -35.21
C LEU W 152 -64.02 13.85 -36.27
N THR X 9 -52.18 49.97 -22.01
CA THR X 9 -50.84 50.45 -22.66
C THR X 9 -50.55 49.63 -23.94
N SER X 10 -49.31 49.75 -24.46
CA SER X 10 -48.90 49.22 -25.78
C SER X 10 -47.65 48.33 -25.69
N ILE X 11 -47.85 47.01 -25.63
CA ILE X 11 -46.72 46.06 -25.56
C ILE X 11 -46.39 45.38 -26.90
N ASP X 12 -45.12 45.47 -27.30
CA ASP X 12 -44.58 44.68 -28.40
C ASP X 12 -43.62 43.61 -27.86
N ILE X 13 -43.21 42.70 -28.74
CA ILE X 13 -42.43 41.49 -28.35
C ILE X 13 -41.23 41.72 -27.43
N GLU X 14 -40.39 42.73 -27.70
CA GLU X 14 -39.20 42.97 -26.88
C GLU X 14 -39.58 42.99 -25.39
N ASP X 15 -40.56 43.84 -25.08
CA ASP X 15 -41.06 44.02 -23.71
C ASP X 15 -41.80 42.80 -23.17
N ILE X 16 -42.34 41.98 -24.08
CA ILE X 16 -43.02 40.73 -23.70
C ILE X 16 -42.03 39.78 -23.04
N LYS X 17 -40.82 39.73 -23.60
CA LYS X 17 -39.78 38.82 -23.11
C LYS X 17 -39.20 39.27 -21.77
N LYS X 18 -39.34 40.58 -21.47
CA LYS X 18 -38.88 41.13 -20.20
C LYS X 18 -39.84 40.75 -19.11
N ILE X 19 -41.13 40.66 -19.47
CA ILE X 19 -42.17 40.24 -18.52
C ILE X 19 -42.17 38.71 -18.37
N LEU X 20 -42.43 38.01 -19.47
CA LEU X 20 -42.50 36.55 -19.44
C LEU X 20 -41.12 35.85 -19.50
N PRO X 21 -40.98 34.73 -18.76
CA PRO X 21 -39.78 33.89 -18.89
C PRO X 21 -39.81 33.10 -20.20
N HIS X 22 -41.00 32.96 -20.81
CA HIS X 22 -41.23 32.20 -22.06
C HIS X 22 -40.35 32.69 -23.23
N ARG X 23 -39.73 31.73 -23.94
CA ARG X 23 -39.04 32.04 -25.19
C ARG X 23 -39.48 31.08 -26.30
N TYR X 24 -38.79 31.12 -27.44
CA TYR X 24 -38.95 30.11 -28.51
C TYR X 24 -38.55 28.72 -28.00
N PRO X 25 -39.32 27.69 -28.39
CA PRO X 25 -40.49 27.73 -29.25
C PRO X 25 -41.78 27.68 -28.45
N PHE X 26 -41.81 28.31 -27.27
CA PHE X 26 -43.00 28.23 -26.43
C PHE X 26 -43.49 29.58 -25.96
N LEU X 27 -42.95 30.64 -26.56
CA LEU X 27 -43.54 31.97 -26.44
C LEU X 27 -44.62 32.11 -27.52
N LEU X 28 -45.86 32.27 -27.07
CA LEU X 28 -47.01 32.36 -27.96
C LEU X 28 -47.80 33.68 -27.85
N VAL X 29 -47.12 34.77 -27.45
CA VAL X 29 -47.76 36.08 -27.36
C VAL X 29 -46.97 37.04 -28.24
N ASP X 30 -47.51 37.34 -29.43
CA ASP X 30 -46.79 38.17 -30.42
C ASP X 30 -46.85 39.66 -30.09
N LYS X 31 -48.02 40.13 -29.68
CA LYS X 31 -48.22 41.51 -29.25
C LYS X 31 -49.36 41.65 -28.24
N VAL X 32 -49.17 42.53 -27.27
CA VAL X 32 -50.28 42.99 -26.44
C VAL X 32 -50.76 44.35 -26.98
N ILE X 33 -52.02 44.39 -27.41
CA ILE X 33 -52.62 45.64 -27.89
C ILE X 33 -53.27 46.46 -26.76
N TYR X 34 -53.90 45.78 -25.79
CA TYR X 34 -54.52 46.46 -24.63
C TYR X 34 -54.45 45.70 -23.28
N MET X 35 -54.08 46.42 -22.23
CA MET X 35 -54.08 45.91 -20.86
C MET X 35 -54.51 46.99 -19.86
N GLN X 36 -55.38 46.61 -18.93
CA GLN X 36 -55.74 47.47 -17.79
C GLN X 36 -55.41 46.76 -16.49
N PRO X 37 -54.60 47.41 -15.62
CA PRO X 37 -54.06 46.80 -14.37
C PRO X 37 -55.14 46.29 -13.41
N ASN X 38 -55.06 44.98 -13.09
CA ASN X 38 -56.04 44.26 -12.23
C ASN X 38 -57.37 43.93 -12.91
N LYS X 39 -57.51 44.34 -14.18
CA LYS X 39 -58.75 44.13 -14.91
C LYS X 39 -58.62 43.13 -16.07
N THR X 40 -58.27 43.63 -17.26
CA THR X 40 -58.32 42.81 -18.46
C THR X 40 -57.22 43.14 -19.47
N ILE X 41 -56.83 42.13 -20.24
CA ILE X 41 -55.79 42.28 -21.27
C ILE X 41 -56.25 41.73 -22.62
N ILE X 42 -56.03 42.52 -23.67
CA ILE X 42 -56.31 42.09 -25.04
C ILE X 42 -55.00 42.00 -25.79
N GLY X 43 -54.81 40.89 -26.50
CA GLY X 43 -53.57 40.67 -27.23
C GLY X 43 -53.78 39.86 -28.47
N LEU X 44 -52.68 39.52 -29.15
CA LEU X 44 -52.70 38.76 -30.42
C LEU X 44 -51.47 37.87 -30.73
N LYS X 45 -51.74 36.74 -31.38
CA LYS X 45 -50.68 35.85 -31.83
C LYS X 45 -50.91 35.52 -33.30
N GLN X 46 -49.91 35.80 -34.12
CA GLN X 46 -49.94 35.53 -35.56
C GLN X 46 -49.72 34.06 -35.89
N VAL X 47 -50.60 33.53 -36.72
CA VAL X 47 -50.55 32.13 -37.05
C VAL X 47 -49.92 31.92 -38.42
N SER X 48 -48.63 31.61 -38.44
CA SER X 48 -47.91 31.33 -39.67
C SER X 48 -47.56 29.86 -39.79
N THR X 49 -47.46 29.37 -41.04
CA THR X 49 -47.06 27.99 -41.28
C THR X 49 -45.62 27.76 -40.81
N ASN X 50 -44.85 28.85 -40.79
CA ASN X 50 -43.46 28.81 -40.33
C ASN X 50 -43.35 28.73 -38.81
N GLU X 51 -44.01 27.74 -38.23
CA GLU X 51 -43.97 27.51 -36.78
C GLU X 51 -43.68 26.03 -36.54
N PRO X 52 -42.79 25.74 -35.57
CA PRO X 52 -42.24 24.40 -35.45
C PRO X 52 -43.26 23.28 -35.14
N PHE X 53 -44.38 23.61 -34.50
CA PHE X 53 -45.35 22.57 -34.11
C PHE X 53 -46.17 22.06 -35.26
N PHE X 54 -46.35 22.92 -36.26
CA PHE X 54 -47.23 22.63 -37.38
C PHE X 54 -46.80 21.41 -38.21
N ASN X 55 -45.50 21.13 -38.20
CA ASN X 55 -44.99 19.89 -38.80
C ASN X 55 -45.54 18.65 -38.15
N GLY X 56 -45.86 18.74 -36.86
CA GLY X 56 -46.30 17.58 -36.09
C GLY X 56 -47.79 17.54 -35.81
N HIS X 57 -48.48 18.63 -36.16
CA HIS X 57 -49.90 18.73 -35.89
C HIS X 57 -50.65 19.54 -36.97
N PHE X 58 -50.89 18.95 -38.15
CA PHE X 58 -50.47 17.59 -38.52
C PHE X 58 -49.90 17.65 -39.93
N PRO X 59 -49.02 16.69 -40.28
CA PRO X 59 -48.43 16.69 -41.63
C PRO X 59 -49.47 16.82 -42.76
N GLN X 60 -50.57 16.06 -42.67
CA GLN X 60 -51.61 16.04 -43.70
C GLN X 60 -52.62 17.19 -43.55
N LYS X 61 -52.65 17.80 -42.37
CA LYS X 61 -53.57 18.89 -42.10
C LYS X 61 -53.10 19.83 -40.96
N GLN X 62 -52.67 21.03 -41.34
CA GLN X 62 -52.16 22.01 -40.36
C GLN X 62 -53.30 22.65 -39.60
N ILE X 63 -53.32 22.41 -38.30
CA ILE X 63 -54.32 22.91 -37.37
C ILE X 63 -53.60 23.28 -36.09
N MET X 64 -53.81 24.51 -35.59
CA MET X 64 -53.24 24.86 -34.29
C MET X 64 -53.81 23.92 -33.25
N PRO X 65 -52.93 23.17 -32.54
CA PRO X 65 -53.35 22.27 -31.46
C PRO X 65 -54.02 23.09 -30.36
N GLY X 66 -55.15 22.58 -29.88
CA GLY X 66 -55.94 23.23 -28.84
C GLY X 66 -55.11 23.69 -27.66
N VAL X 67 -54.39 22.75 -27.05
CA VAL X 67 -53.53 23.04 -25.89
C VAL X 67 -52.71 24.34 -26.03
N LEU X 68 -52.20 24.59 -27.24
CA LEU X 68 -51.39 25.79 -27.50
C LEU X 68 -52.22 27.06 -27.53
N GLN X 69 -53.49 26.90 -27.90
CA GLN X 69 -54.45 28.01 -27.80
C GLN X 69 -54.65 28.42 -26.34
N ILE X 70 -54.77 27.41 -25.46
CA ILE X 70 -54.88 27.66 -24.03
C ILE X 70 -53.59 28.31 -23.52
N GLU X 71 -52.44 27.74 -23.89
CA GLU X 71 -51.17 28.27 -23.41
C GLU X 71 -50.99 29.74 -23.83
N ALA X 72 -51.40 30.04 -25.05
CA ALA X 72 -51.38 31.39 -25.58
C ALA X 72 -52.26 32.35 -24.76
N LEU X 73 -53.42 31.86 -24.31
CA LEU X 73 -54.29 32.63 -23.43
C LEU X 73 -53.74 32.69 -22.01
N ALA X 74 -53.21 31.56 -21.54
CA ALA X 74 -52.57 31.45 -20.22
C ALA X 74 -51.40 32.42 -20.05
N GLN X 75 -50.58 32.51 -21.09
CA GLN X 75 -49.42 33.41 -21.14
C GLN X 75 -49.84 34.88 -21.18
N LEU X 76 -50.90 35.16 -21.91
CA LEU X 76 -51.46 36.50 -21.99
C LEU X 76 -52.03 36.89 -20.63
N ALA X 77 -52.78 35.96 -20.03
CA ALA X 77 -53.26 36.13 -18.67
C ALA X 77 -52.04 36.42 -17.78
N GLY X 78 -50.96 35.65 -18.01
CA GLY X 78 -49.70 35.78 -17.27
C GLY X 78 -49.13 37.20 -17.23
N ILE X 79 -49.18 37.90 -18.36
CA ILE X 79 -48.65 39.27 -18.45
C ILE X 79 -49.49 40.25 -17.63
N LEU X 80 -50.82 40.08 -17.71
CA LEU X 80 -51.75 40.83 -16.89
C LEU X 80 -51.42 40.73 -15.40
N CYS X 81 -51.21 39.49 -14.93
CA CYS X 81 -50.93 39.18 -13.52
C CYS X 81 -49.64 39.82 -12.99
N LEU X 82 -48.65 39.94 -13.87
CA LEU X 82 -47.33 40.48 -13.50
C LEU X 82 -47.26 42.03 -13.60
N LYS X 83 -48.17 42.60 -14.38
CA LYS X 83 -48.32 44.06 -14.48
C LYS X 83 -49.35 44.59 -13.47
N SER X 84 -50.06 43.66 -12.80
CA SER X 84 -51.05 44.03 -11.78
C SER X 84 -50.42 44.17 -10.39
N ASP X 85 -49.42 43.32 -10.13
CA ASP X 85 -48.78 43.21 -8.82
C ASP X 85 -47.45 42.47 -8.93
N ASP X 86 -46.35 43.21 -9.04
CA ASP X 86 -45.00 42.62 -8.97
C ASP X 86 -44.26 42.90 -7.65
N SER X 87 -45.02 43.08 -6.56
CA SER X 87 -44.43 43.06 -5.22
C SER X 87 -43.75 41.71 -4.98
N GLN X 88 -44.44 40.64 -5.42
CA GLN X 88 -43.82 39.33 -5.67
C GLN X 88 -43.00 39.40 -6.97
N LYS X 89 -41.67 39.53 -6.81
CA LYS X 89 -40.73 39.61 -7.94
C LYS X 89 -40.38 38.24 -8.54
N ASN X 90 -41.41 37.38 -8.66
CA ASN X 90 -41.26 36.06 -9.23
C ASN X 90 -42.08 35.96 -10.52
N ASN X 91 -41.40 36.09 -11.66
CA ASN X 91 -42.06 36.05 -12.98
C ASN X 91 -42.30 34.62 -13.53
N LEU X 92 -41.91 33.61 -12.76
CA LEU X 92 -42.15 32.21 -13.11
C LEU X 92 -43.52 31.73 -12.56
N PHE X 93 -44.57 31.90 -13.37
CA PHE X 93 -45.92 31.47 -12.98
C PHE X 93 -46.32 30.12 -13.58
N LEU X 94 -46.79 29.23 -12.70
CA LEU X 94 -47.23 27.90 -13.10
C LEU X 94 -48.76 27.72 -13.07
N PHE X 95 -49.25 27.03 -14.09
CA PHE X 95 -50.65 26.68 -14.26
C PHE X 95 -51.02 25.65 -13.21
N ALA X 96 -51.84 26.04 -12.24
CA ALA X 96 -52.27 25.15 -11.16
C ALA X 96 -53.57 24.40 -11.46
N GLY X 97 -54.48 25.03 -12.20
CA GLY X 97 -55.73 24.37 -12.61
C GLY X 97 -56.42 25.10 -13.74
N VAL X 98 -57.13 24.35 -14.58
CA VAL X 98 -57.95 24.97 -15.62
C VAL X 98 -59.32 24.29 -15.70
N ASP X 99 -60.30 25.02 -16.29
CA ASP X 99 -61.68 24.55 -16.29
C ASP X 99 -62.51 25.25 -17.34
N GLY X 100 -63.46 24.50 -17.92
CA GLY X 100 -64.44 25.05 -18.84
C GLY X 100 -63.83 25.46 -20.17
N VAL X 101 -63.05 24.54 -20.75
CA VAL X 101 -62.43 24.79 -22.05
C VAL X 101 -63.27 24.19 -23.19
N ARG X 102 -63.73 25.05 -24.10
CA ARG X 102 -64.44 24.63 -25.32
C ARG X 102 -63.78 25.21 -26.57
N TRP X 103 -63.54 24.34 -27.55
CA TRP X 103 -63.03 24.76 -28.84
C TRP X 103 -64.16 24.72 -29.88
N LYS X 104 -64.57 25.91 -30.35
CA LYS X 104 -65.67 26.01 -31.33
C LYS X 104 -65.19 25.83 -32.78
N LYS X 105 -64.01 26.35 -33.09
CA LYS X 105 -63.55 26.49 -34.46
C LYS X 105 -62.03 26.23 -34.56
N PRO X 106 -61.61 25.36 -35.51
CA PRO X 106 -60.17 25.19 -35.75
C PRO X 106 -59.47 26.51 -36.13
N VAL X 107 -58.22 26.67 -35.69
CA VAL X 107 -57.42 27.86 -36.00
C VAL X 107 -56.30 27.51 -36.99
N LEU X 108 -56.38 28.10 -38.18
CA LEU X 108 -55.51 27.75 -39.30
C LEU X 108 -54.36 28.75 -39.53
N PRO X 109 -53.26 28.31 -40.17
CA PRO X 109 -52.20 29.23 -40.57
C PRO X 109 -52.78 30.42 -41.32
N GLY X 110 -52.13 31.58 -41.19
CA GLY X 110 -52.62 32.80 -41.85
C GLY X 110 -53.50 33.68 -40.98
N ASP X 111 -54.24 33.05 -40.06
CA ASP X 111 -55.17 33.77 -39.17
C ASP X 111 -54.43 34.73 -38.23
N THR X 112 -55.21 35.56 -37.54
CA THR X 112 -54.72 36.27 -36.38
C THR X 112 -55.59 35.86 -35.19
N LEU X 113 -54.94 35.28 -34.19
CA LEU X 113 -55.60 34.94 -32.94
C LEU X 113 -55.66 36.18 -32.10
N THR X 114 -56.86 36.73 -31.93
CA THR X 114 -57.07 37.82 -30.98
C THR X 114 -57.53 37.21 -29.66
N MET X 115 -56.88 37.61 -28.57
CA MET X 115 -57.19 37.06 -27.26
C MET X 115 -57.59 38.15 -26.25
N GLN X 116 -58.53 37.80 -25.37
CA GLN X 116 -58.84 38.63 -24.21
C GLN X 116 -58.91 37.80 -22.93
N ALA X 117 -58.10 38.18 -21.95
CA ALA X 117 -58.08 37.51 -20.65
C ALA X 117 -58.47 38.46 -19.52
N ASN X 118 -59.40 38.01 -18.68
CA ASN X 118 -59.97 38.83 -17.60
C ASN X 118 -59.64 38.29 -16.22
N LEU X 119 -59.46 39.20 -15.23
CA LEU X 119 -59.14 38.80 -13.85
C LEU X 119 -60.38 38.65 -12.92
N ILE X 120 -60.58 37.39 -12.45
CA ILE X 120 -61.73 37.05 -11.57
C ILE X 120 -61.41 37.19 -10.08
N SER X 121 -60.27 36.67 -9.65
CA SER X 121 -59.79 36.87 -8.27
C SER X 121 -58.25 36.81 -8.18
N PHE X 122 -57.70 37.63 -7.29
CA PHE X 122 -56.26 37.61 -6.97
C PHE X 122 -56.10 37.49 -5.46
N LYS X 123 -55.30 36.52 -5.01
CA LYS X 123 -55.04 36.33 -3.58
C LYS X 123 -53.54 36.12 -3.35
N SER X 124 -52.87 37.09 -2.71
CA SER X 124 -51.48 36.88 -2.27
C SER X 124 -51.33 35.64 -1.35
N SER X 125 -52.49 35.07 -0.98
CA SER X 125 -52.60 33.94 -0.04
C SER X 125 -51.69 32.73 -0.32
N LEU X 126 -51.50 32.39 -1.60
CA LEU X 126 -50.40 31.47 -1.98
C LEU X 126 -49.74 31.95 -3.29
N GLY X 127 -50.27 33.04 -3.87
CA GLY X 127 -49.94 33.44 -5.24
C GLY X 127 -50.99 32.91 -6.23
N ILE X 128 -52.21 32.70 -5.69
CA ILE X 128 -53.35 32.09 -6.44
C ILE X 128 -54.15 33.13 -7.25
N ALA X 129 -54.13 32.98 -8.59
CA ALA X 129 -54.82 33.91 -9.49
C ALA X 129 -55.81 33.19 -10.41
N LYS X 130 -57.06 33.68 -10.40
CA LYS X 130 -58.11 33.11 -11.26
C LYS X 130 -58.46 34.04 -12.42
N LEU X 131 -58.56 33.45 -13.61
CA LEU X 131 -58.89 34.22 -14.81
C LEU X 131 -59.83 33.47 -15.74
N SER X 132 -60.38 34.21 -16.71
CA SER X 132 -61.14 33.66 -17.82
C SER X 132 -60.50 34.09 -19.13
N GLY X 133 -60.90 33.43 -20.22
CA GLY X 133 -60.28 33.70 -21.50
C GLY X 133 -61.18 33.31 -22.64
N VAL X 134 -61.02 34.02 -23.76
CA VAL X 134 -61.71 33.71 -25.00
C VAL X 134 -60.71 33.92 -26.13
N GLY X 135 -60.88 33.19 -27.22
CA GLY X 135 -60.04 33.37 -28.42
C GLY X 135 -60.84 33.57 -29.69
N TYR X 136 -60.37 34.46 -30.55
CA TYR X 136 -61.08 34.84 -31.78
C TYR X 136 -60.23 34.85 -33.03
N VAL X 137 -60.89 34.54 -34.15
CA VAL X 137 -60.35 34.80 -35.48
C VAL X 137 -61.44 35.55 -36.27
N ASN X 138 -61.20 36.83 -36.59
CA ASN X 138 -62.14 37.69 -37.33
C ASN X 138 -63.46 38.00 -36.61
N GLY X 139 -63.37 38.41 -35.34
CA GLY X 139 -64.56 38.65 -34.55
C GLY X 139 -65.24 37.39 -34.01
N LYS X 140 -65.01 36.25 -34.64
CA LYS X 140 -65.68 35.02 -34.22
C LYS X 140 -64.98 34.32 -33.06
N VAL X 141 -65.76 33.58 -32.26
CA VAL X 141 -65.21 32.85 -31.12
C VAL X 141 -64.67 31.49 -31.60
N VAL X 142 -63.38 31.23 -31.34
CA VAL X 142 -62.87 29.86 -31.56
C VAL X 142 -62.71 29.09 -30.24
N ILE X 143 -62.21 29.76 -29.20
CA ILE X 143 -61.95 29.11 -27.91
C ILE X 143 -62.52 29.89 -26.70
N ASN X 144 -63.11 29.14 -25.77
CA ASN X 144 -63.61 29.68 -24.50
C ASN X 144 -63.00 28.94 -23.31
N ILE X 145 -62.44 29.71 -22.38
CA ILE X 145 -61.94 29.15 -21.12
C ILE X 145 -62.61 29.89 -19.97
N SER X 146 -63.44 29.17 -19.22
CA SER X 146 -64.13 29.74 -18.05
C SER X 146 -63.16 30.10 -16.92
N GLU X 147 -62.23 29.21 -16.60
CA GLU X 147 -61.31 29.48 -15.49
C GLU X 147 -59.88 28.98 -15.65
N MET X 148 -58.93 29.89 -15.50
CA MET X 148 -57.52 29.55 -15.38
C MET X 148 -57.05 29.80 -13.94
N THR X 149 -56.38 28.82 -13.33
CA THR X 149 -55.84 28.96 -11.98
C THR X 149 -54.31 28.85 -12.04
N PHE X 150 -53.63 29.80 -11.41
CA PHE X 150 -52.16 29.87 -11.46
C PHE X 150 -51.54 29.91 -10.08
N ALA X 151 -50.28 29.47 -9.97
CA ALA X 151 -49.49 29.55 -8.74
C ALA X 151 -48.04 29.90 -9.09
N LEU X 152 -47.33 30.61 -8.20
CA LEU X 152 -45.94 31.02 -8.45
C LEU X 152 -44.95 30.14 -7.67
N SER X 153 -43.93 29.68 -8.38
CA SER X 153 -43.02 28.62 -7.89
C SER X 153 -41.80 29.13 -7.16
C1 GOL Y . 23.77 28.07 9.98
O1 GOL Y . 23.99 29.25 10.74
C2 GOL Y . 24.12 28.37 8.52
O2 GOL Y . 23.70 27.30 7.69
C3 GOL Y . 25.63 28.62 8.40
O3 GOL Y . 25.94 30.00 8.47
C1 PEG Z . 15.44 23.16 38.04
O1 PEG Z . 15.53 22.46 36.79
C2 PEG Z . 15.04 24.61 37.81
O2 PEG Z . 16.07 25.29 37.06
C3 PEG Z . 17.06 25.91 37.91
C4 PEG Z . 17.92 26.88 37.09
O4 PEG Z . 18.69 26.13 36.14
C1 PEG AA . 34.74 28.47 34.57
O1 PEG AA . 33.46 29.04 34.27
C2 PEG AA . 35.38 28.00 33.27
O2 PEG AA . 35.13 26.61 33.08
C3 PEG AA . 36.24 25.80 33.47
C4 PEG AA . 36.66 24.85 32.34
O4 PEG AA . 37.35 23.70 32.87
C1 PEG BA . 35.04 10.98 23.38
O1 PEG BA . 34.04 10.61 24.36
C2 PEG BA . 34.50 10.75 21.95
O2 PEG BA . 35.54 11.00 21.01
C3 PEG BA . 35.74 9.93 20.09
C4 PEG BA . 36.94 9.07 20.53
O4 PEG BA . 36.46 7.76 20.86
C1 PEG CA . 36.99 15.60 26.99
O1 PEG CA . 36.45 15.86 28.31
C2 PEG CA . 37.67 14.23 26.97
O2 PEG CA . 36.96 13.33 26.07
C3 PEG CA . 37.24 11.96 26.39
C4 PEG CA . 38.07 11.34 25.27
O4 PEG CA . 38.03 9.90 25.35
CL CL DA . 23.74 16.30 15.36
C1 PEG EA . 1.75 11.11 -4.63
O1 PEG EA . 1.84 12.53 -4.54
C2 PEG EA . 1.43 10.53 -3.25
O2 PEG EA . 1.90 9.18 -3.15
C3 PEG EA . 3.00 9.01 -2.27
C4 PEG EA . 4.30 8.91 -3.08
O4 PEG EA . 5.27 8.15 -2.34
CL CL FA . 11.35 29.73 10.14
C1 PEG GA . 48.98 51.65 -5.46
O1 PEG GA . 49.53 50.78 -4.44
C2 PEG GA . 49.38 51.13 -6.86
O2 PEG GA . 49.08 52.10 -7.89
C3 PEG GA . 48.46 51.53 -9.07
C4 PEG GA . 49.54 51.23 -10.12
O4 PEG GA . 50.43 50.17 -9.70
CL CL HA . 47.07 39.74 18.58
C1 GOL IA . 36.20 40.88 11.31
O1 GOL IA . 36.87 40.49 10.10
C2 GOL IA . 35.53 39.63 11.87
O2 GOL IA . 34.64 39.14 10.89
C3 GOL IA . 34.81 40.00 13.18
O3 GOL IA . 33.69 39.16 13.41
C1 S21 JA . 36.73 53.79 12.28
C2 S21 JA . 37.60 54.69 11.65
C3 S21 JA . 38.74 55.17 12.31
C4 S21 JA . 39.00 54.76 13.60
C5 S21 JA . 38.12 53.88 14.23
C6 S21 JA . 36.98 53.39 13.59
C7 S21 JA . 36.09 52.41 14.33
O8 S21 JA . 36.55 51.67 15.19
C9 S21 JA . 34.63 52.29 13.99
C10 S21 JA . 33.74 53.32 14.65
O11 S21 JA . 33.47 54.35 14.09
C12 S21 JA . 33.17 53.02 15.99
N13 S21 JA . 39.62 56.06 11.69
F1C S21 JA . 32.85 51.73 16.00
O1N S21 JA . 40.76 55.68 11.38
F2C S21 JA . 34.07 53.25 16.92
O2N S21 JA . 39.25 57.22 11.45
F3C S21 JA . 32.10 53.79 16.19
P PO4 KA . 41.56 25.86 -10.72
O1 PO4 KA . 40.64 25.73 -11.93
O2 PO4 KA . 41.33 24.68 -9.79
O3 PO4 KA . 43.02 25.94 -11.13
O4 PO4 KA . 41.19 27.17 -10.01
C1 PEG LA . 48.66 7.33 -18.91
O1 PEG LA . 48.75 7.94 -17.60
C2 PEG LA . 50.05 7.30 -19.56
O2 PEG LA . 50.43 5.94 -19.82
C3 PEG LA . 51.60 5.83 -20.67
C4 PEG LA . 51.18 5.56 -22.12
O4 PEG LA . 52.18 6.10 -23.02
C1 GOL MA . 32.98 33.08 -2.56
O1 GOL MA . 31.85 32.53 -3.22
C2 GOL MA . 33.73 34.02 -3.51
O2 GOL MA . 34.45 33.27 -4.46
C3 GOL MA . 34.68 34.86 -2.67
O3 GOL MA . 35.17 35.99 -3.39
C1 S21 NA . 26.99 36.01 -14.76
C2 S21 NA . 26.07 35.09 -15.26
C3 S21 NA . 26.17 34.55 -16.55
C4 S21 NA . 27.24 34.97 -17.34
C5 S21 NA . 28.17 35.88 -16.84
C6 S21 NA . 28.06 36.43 -15.55
C7 S21 NA . 29.08 37.41 -15.02
O8 S21 NA . 30.27 37.22 -15.24
C9 S21 NA . 28.69 38.61 -14.19
C10 S21 NA . 28.78 39.89 -14.97
O11 S21 NA . 27.83 40.28 -15.61
C12 S21 NA . 30.04 40.71 -14.95
N13 S21 NA . 25.22 33.62 -17.04
F1C S21 NA . 31.03 39.95 -15.46
O1N S21 NA . 24.89 32.64 -16.37
F2C S21 NA . 29.88 41.83 -15.66
O2N S21 NA . 24.70 33.77 -18.14
F3C S21 NA . 30.34 41.02 -13.68
C1 PEG OA . 40.40 59.29 -4.66
O1 PEG OA . 39.76 58.02 -4.91
C2 PEG OA . 41.55 59.11 -3.66
O2 PEG OA . 42.50 58.19 -4.21
C3 PEG OA . 43.82 58.34 -3.66
C4 PEG OA . 44.89 58.18 -4.75
O4 PEG OA . 45.43 56.83 -4.71
C1 PEG PA . 26.63 64.52 -23.70
O1 PEG PA . 25.42 64.98 -23.07
C2 PEG PA . 26.70 63.00 -23.62
O2 PEG PA . 27.48 62.46 -24.69
C3 PEG PA . 28.29 61.35 -24.27
C4 PEG PA . 29.71 61.45 -24.84
O4 PEG PA . 30.28 60.13 -24.99
C1 PEG QA . 25.33 58.93 -25.09
O1 PEG QA . 24.77 58.18 -24.00
C2 PEG QA . 26.69 58.34 -25.47
O2 PEG QA . 26.83 58.16 -26.89
C3 PEG QA . 26.33 56.90 -27.36
C4 PEG QA . 27.48 55.93 -27.65
O4 PEG QA . 27.68 55.05 -26.52
C1 PEG RA . -28.88 -41.92 -8.23
O1 PEG RA . -30.27 -41.53 -8.20
C2 PEG RA . -28.37 -42.03 -6.79
O2 PEG RA . -27.12 -41.33 -6.69
C3 PEG RA . -26.29 -41.84 -5.64
C4 PEG RA . -24.88 -42.01 -6.20
O4 PEG RA . -24.08 -40.88 -5.79
CL CL SA . -37.44 -10.20 5.29
C1 GOL TA . -28.00 -15.21 10.00
O1 GOL TA . -28.82 -15.81 10.99
C2 GOL TA . -26.60 -14.83 10.53
O2 GOL TA . -25.94 -14.04 9.53
C3 GOL TA . -26.66 -14.03 11.85
O3 GOL TA . -27.17 -12.73 11.65
C1 PEG UA . -55.00 3.41 0.17
O1 PEG UA . -55.37 2.02 0.27
C2 PEG UA . -54.73 3.97 1.57
O2 PEG UA . -53.52 4.71 1.53
C3 PEG UA . -52.38 3.86 1.74
C4 PEG UA . -51.11 4.59 1.33
O4 PEG UA . -50.61 5.34 2.46
CL CL VA . -26.82 -18.00 -2.17
C1 GOL WA . -23.39 -20.02 27.43
O1 GOL WA . -22.08 -20.10 27.94
C2 GOL WA . -23.34 -19.52 25.99
O2 GOL WA . -24.37 -20.11 25.23
C3 GOL WA . -23.50 -18.00 25.97
O3 GOL WA . -23.17 -17.54 24.68
C1 PEG XA . -9.26 -31.69 49.39
O1 PEG XA . -9.46 -33.06 49.77
C2 PEG XA . -7.78 -31.40 49.19
O2 PEG XA . -7.33 -30.44 50.16
C3 PEG XA . -5.99 -30.04 49.92
C4 PEG XA . -5.96 -28.61 49.38
O4 PEG XA . -5.28 -28.58 48.12
C1 PEG YA . -20.55 -18.76 18.43
O1 PEG YA . -20.89 -17.72 19.35
C2 PEG YA . -19.04 -18.83 18.23
O2 PEG YA . -18.73 -19.38 16.95
C3 PEG YA . -18.41 -18.38 16.00
C4 PEG YA . -16.96 -17.96 16.21
O4 PEG YA . -16.92 -16.72 16.92
CL CL ZA . -19.96 -31.13 30.39
CL CL AB . -32.20 -17.16 36.89
CL CL BB . -1.17 -9.64 13.71
C1 GOL CB . -15.44 -8.80 18.19
O1 GOL CB . -16.24 -9.89 18.63
C2 GOL CB . -13.97 -9.21 18.02
O2 GOL CB . -13.63 -9.23 16.65
C3 GOL CB . -13.04 -8.24 18.75
O3 GOL CB . -13.04 -6.99 18.05
CL CL DB . -12.04 4.80 22.29
C1 GOL EB . 18.94 -48.66 14.80
O1 GOL EB . 19.59 -49.78 15.36
C2 GOL EB . 19.72 -48.11 13.61
O2 GOL EB . 20.11 -49.14 12.71
C3 GOL EB . 20.96 -47.33 14.07
O3 GOL EB . 21.64 -46.74 12.97
CL CL FB . 19.84 -60.86 18.92
C1 PEG GB . 2.27 -47.19 -9.22
O1 PEG GB . 1.37 -46.76 -8.18
C2 PEG GB . 3.63 -47.56 -8.56
O2 PEG GB . 4.21 -48.73 -9.15
C3 PEG GB . 4.40 -49.79 -8.20
C4 PEG GB . 5.80 -49.73 -7.58
O4 PEG GB . 5.81 -48.87 -6.42
CL CL HB . 6.05 -48.29 15.83
C1 GOL IB . 29.58 -36.84 16.86
O1 GOL IB . 29.52 -37.67 18.01
C2 GOL IB . 31.04 -36.40 16.65
O2 GOL IB . 31.41 -35.40 17.58
C3 GOL IB . 31.19 -35.84 15.24
O3 GOL IB . 32.56 -35.82 14.90
C1 PEG JB . 41.60 -50.24 11.87
O1 PEG JB . 40.60 -49.84 12.84
C2 PEG JB . 42.77 -49.25 11.93
O2 PEG JB . 43.21 -48.90 10.62
C3 PEG JB . 44.65 -48.81 10.58
C4 PEG JB . 45.14 -48.35 9.21
O4 PEG JB . 46.45 -47.77 9.28
C1 PEG KB . 49.50 -17.51 23.79
O1 PEG KB . 49.06 -17.55 25.14
C2 PEG KB . 50.37 -18.73 23.48
O2 PEG KB . 49.99 -19.29 22.21
C3 PEG KB . 51.00 -20.17 21.69
C4 PEG KB . 51.92 -19.44 20.71
O4 PEG KB . 52.41 -20.37 19.70
C1 PEG LB . 45.38 -48.60 16.99
O1 PEG LB . 44.04 -48.11 16.89
C2 PEG LB . 46.29 -47.52 17.58
O2 PEG LB . 47.57 -47.43 16.93
C3 PEG LB . 48.61 -47.59 17.89
C4 PEG LB . 49.72 -48.56 17.46
O4 PEG LB . 50.83 -48.36 18.38
C1 PEG MB . 25.37 -37.21 10.68
O1 PEG MB . 24.08 -36.61 10.69
C2 PEG MB . 25.24 -38.68 11.08
O2 PEG MB . 26.51 -39.15 11.55
C3 PEG MB . 26.61 -39.07 12.96
C4 PEG MB . 28.00 -39.51 13.41
O4 PEG MB . 28.47 -38.64 14.43
CL CL NB . 42.23 -36.66 22.66
C1 GOL OB . 24.65 -25.93 44.14
O1 GOL OB . 23.28 -25.85 43.79
C2 GOL OB . 25.17 -24.53 44.43
O2 GOL OB . 24.11 -23.85 45.06
C3 GOL OB . 25.60 -23.87 43.11
O3 GOL OB . 25.66 -22.44 43.22
C1 S21 PB . 31.51 -22.94 17.69
C2 S21 PB . 32.31 -22.09 16.92
C3 S21 PB . 33.36 -21.37 17.49
C4 S21 PB . 33.60 -21.50 18.85
C5 S21 PB . 32.81 -22.34 19.63
C6 S21 PB . 31.75 -23.07 19.05
C7 S21 PB . 30.92 -23.97 19.92
O8 S21 PB . 31.35 -24.48 20.94
C9 S21 PB . 29.50 -24.26 19.50
C10 S21 PB . 28.50 -23.60 20.42
O11 S21 PB . 28.18 -22.44 20.25
C12 S21 PB . 27.89 -24.41 21.53
N13 S21 PB . 34.16 -20.51 16.70
F1C S21 PB . 27.41 -25.52 21.01
O1N S21 PB . 35.00 -20.96 15.92
F2C S21 PB . 28.82 -24.75 22.43
O2N S21 PB . 34.01 -19.29 16.83
F3C S21 PB . 26.91 -23.72 22.08
C1 PEG QB . 44.02 -69.09 -2.40
O1 PEG QB . 42.60 -69.00 -2.16
C2 PEG QB . 44.70 -67.75 -2.11
O2 PEG QB . 44.73 -66.94 -3.29
C3 PEG QB . 45.17 -65.60 -3.04
C4 PEG QB . 46.51 -65.37 -3.77
O4 PEG QB . 46.80 -63.94 -3.78
C1 PEG RB . 33.92 -54.88 9.59
O1 PEG RB . 32.78 -54.41 10.32
C2 PEG RB . 33.93 -56.42 9.60
O2 PEG RB . 34.65 -56.90 8.46
C3 PEG RB . 35.96 -57.38 8.81
C4 PEG RB . 36.88 -57.38 7.58
O4 PEG RB . 38.08 -56.61 7.83
C1 PEG SB . 22.29 -38.12 -25.16
O1 PEG SB . 23.11 -37.33 -24.27
C2 PEG SB . 23.18 -38.58 -26.32
O2 PEG SB . 22.47 -39.52 -27.15
C3 PEG SB . 23.05 -40.84 -27.13
C4 PEG SB . 24.29 -40.93 -28.06
O4 PEG SB . 24.72 -42.33 -28.09
C1 GOL TB . 26.92 -42.71 2.13
O1 GOL TB . 26.02 -43.50 1.37
C2 GOL TB . 27.56 -41.64 1.24
O2 GOL TB . 27.13 -41.76 -0.10
C3 GOL TB . 29.07 -41.79 1.29
O3 GOL TB . 29.64 -40.54 1.68
C1 S21 UB . 21.10 -39.70 -9.84
C2 S21 UB . 20.25 -40.58 -10.52
C3 S21 UB . 20.41 -40.85 -11.88
C4 S21 UB . 21.46 -40.22 -12.56
C5 S21 UB . 22.31 -39.36 -11.88
C6 S21 UB . 22.14 -39.07 -10.53
C7 S21 UB . 23.10 -38.14 -9.82
O8 S21 UB . 24.31 -38.29 -9.95
C9 S21 UB . 22.61 -37.06 -8.90
C10 S21 UB . 22.47 -35.73 -9.62
O11 S21 UB . 21.58 -35.58 -10.43
C12 S21 UB . 23.41 -34.60 -9.30
N13 S21 UB . 19.54 -41.75 -12.56
F1C S21 UB . 24.43 -34.62 -10.14
O1N S21 UB . 19.37 -42.90 -12.13
F2C S21 UB . 22.73 -33.47 -9.38
O2N S21 UB . 18.95 -41.41 -13.59
F3C S21 UB . 23.88 -34.75 -8.08
C1 PEG VB . 41.68 -44.99 -19.84
O1 PEG VB . 40.53 -44.50 -20.54
C2 PEG VB . 42.90 -44.18 -20.28
O2 PEG VB . 43.63 -43.65 -19.16
C3 PEG VB . 42.89 -43.54 -17.94
C4 PEG VB . 43.76 -42.92 -16.85
O4 PEG VB . 44.61 -41.93 -17.45
C1 PEG WB . 36.67 -10.22 -5.71
O1 PEG WB . 37.10 -10.46 -4.35
C2 PEG WB . 37.80 -9.64 -6.59
O2 PEG WB . 37.22 -8.95 -7.71
C3 PEG WB . 37.89 -9.25 -8.96
C4 PEG WB . 36.94 -9.00 -10.14
O4 PEG WB . 37.19 -10.00 -11.17
CL CL XB . 36.63 -48.34 -6.63
C1 GOL YB . -27.84 16.43 -31.87
O1 GOL YB . -28.42 16.37 -30.59
C2 GOL YB . -28.78 17.35 -32.60
O2 GOL YB . -29.71 16.57 -33.32
C3 GOL YB . -28.04 18.39 -33.45
O3 GOL YB . -27.16 17.81 -34.40
C1 PEG ZB . -6.91 3.71 -50.75
O1 PEG ZB . -7.65 4.46 -51.73
C2 PEG ZB . -6.29 4.66 -49.72
O2 PEG ZB . -5.42 3.99 -48.76
C3 PEG ZB . -6.10 3.06 -47.89
C4 PEG ZB . -5.47 1.66 -48.06
O4 PEG ZB . -6.50 0.69 -48.32
C1 PEG AC . -38.04 12.82 -41.97
O1 PEG AC . -37.62 14.02 -41.31
C2 PEG AC . -37.35 12.76 -43.32
O2 PEG AC . -38.23 12.11 -44.24
C3 PEG AC . -37.68 12.03 -45.57
C4 PEG AC . -38.07 13.26 -46.43
O4 PEG AC . -36.95 13.58 -47.28
C1 PEG BC . -38.51 19.96 -39.02
O1 PEG BC . -37.75 19.72 -40.21
C2 PEG BC . -38.41 18.76 -38.09
O2 PEG BC . -37.03 18.41 -37.98
C3 PEG BC . -36.48 18.72 -36.69
C4 PEG BC . -35.55 19.93 -36.82
O4 PEG BC . -34.54 19.84 -35.79
C1 PEG CC . -6.97 11.32 -47.53
O1 PEG CC . -6.90 12.76 -47.46
C2 PEG CC . -8.16 10.90 -48.40
O2 PEG CC . -7.84 9.73 -49.18
C3 PEG CC . -7.60 10.03 -50.57
C4 PEG CC . -7.18 8.75 -51.33
O4 PEG CC . -7.50 8.86 -52.73
CL CL DC . -25.52 4.86 -36.81
CL CL EC . -17.84 16.59 -24.82
C1 GOL FC . -33.49 27.95 -41.08
O1 GOL FC . -33.98 27.51 -39.82
C2 GOL FC . -34.56 28.69 -41.90
O2 GOL FC . -35.77 28.81 -41.16
C3 GOL FC . -34.09 30.10 -42.26
O3 GOL FC . -32.96 30.02 -43.09
C1 PEG GC . -57.71 41.87 -41.29
O1 PEG GC . -58.06 43.16 -41.81
C2 PEG GC . -58.02 40.76 -42.30
O2 PEG GC . -56.85 40.27 -42.95
C3 PEG GC . -56.17 39.23 -42.26
C4 PEG GC . -55.19 39.85 -41.22
O4 PEG GC . -54.78 38.75 -40.33
CL CL HC . -38.55 29.58 -54.90
CL CL IC . -28.34 41.38 -43.25
C1 GOL JC . -43.32 23.09 -29.01
O1 GOL JC . -44.48 23.84 -29.32
C2 GOL JC . -42.81 22.44 -30.30
O2 GOL JC . -43.36 21.13 -30.42
C3 GOL JC . -41.29 22.37 -30.24
O3 GOL JC . -40.75 22.45 -31.55
#